data_9NRZ
#
_entry.id   9NRZ
#
_cell.length_a   1.00
_cell.length_b   1.00
_cell.length_c   1.00
_cell.angle_alpha   90.00
_cell.angle_beta   90.00
_cell.angle_gamma   90.00
#
_symmetry.space_group_name_H-M   'P 1'
#
loop_
_entity.id
_entity.type
_entity.pdbx_description
1 polymer 'E1 envelope glycoprotein'
2 polymer 'E2 envelope glycoprotein'
3 polymer 'Single domain antibody (nanobody) V3A8f'
#
loop_
_entity_poly.entity_id
_entity_poly.type
_entity_poly.pdbx_seq_one_letter_code
_entity_poly.pdbx_strand_id
1 'polypeptide(L)'
;YEHATTMPSQAGISYNTIVNRAGYAPLPISITPTKIKLIPTVNLEYVTCHYKTGMDSPAIKCCGSQECTPTYRPDEQCKV
FTGVYPFMWGGAYCFCDTENTQVSKAYVMKSDDCLADHAEAYKAHTASVQAFLNITVGEHSIVTTVYVNGETPVNFNGVK
ITAGPLSTAWTPFDRKIVQYAGEIYNYDFPEYGAGQPGAFGDIQSRTVSSSDLYANTNLVLQRPKAGAIHVPYTQAPSGF
EQWKKDKAPSLKFTAPFGCEIYTNPIRAENCAVGSIPLAFDIPDALFTRVSETPTLSAAECTLNECVYSSDFGGIATVKY
SASKSGKCAVHVPSGTATLKEAAVELTEQGSATIHFSTANIHPEFRLQICTSYVTCKGDCHPPKDHIVTHPQYHAQTFTA
AVSKTAWTWLTSLLGGSAVIIIIGLVLATIVAMYVLTNQKHN
;
B,G,O
2 'polypeptide(L)'
;STEELFNEYKLTRPYMARCIRCAVGSCHSPIAIEAVKSDGHDGYVRLQTSSQYGLDSSGNLKGRTMRYDMHGTIKEIPLH
QVSLYTSRPCHIVDGHGYFLLARCPAGDSITMEFKKDSVRHSCSVPYEVKFNPVGRELYTHPPEHGVEQACQVYAHDAQN
RGAYVEMHLPGSEVDSSLVSLSGSSVTVTPPDGTSALVECECGGTKISETINKTKQFSQCTKKEQCRAYRLQNDKWVYNS
DKLPKAAGATLKGKLHVPFLLADGKCTVPLAPEPMITFGFRSVSLKLHPKNPTYLITRQLADEPHYTHELISEPAVRNFT
VTEKGWEFVWGNHPPKRFWAQETAPGNPHGLPHEVITHYYHRYPMSTILGLSICAAIATVSVAASTWLFCRSRVACLTPY
RLTPNARIPFCLAVLCCARTARA
;
J,N,Q
3 'polypeptide(L)'
;DVQLQASGGGSVQAGGSLRLSCAASGHSFANYHVAWIRQTPGKEREFVGSASRRDDSTYYADFALGRFIISRDNDINTAY
LQMNSLKPEDSAVYYCVAAVMAQTTQGWTTDYDLRGQGTQVTVSS
;
X,Y,Z
#
# COMPACT_ATOMS: atom_id res chain seq x y z
N TYR A 1 12.33 -33.67 69.81
CA TYR A 1 10.88 -33.40 70.02
C TYR A 1 10.17 -33.13 68.69
N GLU A 2 9.05 -33.81 68.48
CA GLU A 2 8.28 -33.68 67.25
C GLU A 2 7.34 -32.50 67.33
N HIS A 3 7.22 -31.75 66.24
CA HIS A 3 6.25 -30.67 66.16
C HIS A 3 5.85 -30.47 64.71
N ALA A 4 4.57 -30.69 64.40
CA ALA A 4 4.06 -30.63 63.03
C ALA A 4 3.18 -29.40 62.85
N THR A 5 3.35 -28.71 61.72
CA THR A 5 2.51 -27.57 61.38
C THR A 5 2.48 -27.42 59.86
N THR A 6 2.01 -26.25 59.38
CA THR A 6 1.76 -26.03 57.97
C THR A 6 2.25 -24.65 57.56
N MET A 7 2.52 -24.51 56.25
CA MET A 7 2.84 -23.24 55.61
C MET A 7 1.89 -23.01 54.43
N PRO A 8 1.26 -21.84 54.31
CA PRO A 8 0.62 -21.50 53.03
C PRO A 8 1.66 -21.37 51.93
N SER A 9 1.43 -22.07 50.83
CA SER A 9 2.42 -22.13 49.76
C SER A 9 2.47 -20.81 48.99
N GLN A 10 3.24 -19.86 49.50
CA GLN A 10 3.39 -18.57 48.86
C GLN A 10 4.67 -17.91 49.38
N ALA A 11 5.47 -17.37 48.47
CA ALA A 11 6.76 -16.79 48.79
C ALA A 11 6.67 -15.28 48.90
N GLY A 12 7.60 -14.71 49.67
CA GLY A 12 7.70 -13.28 49.86
C GLY A 12 7.16 -12.77 51.18
N ILE A 13 6.44 -13.60 51.93
CA ILE A 13 5.87 -13.22 53.22
C ILE A 13 6.58 -14.00 54.32
N SER A 14 6.89 -13.32 55.42
CA SER A 14 7.48 -13.98 56.58
C SER A 14 6.41 -14.72 57.37
N TYR A 15 6.86 -15.60 58.26
CA TYR A 15 5.94 -16.42 59.04
C TYR A 15 6.66 -16.87 60.31
N ASN A 16 6.02 -16.67 61.46
CA ASN A 16 6.59 -16.97 62.76
C ASN A 16 5.86 -18.12 63.43
N THR A 17 6.58 -18.80 64.33
CA THR A 17 6.00 -19.85 65.14
C THR A 17 6.78 -19.94 66.44
N ILE A 18 6.18 -20.55 67.44
CA ILE A 18 6.85 -20.87 68.70
C ILE A 18 6.63 -22.35 69.01
N VAL A 19 7.68 -23.00 69.51
CA VAL A 19 7.57 -24.33 70.08
C VAL A 19 7.49 -24.16 71.60
N ASN A 20 6.37 -24.57 72.17
CA ASN A 20 6.06 -24.33 73.57
C ASN A 20 6.20 -25.65 74.33
N ARG A 21 6.87 -25.59 75.48
CA ARG A 21 7.00 -26.72 76.39
C ARG A 21 6.47 -26.30 77.75
N ALA A 22 5.85 -27.25 78.46
CA ALA A 22 5.13 -26.92 79.69
C ALA A 22 6.05 -26.43 80.80
N GLY A 23 7.36 -26.71 80.72
CA GLY A 23 8.29 -26.33 81.76
C GLY A 23 9.57 -25.70 81.26
N TYR A 24 9.66 -25.41 79.97
CA TYR A 24 10.82 -24.77 79.37
C TYR A 24 10.38 -23.55 78.58
N ALA A 25 11.31 -22.64 78.32
CA ALA A 25 10.98 -21.38 77.68
C ALA A 25 10.53 -21.62 76.23
N PRO A 26 9.71 -20.73 75.67
CA PRO A 26 9.31 -20.88 74.26
C PRO A 26 10.52 -20.78 73.34
N LEU A 27 10.44 -21.52 72.23
CA LEU A 27 11.49 -21.53 71.22
C LEU A 27 10.98 -20.83 69.95
N PRO A 28 11.53 -19.69 69.53
CA PRO A 28 11.01 -19.04 68.32
C PRO A 28 11.53 -19.69 67.05
N ILE A 29 10.70 -19.62 66.01
CA ILE A 29 11.01 -20.16 64.69
C ILE A 29 10.59 -19.12 63.65
N SER A 30 11.51 -18.77 62.75
CA SER A 30 11.20 -17.92 61.61
C SER A 30 11.60 -18.65 60.33
N ILE A 31 10.69 -18.70 59.37
CA ILE A 31 10.95 -19.40 58.12
C ILE A 31 10.28 -18.64 56.97
N THR A 32 11.10 -18.18 56.02
CA THR A 32 10.68 -17.28 54.95
C THR A 32 11.10 -17.86 53.61
N PRO A 33 10.26 -18.68 52.99
CA PRO A 33 10.63 -19.24 51.67
C PRO A 33 10.84 -18.14 50.64
N THR A 34 11.87 -18.32 49.81
CA THR A 34 12.20 -17.34 48.78
C THR A 34 11.47 -17.64 47.47
N LYS A 35 11.44 -18.91 47.06
CA LYS A 35 10.76 -19.30 45.84
C LYS A 35 10.64 -20.82 45.82
N ILE A 36 9.51 -21.29 45.30
CA ILE A 36 9.25 -22.72 45.10
C ILE A 36 9.13 -22.97 43.61
N LYS A 37 9.81 -24.02 43.13
CA LYS A 37 9.84 -24.38 41.72
C LYS A 37 9.27 -25.77 41.51
N LEU A 38 8.60 -25.95 40.37
CA LEU A 38 7.89 -27.18 40.02
C LEU A 38 8.47 -27.70 38.71
N ILE A 39 9.47 -28.56 38.81
CA ILE A 39 10.13 -29.13 37.65
C ILE A 39 9.44 -30.47 37.33
N PRO A 40 8.89 -30.65 36.13
CA PRO A 40 8.34 -31.95 35.76
C PRO A 40 9.36 -32.81 35.02
N THR A 41 8.98 -34.07 34.83
CA THR A 41 9.75 -34.97 33.98
C THR A 41 9.70 -34.47 32.54
N VAL A 42 10.82 -34.58 31.84
CA VAL A 42 10.96 -34.11 30.46
C VAL A 42 11.29 -35.31 29.57
N ASN A 43 10.53 -35.45 28.49
CA ASN A 43 10.75 -36.51 27.51
C ASN A 43 10.77 -35.89 26.12
N LEU A 44 11.91 -36.02 25.43
CA LEU A 44 12.06 -35.47 24.09
C LEU A 44 11.49 -36.47 23.09
N GLU A 45 10.55 -36.01 22.27
CA GLU A 45 9.93 -36.83 21.23
C GLU A 45 10.51 -36.54 19.86
N TYR A 46 10.50 -35.29 19.41
CA TYR A 46 11.07 -34.94 18.12
C TYR A 46 11.17 -33.42 18.02
N VAL A 47 11.79 -32.98 16.92
CA VAL A 47 11.96 -31.57 16.60
C VAL A 47 11.56 -31.36 15.14
N THR A 48 11.25 -30.11 14.80
CA THR A 48 10.83 -29.79 13.45
C THR A 48 11.21 -28.34 13.13
N CYS A 49 11.28 -28.06 11.84
CA CYS A 49 11.63 -26.73 11.35
C CYS A 49 11.21 -26.63 9.89
N HIS A 50 11.61 -25.53 9.24
CA HIS A 50 11.32 -25.35 7.83
C HIS A 50 12.05 -26.38 6.98
N TYR A 51 11.49 -26.68 5.81
CA TYR A 51 12.10 -27.56 4.84
C TYR A 51 12.53 -26.77 3.60
N LYS A 52 13.19 -27.49 2.69
CA LYS A 52 13.69 -26.92 1.44
C LYS A 52 13.41 -27.95 0.35
N THR A 53 12.78 -27.49 -0.73
CA THR A 53 12.41 -28.38 -1.84
C THR A 53 13.64 -28.58 -2.72
N GLY A 54 14.39 -29.65 -2.44
CA GLY A 54 15.56 -29.96 -3.24
C GLY A 54 15.18 -30.65 -4.53
N MET A 55 15.95 -30.36 -5.57
CA MET A 55 15.68 -30.90 -6.90
C MET A 55 17.00 -31.08 -7.63
N ASP A 56 17.19 -32.26 -8.22
CA ASP A 56 18.36 -32.51 -9.03
C ASP A 56 18.24 -31.77 -10.36
N SER A 57 19.34 -31.71 -11.10
CA SER A 57 19.31 -31.11 -12.41
C SER A 57 18.38 -31.91 -13.31
N PRO A 58 17.60 -31.26 -14.19
CA PRO A 58 16.71 -32.03 -15.08
C PRO A 58 17.50 -33.00 -15.93
N ALA A 59 16.95 -34.21 -16.10
CA ALA A 59 17.61 -35.26 -16.86
C ALA A 59 16.98 -35.32 -18.25
N ILE A 60 17.67 -34.72 -19.23
CA ILE A 60 17.13 -34.55 -20.58
C ILE A 60 17.87 -35.49 -21.52
N LYS A 61 17.11 -36.22 -22.34
CA LYS A 61 17.68 -37.03 -23.41
C LYS A 61 16.70 -37.02 -24.57
N CYS A 62 17.16 -36.52 -25.72
CA CYS A 62 16.29 -36.35 -26.88
C CYS A 62 16.22 -37.64 -27.69
N CYS A 63 15.03 -37.94 -28.20
CA CYS A 63 14.74 -39.12 -29.03
C CYS A 63 15.43 -40.37 -28.48
N GLY A 64 15.06 -40.71 -27.25
CA GLY A 64 15.56 -41.92 -26.61
C GLY A 64 14.55 -42.46 -25.62
N SER A 65 15.04 -42.92 -24.47
CA SER A 65 14.16 -43.42 -23.43
C SER A 65 14.87 -43.30 -22.08
N GLN A 66 14.09 -43.07 -21.04
CA GLN A 66 14.62 -42.95 -19.69
C GLN A 66 13.68 -43.65 -18.72
N GLU A 67 14.23 -44.04 -17.58
CA GLU A 67 13.48 -44.75 -16.53
C GLU A 67 13.65 -43.99 -15.22
N CYS A 68 13.04 -44.52 -14.16
CA CYS A 68 13.11 -43.96 -12.83
C CYS A 68 13.83 -44.94 -11.91
N THR A 69 14.82 -44.43 -11.18
CA THR A 69 15.63 -45.23 -10.25
C THR A 69 15.37 -44.76 -8.83
N PRO A 70 14.59 -45.47 -8.00
CA PRO A 70 14.33 -44.96 -6.65
C PRO A 70 15.59 -44.94 -5.81
N THR A 71 15.66 -43.96 -4.90
CA THR A 71 16.78 -43.81 -3.98
C THR A 71 16.34 -43.54 -2.54
N TYR A 72 15.04 -43.49 -2.26
CA TYR A 72 14.50 -43.50 -0.91
C TYR A 72 14.87 -42.24 -0.12
N ARG A 73 14.67 -41.08 -0.75
CA ARG A 73 14.69 -39.83 0.00
C ARG A 73 13.30 -39.57 0.58
N PRO A 74 13.20 -38.69 1.58
CA PRO A 74 11.88 -38.44 2.19
C PRO A 74 10.92 -37.82 1.18
N ASP A 75 9.80 -38.50 0.97
CA ASP A 75 8.78 -38.06 0.02
C ASP A 75 9.37 -37.84 -1.37
N GLU A 76 10.29 -38.72 -1.77
CA GLU A 76 10.89 -38.58 -3.09
C GLU A 76 9.83 -38.79 -4.15
N GLN A 77 9.88 -37.94 -5.19
CA GLN A 77 8.97 -38.03 -6.32
C GLN A 77 9.77 -37.95 -7.61
N CYS A 78 9.39 -38.79 -8.57
CA CYS A 78 10.04 -38.82 -9.87
C CYS A 78 8.98 -38.94 -10.96
N LYS A 79 9.25 -38.34 -12.11
CA LYS A 79 8.30 -38.38 -13.21
C LYS A 79 9.05 -38.25 -14.52
N VAL A 80 8.42 -38.75 -15.59
CA VAL A 80 8.96 -38.72 -16.94
C VAL A 80 7.97 -38.04 -17.86
N PHE A 81 8.48 -37.25 -18.80
CA PHE A 81 7.67 -36.50 -19.74
C PHE A 81 8.24 -36.63 -21.14
N THR A 82 7.37 -36.44 -22.14
CA THR A 82 7.71 -36.50 -23.55
C THR A 82 7.24 -35.22 -24.23
N GLY A 83 7.55 -35.11 -25.52
CA GLY A 83 7.07 -33.99 -26.31
C GLY A 83 7.60 -32.63 -25.89
N VAL A 84 8.91 -32.53 -25.67
CA VAL A 84 9.55 -31.28 -25.24
C VAL A 84 10.46 -30.77 -26.34
N TYR A 85 10.49 -29.45 -26.50
CA TYR A 85 11.37 -28.78 -27.45
C TYR A 85 12.07 -27.65 -26.72
N PRO A 86 13.16 -27.94 -26.00
CA PRO A 86 13.77 -26.96 -25.10
C PRO A 86 14.53 -25.89 -25.87
N PHE A 87 14.98 -24.87 -25.13
CA PHE A 87 15.79 -23.79 -25.67
C PHE A 87 16.82 -23.36 -24.63
N MET A 88 18.04 -23.07 -25.09
CA MET A 88 19.09 -22.51 -24.27
C MET A 88 19.57 -21.20 -24.91
N TRP A 89 20.61 -20.60 -24.32
CA TRP A 89 21.13 -19.33 -24.79
C TRP A 89 21.86 -19.43 -26.13
N GLY A 90 22.06 -20.64 -26.66
CA GLY A 90 22.66 -20.82 -27.97
C GLY A 90 21.63 -21.21 -29.01
N GLY A 91 20.60 -21.93 -28.58
CA GLY A 91 19.53 -22.35 -29.47
C GLY A 91 18.75 -23.51 -28.88
N ALA A 92 18.35 -24.45 -29.73
CA ALA A 92 17.72 -25.69 -29.27
C ALA A 92 18.81 -26.70 -28.94
N TYR A 93 18.64 -27.41 -27.82
CA TYR A 93 19.68 -28.33 -27.35
C TYR A 93 19.92 -29.45 -28.37
N CYS A 94 18.85 -30.07 -28.86
CA CYS A 94 18.93 -31.25 -29.70
C CYS A 94 18.14 -31.02 -30.99
N PHE A 95 18.25 -31.96 -31.92
CA PHE A 95 17.65 -31.85 -33.24
C PHE A 95 16.35 -32.61 -33.40
N CYS A 96 16.16 -33.70 -32.65
CA CYS A 96 14.94 -34.48 -32.78
C CYS A 96 13.73 -33.66 -32.38
N ASP A 97 12.73 -33.61 -33.25
CA ASP A 97 11.58 -32.73 -33.04
C ASP A 97 10.66 -33.28 -31.95
N THR A 98 10.43 -34.59 -31.92
CA THR A 98 9.52 -35.20 -30.98
C THR A 98 10.18 -36.37 -30.25
N GLU A 99 9.42 -37.08 -29.42
CA GLU A 99 9.94 -38.17 -28.59
C GLU A 99 11.14 -37.73 -27.76
N ASN A 100 11.15 -36.47 -27.34
CA ASN A 100 12.21 -35.94 -26.49
C ASN A 100 11.84 -36.20 -25.04
N THR A 101 12.72 -36.87 -24.31
CA THR A 101 12.43 -37.39 -22.98
C THR A 101 13.05 -36.51 -21.91
N GLN A 102 12.26 -36.19 -20.89
CA GLN A 102 12.75 -35.56 -19.67
C GLN A 102 12.38 -36.42 -18.47
N VAL A 103 13.30 -36.46 -17.49
CA VAL A 103 13.05 -37.08 -16.20
C VAL A 103 13.31 -36.01 -15.15
N SER A 104 12.34 -35.80 -14.25
CA SER A 104 12.41 -34.79 -13.22
C SER A 104 12.16 -35.44 -11.87
N LYS A 105 13.04 -35.16 -10.91
CA LYS A 105 12.96 -35.71 -9.57
C LYS A 105 13.02 -34.58 -8.55
N ALA A 106 12.20 -34.69 -7.50
CA ALA A 106 12.15 -33.70 -6.43
C ALA A 106 12.04 -34.40 -5.09
N TYR A 107 12.59 -33.77 -4.06
CA TYR A 107 12.55 -34.29 -2.70
C TYR A 107 12.65 -33.11 -1.75
N VAL A 108 12.67 -33.40 -0.45
CA VAL A 108 12.68 -32.38 0.59
C VAL A 108 13.85 -32.65 1.53
N MET A 109 14.54 -31.58 1.92
CA MET A 109 15.63 -31.65 2.89
C MET A 109 15.41 -30.59 3.96
N LYS A 110 15.67 -30.95 5.21
CA LYS A 110 15.48 -30.00 6.31
C LYS A 110 16.38 -28.78 6.10
N SER A 111 15.80 -27.60 6.29
CA SER A 111 16.52 -26.36 6.02
C SER A 111 17.75 -26.22 6.90
N ASP A 112 18.84 -25.73 6.30
CA ASP A 112 20.09 -25.58 7.05
C ASP A 112 19.98 -24.51 8.13
N ASP A 113 19.10 -23.53 7.95
CA ASP A 113 19.02 -22.40 8.87
C ASP A 113 18.53 -22.82 10.26
N CYS A 114 17.91 -23.99 10.40
CA CYS A 114 17.23 -24.36 11.63
C CYS A 114 18.11 -25.19 12.57
N LEU A 115 19.42 -24.97 12.54
CA LEU A 115 20.27 -25.54 13.59
C LEU A 115 19.92 -24.95 14.95
N ALA A 116 19.40 -23.72 14.97
CA ALA A 116 18.94 -23.06 16.18
C ALA A 116 17.47 -22.70 16.18
N ASP A 117 16.90 -22.35 15.02
CA ASP A 117 15.49 -21.96 14.92
C ASP A 117 14.67 -23.21 14.65
N HIS A 118 14.43 -24.00 15.69
CA HIS A 118 13.69 -25.24 15.58
C HIS A 118 12.74 -25.36 16.76
N ALA A 119 11.61 -26.03 16.54
CA ALA A 119 10.60 -26.23 17.57
C ALA A 119 10.59 -27.68 18.03
N GLU A 120 10.56 -27.89 19.34
CA GLU A 120 10.64 -29.21 19.94
C GLU A 120 9.29 -29.61 20.50
N ALA A 121 8.95 -30.89 20.41
CA ALA A 121 7.71 -31.43 20.96
C ALA A 121 8.05 -32.30 22.16
N TYR A 122 7.50 -31.94 23.34
CA TYR A 122 7.88 -32.57 24.60
C TYR A 122 6.67 -33.20 25.27
N LYS A 123 6.90 -34.30 25.96
CA LYS A 123 5.92 -34.97 26.81
C LYS A 123 6.37 -34.84 28.25
N ALA A 124 5.46 -34.40 29.13
CA ALA A 124 5.79 -34.12 30.52
C ALA A 124 4.77 -34.78 31.44
N HIS A 125 5.21 -35.09 32.66
CA HIS A 125 4.38 -35.74 33.67
C HIS A 125 5.20 -35.85 34.95
N THR A 126 4.51 -36.22 36.03
CA THR A 126 5.15 -36.50 37.32
C THR A 126 5.92 -35.27 37.83
N ALA A 127 5.15 -34.24 38.14
CA ALA A 127 5.71 -33.00 38.66
C ALA A 127 6.44 -33.25 39.98
N SER A 128 7.60 -32.60 40.14
CA SER A 128 8.38 -32.66 41.36
C SER A 128 8.73 -31.25 41.81
N VAL A 129 8.59 -30.97 43.10
CA VAL A 129 8.69 -29.63 43.64
C VAL A 129 9.94 -29.51 44.50
N GLN A 130 10.60 -28.36 44.41
CA GLN A 130 11.78 -28.03 45.19
C GLN A 130 11.61 -26.64 45.77
N ALA A 131 12.15 -26.41 46.98
CA ALA A 131 11.96 -25.16 47.70
C ALA A 131 13.29 -24.65 48.22
N PHE A 132 13.40 -23.32 48.28
CA PHE A 132 14.54 -22.64 48.90
C PHE A 132 14.03 -21.99 50.19
N LEU A 133 14.67 -22.34 51.32
CA LEU A 133 14.22 -21.90 52.63
C LEU A 133 15.33 -21.13 53.33
N ASN A 134 14.98 -19.97 53.87
CA ASN A 134 15.84 -19.21 54.77
C ASN A 134 15.38 -19.49 56.20
N ILE A 135 15.83 -20.60 56.73
CA ILE A 135 15.40 -21.06 58.05
C ILE A 135 16.14 -20.26 59.12
N THR A 136 15.46 -20.01 60.24
CA THR A 136 16.04 -19.29 61.37
C THR A 136 15.46 -19.92 62.64
N VAL A 137 16.29 -20.72 63.31
CA VAL A 137 15.91 -21.43 64.54
C VAL A 137 17.00 -21.21 65.57
N GLY A 138 16.59 -20.84 66.78
CA GLY A 138 17.54 -20.61 67.86
C GLY A 138 18.56 -19.57 67.49
N GLU A 139 18.09 -18.44 66.94
CA GLU A 139 18.91 -17.36 66.38
C GLU A 139 20.06 -17.88 65.51
N HIS A 140 19.87 -19.04 64.88
CA HIS A 140 20.80 -19.58 63.88
C HIS A 140 20.09 -19.57 62.54
N SER A 141 20.67 -18.88 61.57
CA SER A 141 20.07 -18.67 60.25
C SER A 141 20.85 -19.43 59.20
N ILE A 142 20.13 -20.22 58.39
CA ILE A 142 20.72 -21.02 57.33
C ILE A 142 19.88 -20.85 56.07
N VAL A 143 20.53 -20.99 54.91
CA VAL A 143 19.86 -20.97 53.61
C VAL A 143 20.05 -22.35 53.00
N THR A 144 18.93 -23.00 52.65
CA THR A 144 18.97 -24.40 52.25
C THR A 144 18.03 -24.63 51.07
N THR A 145 18.36 -25.65 50.27
CA THR A 145 17.50 -26.15 49.21
C THR A 145 16.97 -27.51 49.63
N VAL A 146 15.65 -27.66 49.63
CA VAL A 146 14.98 -28.82 50.21
C VAL A 146 13.99 -29.39 49.22
N TYR A 147 13.88 -30.71 49.21
CA TYR A 147 12.83 -31.39 48.46
C TYR A 147 11.60 -31.58 49.35
N VAL A 148 10.44 -31.39 48.76
CA VAL A 148 9.18 -31.33 49.50
C VAL A 148 8.41 -32.66 49.35
N ASN A 149 9.07 -33.70 48.83
CA ASN A 149 8.46 -35.01 48.72
C ASN A 149 8.24 -35.59 50.13
N GLY A 150 7.78 -36.84 50.20
CA GLY A 150 7.47 -37.47 51.47
C GLY A 150 8.66 -37.95 52.26
N GLU A 151 9.87 -37.68 51.81
CA GLU A 151 11.09 -38.13 52.48
C GLU A 151 12.16 -37.08 52.25
N THR A 152 13.43 -37.46 52.47
CA THR A 152 14.57 -36.57 52.31
C THR A 152 14.53 -35.41 53.31
N PRO A 153 14.64 -35.66 54.61
CA PRO A 153 14.77 -34.55 55.56
C PRO A 153 16.14 -33.87 55.40
N VAL A 154 16.22 -32.66 55.94
CA VAL A 154 17.46 -31.88 55.96
C VAL A 154 17.89 -31.69 57.40
N ASN A 155 19.18 -31.90 57.66
CA ASN A 155 19.76 -31.87 58.99
C ASN A 155 20.74 -30.71 59.10
N PHE A 156 20.69 -30.00 60.22
CA PHE A 156 21.66 -28.94 60.49
C PHE A 156 21.71 -28.74 62.00
N ASN A 157 22.92 -28.70 62.55
CA ASN A 157 23.21 -28.53 63.99
C ASN A 157 22.20 -29.26 64.88
N GLY A 158 21.93 -30.52 64.51
CA GLY A 158 21.03 -31.39 65.27
C GLY A 158 19.58 -31.31 64.85
N VAL A 159 19.09 -30.11 64.54
CA VAL A 159 17.72 -29.94 64.07
C VAL A 159 17.52 -30.70 62.77
N LYS A 160 16.41 -31.42 62.67
CA LYS A 160 16.02 -32.15 61.47
C LYS A 160 14.66 -31.64 61.02
N ILE A 161 14.53 -31.40 59.71
CA ILE A 161 13.33 -30.81 59.12
C ILE A 161 12.84 -31.78 58.05
N THR A 162 11.55 -32.10 58.07
CA THR A 162 10.96 -32.89 56.99
C THR A 162 9.70 -32.21 56.49
N ALA A 163 9.65 -31.95 55.19
CA ALA A 163 8.50 -31.32 54.55
C ALA A 163 7.60 -32.39 53.95
N GLY A 164 6.33 -32.37 54.31
CA GLY A 164 5.39 -33.36 53.84
C GLY A 164 5.01 -33.15 52.39
N PRO A 165 4.31 -34.12 51.81
CA PRO A 165 3.93 -34.00 50.40
C PRO A 165 2.90 -32.91 50.18
N LEU A 166 2.85 -32.44 48.93
CA LEU A 166 1.90 -31.38 48.57
C LEU A 166 0.47 -31.85 48.81
N SER A 167 -0.37 -30.93 49.29
CA SER A 167 -1.78 -31.24 49.51
C SER A 167 -2.53 -31.49 48.22
N THR A 168 -2.01 -31.01 47.08
CA THR A 168 -2.66 -31.19 45.79
C THR A 168 -1.60 -31.39 44.72
N ALA A 169 -1.88 -32.30 43.79
CA ALA A 169 -0.99 -32.59 42.68
C ALA A 169 -1.30 -31.75 41.45
N TRP A 170 -1.93 -30.59 41.63
CA TRP A 170 -2.25 -29.74 40.49
C TRP A 170 -0.98 -29.24 39.81
N THR A 171 -1.00 -29.20 38.49
CA THR A 171 0.13 -28.77 37.68
C THR A 171 -0.38 -27.81 36.60
N PRO A 172 0.46 -26.84 36.17
CA PRO A 172 0.02 -25.96 35.08
C PRO A 172 0.16 -26.59 33.71
N PHE A 173 1.12 -27.51 33.56
CA PHE A 173 1.41 -28.10 32.27
C PHE A 173 0.48 -29.27 31.98
N ASP A 174 0.15 -29.43 30.70
CA ASP A 174 -0.64 -30.57 30.24
C ASP A 174 0.33 -31.71 29.91
N ARG A 175 -0.19 -32.87 29.51
CA ARG A 175 0.66 -34.02 29.23
C ARG A 175 1.69 -33.70 28.13
N LYS A 176 1.32 -32.86 27.16
CA LYS A 176 2.13 -32.58 25.99
C LYS A 176 2.28 -31.08 25.81
N ILE A 177 3.49 -30.65 25.43
CA ILE A 177 3.80 -29.24 25.24
C ILE A 177 4.71 -29.08 24.03
N VAL A 178 4.82 -27.83 23.57
CA VAL A 178 5.69 -27.46 22.46
C VAL A 178 6.62 -26.35 22.95
N GLN A 179 7.92 -26.54 22.74
CA GLN A 179 8.93 -25.59 23.17
C GLN A 179 9.51 -24.88 21.95
N TYR A 180 9.57 -23.54 22.02
CA TYR A 180 10.10 -22.76 20.91
C TYR A 180 10.41 -21.33 21.35
N ALA A 181 11.62 -20.86 21.01
CA ALA A 181 12.02 -19.47 21.24
C ALA A 181 11.87 -19.09 22.71
N GLY A 182 12.25 -20.02 23.59
CA GLY A 182 12.12 -19.78 25.02
C GLY A 182 10.68 -19.60 25.46
N GLU A 183 9.74 -20.31 24.84
CA GLU A 183 8.34 -20.21 25.19
C GLU A 183 7.72 -21.59 25.11
N ILE A 184 6.69 -21.80 25.94
CA ILE A 184 6.00 -23.09 26.07
C ILE A 184 4.55 -22.88 25.64
N TYR A 185 4.08 -23.76 24.75
CA TYR A 185 2.72 -23.70 24.24
C TYR A 185 2.01 -25.02 24.48
N ASN A 186 0.76 -24.93 24.94
CA ASN A 186 -0.09 -26.09 25.17
C ASN A 186 -0.83 -26.40 23.87
N TYR A 187 -0.15 -27.15 22.99
CA TYR A 187 -0.65 -27.49 21.67
C TYR A 187 -0.76 -29.01 21.55
N ASP A 188 -1.84 -29.46 20.92
CA ASP A 188 -2.10 -30.88 20.69
C ASP A 188 -1.52 -31.24 19.32
N PHE A 189 -0.24 -31.64 19.32
CA PHE A 189 0.45 -32.00 18.09
C PHE A 189 0.25 -33.48 17.77
N PRO A 190 0.28 -33.89 16.50
CA PRO A 190 0.07 -35.30 16.18
C PRO A 190 1.27 -36.15 16.53
N GLU A 191 1.06 -37.46 16.55
CA GLU A 191 2.11 -38.38 16.97
C GLU A 191 3.16 -38.53 15.88
N TYR A 192 4.27 -39.15 16.24
CA TYR A 192 5.37 -39.35 15.30
C TYR A 192 4.91 -40.21 14.13
N GLY A 193 5.29 -39.80 12.92
CA GLY A 193 4.91 -40.50 11.72
C GLY A 193 3.47 -40.30 11.29
N ALA A 194 2.73 -39.40 11.94
CA ALA A 194 1.33 -39.14 11.64
C ALA A 194 1.10 -37.66 11.33
N GLY A 195 2.05 -37.02 10.66
CA GLY A 195 1.89 -35.63 10.30
C GLY A 195 1.09 -35.47 9.02
N GLN A 196 0.38 -34.34 8.94
CA GLN A 196 -0.45 -33.98 7.81
C GLN A 196 0.12 -32.73 7.14
N PRO A 197 -0.12 -32.55 5.84
CA PRO A 197 0.37 -31.33 5.18
C PRO A 197 -0.37 -30.10 5.69
N GLY A 198 0.35 -28.98 5.73
CA GLY A 198 -0.20 -27.71 6.13
C GLY A 198 -0.23 -27.46 7.62
N ALA A 199 -0.40 -28.50 8.42
CA ALA A 199 -0.43 -28.37 9.87
C ALA A 199 0.97 -28.54 10.45
N PHE A 200 1.07 -28.28 11.75
CA PHE A 200 2.35 -28.45 12.45
C PHE A 200 2.79 -29.91 12.38
N GLY A 201 4.06 -30.11 12.03
CA GLY A 201 4.63 -31.45 11.96
C GLY A 201 4.65 -32.02 10.54
N ASP A 202 4.77 -31.15 9.54
CA ASP A 202 4.90 -31.64 8.17
C ASP A 202 6.19 -32.42 7.99
N ILE A 203 7.23 -32.12 8.78
CA ILE A 203 8.50 -32.81 8.76
C ILE A 203 8.74 -33.37 10.17
N GLN A 204 9.13 -34.64 10.24
CA GLN A 204 9.35 -35.34 11.50
C GLN A 204 10.79 -35.82 11.53
N SER A 205 11.63 -35.11 12.27
CA SER A 205 13.03 -35.48 12.46
C SER A 205 13.21 -35.95 13.90
N ARG A 206 13.79 -37.14 14.08
CA ARG A 206 13.89 -37.72 15.42
C ARG A 206 14.74 -36.85 16.34
N THR A 207 15.88 -36.36 15.84
CA THR A 207 16.76 -35.51 16.63
C THR A 207 17.27 -34.38 15.74
N VAL A 208 18.00 -33.45 16.35
CA VAL A 208 18.56 -32.33 15.61
C VAL A 208 19.56 -32.82 14.57
N SER A 209 20.26 -33.91 14.85
CA SER A 209 21.26 -34.48 13.94
C SER A 209 20.99 -35.95 13.67
N SER A 210 19.73 -36.36 13.68
CA SER A 210 19.39 -37.75 13.40
C SER A 210 19.73 -38.12 11.95
N SER A 211 19.57 -37.18 11.03
CA SER A 211 19.82 -37.40 9.60
C SER A 211 18.86 -38.45 9.02
N ASP A 212 17.69 -38.59 9.63
CA ASP A 212 16.63 -39.44 9.07
C ASP A 212 15.30 -38.78 9.43
N LEU A 213 14.55 -38.36 8.41
CA LEU A 213 13.34 -37.56 8.59
C LEU A 213 12.22 -38.11 7.73
N TYR A 214 11.01 -38.16 8.32
CA TYR A 214 9.80 -38.55 7.61
C TYR A 214 9.07 -37.30 7.15
N ALA A 215 8.72 -37.25 5.87
CA ALA A 215 8.13 -36.07 5.25
C ALA A 215 6.85 -36.46 4.53
N ASN A 216 5.79 -35.68 4.76
CA ASN A 216 4.54 -35.78 4.01
C ASN A 216 4.09 -34.35 3.71
N THR A 217 4.54 -33.82 2.57
CA THR A 217 4.27 -32.44 2.18
C THR A 217 3.32 -32.33 0.99
N ASN A 218 2.78 -33.45 0.51
CA ASN A 218 1.86 -33.46 -0.63
C ASN A 218 2.52 -32.86 -1.87
N LEU A 219 3.72 -33.36 -2.19
CA LEU A 219 4.48 -32.87 -3.33
C LEU A 219 3.95 -33.53 -4.60
N VAL A 220 3.28 -32.75 -5.44
CA VAL A 220 2.77 -33.20 -6.73
C VAL A 220 3.52 -32.45 -7.82
N LEU A 221 4.03 -33.18 -8.81
CA LEU A 221 4.86 -32.61 -9.85
C LEU A 221 4.01 -32.22 -11.07
N GLN A 222 4.41 -31.14 -11.73
CA GLN A 222 3.64 -30.54 -12.82
C GLN A 222 4.39 -30.66 -14.14
N ARG A 223 3.63 -30.61 -15.23
CA ARG A 223 4.19 -30.68 -16.57
C ARG A 223 5.13 -29.50 -16.80
N PRO A 224 6.37 -29.71 -17.24
CA PRO A 224 7.22 -28.57 -17.58
C PRO A 224 6.67 -27.75 -18.73
N LYS A 225 6.94 -26.45 -18.69
CA LYS A 225 6.52 -25.54 -19.75
C LYS A 225 7.36 -25.77 -21.00
N ALA A 226 6.70 -25.68 -22.15
CA ALA A 226 7.39 -25.86 -23.42
C ALA A 226 8.35 -24.71 -23.69
N GLY A 227 9.48 -25.03 -24.33
CA GLY A 227 10.45 -24.02 -24.68
C GLY A 227 11.31 -23.53 -23.55
N ALA A 228 11.44 -24.31 -22.47
CA ALA A 228 12.25 -23.91 -21.33
C ALA A 228 12.68 -25.16 -20.59
N ILE A 229 13.68 -25.01 -19.73
CA ILE A 229 14.25 -26.09 -18.94
C ILE A 229 14.02 -25.78 -17.47
N HIS A 230 13.19 -26.58 -16.82
CA HIS A 230 12.93 -26.47 -15.38
C HIS A 230 12.05 -27.64 -14.97
N VAL A 231 11.78 -27.74 -13.68
CA VAL A 231 10.97 -28.82 -13.11
C VAL A 231 9.90 -28.22 -12.21
N PRO A 232 8.76 -27.77 -12.75
CA PRO A 232 7.76 -27.12 -11.90
C PRO A 232 7.20 -28.07 -10.84
N TYR A 233 6.94 -27.51 -9.67
CA TYR A 233 6.46 -28.27 -8.52
C TYR A 233 5.44 -27.43 -7.76
N THR A 234 4.52 -28.11 -7.07
CA THR A 234 3.50 -27.44 -6.27
C THR A 234 3.27 -28.22 -4.99
N GLN A 235 3.21 -27.51 -3.88
CA GLN A 235 2.86 -28.12 -2.60
C GLN A 235 2.31 -27.04 -1.68
N ALA A 236 1.63 -27.48 -0.62
CA ALA A 236 1.03 -26.55 0.32
C ALA A 236 2.12 -25.85 1.14
N PRO A 237 1.80 -24.72 1.76
CA PRO A 237 2.81 -24.02 2.57
C PRO A 237 3.23 -24.87 3.76
N SER A 238 4.47 -24.68 4.19
CA SER A 238 4.94 -25.33 5.41
C SER A 238 4.07 -24.90 6.59
N GLY A 239 3.69 -25.87 7.42
CA GLY A 239 2.79 -25.57 8.53
C GLY A 239 3.45 -24.81 9.65
N PHE A 240 4.78 -24.70 9.66
CA PHE A 240 5.46 -24.04 10.76
C PHE A 240 5.11 -22.56 10.82
N GLU A 241 5.19 -21.87 9.67
CA GLU A 241 4.86 -20.45 9.67
C GLU A 241 3.36 -20.23 9.84
N GLN A 242 2.53 -21.17 9.38
CA GLN A 242 1.09 -21.05 9.62
C GLN A 242 0.80 -21.10 11.12
N TRP A 243 1.45 -22.02 11.84
CA TRP A 243 1.31 -22.05 13.29
C TRP A 243 1.91 -20.81 13.94
N LYS A 244 3.02 -20.31 13.37
CA LYS A 244 3.65 -19.10 13.90
C LYS A 244 2.74 -17.89 13.74
N LYS A 245 1.87 -17.92 12.72
CA LYS A 245 0.93 -16.83 12.52
C LYS A 245 -0.33 -17.01 13.35
N ASP A 246 -0.76 -18.26 13.56
CA ASP A 246 -1.88 -18.51 14.47
C ASP A 246 -1.51 -18.05 15.87
N LYS A 247 -0.53 -18.72 16.48
CA LYS A 247 0.18 -18.24 17.67
C LYS A 247 -0.78 -17.85 18.79
N ALA A 248 -1.45 -18.86 19.33
CA ALA A 248 -2.22 -18.65 20.55
C ALA A 248 -1.27 -18.14 21.64
N PRO A 249 -1.73 -17.27 22.55
CA PRO A 249 -0.80 -16.64 23.49
C PRO A 249 -0.04 -17.67 24.33
N SER A 250 1.24 -17.36 24.58
CA SER A 250 2.10 -18.27 25.30
C SER A 250 1.57 -18.52 26.71
N LEU A 251 1.95 -19.67 27.26
CA LEU A 251 1.41 -20.10 28.55
C LEU A 251 1.84 -19.20 29.70
N LYS A 252 2.89 -18.39 29.53
CA LYS A 252 3.35 -17.52 30.61
C LYS A 252 2.43 -16.31 30.83
N PHE A 253 1.39 -16.13 30.00
CA PHE A 253 0.40 -15.07 30.20
C PHE A 253 -1.01 -15.61 30.40
N THR A 254 -1.17 -16.93 30.55
CA THR A 254 -2.49 -17.53 30.74
C THR A 254 -2.52 -18.62 31.81
N ALA A 255 -1.39 -18.96 32.42
CA ALA A 255 -1.39 -20.03 33.40
C ALA A 255 -2.14 -19.59 34.66
N PRO A 256 -2.96 -20.45 35.27
CA PRO A 256 -3.63 -20.07 36.51
C PRO A 256 -2.66 -19.95 37.67
N PHE A 257 -3.07 -19.17 38.67
CA PHE A 257 -2.33 -18.96 39.91
C PHE A 257 -0.99 -18.26 39.69
N GLY A 258 -0.80 -17.62 38.53
CA GLY A 258 0.36 -16.78 38.33
C GLY A 258 1.69 -17.51 38.32
N CYS A 259 1.75 -18.65 37.66
CA CYS A 259 3.03 -19.35 37.51
C CYS A 259 3.90 -18.66 36.47
N GLU A 260 5.19 -18.58 36.74
CA GLU A 260 6.17 -17.99 35.83
C GLU A 260 6.98 -19.10 35.18
N ILE A 261 6.95 -19.16 33.85
CA ILE A 261 7.52 -20.28 33.10
C ILE A 261 8.88 -19.86 32.57
N TYR A 262 9.93 -20.55 33.02
CA TYR A 262 11.30 -20.31 32.60
C TYR A 262 11.84 -21.53 31.88
N THR A 263 12.74 -21.29 30.91
CA THR A 263 13.00 -22.24 29.84
C THR A 263 14.38 -22.87 29.85
N ASN A 264 15.30 -22.45 30.74
CA ASN A 264 16.63 -23.05 30.72
C ASN A 264 16.50 -24.54 31.01
N PRO A 265 16.07 -24.96 32.22
CA PRO A 265 15.23 -26.15 32.29
C PRO A 265 13.76 -25.75 32.32
N ILE A 266 12.88 -26.55 31.73
CA ILE A 266 11.47 -26.21 31.70
C ILE A 266 10.97 -26.23 33.14
N ARG A 267 10.70 -25.06 33.70
CA ARG A 267 10.34 -24.95 35.10
C ARG A 267 9.29 -23.87 35.30
N ALA A 268 8.51 -24.03 36.36
CA ALA A 268 7.49 -23.07 36.77
C ALA A 268 7.80 -22.60 38.18
N GLU A 269 7.69 -21.28 38.39
CA GLU A 269 8.05 -20.65 39.64
C GLU A 269 6.86 -19.88 40.20
N ASN A 270 6.79 -19.82 41.53
CA ASN A 270 5.79 -19.03 42.25
C ASN A 270 4.37 -19.48 41.90
N CYS A 271 4.15 -20.79 41.93
CA CYS A 271 2.82 -21.36 41.75
C CYS A 271 2.15 -21.43 43.12
N ALA A 272 1.36 -20.42 43.46
CA ALA A 272 0.67 -20.35 44.75
C ALA A 272 -0.51 -21.30 44.71
N VAL A 273 -0.35 -22.48 45.31
CA VAL A 273 -1.41 -23.48 45.35
C VAL A 273 -1.23 -24.33 46.60
N GLY A 274 -2.31 -24.48 47.35
CA GLY A 274 -2.29 -25.35 48.51
C GLY A 274 -1.38 -24.85 49.63
N SER A 275 -0.88 -25.81 50.40
CA SER A 275 -0.04 -25.54 51.55
C SER A 275 0.83 -26.77 51.81
N ILE A 276 2.05 -26.54 52.27
CA ILE A 276 2.99 -27.61 52.54
C ILE A 276 2.92 -27.94 54.04
N PRO A 277 2.66 -29.19 54.43
CA PRO A 277 2.87 -29.56 55.82
C PRO A 277 4.34 -29.81 56.10
N LEU A 278 4.74 -29.65 57.36
CA LEU A 278 6.12 -29.76 57.76
C LEU A 278 6.21 -30.26 59.19
N ALA A 279 7.35 -30.86 59.53
CA ALA A 279 7.59 -31.39 60.86
C ALA A 279 9.02 -31.10 61.29
N PHE A 280 9.13 -30.61 62.53
CA PHE A 280 10.38 -30.32 63.21
C PHE A 280 10.72 -31.50 64.12
N ASP A 281 11.98 -31.95 64.07
CA ASP A 281 12.55 -32.82 65.09
C ASP A 281 13.73 -32.06 65.66
N ILE A 282 13.52 -31.48 66.84
CA ILE A 282 14.49 -30.56 67.46
C ILE A 282 15.19 -31.29 68.61
N PRO A 283 16.51 -31.22 68.73
CA PRO A 283 17.17 -31.84 69.88
C PRO A 283 16.81 -31.14 71.18
N ASP A 284 16.96 -31.88 72.28
CA ASP A 284 16.69 -31.33 73.60
C ASP A 284 17.72 -30.28 74.01
N ALA A 285 18.86 -30.20 73.31
CA ALA A 285 19.88 -29.23 73.68
C ALA A 285 19.39 -27.80 73.51
N LEU A 286 18.65 -27.52 72.45
CA LEU A 286 18.20 -26.16 72.17
C LEU A 286 17.21 -25.64 73.21
N PHE A 287 16.61 -26.51 74.00
CA PHE A 287 15.65 -26.07 75.01
C PHE A 287 16.34 -25.26 76.10
N THR A 288 15.59 -24.34 76.68
CA THR A 288 16.08 -23.41 77.70
C THR A 288 15.23 -23.52 78.95
N ARG A 289 15.88 -23.53 80.11
CA ARG A 289 15.17 -23.62 81.37
C ARG A 289 14.47 -22.29 81.67
N VAL A 290 13.37 -22.37 82.43
CA VAL A 290 12.55 -21.20 82.70
C VAL A 290 13.37 -20.13 83.44
N SER A 291 14.16 -20.56 84.43
CA SER A 291 14.95 -19.60 85.19
C SER A 291 16.01 -18.91 84.35
N GLU A 292 16.35 -19.46 83.18
CA GLU A 292 17.37 -18.89 82.32
C GLU A 292 16.82 -17.81 81.38
N THR A 293 15.54 -17.46 81.48
CA THR A 293 14.92 -16.43 80.66
C THR A 293 14.19 -15.43 81.54
N PRO A 294 14.03 -14.19 81.09
CA PRO A 294 13.28 -13.20 81.90
C PRO A 294 11.81 -13.57 82.03
N THR A 295 11.22 -13.08 83.11
CA THR A 295 9.78 -13.19 83.35
C THR A 295 9.22 -11.80 83.60
N LEU A 296 7.96 -11.61 83.19
CA LEU A 296 7.31 -10.31 83.21
C LEU A 296 6.33 -10.23 84.38
N SER A 297 5.87 -9.00 84.66
CA SER A 297 4.95 -8.78 85.77
C SER A 297 4.20 -7.47 85.54
N ALA A 298 2.88 -7.52 85.70
CA ALA A 298 2.02 -6.34 85.62
C ALA A 298 2.16 -5.65 84.26
N ALA A 299 1.75 -6.37 83.22
CA ALA A 299 1.81 -5.88 81.85
C ALA A 299 0.42 -5.40 81.42
N GLU A 300 0.39 -4.26 80.72
CA GLU A 300 -0.84 -3.66 80.22
C GLU A 300 -0.69 -3.37 78.73
N CYS A 301 -1.74 -3.67 77.98
CA CYS A 301 -1.75 -3.54 76.52
C CYS A 301 -2.60 -2.34 76.12
N THR A 302 -2.05 -1.50 75.24
CA THR A 302 -2.77 -0.37 74.69
C THR A 302 -2.49 -0.27 73.19
N LEU A 303 -3.54 0.01 72.42
CA LEU A 303 -3.46 0.06 70.96
C LEU A 303 -3.29 1.52 70.55
N ASN A 304 -2.16 1.83 69.90
CA ASN A 304 -1.88 3.20 69.50
C ASN A 304 -2.60 3.56 68.21
N GLU A 305 -2.25 2.89 67.11
CA GLU A 305 -2.79 3.20 65.80
C GLU A 305 -3.37 1.94 65.17
N CYS A 306 -4.59 2.06 64.64
CA CYS A 306 -5.23 1.03 63.85
C CYS A 306 -5.28 1.43 62.38
N VAL A 307 -4.78 0.55 61.52
CA VAL A 307 -5.18 0.50 60.11
C VAL A 307 -5.16 -0.97 59.74
N TYR A 308 -6.34 -1.57 59.55
CA TYR A 308 -6.43 -3.00 59.22
C TYR A 308 -6.21 -3.17 57.72
N SER A 309 -5.02 -2.76 57.28
CA SER A 309 -4.66 -2.78 55.88
C SER A 309 -4.21 -4.17 55.45
N SER A 310 -3.94 -4.30 54.16
CA SER A 310 -3.40 -5.56 53.64
C SER A 310 -2.00 -5.85 54.19
N ASP A 311 -1.31 -4.84 54.71
CA ASP A 311 0.02 -4.97 55.28
C ASP A 311 -0.02 -4.74 56.79
N PHE A 312 1.17 -4.73 57.40
CA PHE A 312 1.31 -4.45 58.82
C PHE A 312 1.22 -2.94 59.03
N GLY A 313 0.09 -2.49 59.58
CA GLY A 313 -0.15 -1.08 59.80
C GLY A 313 -0.85 -0.75 61.10
N GLY A 314 -0.82 -1.68 62.05
CA GLY A 314 -1.41 -1.46 63.36
C GLY A 314 -0.37 -1.59 64.47
N ILE A 315 -0.13 -0.50 65.20
CA ILE A 315 0.93 -0.45 66.20
C ILE A 315 0.31 -0.32 67.59
N ALA A 316 0.81 -1.12 68.52
CA ALA A 316 0.38 -1.11 69.91
C ALA A 316 1.60 -1.16 70.83
N THR A 317 1.52 -0.46 71.95
CA THR A 317 2.57 -0.42 72.94
C THR A 317 2.11 -1.10 74.22
N VAL A 318 3.02 -1.86 74.84
CA VAL A 318 2.78 -2.55 76.09
C VAL A 318 3.79 -2.05 77.11
N LYS A 319 3.28 -1.56 78.25
CA LYS A 319 4.11 -1.17 79.37
C LYS A 319 4.15 -2.32 80.37
N TYR A 320 5.32 -2.53 80.97
CA TYR A 320 5.57 -3.75 81.73
C TYR A 320 6.55 -3.46 82.86
N SER A 321 6.89 -4.52 83.60
CA SER A 321 7.89 -4.44 84.67
C SER A 321 8.58 -5.80 84.73
N ALA A 322 9.73 -5.90 84.10
CA ALA A 322 10.44 -7.17 83.96
C ALA A 322 11.39 -7.40 85.13
N SER A 323 11.65 -8.68 85.40
CA SER A 323 12.63 -9.05 86.42
C SER A 323 14.04 -9.00 85.86
N LYS A 324 14.27 -9.65 84.71
CA LYS A 324 15.53 -9.62 83.99
C LYS A 324 15.36 -8.89 82.67
N SER A 325 16.50 -8.51 82.08
CA SER A 325 16.54 -7.86 80.78
C SER A 325 17.10 -8.86 79.77
N GLY A 326 16.29 -9.21 78.77
CA GLY A 326 16.72 -10.17 77.78
C GLY A 326 15.72 -10.28 76.65
N LYS A 327 16.22 -10.78 75.52
CA LYS A 327 15.40 -10.99 74.35
C LYS A 327 14.41 -12.13 74.60
N CYS A 328 13.17 -11.95 74.14
CA CYS A 328 12.19 -13.03 74.26
C CYS A 328 11.12 -12.87 73.20
N ALA A 329 10.37 -13.95 72.97
CA ALA A 329 9.48 -14.07 71.82
C ALA A 329 8.02 -13.91 72.22
N VAL A 330 7.26 -13.22 71.37
CA VAL A 330 5.84 -13.00 71.58
C VAL A 330 5.06 -13.81 70.55
N HIS A 331 3.77 -14.00 70.81
CA HIS A 331 2.90 -14.69 69.85
C HIS A 331 1.45 -14.41 70.22
N VAL A 332 0.59 -14.42 69.22
CA VAL A 332 -0.86 -14.53 69.42
C VAL A 332 -1.25 -15.96 69.03
N PRO A 333 -1.79 -16.77 69.94
CA PRO A 333 -2.15 -18.14 69.54
C PRO A 333 -3.17 -18.21 68.41
N SER A 334 -4.12 -17.30 68.39
CA SER A 334 -5.18 -17.33 67.39
C SER A 334 -4.71 -16.72 66.08
N GLY A 335 -5.53 -16.88 65.04
CA GLY A 335 -5.30 -16.28 63.75
C GLY A 335 -5.78 -14.86 63.60
N THR A 336 -6.17 -14.22 64.71
CA THR A 336 -6.68 -12.86 64.63
C THR A 336 -5.62 -11.88 64.13
N ALA A 337 -4.37 -12.06 64.56
CA ALA A 337 -3.31 -11.13 64.25
C ALA A 337 -2.04 -11.89 63.86
N THR A 338 -1.18 -11.19 63.12
CA THR A 338 0.15 -11.67 62.78
C THR A 338 1.15 -10.57 63.11
N LEU A 339 2.30 -10.98 63.66
CA LEU A 339 3.26 -10.06 64.27
C LEU A 339 4.49 -9.91 63.39
N LYS A 340 4.98 -8.67 63.29
CA LYS A 340 6.13 -8.33 62.46
C LYS A 340 7.37 -9.09 62.90
N GLU A 341 7.86 -8.80 64.10
CA GLU A 341 9.09 -9.39 64.60
C GLU A 341 8.83 -10.72 65.28
N ALA A 342 9.71 -11.69 65.03
CA ALA A 342 9.59 -12.98 65.70
C ALA A 342 9.75 -12.85 67.20
N ALA A 343 10.48 -11.84 67.66
CA ALA A 343 10.73 -11.64 69.08
C ALA A 343 11.16 -10.19 69.27
N VAL A 344 11.23 -9.77 70.54
CA VAL A 344 11.60 -8.41 70.88
C VAL A 344 12.53 -8.42 72.09
N GLU A 345 13.34 -7.35 72.18
CA GLU A 345 14.24 -7.15 73.31
C GLU A 345 13.52 -6.44 74.44
N LEU A 346 13.69 -6.95 75.66
CA LEU A 346 13.04 -6.41 76.85
C LEU A 346 14.08 -5.76 77.75
N THR A 347 13.84 -4.51 78.13
CA THR A 347 14.63 -3.83 79.13
C THR A 347 14.05 -4.17 80.51
N GLU A 348 14.53 -3.47 81.55
CA GLU A 348 14.05 -3.75 82.90
C GLU A 348 12.68 -3.13 83.16
N GLN A 349 12.52 -1.84 82.85
CA GLN A 349 11.29 -1.11 83.13
C GLN A 349 10.93 -0.22 81.96
N GLY A 350 11.03 -0.75 80.73
CA GLY A 350 10.73 0.00 79.53
C GLY A 350 9.33 -0.27 79.01
N SER A 351 9.13 0.11 77.75
CA SER A 351 7.86 -0.11 77.04
C SER A 351 8.17 -0.68 75.67
N ALA A 352 7.44 -1.71 75.26
CA ALA A 352 7.70 -2.41 74.02
C ALA A 352 6.63 -2.05 72.98
N THR A 353 7.09 -1.65 71.79
CA THR A 353 6.21 -1.28 70.69
C THR A 353 6.19 -2.41 69.66
N ILE A 354 4.99 -2.90 69.34
CA ILE A 354 4.82 -4.03 68.45
C ILE A 354 3.89 -3.63 67.31
N HIS A 355 4.16 -4.19 66.13
CA HIS A 355 3.36 -4.00 64.94
C HIS A 355 2.60 -5.27 64.61
N PHE A 356 1.48 -5.12 63.90
CA PHE A 356 0.66 -6.26 63.52
C PHE A 356 -0.38 -5.79 62.51
N SER A 357 -1.10 -6.76 61.95
CA SER A 357 -2.25 -6.50 61.07
C SER A 357 -3.45 -7.29 61.58
N THR A 358 -4.59 -7.15 60.92
CA THR A 358 -5.81 -7.85 61.33
C THR A 358 -6.82 -7.74 60.21
N ALA A 359 -7.91 -8.50 60.36
CA ALA A 359 -9.02 -8.50 59.42
C ALA A 359 -10.36 -8.11 60.05
N ASN A 360 -10.47 -8.14 61.37
CA ASN A 360 -11.73 -7.82 62.04
C ASN A 360 -11.78 -6.33 62.38
N ILE A 361 -12.99 -5.79 62.34
CA ILE A 361 -13.17 -4.35 62.55
C ILE A 361 -12.82 -3.97 63.99
N HIS A 362 -13.00 -4.90 64.94
CA HIS A 362 -12.88 -4.63 66.38
C HIS A 362 -11.95 -5.69 66.97
N PRO A 363 -10.63 -5.55 66.77
CA PRO A 363 -9.71 -6.61 67.23
C PRO A 363 -9.76 -6.81 68.72
N GLU A 364 -9.78 -8.08 69.13
CA GLU A 364 -9.75 -8.47 70.53
C GLU A 364 -8.96 -9.76 70.62
N PHE A 365 -7.86 -9.76 71.38
CA PHE A 365 -7.03 -10.95 71.40
C PHE A 365 -6.22 -11.03 72.69
N ARG A 366 -5.49 -12.13 72.84
CA ARG A 366 -4.55 -12.35 73.93
C ARG A 366 -3.16 -12.48 73.32
N LEU A 367 -2.22 -11.70 73.85
CA LEU A 367 -0.83 -11.72 73.41
C LEU A 367 -0.02 -12.48 74.45
N GLN A 368 0.66 -13.53 74.02
CA GLN A 368 1.51 -14.35 74.89
C GLN A 368 2.92 -13.77 74.89
N ILE A 369 3.29 -13.07 75.96
CA ILE A 369 4.63 -12.53 76.10
C ILE A 369 5.39 -13.41 77.10
N CYS A 370 6.07 -14.42 76.57
CA CYS A 370 7.28 -15.03 77.12
C CYS A 370 7.12 -15.70 78.49
N THR A 371 6.07 -15.35 79.24
CA THR A 371 5.59 -16.16 80.34
C THR A 371 4.07 -16.23 80.32
N SER A 372 3.40 -15.13 79.94
CA SER A 372 2.01 -14.95 80.33
C SER A 372 1.21 -14.24 79.24
N TYR A 373 -0.11 -14.35 79.36
CA TYR A 373 -1.05 -13.72 78.44
C TYR A 373 -1.40 -12.31 78.91
N VAL A 374 -1.66 -11.44 77.94
CA VAL A 374 -2.16 -10.09 78.21
C VAL A 374 -3.26 -9.78 77.20
N THR A 375 -4.38 -9.26 77.69
CA THR A 375 -5.52 -8.97 76.82
C THR A 375 -5.31 -7.65 76.10
N CYS A 376 -5.60 -7.64 74.79
CA CYS A 376 -5.52 -6.45 73.95
C CYS A 376 -6.87 -6.18 73.32
N LYS A 377 -7.31 -4.92 73.43
CA LYS A 377 -8.65 -4.46 73.10
C LYS A 377 -8.54 -3.11 72.41
N GLY A 378 -9.51 -2.81 71.54
CA GLY A 378 -9.54 -1.50 70.92
C GLY A 378 -10.46 -1.48 69.72
N ASP A 379 -10.59 -0.28 69.14
CA ASP A 379 -11.38 -0.04 67.95
C ASP A 379 -10.48 0.44 66.83
N CYS A 380 -10.88 0.15 65.59
CA CYS A 380 -10.04 0.36 64.42
C CYS A 380 -10.86 0.96 63.28
N HIS A 381 -10.16 1.55 62.32
CA HIS A 381 -10.77 2.36 61.26
C HIS A 381 -10.23 1.90 59.91
N PRO A 382 -10.92 2.24 58.82
CA PRO A 382 -10.51 1.73 57.49
C PRO A 382 -9.21 2.35 57.03
N PRO A 383 -8.61 1.81 55.95
CA PRO A 383 -7.39 2.41 55.40
C PRO A 383 -7.67 3.55 54.43
N LYS A 384 -6.62 4.07 53.79
CA LYS A 384 -6.72 5.20 52.86
C LYS A 384 -6.76 4.77 51.40
N ASP A 385 -5.90 3.83 51.00
CA ASP A 385 -5.77 3.45 49.60
C ASP A 385 -6.80 2.39 49.23
N HIS A 386 -7.16 2.38 47.94
CA HIS A 386 -8.09 1.39 47.40
C HIS A 386 -7.36 0.18 46.81
N ILE A 387 -6.23 0.40 46.15
CA ILE A 387 -5.46 -0.67 45.53
C ILE A 387 -4.00 -0.49 45.91
N VAL A 388 -3.35 -1.59 46.30
CA VAL A 388 -1.95 -1.58 46.71
C VAL A 388 -1.16 -2.52 45.81
N THR A 389 0.15 -2.60 46.03
CA THR A 389 1.06 -3.37 45.19
C THR A 389 1.85 -4.37 46.02
N HIS A 390 1.19 -5.04 46.96
CA HIS A 390 1.79 -6.13 47.71
C HIS A 390 0.69 -7.05 48.21
N PRO A 391 0.98 -8.33 48.43
CA PRO A 391 -0.10 -9.30 48.70
C PRO A 391 -0.59 -9.21 50.13
N GLN A 392 -1.64 -9.99 50.41
CA GLN A 392 -2.22 -10.05 51.75
C GLN A 392 -1.24 -10.69 52.72
N TYR A 393 -1.21 -10.16 53.94
CA TYR A 393 -0.25 -10.56 54.96
C TYR A 393 -0.88 -11.35 56.11
N HIS A 394 -2.18 -11.64 56.04
CA HIS A 394 -2.85 -12.36 57.11
C HIS A 394 -4.06 -13.08 56.53
N ALA A 395 -4.57 -14.05 57.29
CA ALA A 395 -5.71 -14.86 56.87
C ALA A 395 -7.01 -14.18 57.23
N GLN A 396 -7.97 -14.22 56.31
CA GLN A 396 -9.29 -13.63 56.54
C GLN A 396 -10.20 -14.64 57.22
N THR A 397 -10.80 -14.23 58.33
CA THR A 397 -11.72 -15.08 59.09
C THR A 397 -13.16 -14.67 58.81
N PHE A 398 -14.08 -15.52 59.25
CA PHE A 398 -15.51 -15.28 59.06
C PHE A 398 -16.03 -14.27 60.08
N TYR B 1 -50.46 57.80 14.75
CA TYR B 1 -51.51 56.75 14.88
C TYR B 1 -50.87 55.38 15.08
N GLU B 2 -51.26 54.73 16.17
CA GLU B 2 -50.65 53.46 16.57
C GLU B 2 -51.37 52.31 15.87
N HIS B 3 -50.60 51.51 15.12
CA HIS B 3 -51.14 50.33 14.46
C HIS B 3 -50.16 49.18 14.61
N ALA B 4 -50.60 48.08 15.22
CA ALA B 4 -49.75 46.94 15.55
C ALA B 4 -50.15 45.73 14.71
N THR B 5 -49.15 45.01 14.21
CA THR B 5 -49.39 43.78 13.46
C THR B 5 -48.13 42.93 13.50
N THR B 6 -48.29 41.67 13.14
CA THR B 6 -47.20 40.69 13.17
C THR B 6 -46.88 40.22 11.76
N MET B 7 -45.61 39.88 11.53
CA MET B 7 -45.16 39.32 10.27
C MET B 7 -44.36 38.06 10.53
N PRO B 8 -44.31 37.14 9.56
CA PRO B 8 -43.55 35.89 9.79
C PRO B 8 -42.06 36.11 9.67
N SER B 9 -41.31 35.49 10.59
CA SER B 9 -39.85 35.61 10.60
C SER B 9 -39.29 34.81 9.42
N GLN B 10 -38.93 35.51 8.36
CA GLN B 10 -38.36 34.87 7.18
C GLN B 10 -37.77 35.96 6.30
N ALA B 11 -37.09 35.54 5.23
CA ALA B 11 -36.43 36.42 4.29
C ALA B 11 -36.76 36.04 2.86
N GLY B 12 -36.73 37.03 1.98
CA GLY B 12 -36.97 36.83 0.56
C GLY B 12 -38.40 37.06 0.10
N ILE B 13 -39.37 36.69 0.93
CA ILE B 13 -40.78 36.80 0.58
C ILE B 13 -41.27 38.16 1.05
N SER B 14 -41.79 38.95 0.12
CA SER B 14 -42.30 40.27 0.45
C SER B 14 -43.59 40.17 1.25
N TYR B 15 -43.81 41.16 2.12
CA TYR B 15 -45.01 41.22 2.95
C TYR B 15 -45.71 42.55 2.74
N ASN B 16 -47.04 42.51 2.71
CA ASN B 16 -47.87 43.64 2.36
C ASN B 16 -49.00 43.80 3.37
N THR B 17 -49.42 45.04 3.57
CA THR B 17 -50.53 45.35 4.46
C THR B 17 -51.12 46.67 4.00
N ILE B 18 -52.33 46.97 4.46
CA ILE B 18 -52.96 48.27 4.21
C ILE B 18 -53.58 48.76 5.51
N VAL B 19 -53.35 50.02 5.84
CA VAL B 19 -53.94 50.65 7.00
C VAL B 19 -55.06 51.57 6.50
N ASN B 20 -56.27 51.35 7.01
CA ASN B 20 -57.47 52.05 6.57
C ASN B 20 -58.04 52.84 7.74
N ARG B 21 -58.31 54.12 7.51
CA ARG B 21 -59.00 54.97 8.46
C ARG B 21 -60.49 55.00 8.14
N ALA B 22 -61.29 55.37 9.14
CA ALA B 22 -62.74 55.27 9.01
C ALA B 22 -63.28 56.09 7.85
N GLY B 23 -62.63 57.21 7.52
CA GLY B 23 -63.14 58.10 6.49
C GLY B 23 -62.08 58.75 5.62
N TYR B 24 -60.86 58.22 5.61
CA TYR B 24 -59.77 58.74 4.79
C TYR B 24 -59.29 57.66 3.84
N ALA B 25 -58.46 58.06 2.88
CA ALA B 25 -57.98 57.14 1.87
C ALA B 25 -57.12 56.05 2.50
N PRO B 26 -57.29 54.78 2.15
CA PRO B 26 -56.39 53.75 2.67
C PRO B 26 -54.95 53.99 2.25
N LEU B 27 -54.02 53.62 3.12
CA LEU B 27 -52.59 53.80 2.91
C LEU B 27 -51.91 52.44 2.84
N PRO B 28 -51.19 52.10 1.77
CA PRO B 28 -50.51 50.80 1.72
C PRO B 28 -49.18 50.80 2.47
N ILE B 29 -48.74 49.59 2.82
CA ILE B 29 -47.48 49.36 3.51
C ILE B 29 -46.85 48.11 2.89
N SER B 30 -45.55 48.19 2.58
CA SER B 30 -44.81 47.03 2.09
C SER B 30 -43.49 46.94 2.83
N ILE B 31 -43.12 45.71 3.22
CA ILE B 31 -41.84 45.45 3.88
C ILE B 31 -41.21 44.22 3.25
N THR B 32 -39.92 44.29 2.98
CA THR B 32 -39.12 43.16 2.51
C THR B 32 -37.88 43.08 3.38
N PRO B 33 -37.75 42.09 4.26
CA PRO B 33 -36.49 41.94 5.01
C PRO B 33 -35.42 41.29 4.14
N THR B 34 -34.26 41.93 4.04
CA THR B 34 -33.19 41.39 3.22
C THR B 34 -32.53 40.18 3.89
N LYS B 35 -32.31 40.26 5.20
CA LYS B 35 -31.71 39.16 5.94
C LYS B 35 -31.85 39.42 7.43
N ILE B 36 -32.22 38.38 8.17
CA ILE B 36 -32.32 38.43 9.63
C ILE B 36 -31.18 37.58 10.18
N LYS B 37 -30.30 38.21 10.96
CA LYS B 37 -29.17 37.54 11.59
C LYS B 37 -29.33 37.54 13.11
N LEU B 38 -28.45 36.78 13.76
CA LEU B 38 -28.53 36.57 15.21
C LEU B 38 -27.10 36.55 15.74
N ILE B 39 -26.67 37.68 16.29
CA ILE B 39 -25.31 37.83 16.82
C ILE B 39 -25.36 37.56 18.32
N PRO B 40 -24.71 36.51 18.83
CA PRO B 40 -24.68 36.29 20.28
C PRO B 40 -23.50 36.96 20.96
N THR B 41 -23.73 37.37 22.21
CA THR B 41 -22.65 37.86 23.03
C THR B 41 -21.64 36.74 23.25
N VAL B 42 -20.36 37.04 23.04
CA VAL B 42 -19.30 36.05 22.99
C VAL B 42 -18.17 36.48 23.92
N ASN B 43 -17.54 35.51 24.59
CA ASN B 43 -16.39 35.78 25.43
C ASN B 43 -15.37 34.66 25.23
N LEU B 44 -14.10 35.04 25.08
CA LEU B 44 -13.03 34.08 24.89
C LEU B 44 -12.43 33.67 26.22
N GLU B 45 -11.94 32.43 26.27
CA GLU B 45 -11.35 31.84 27.47
C GLU B 45 -9.88 31.49 27.29
N TYR B 46 -9.52 30.80 26.21
CA TYR B 46 -8.13 30.42 25.98
C TYR B 46 -7.99 30.01 24.52
N VAL B 47 -6.74 29.79 24.10
CA VAL B 47 -6.42 29.32 22.76
C VAL B 47 -5.42 28.17 22.89
N THR B 48 -5.34 27.37 21.83
CA THR B 48 -4.47 26.21 21.81
C THR B 48 -3.96 25.99 20.39
N CYS B 49 -2.97 25.11 20.27
CA CYS B 49 -2.32 24.81 19.00
C CYS B 49 -1.41 23.61 19.20
N HIS B 50 -0.75 23.20 18.12
CA HIS B 50 0.23 22.13 18.21
C HIS B 50 1.39 22.55 19.10
N TYR B 51 1.83 21.62 19.96
CA TYR B 51 2.98 21.84 20.82
C TYR B 51 4.23 21.20 20.23
N LYS B 52 5.38 21.68 20.69
CA LYS B 52 6.67 21.19 20.26
C LYS B 52 7.48 20.83 21.50
N THR B 53 8.08 19.64 21.48
CA THR B 53 8.84 19.14 22.62
C THR B 53 10.19 19.84 22.69
N GLY B 54 10.22 20.96 23.41
CA GLY B 54 11.47 21.68 23.61
C GLY B 54 12.49 20.84 24.34
N MET B 55 13.69 20.77 23.78
CA MET B 55 14.72 19.86 24.25
C MET B 55 16.05 20.59 24.27
N ASP B 56 16.74 20.52 25.40
CA ASP B 56 18.07 21.11 25.55
C ASP B 56 19.14 20.09 25.21
N SER B 57 20.36 20.57 25.06
CA SER B 57 21.48 19.68 24.85
C SER B 57 21.71 18.84 26.11
N PRO B 58 21.95 17.53 25.99
CA PRO B 58 22.20 16.74 27.21
C PRO B 58 23.44 17.23 27.93
N ALA B 59 23.37 17.26 29.26
CA ALA B 59 24.45 17.75 30.09
C ALA B 59 25.27 16.57 30.60
N ILE B 60 26.57 16.59 30.31
CA ILE B 60 27.46 15.46 30.56
C ILE B 60 28.55 15.88 31.54
N LYS B 61 28.83 15.02 32.51
CA LYS B 61 29.95 15.21 33.42
C LYS B 61 30.42 13.83 33.84
N CYS B 62 31.55 13.39 33.30
CA CYS B 62 32.03 12.04 33.53
C CYS B 62 32.72 11.92 34.89
N CYS B 63 32.42 10.85 35.61
CA CYS B 63 32.94 10.55 36.95
C CYS B 63 32.95 11.80 37.84
N GLY B 64 31.74 12.33 38.05
CA GLY B 64 31.52 13.41 38.99
C GLY B 64 30.12 13.37 39.56
N SER B 65 29.47 14.53 39.67
CA SER B 65 28.10 14.60 40.16
C SER B 65 27.45 15.87 39.63
N GLN B 66 26.13 15.82 39.51
CA GLN B 66 25.33 16.95 39.03
C GLN B 66 24.10 17.08 39.92
N GLU B 67 23.33 18.14 39.67
CA GLU B 67 22.12 18.43 40.44
C GLU B 67 21.06 18.93 39.47
N CYS B 68 19.90 19.30 40.02
CA CYS B 68 18.76 19.78 39.24
C CYS B 68 18.50 21.24 39.56
N THR B 69 18.27 22.04 38.52
CA THR B 69 17.99 23.46 38.64
C THR B 69 16.60 23.75 38.06
N PRO B 70 15.57 23.89 38.87
CA PRO B 70 14.22 24.09 38.30
C PRO B 70 14.09 25.47 37.67
N THR B 71 13.88 25.50 36.36
CA THR B 71 13.67 26.74 35.63
C THR B 71 12.21 27.15 35.54
N TYR B 72 11.28 26.32 36.02
CA TYR B 72 9.85 26.62 36.13
C TYR B 72 9.18 26.80 34.77
N ARG B 73 9.84 26.43 33.67
CA ARG B 73 9.19 26.45 32.38
C ARG B 73 8.11 25.36 32.34
N PRO B 74 7.05 25.55 31.53
CA PRO B 74 5.84 24.76 31.73
C PRO B 74 6.06 23.27 31.49
N ASP B 75 5.59 22.46 32.45
CA ASP B 75 5.67 21.00 32.37
C ASP B 75 7.11 20.54 32.14
N GLU B 76 8.03 21.18 32.85
CA GLU B 76 9.44 20.80 32.76
C GLU B 76 9.67 19.48 33.47
N GLN B 77 10.64 18.72 32.96
CA GLN B 77 11.07 17.47 33.58
C GLN B 77 12.58 17.38 33.51
N CYS B 78 13.21 17.22 34.67
CA CYS B 78 14.66 17.12 34.78
C CYS B 78 15.00 15.81 35.47
N LYS B 79 16.00 15.09 34.95
CA LYS B 79 16.36 13.79 35.48
C LYS B 79 17.88 13.59 35.36
N VAL B 80 18.40 12.72 36.22
CA VAL B 80 19.82 12.39 36.27
C VAL B 80 19.96 10.88 36.13
N PHE B 81 20.90 10.46 35.28
CA PHE B 81 21.20 9.06 35.04
C PHE B 81 22.71 8.85 35.11
N THR B 82 23.11 7.62 35.42
CA THR B 82 24.52 7.25 35.58
C THR B 82 24.79 5.97 34.79
N GLY B 83 26.04 5.53 34.84
CA GLY B 83 26.44 4.29 34.20
C GLY B 83 26.33 4.29 32.69
N VAL B 84 26.84 5.34 32.05
CA VAL B 84 26.77 5.51 30.60
C VAL B 84 28.19 5.68 30.06
N TYR B 85 28.39 5.24 28.81
CA TYR B 85 29.68 5.27 28.15
C TYR B 85 29.49 5.91 26.77
N PRO B 86 29.39 7.24 26.70
CA PRO B 86 29.03 7.89 25.44
C PRO B 86 30.15 7.85 24.41
N PHE B 87 29.78 8.17 23.17
CA PHE B 87 30.67 8.15 22.03
C PHE B 87 30.54 9.46 21.27
N MET B 88 31.55 9.73 20.44
CA MET B 88 31.51 10.84 19.49
C MET B 88 32.20 10.31 18.24
N TRP B 89 32.15 11.07 17.13
CA TRP B 89 32.78 10.58 15.90
C TRP B 89 34.28 10.33 16.09
N GLY B 90 34.93 11.10 16.96
CA GLY B 90 36.33 10.91 17.24
C GLY B 90 36.60 9.96 18.39
N GLY B 91 35.84 8.86 18.44
CA GLY B 91 35.98 7.89 19.50
C GLY B 91 35.12 8.19 20.71
N ALA B 92 35.64 7.90 21.90
CA ALA B 92 34.92 8.13 23.14
C ALA B 92 35.13 9.55 23.64
N TYR B 93 34.12 10.06 24.36
CA TYR B 93 34.17 11.44 24.85
C TYR B 93 35.13 11.57 26.03
N CYS B 94 34.85 10.86 27.12
CA CYS B 94 35.65 10.91 28.34
C CYS B 94 36.34 9.56 28.56
N PHE B 95 37.16 9.51 29.61
CA PHE B 95 37.97 8.33 29.91
C PHE B 95 37.45 7.51 31.08
N CYS B 96 36.78 8.13 32.05
CA CYS B 96 36.30 7.38 33.20
C CYS B 96 35.30 6.30 32.77
N ASP B 97 35.51 5.10 33.30
CA ASP B 97 34.73 3.95 32.84
C ASP B 97 33.31 3.98 33.38
N THR B 98 33.14 4.34 34.66
CA THR B 98 31.85 4.33 35.31
C THR B 98 31.66 5.67 36.03
N GLU B 99 30.55 5.80 36.75
CA GLU B 99 30.16 7.03 37.44
C GLU B 99 29.97 8.19 36.49
N ASN B 100 29.75 7.92 35.21
CA ASN B 100 29.53 8.98 34.23
C ASN B 100 28.11 9.52 34.37
N THR B 101 28.01 10.82 34.63
CA THR B 101 26.75 11.44 34.99
C THR B 101 26.17 12.19 33.78
N GLN B 102 24.92 11.88 33.46
CA GLN B 102 24.13 12.67 32.52
C GLN B 102 22.95 13.29 33.26
N VAL B 103 22.68 14.56 32.97
CA VAL B 103 21.47 15.23 33.41
C VAL B 103 20.77 15.80 32.20
N SER B 104 19.46 15.54 32.10
CA SER B 104 18.67 15.85 30.93
C SER B 104 17.41 16.61 31.34
N LYS B 105 17.03 17.59 30.51
CA LYS B 105 15.83 18.39 30.72
C LYS B 105 14.95 18.33 29.49
N ALA B 106 13.63 18.37 29.72
CA ALA B 106 12.65 18.40 28.65
C ALA B 106 11.53 19.34 29.04
N TYR B 107 10.90 19.94 28.03
CA TYR B 107 9.79 20.86 28.25
C TYR B 107 8.95 20.91 26.98
N VAL B 108 7.90 21.71 27.01
CA VAL B 108 6.98 21.87 25.87
C VAL B 108 6.76 23.35 25.62
N MET B 109 6.73 23.74 24.35
CA MET B 109 6.46 25.13 24.00
C MET B 109 5.60 25.18 22.74
N LYS B 110 4.84 26.25 22.60
CA LYS B 110 3.92 26.38 21.48
C LYS B 110 4.68 26.41 20.16
N SER B 111 4.10 25.78 19.14
CA SER B 111 4.74 25.67 17.84
C SER B 111 4.78 27.05 17.17
N ASP B 112 5.46 27.10 16.01
CA ASP B 112 5.63 28.34 15.29
C ASP B 112 4.37 28.77 14.54
N ASP B 113 3.45 27.85 14.26
CA ASP B 113 2.26 28.14 13.49
C ASP B 113 1.08 28.60 14.36
N CYS B 114 1.36 29.16 15.54
CA CYS B 114 0.29 29.57 16.44
C CYS B 114 -0.55 30.68 15.84
N LEU B 115 0.09 31.67 15.20
CA LEU B 115 -0.62 32.87 14.77
C LEU B 115 -1.64 32.58 13.66
N ALA B 116 -1.43 31.52 12.87
CA ALA B 116 -2.31 31.19 11.76
C ALA B 116 -3.11 29.91 11.94
N ASP B 117 -2.63 28.97 12.74
CA ASP B 117 -3.31 27.70 12.99
C ASP B 117 -3.48 27.54 14.49
N HIS B 118 -4.67 27.90 14.99
CA HIS B 118 -4.94 27.83 16.42
C HIS B 118 -6.45 27.79 16.63
N ALA B 119 -6.91 26.84 17.45
CA ALA B 119 -8.32 26.75 17.78
C ALA B 119 -8.65 27.65 18.96
N GLU B 120 -9.80 28.31 18.89
CA GLU B 120 -10.26 29.21 19.93
C GLU B 120 -11.51 28.64 20.59
N ALA B 121 -11.68 28.94 21.88
CA ALA B 121 -12.82 28.50 22.66
C ALA B 121 -13.61 29.72 23.12
N TYR B 122 -14.93 29.66 22.94
CA TYR B 122 -15.81 30.76 23.30
C TYR B 122 -16.96 30.26 24.16
N LYS B 123 -17.39 31.12 25.08
CA LYS B 123 -18.64 30.96 25.82
C LYS B 123 -19.58 32.05 25.35
N ALA B 124 -20.79 31.65 24.94
CA ALA B 124 -21.72 32.55 24.27
C ALA B 124 -23.07 32.53 24.97
N HIS B 125 -23.79 33.65 24.85
CA HIS B 125 -25.10 33.79 25.47
C HIS B 125 -25.72 35.11 25.03
N THR B 126 -26.98 35.31 25.43
CA THR B 126 -27.70 36.58 25.32
C THR B 126 -27.69 37.11 23.88
N ALA B 127 -28.37 36.35 23.02
CA ALA B 127 -28.51 36.76 21.62
C ALA B 127 -29.20 38.11 21.52
N SER B 128 -28.66 38.97 20.66
CA SER B 128 -29.20 40.31 20.39
C SER B 128 -29.44 40.41 18.89
N VAL B 129 -30.69 40.14 18.48
CA VAL B 129 -31.00 40.09 17.06
C VAL B 129 -31.26 41.50 16.50
N GLN B 130 -30.99 41.65 15.21
CA GLN B 130 -31.27 42.88 14.48
C GLN B 130 -31.36 42.53 13.00
N ALA B 131 -32.03 43.40 12.24
CA ALA B 131 -32.42 43.08 10.87
C ALA B 131 -32.14 44.24 9.92
N PHE B 132 -32.11 43.92 8.64
CA PHE B 132 -32.04 44.90 7.56
C PHE B 132 -33.35 44.82 6.79
N LEU B 133 -34.06 45.95 6.70
CA LEU B 133 -35.38 46.01 6.10
C LEU B 133 -35.37 46.98 4.92
N ASN B 134 -36.26 46.73 3.96
CA ASN B 134 -36.62 47.71 2.94
C ASN B 134 -38.12 47.96 3.10
N ILE B 135 -38.47 49.19 3.43
CA ILE B 135 -39.82 49.57 3.84
C ILE B 135 -40.34 50.67 2.94
N THR B 136 -41.61 50.54 2.52
CA THR B 136 -42.29 51.55 1.72
C THR B 136 -43.64 51.85 2.35
N VAL B 137 -43.82 53.10 2.80
CA VAL B 137 -45.10 53.64 3.21
C VAL B 137 -45.39 54.85 2.33
N GLY B 138 -46.48 54.78 1.58
CA GLY B 138 -46.84 55.85 0.67
C GLY B 138 -45.73 56.22 -0.29
N GLU B 139 -45.37 55.28 -1.16
CA GLU B 139 -44.31 55.43 -2.18
C GLU B 139 -43.06 56.15 -1.64
N HIS B 140 -42.68 55.83 -0.40
CA HIS B 140 -41.44 56.31 0.22
C HIS B 140 -40.61 55.10 0.60
N SER B 141 -39.77 54.65 -0.33
CA SER B 141 -38.96 53.45 -0.15
C SER B 141 -37.64 53.80 0.52
N ILE B 142 -37.33 53.11 1.62
CA ILE B 142 -36.10 53.31 2.36
C ILE B 142 -35.53 51.94 2.72
N VAL B 143 -34.20 51.88 2.83
CA VAL B 143 -33.49 50.68 3.28
C VAL B 143 -32.75 51.05 4.56
N THR B 144 -32.94 50.27 5.62
CA THR B 144 -32.43 50.66 6.92
C THR B 144 -32.21 49.43 7.80
N THR B 145 -31.19 49.53 8.65
CA THR B 145 -30.96 48.57 9.73
C THR B 145 -31.80 48.96 10.93
N VAL B 146 -32.47 47.96 11.53
CA VAL B 146 -33.32 48.18 12.69
C VAL B 146 -33.00 47.11 13.72
N TYR B 147 -32.81 47.54 14.97
CA TYR B 147 -32.67 46.62 16.09
C TYR B 147 -34.05 46.16 16.51
N VAL B 148 -34.29 44.85 16.48
CA VAL B 148 -35.63 44.31 16.61
C VAL B 148 -35.98 44.12 18.09
N ASN B 149 -35.12 44.61 18.98
CA ASN B 149 -35.43 44.56 20.40
C ASN B 149 -36.64 45.46 20.70
N GLY B 150 -37.02 45.50 21.96
CA GLY B 150 -38.23 46.20 22.37
C GLY B 150 -38.11 47.71 22.47
N GLU B 151 -37.12 48.29 21.80
CA GLU B 151 -36.91 49.74 21.82
C GLU B 151 -36.24 50.09 20.49
N THR B 152 -35.67 51.30 20.39
CA THR B 152 -34.89 51.68 19.23
C THR B 152 -35.75 51.78 17.97
N PRO B 153 -36.71 52.71 17.93
CA PRO B 153 -37.50 52.90 16.71
C PRO B 153 -36.64 53.36 15.55
N VAL B 154 -37.13 53.11 14.33
CA VAL B 154 -36.56 53.67 13.11
C VAL B 154 -37.48 54.78 12.64
N ASN B 155 -36.89 55.95 12.37
CA ASN B 155 -37.63 57.18 12.12
C ASN B 155 -37.38 57.66 10.69
N PHE B 156 -38.44 58.14 10.03
CA PHE B 156 -38.28 58.79 8.73
C PHE B 156 -39.55 59.55 8.35
N ASN B 157 -39.36 60.79 7.89
CA ASN B 157 -40.42 61.72 7.45
C ASN B 157 -41.66 61.67 8.34
N GLY B 158 -41.43 61.70 9.66
CA GLY B 158 -42.49 61.80 10.63
C GLY B 158 -43.06 60.48 11.09
N VAL B 159 -42.84 59.40 10.36
CA VAL B 159 -43.27 58.06 10.74
C VAL B 159 -42.18 57.42 11.59
N LYS B 160 -42.58 56.59 12.55
CA LYS B 160 -41.64 55.78 13.31
C LYS B 160 -42.17 54.35 13.41
N ILE B 161 -41.25 53.39 13.34
CA ILE B 161 -41.60 51.97 13.39
C ILE B 161 -40.82 51.33 14.54
N THR B 162 -41.52 50.57 15.36
CA THR B 162 -40.93 49.81 16.47
C THR B 162 -41.17 48.33 16.22
N ALA B 163 -40.09 47.55 16.13
CA ALA B 163 -40.18 46.11 15.96
C ALA B 163 -40.02 45.45 17.32
N GLY B 164 -41.05 44.73 17.76
CA GLY B 164 -41.05 44.13 19.07
C GLY B 164 -40.11 42.95 19.17
N PRO B 165 -39.86 42.48 20.39
CA PRO B 165 -38.95 41.34 20.57
C PRO B 165 -39.55 40.06 19.99
N LEU B 166 -38.66 39.15 19.60
CA LEU B 166 -39.10 37.88 19.03
C LEU B 166 -39.87 37.07 20.07
N SER B 167 -40.87 36.33 19.58
CA SER B 167 -41.70 35.51 20.46
C SER B 167 -40.94 34.34 21.07
N THR B 168 -39.76 33.98 20.53
CA THR B 168 -38.97 32.87 21.01
C THR B 168 -37.54 33.32 21.23
N ALA B 169 -36.95 32.87 22.34
CA ALA B 169 -35.56 33.16 22.67
C ALA B 169 -34.62 32.03 22.26
N TRP B 170 -35.06 31.13 21.38
CA TRP B 170 -34.22 30.02 20.97
C TRP B 170 -32.98 30.52 20.23
N THR B 171 -31.87 29.82 20.44
CA THR B 171 -30.61 30.12 19.77
C THR B 171 -30.02 28.84 19.21
N PRO B 172 -29.27 28.91 18.10
CA PRO B 172 -28.59 27.70 17.61
C PRO B 172 -27.30 27.38 18.34
N PHE B 173 -26.77 28.31 19.12
CA PHE B 173 -25.51 28.10 19.83
C PHE B 173 -25.78 27.57 21.23
N ASP B 174 -24.94 26.64 21.67
CA ASP B 174 -25.00 26.13 23.03
C ASP B 174 -24.23 27.08 23.94
N ARG B 175 -23.96 26.65 25.17
CA ARG B 175 -23.25 27.50 26.12
C ARG B 175 -21.74 27.48 25.91
N LYS B 176 -21.22 26.61 25.05
CA LYS B 176 -19.79 26.50 24.80
C LYS B 176 -19.58 26.14 23.34
N ILE B 177 -18.68 26.86 22.66
CA ILE B 177 -18.38 26.59 21.25
C ILE B 177 -16.88 26.67 21.02
N VAL B 178 -16.44 26.06 19.93
CA VAL B 178 -15.05 26.06 19.50
C VAL B 178 -15.00 26.56 18.07
N GLN B 179 -14.16 27.57 17.83
CA GLN B 179 -13.98 28.17 16.52
C GLN B 179 -12.62 27.76 15.96
N TYR B 180 -12.60 27.36 14.69
CA TYR B 180 -11.37 26.94 14.04
C TYR B 180 -11.56 26.95 12.53
N ALA B 181 -10.64 27.60 11.82
CA ALA B 181 -10.57 27.57 10.36
C ALA B 181 -11.89 28.00 9.74
N GLY B 182 -12.51 29.02 10.33
CA GLY B 182 -13.75 29.53 9.80
C GLY B 182 -14.95 28.63 10.01
N GLU B 183 -14.90 27.75 11.01
CA GLU B 183 -16.00 26.86 11.31
C GLU B 183 -16.17 26.79 12.82
N ILE B 184 -17.39 26.44 13.24
CA ILE B 184 -17.77 26.42 14.64
C ILE B 184 -18.30 25.04 14.99
N TYR B 185 -18.07 24.60 16.23
CA TYR B 185 -18.49 23.28 16.69
C TYR B 185 -18.83 23.37 18.17
N ASN B 186 -20.00 22.86 18.57
CA ASN B 186 -20.32 22.78 19.99
C ASN B 186 -19.51 21.64 20.60
N TYR B 187 -18.74 21.93 21.63
CA TYR B 187 -17.89 20.93 22.25
C TYR B 187 -17.76 21.22 23.73
N ASP B 188 -17.87 20.18 24.54
CA ASP B 188 -17.78 20.29 25.99
C ASP B 188 -16.31 20.23 26.38
N PHE B 189 -15.58 21.30 26.03
CA PHE B 189 -14.16 21.34 26.37
C PHE B 189 -13.99 21.58 27.87
N PRO B 190 -12.91 21.06 28.48
CA PRO B 190 -12.72 21.30 29.91
C PRO B 190 -12.38 22.75 30.19
N GLU B 191 -12.72 23.19 31.41
CA GLU B 191 -12.43 24.55 31.82
C GLU B 191 -10.91 24.79 31.86
N TYR B 192 -10.54 26.05 32.08
CA TYR B 192 -9.13 26.42 32.08
C TYR B 192 -8.39 25.68 33.21
N GLY B 193 -7.25 25.11 32.86
CA GLY B 193 -6.42 24.41 33.82
C GLY B 193 -6.83 22.99 34.12
N ALA B 194 -7.91 22.50 33.51
CA ALA B 194 -8.42 21.15 33.76
C ALA B 194 -8.27 20.25 32.53
N GLY B 195 -7.26 20.52 31.69
CA GLY B 195 -7.01 19.67 30.55
C GLY B 195 -6.40 18.34 30.94
N GLN B 196 -6.58 17.36 30.04
CA GLN B 196 -6.08 16.01 30.22
C GLN B 196 -5.21 15.63 29.02
N PRO B 197 -4.24 14.73 29.21
CA PRO B 197 -3.38 14.36 28.07
C PRO B 197 -4.14 13.60 27.01
N GLY B 198 -3.81 13.88 25.75
CA GLY B 198 -4.38 13.17 24.63
C GLY B 198 -5.72 13.69 24.15
N ALA B 199 -6.30 14.68 24.82
CA ALA B 199 -7.59 15.25 24.46
C ALA B 199 -7.43 16.74 24.15
N PHE B 200 -8.54 17.38 23.84
CA PHE B 200 -8.53 18.81 23.56
C PHE B 200 -8.07 19.58 24.79
N GLY B 201 -7.21 20.56 24.58
CA GLY B 201 -6.75 21.41 25.66
C GLY B 201 -5.52 20.91 26.38
N ASP B 202 -4.69 20.10 25.72
CA ASP B 202 -3.44 19.66 26.34
C ASP B 202 -2.52 20.83 26.66
N ILE B 203 -2.62 21.93 25.91
CA ILE B 203 -1.91 23.17 26.18
C ILE B 203 -2.96 24.26 26.37
N GLN B 204 -2.79 25.07 27.42
CA GLN B 204 -3.74 26.12 27.77
C GLN B 204 -2.99 27.45 27.76
N SER B 205 -3.22 28.26 26.73
CA SER B 205 -2.66 29.60 26.63
C SER B 205 -3.79 30.61 26.76
N ARG B 206 -3.59 31.59 27.65
CA ARG B 206 -4.66 32.54 27.95
C ARG B 206 -5.06 33.34 26.72
N THR B 207 -4.07 33.81 25.94
CA THR B 207 -4.32 34.57 24.72
C THR B 207 -3.35 34.09 23.65
N VAL B 208 -3.43 34.73 22.48
CA VAL B 208 -2.57 34.35 21.36
C VAL B 208 -1.10 34.64 21.70
N SER B 209 -0.84 35.72 22.42
CA SER B 209 0.51 36.12 22.81
C SER B 209 0.62 36.37 24.31
N SER B 210 -0.07 35.56 25.11
CA SER B 210 0.00 35.72 26.56
C SER B 210 1.39 35.39 27.09
N SER B 211 2.11 34.47 26.43
CA SER B 211 3.46 34.08 26.83
C SER B 211 3.48 33.40 28.20
N ASP B 212 2.37 32.76 28.57
CA ASP B 212 2.32 31.94 29.77
C ASP B 212 1.28 30.83 29.58
N LEU B 213 1.76 29.59 29.50
CA LEU B 213 0.94 28.45 29.14
C LEU B 213 1.00 27.40 30.23
N TYR B 214 -0.12 26.71 30.44
CA TYR B 214 -0.20 25.56 31.33
C TYR B 214 -0.25 24.29 30.48
N ALA B 215 0.65 23.36 30.77
CA ALA B 215 0.81 22.15 29.97
C ALA B 215 0.76 20.92 30.87
N ASN B 216 -0.04 19.92 30.48
CA ASN B 216 -0.06 18.61 31.11
C ASN B 216 -0.10 17.58 29.98
N THR B 217 1.08 17.20 29.50
CA THR B 217 1.20 16.29 28.37
C THR B 217 1.67 14.90 28.76
N ASN B 218 1.86 14.64 30.06
CA ASN B 218 2.34 13.33 30.54
C ASN B 218 3.71 13.01 29.93
N LEU B 219 4.68 13.88 30.22
CA LEU B 219 6.04 13.74 29.73
C LEU B 219 6.87 13.03 30.78
N VAL B 220 7.39 11.85 30.43
CA VAL B 220 8.25 11.06 31.30
C VAL B 220 9.51 10.71 30.53
N LEU B 221 10.67 10.89 31.17
CA LEU B 221 11.97 10.75 30.53
C LEU B 221 12.48 9.33 30.71
N GLN B 222 13.07 8.79 29.64
CA GLN B 222 13.52 7.41 29.59
C GLN B 222 15.04 7.34 29.59
N ARG B 223 15.57 6.20 30.02
CA ARG B 223 17.01 6.00 30.12
C ARG B 223 17.63 5.96 28.73
N PRO B 224 18.77 6.62 28.51
CA PRO B 224 19.38 6.60 27.16
C PRO B 224 20.00 5.27 26.83
N LYS B 225 20.13 5.02 25.53
CA LYS B 225 20.83 3.83 25.05
C LYS B 225 22.34 4.05 25.17
N ALA B 226 23.04 3.06 25.73
CA ALA B 226 24.48 3.17 25.90
C ALA B 226 25.17 3.34 24.55
N GLY B 227 26.18 4.19 24.52
CA GLY B 227 26.93 4.42 23.30
C GLY B 227 26.35 5.47 22.39
N ALA B 228 25.57 6.41 22.93
CA ALA B 228 24.98 7.47 22.13
C ALA B 228 24.56 8.65 22.99
N ILE B 229 24.87 9.87 22.53
CA ILE B 229 24.52 11.08 23.25
C ILE B 229 23.14 11.53 22.75
N HIS B 230 22.10 11.25 23.53
CA HIS B 230 20.75 11.67 23.21
C HIS B 230 19.90 11.51 24.46
N VAL B 231 18.61 11.85 24.33
CA VAL B 231 17.66 11.78 25.44
C VAL B 231 16.36 11.16 24.92
N PRO B 232 16.02 9.92 25.29
CA PRO B 232 14.77 9.33 24.79
C PRO B 232 13.58 9.73 25.65
N TYR B 233 12.54 10.24 24.99
CA TYR B 233 11.34 10.73 25.67
C TYR B 233 10.11 10.10 25.04
N THR B 234 9.03 10.05 25.83
CA THR B 234 7.77 9.49 25.37
C THR B 234 6.61 10.27 25.98
N GLN B 235 5.59 10.53 25.18
CA GLN B 235 4.37 11.17 25.67
C GLN B 235 3.23 10.80 24.73
N ALA B 236 2.01 11.10 25.18
CA ALA B 236 0.82 10.78 24.40
C ALA B 236 0.74 11.69 23.18
N PRO B 237 -0.04 11.31 22.17
CA PRO B 237 -0.14 12.16 20.97
C PRO B 237 -0.76 13.50 21.29
N SER B 238 -0.68 14.40 20.30
CA SER B 238 -1.31 15.71 20.42
C SER B 238 -2.81 15.55 20.32
N GLY B 239 -3.52 15.89 21.40
CA GLY B 239 -4.97 15.74 21.40
C GLY B 239 -5.65 16.57 20.33
N PHE B 240 -5.01 17.67 19.90
CA PHE B 240 -5.56 18.47 18.81
C PHE B 240 -5.65 17.66 17.53
N GLU B 241 -4.63 16.85 17.23
CA GLU B 241 -4.67 16.02 16.04
C GLU B 241 -5.78 14.98 16.12
N GLN B 242 -5.95 14.36 17.30
CA GLN B 242 -7.02 13.38 17.45
C GLN B 242 -8.39 14.03 17.30
N TRP B 243 -8.56 15.23 17.86
CA TRP B 243 -9.81 15.95 17.67
C TRP B 243 -10.04 16.30 16.20
N LYS B 244 -8.97 16.68 15.49
CA LYS B 244 -9.08 16.95 14.06
C LYS B 244 -9.48 15.68 13.30
N LYS B 245 -9.06 14.52 13.80
CA LYS B 245 -9.43 13.27 13.14
C LYS B 245 -10.88 12.89 13.44
N ASP B 246 -11.37 13.20 14.64
CA ASP B 246 -12.76 12.91 14.96
C ASP B 246 -13.70 13.78 14.12
N LYS B 247 -13.64 15.09 14.32
CA LYS B 247 -14.22 16.09 13.42
C LYS B 247 -15.70 15.83 13.14
N ALA B 248 -16.50 16.01 14.17
CA ALA B 248 -17.95 15.99 13.97
C ALA B 248 -18.34 17.14 13.03
N PRO B 249 -19.40 16.98 12.22
CA PRO B 249 -19.74 18.04 11.26
C PRO B 249 -20.06 19.37 11.93
N SER B 250 -19.75 20.45 11.22
CA SER B 250 -19.96 21.79 11.73
C SER B 250 -21.45 22.14 11.78
N LEU B 251 -21.74 23.34 12.28
CA LEU B 251 -23.12 23.73 12.54
C LEU B 251 -23.84 24.18 11.27
N LYS B 252 -23.11 24.55 10.22
CA LYS B 252 -23.75 24.93 8.96
C LYS B 252 -24.28 23.71 8.19
N PHE B 253 -24.15 22.51 8.74
CA PHE B 253 -24.75 21.31 8.18
C PHE B 253 -25.60 20.56 9.20
N THR B 254 -25.78 21.10 10.42
CA THR B 254 -26.55 20.44 11.46
C THR B 254 -27.52 21.34 12.21
N ALA B 255 -27.30 22.65 12.28
CA ALA B 255 -28.13 23.51 13.11
C ALA B 255 -29.56 23.54 12.56
N PRO B 256 -30.58 23.19 13.35
CA PRO B 256 -31.94 23.12 12.79
C PRO B 256 -32.47 24.49 12.42
N PHE B 257 -33.52 24.47 11.59
CA PHE B 257 -34.25 25.62 11.04
C PHE B 257 -33.50 26.34 9.94
N GLY B 258 -32.27 25.94 9.60
CA GLY B 258 -31.65 26.34 8.35
C GLY B 258 -31.08 27.74 8.25
N CYS B 259 -30.30 28.15 9.24
CA CYS B 259 -29.52 29.40 9.18
C CYS B 259 -28.03 29.17 9.26
N GLU B 260 -27.36 29.75 8.26
CA GLU B 260 -25.95 29.48 8.00
C GLU B 260 -25.10 30.30 8.95
N ILE B 261 -23.99 29.72 9.35
CA ILE B 261 -23.11 30.30 10.36
C ILE B 261 -21.90 30.85 9.62
N TYR B 262 -21.74 32.17 9.65
CA TYR B 262 -20.57 32.84 9.10
C TYR B 262 -19.87 33.58 10.22
N THR B 263 -18.53 33.65 10.14
CA THR B 263 -17.70 34.21 11.21
C THR B 263 -16.70 35.22 10.63
N ASN B 264 -17.19 36.44 10.39
CA ASN B 264 -16.31 37.60 10.54
C ASN B 264 -16.29 37.93 12.03
N PRO B 265 -17.44 38.30 12.65
CA PRO B 265 -17.73 37.83 14.01
C PRO B 265 -18.68 36.65 13.96
N ILE B 266 -18.77 35.87 15.04
CA ILE B 266 -19.67 34.71 15.07
C ILE B 266 -21.10 35.20 14.84
N ARG B 267 -21.72 34.74 13.75
CA ARG B 267 -23.10 35.14 13.47
C ARG B 267 -23.80 34.07 12.63
N ALA B 268 -25.14 34.11 12.69
CA ALA B 268 -26.03 33.20 11.97
C ALA B 268 -26.99 34.01 11.12
N GLU B 269 -27.51 33.41 10.04
CA GLU B 269 -28.45 34.11 9.17
C GLU B 269 -29.48 33.20 8.53
N ASN B 270 -30.73 33.71 8.49
CA ASN B 270 -31.84 33.20 7.66
C ASN B 270 -32.38 31.83 8.11
N CYS B 271 -32.93 31.79 9.34
CA CYS B 271 -33.71 30.66 9.84
C CYS B 271 -35.02 31.15 10.44
N ALA B 272 -36.12 30.55 9.98
CA ALA B 272 -37.47 31.07 10.15
C ALA B 272 -38.14 30.35 11.30
N VAL B 273 -38.50 31.10 12.34
CA VAL B 273 -39.26 30.55 13.46
C VAL B 273 -39.86 31.73 14.22
N GLY B 274 -41.04 31.50 14.80
CA GLY B 274 -41.72 32.57 15.49
C GLY B 274 -42.24 33.61 14.52
N SER B 275 -42.27 34.85 14.99
CA SER B 275 -42.75 35.97 14.20
C SER B 275 -42.26 37.27 14.82
N ILE B 276 -42.21 38.32 14.01
CA ILE B 276 -41.84 39.65 14.46
C ILE B 276 -43.12 40.45 14.68
N PRO B 277 -43.49 40.79 15.92
CA PRO B 277 -44.52 41.80 16.11
C PRO B 277 -43.93 43.20 15.97
N LEU B 278 -44.68 44.08 15.31
CA LEU B 278 -44.19 45.40 14.99
C LEU B 278 -45.35 46.38 15.07
N ALA B 279 -45.02 47.66 15.17
CA ALA B 279 -46.01 48.72 15.33
C ALA B 279 -45.54 49.98 14.61
N PHE B 280 -46.46 50.60 13.89
CA PHE B 280 -46.23 51.89 13.24
C PHE B 280 -46.91 52.98 14.06
N ASP B 281 -46.17 54.05 14.35
CA ASP B 281 -46.73 55.31 14.83
C ASP B 281 -46.53 56.29 13.69
N ILE B 282 -47.62 56.61 12.99
CA ILE B 282 -47.59 57.46 11.81
C ILE B 282 -48.20 58.80 12.16
N PRO B 283 -47.79 59.91 11.54
CA PRO B 283 -48.42 61.19 11.80
C PRO B 283 -49.72 61.33 11.01
N ASP B 284 -50.50 62.34 11.38
CA ASP B 284 -51.78 62.59 10.72
C ASP B 284 -51.62 63.29 9.38
N ALA B 285 -50.41 63.71 9.01
CA ALA B 285 -50.23 64.44 7.76
C ALA B 285 -50.38 63.55 6.54
N LEU B 286 -49.92 62.30 6.62
CA LEU B 286 -49.91 61.43 5.44
C LEU B 286 -51.32 61.09 4.96
N PHE B 287 -52.30 61.01 5.85
CA PHE B 287 -53.66 60.69 5.45
C PHE B 287 -54.21 61.84 4.60
N THR B 288 -54.80 61.49 3.45
CA THR B 288 -55.34 62.45 2.50
C THR B 288 -56.85 62.26 2.36
N ARG B 289 -57.49 63.28 1.81
CA ARG B 289 -58.94 63.26 1.64
C ARG B 289 -59.32 62.23 0.58
N VAL B 290 -60.43 61.54 0.81
CA VAL B 290 -60.87 60.48 -0.10
C VAL B 290 -61.18 61.04 -1.48
N SER B 291 -61.87 62.19 -1.52
CA SER B 291 -62.26 62.77 -2.80
C SER B 291 -61.06 63.08 -3.68
N GLU B 292 -59.89 63.34 -3.07
CA GLU B 292 -58.69 63.59 -3.86
C GLU B 292 -58.16 62.35 -4.55
N THR B 293 -58.66 61.15 -4.20
CA THR B 293 -58.24 59.90 -4.80
C THR B 293 -59.34 59.31 -5.67
N PRO B 294 -59.02 58.47 -6.65
CA PRO B 294 -60.08 57.88 -7.49
C PRO B 294 -61.00 56.98 -6.68
N THR B 295 -62.26 56.92 -7.09
CA THR B 295 -63.26 56.03 -6.52
C THR B 295 -63.95 55.27 -7.64
N LEU B 296 -64.14 53.97 -7.44
CA LEU B 296 -64.73 53.09 -8.43
C LEU B 296 -66.23 52.94 -8.19
N SER B 297 -66.88 52.20 -9.08
CA SER B 297 -68.31 51.94 -8.99
C SER B 297 -68.66 50.82 -9.96
N ALA B 298 -69.56 49.94 -9.52
CA ALA B 298 -70.03 48.82 -10.35
C ALA B 298 -68.87 47.92 -10.77
N ALA B 299 -68.23 47.32 -9.77
CA ALA B 299 -67.09 46.44 -9.99
C ALA B 299 -67.54 44.98 -10.01
N GLU B 300 -66.94 44.19 -10.91
CA GLU B 300 -67.27 42.78 -11.08
C GLU B 300 -65.98 41.98 -11.11
N CYS B 301 -65.94 40.91 -10.32
CA CYS B 301 -64.77 40.04 -10.21
C CYS B 301 -65.02 38.72 -10.93
N THR B 302 -64.02 38.28 -11.70
CA THR B 302 -64.07 37.01 -12.40
C THR B 302 -62.71 36.35 -12.32
N LEU B 303 -62.68 35.05 -12.02
CA LEU B 303 -61.45 34.29 -11.91
C LEU B 303 -61.13 33.67 -13.26
N ASN B 304 -59.93 33.95 -13.78
CA ASN B 304 -59.57 33.49 -15.11
C ASN B 304 -58.92 32.10 -15.06
N GLU B 305 -57.80 31.98 -14.33
CA GLU B 305 -57.08 30.72 -14.24
C GLU B 305 -56.63 30.46 -12.81
N CYS B 306 -56.60 29.19 -12.43
CA CYS B 306 -56.19 28.75 -11.11
C CYS B 306 -55.06 27.73 -11.17
N VAL B 307 -54.09 27.89 -10.28
CA VAL B 307 -53.29 26.79 -9.75
C VAL B 307 -53.04 27.12 -8.28
N TYR B 308 -53.38 26.19 -7.38
CA TYR B 308 -53.13 26.40 -5.94
C TYR B 308 -51.74 25.89 -5.58
N SER B 309 -50.76 26.38 -6.34
CA SER B 309 -49.38 25.96 -6.19
C SER B 309 -48.70 26.77 -5.09
N SER B 310 -47.44 26.42 -4.81
CA SER B 310 -46.66 27.16 -3.83
C SER B 310 -46.32 28.57 -4.32
N ASP B 311 -46.43 28.83 -5.62
CA ASP B 311 -46.12 30.11 -6.23
C ASP B 311 -47.40 30.79 -6.69
N PHE B 312 -47.31 32.11 -6.86
CA PHE B 312 -48.43 32.89 -7.39
C PHE B 312 -48.73 32.42 -8.80
N GLY B 313 -49.86 31.75 -8.97
CA GLY B 313 -50.27 31.25 -10.28
C GLY B 313 -51.75 31.38 -10.56
N GLY B 314 -52.48 32.06 -9.67
CA GLY B 314 -53.89 32.32 -9.89
C GLY B 314 -54.11 33.71 -10.44
N ILE B 315 -54.75 33.83 -11.59
CA ILE B 315 -54.94 35.10 -12.29
C ILE B 315 -56.43 35.35 -12.46
N ALA B 316 -56.84 36.57 -12.12
CA ALA B 316 -58.24 37.01 -12.23
C ALA B 316 -58.28 38.38 -12.87
N THR B 317 -59.46 38.72 -13.39
CA THR B 317 -59.70 40.01 -14.03
C THR B 317 -60.90 40.67 -13.38
N VAL B 318 -60.81 41.98 -13.14
CA VAL B 318 -61.87 42.76 -12.54
C VAL B 318 -62.23 43.91 -13.48
N LYS B 319 -63.51 44.03 -13.79
CA LYS B 319 -64.05 45.12 -14.59
C LYS B 319 -64.70 46.13 -13.67
N TYR B 320 -64.68 47.40 -14.06
CA TYR B 320 -65.09 48.48 -13.18
C TYR B 320 -65.64 49.63 -14.01
N SER B 321 -65.94 50.74 -13.31
CA SER B 321 -66.33 52.00 -13.95
C SER B 321 -65.80 53.11 -13.04
N ALA B 322 -64.62 53.63 -13.36
CA ALA B 322 -63.89 54.53 -12.48
C ALA B 322 -64.27 55.98 -12.74
N SER B 323 -64.39 56.75 -11.67
CA SER B 323 -64.61 58.18 -11.78
C SER B 323 -63.34 58.93 -12.16
N LYS B 324 -62.18 58.44 -11.71
CA LYS B 324 -60.90 59.07 -11.98
C LYS B 324 -59.86 57.99 -12.24
N SER B 325 -58.79 58.38 -12.92
CA SER B 325 -57.70 57.48 -13.26
C SER B 325 -56.51 57.76 -12.36
N GLY B 326 -55.94 56.71 -11.79
CA GLY B 326 -54.79 56.87 -10.91
C GLY B 326 -54.44 55.56 -10.23
N LYS B 327 -53.42 55.65 -9.38
CA LYS B 327 -52.93 54.47 -8.65
C LYS B 327 -53.68 54.36 -7.33
N CYS B 328 -54.26 53.19 -7.05
CA CYS B 328 -54.83 52.97 -5.73
C CYS B 328 -54.67 51.51 -5.33
N ALA B 329 -54.89 51.25 -4.04
CA ALA B 329 -54.46 50.02 -3.41
C ALA B 329 -55.50 48.91 -3.52
N VAL B 330 -55.04 47.69 -3.27
CA VAL B 330 -55.87 46.49 -3.18
C VAL B 330 -55.44 45.71 -1.95
N HIS B 331 -56.37 44.95 -1.38
CA HIS B 331 -56.08 44.20 -0.17
C HIS B 331 -57.12 43.11 0.03
N VAL B 332 -56.68 41.99 0.59
CA VAL B 332 -57.54 40.87 0.96
C VAL B 332 -57.56 40.79 2.48
N PRO B 333 -58.74 40.73 3.15
CA PRO B 333 -58.73 40.77 4.62
C PRO B 333 -58.06 39.57 5.26
N SER B 334 -58.49 38.37 4.90
CA SER B 334 -58.04 37.16 5.56
C SER B 334 -56.79 36.60 4.90
N GLY B 335 -56.29 35.48 5.42
CA GLY B 335 -55.14 34.79 4.88
C GLY B 335 -55.46 33.79 3.80
N THR B 336 -56.68 33.82 3.25
CA THR B 336 -57.03 32.86 2.20
C THR B 336 -56.21 33.12 0.94
N ALA B 337 -55.94 34.39 0.64
CA ALA B 337 -55.21 34.76 -0.57
C ALA B 337 -54.19 35.85 -0.24
N THR B 338 -53.13 35.88 -1.05
CA THR B 338 -52.12 36.91 -0.99
C THR B 338 -51.86 37.41 -2.40
N LEU B 339 -51.43 38.67 -2.51
CA LEU B 339 -51.39 39.38 -3.79
C LEU B 339 -49.96 39.73 -4.17
N LYS B 340 -49.69 39.70 -5.48
CA LYS B 340 -48.37 40.07 -5.98
C LYS B 340 -48.03 41.51 -5.64
N GLU B 341 -48.77 42.47 -6.20
CA GLU B 341 -48.51 43.88 -6.00
C GLU B 341 -49.37 44.43 -4.86
N ALA B 342 -48.90 45.52 -4.28
CA ALA B 342 -49.62 46.19 -3.20
C ALA B 342 -50.65 47.19 -3.71
N ALA B 343 -50.62 47.54 -4.99
CA ALA B 343 -51.58 48.48 -5.56
C ALA B 343 -51.61 48.30 -7.07
N VAL B 344 -52.62 48.91 -7.70
CA VAL B 344 -52.83 48.79 -9.13
C VAL B 344 -53.17 50.16 -9.69
N GLU B 345 -52.76 50.41 -10.94
CA GLU B 345 -53.16 51.58 -11.67
C GLU B 345 -54.49 51.34 -12.37
N LEU B 346 -55.41 52.29 -12.22
CA LEU B 346 -56.77 52.20 -12.72
C LEU B 346 -56.97 53.29 -13.76
N THR B 347 -57.40 52.90 -14.96
CA THR B 347 -57.83 53.87 -15.95
C THR B 347 -59.33 54.13 -15.78
N GLU B 348 -59.91 54.89 -16.72
CA GLU B 348 -61.30 55.31 -16.54
C GLU B 348 -62.27 54.14 -16.66
N GLN B 349 -62.14 53.33 -17.72
CA GLN B 349 -63.09 52.25 -17.97
C GLN B 349 -62.38 50.99 -18.46
N GLY B 350 -61.25 50.64 -17.86
CA GLY B 350 -60.49 49.47 -18.25
C GLY B 350 -60.83 48.25 -17.44
N SER B 351 -60.00 47.22 -17.61
CA SER B 351 -60.10 45.97 -16.86
C SER B 351 -58.75 45.68 -16.24
N ALA B 352 -58.73 45.47 -14.92
CA ALA B 352 -57.48 45.28 -14.19
C ALA B 352 -57.23 43.80 -13.94
N THR B 353 -55.96 43.41 -14.03
CA THR B 353 -55.53 42.03 -13.87
C THR B 353 -54.86 41.87 -12.49
N ILE B 354 -55.25 40.82 -11.77
CA ILE B 354 -54.76 40.57 -10.42
C ILE B 354 -54.18 39.17 -10.36
N HIS B 355 -53.01 39.05 -9.73
CA HIS B 355 -52.35 37.78 -9.50
C HIS B 355 -52.34 37.47 -8.00
N PHE B 356 -52.51 36.20 -7.66
CA PHE B 356 -52.61 35.78 -6.27
C PHE B 356 -52.39 34.28 -6.18
N SER B 357 -52.29 33.79 -4.95
CA SER B 357 -52.16 32.37 -4.64
C SER B 357 -53.19 32.01 -3.58
N THR B 358 -53.24 30.72 -3.23
CA THR B 358 -54.17 30.23 -2.23
C THR B 358 -53.80 28.79 -1.90
N ALA B 359 -54.37 28.29 -0.80
CA ALA B 359 -54.22 26.90 -0.38
C ALA B 359 -55.52 26.12 -0.38
N ASN B 360 -56.65 26.76 -0.67
CA ASN B 360 -57.95 26.11 -0.61
C ASN B 360 -58.41 25.74 -2.02
N ILE B 361 -59.02 24.57 -2.15
CA ILE B 361 -59.51 24.11 -3.44
C ILE B 361 -60.63 25.01 -3.96
N HIS B 362 -61.35 25.68 -3.06
CA HIS B 362 -62.58 26.39 -3.38
C HIS B 362 -62.49 27.81 -2.85
N PRO B 363 -61.70 28.67 -3.51
CA PRO B 363 -61.50 30.03 -2.98
C PRO B 363 -62.73 30.91 -3.22
N GLU B 364 -63.32 31.40 -2.13
CA GLU B 364 -64.46 32.30 -2.18
C GLU B 364 -64.10 33.47 -1.25
N PHE B 365 -63.64 34.58 -1.83
CA PHE B 365 -63.02 35.62 -1.01
C PHE B 365 -63.52 37.01 -1.39
N ARG B 366 -63.57 37.89 -0.40
CA ARG B 366 -63.96 39.28 -0.61
C ARG B 366 -62.72 40.11 -0.89
N LEU B 367 -62.65 40.68 -2.10
CA LEU B 367 -61.54 41.53 -2.50
C LEU B 367 -61.88 42.99 -2.19
N GLN B 368 -60.96 43.68 -1.53
CA GLN B 368 -61.14 45.08 -1.19
C GLN B 368 -60.42 45.95 -2.22
N ILE B 369 -61.17 46.41 -3.22
CA ILE B 369 -60.66 47.45 -4.12
C ILE B 369 -60.59 48.73 -3.32
N CYS B 370 -59.88 49.73 -3.84
CA CYS B 370 -59.42 50.86 -3.03
C CYS B 370 -60.55 51.64 -2.37
N THR B 371 -61.81 51.44 -2.76
CA THR B 371 -62.91 52.05 -2.01
C THR B 371 -64.06 51.09 -1.71
N SER B 372 -64.32 50.13 -2.59
CA SER B 372 -65.49 49.26 -2.46
C SER B 372 -65.08 47.83 -2.12
N TYR B 373 -66.09 47.01 -1.81
CA TYR B 373 -65.91 45.62 -1.41
C TYR B 373 -66.54 44.74 -2.50
N VAL B 374 -65.70 44.11 -3.32
CA VAL B 374 -66.16 43.19 -4.34
C VAL B 374 -66.00 41.78 -3.81
N THR B 375 -66.71 40.83 -4.41
CA THR B 375 -66.66 39.43 -4.02
C THR B 375 -66.24 38.57 -5.20
N CYS B 376 -65.42 37.55 -4.92
CA CYS B 376 -64.82 36.70 -5.94
C CYS B 376 -65.15 35.26 -5.64
N LYS B 377 -65.67 34.55 -6.65
CA LYS B 377 -66.10 33.17 -6.55
C LYS B 377 -65.42 32.34 -7.64
N GLY B 378 -65.26 31.06 -7.37
CA GLY B 378 -64.75 30.15 -8.38
C GLY B 378 -64.11 28.92 -7.76
N ASP B 379 -63.72 28.01 -8.63
CA ASP B 379 -63.01 26.78 -8.27
C ASP B 379 -61.63 26.81 -8.90
N CYS B 380 -60.84 25.77 -8.63
CA CYS B 380 -59.44 25.73 -9.04
C CYS B 380 -59.03 24.30 -9.34
N HIS B 381 -57.81 24.14 -9.85
CA HIS B 381 -57.29 22.88 -10.36
C HIS B 381 -55.90 22.64 -9.81
N PRO B 382 -55.41 21.41 -9.84
CA PRO B 382 -54.10 21.10 -9.22
C PRO B 382 -52.95 21.63 -10.05
N PRO B 383 -51.74 21.70 -9.46
CA PRO B 383 -50.55 22.11 -10.24
C PRO B 383 -49.93 20.94 -10.98
N LYS B 384 -48.79 21.17 -11.63
CA LYS B 384 -48.10 20.16 -12.42
C LYS B 384 -46.83 19.64 -11.75
N ASP B 385 -45.93 20.52 -11.34
CA ASP B 385 -44.63 20.10 -10.81
C ASP B 385 -44.79 19.53 -9.40
N HIS B 386 -44.19 18.37 -9.16
CA HIS B 386 -44.25 17.75 -7.84
C HIS B 386 -43.41 18.54 -6.83
N ILE B 387 -42.17 18.85 -7.19
CA ILE B 387 -41.21 19.51 -6.31
C ILE B 387 -40.71 20.77 -6.99
N VAL B 388 -40.61 21.87 -6.23
CA VAL B 388 -40.13 23.14 -6.74
C VAL B 388 -38.93 23.60 -5.90
N THR B 389 -38.39 24.77 -6.23
CA THR B 389 -37.16 25.28 -5.62
C THR B 389 -37.36 26.70 -5.09
N HIS B 390 -38.46 26.92 -4.39
CA HIS B 390 -38.69 28.19 -3.69
C HIS B 390 -39.69 27.94 -2.57
N PRO B 391 -39.71 28.79 -1.54
CA PRO B 391 -40.51 28.49 -0.35
C PRO B 391 -41.98 28.84 -0.57
N GLN B 392 -42.79 28.53 0.45
CA GLN B 392 -44.21 28.80 0.38
C GLN B 392 -44.49 30.30 0.44
N TYR B 393 -45.51 30.73 -0.30
CA TYR B 393 -45.83 32.14 -0.45
C TYR B 393 -47.07 32.56 0.34
N HIS B 394 -47.73 31.64 1.04
CA HIS B 394 -48.97 31.96 1.74
C HIS B 394 -49.13 31.02 2.91
N ALA B 395 -50.22 31.21 3.66
CA ALA B 395 -50.49 30.46 4.88
C ALA B 395 -51.46 29.31 4.60
N GLN B 396 -51.32 28.24 5.37
CA GLN B 396 -52.14 27.04 5.23
C GLN B 396 -53.27 27.10 6.27
N THR B 397 -54.51 27.17 5.76
CA THR B 397 -55.68 27.17 6.63
C THR B 397 -56.18 25.73 6.84
N PHE B 398 -56.77 25.50 8.02
CA PHE B 398 -57.32 24.19 8.35
C PHE B 398 -58.40 23.79 7.36
N SER C 1 15.85 42.93 -1.19
CA SER C 1 17.17 42.27 -0.97
C SER C 1 17.01 41.05 -0.06
N THR C 2 17.82 40.02 -0.33
CA THR C 2 17.77 38.78 0.43
C THR C 2 18.97 38.57 1.36
N GLU C 3 20.07 39.28 1.13
CA GLU C 3 21.23 39.13 2.00
C GLU C 3 20.92 39.57 3.43
N GLU C 4 19.97 40.48 3.61
CA GLU C 4 19.56 40.89 4.94
C GLU C 4 18.85 39.78 5.70
N LEU C 5 18.41 38.72 5.00
CA LEU C 5 17.85 37.55 5.63
C LEU C 5 18.87 36.43 5.83
N PHE C 6 19.82 36.28 4.89
CA PHE C 6 20.94 35.37 5.08
C PHE C 6 21.93 35.85 6.11
N ASN C 7 21.90 37.14 6.49
CA ASN C 7 22.92 37.67 7.39
C ASN C 7 22.89 37.00 8.75
N GLU C 8 21.73 36.47 9.15
CA GLU C 8 21.65 35.77 10.43
C GLU C 8 22.41 34.45 10.40
N TYR C 9 22.35 33.74 9.28
CA TYR C 9 22.91 32.40 9.17
C TYR C 9 24.37 32.40 8.71
N LYS C 10 24.97 33.56 8.48
CA LYS C 10 26.42 33.60 8.23
C LYS C 10 27.21 33.41 9.51
N LEU C 11 26.57 33.46 10.68
CA LEU C 11 27.24 33.34 11.96
C LEU C 11 27.24 31.91 12.52
N THR C 12 26.71 30.93 11.79
CA THR C 12 26.63 29.55 12.23
C THR C 12 27.43 28.66 11.27
N ARG C 13 27.58 27.40 11.66
CA ARG C 13 28.34 26.41 10.91
C ARG C 13 27.55 25.12 10.82
N PRO C 14 27.85 24.25 9.87
CA PRO C 14 27.24 22.92 9.85
C PRO C 14 27.80 22.06 10.98
N TYR C 15 27.10 20.96 11.25
CA TYR C 15 27.51 20.03 12.28
C TYR C 15 27.00 18.65 11.93
N MET C 16 27.80 17.63 12.22
CA MET C 16 27.39 16.25 12.02
C MET C 16 26.68 15.73 13.26
N ALA C 17 26.01 14.58 13.09
CA ALA C 17 25.26 13.98 14.19
C ALA C 17 25.26 12.47 13.97
N ARG C 18 24.46 11.76 14.76
CA ARG C 18 24.35 10.32 14.71
C ARG C 18 23.04 9.94 14.02
N CYS C 19 23.16 9.14 12.96
CA CYS C 19 22.02 8.57 12.25
C CYS C 19 21.98 7.07 12.51
N ILE C 20 20.80 6.59 12.89
CA ILE C 20 20.64 5.17 13.21
C ILE C 20 20.85 4.27 12.00
N ARG C 21 20.72 4.80 10.78
CA ARG C 21 20.77 3.96 9.58
C ARG C 21 21.36 4.78 8.43
N CYS C 22 22.69 4.68 8.26
CA CYS C 22 23.30 5.02 6.98
C CYS C 22 23.43 3.71 6.19
N ALA C 23 24.25 3.72 5.14
CA ALA C 23 24.35 2.57 4.24
C ALA C 23 24.72 1.26 4.95
N VAL C 24 25.28 1.32 6.16
CA VAL C 24 25.74 0.12 6.86
C VAL C 24 24.86 -0.17 8.08
N GLY C 25 24.85 0.73 9.06
CA GLY C 25 24.10 0.50 10.28
C GLY C 25 23.99 1.70 11.18
N SER C 26 24.10 1.50 12.50
CA SER C 26 24.19 2.62 13.42
C SER C 26 25.46 3.40 13.12
N CYS C 27 25.33 4.72 12.99
CA CYS C 27 26.24 5.44 12.13
C CYS C 27 26.35 6.90 12.55
N HIS C 28 27.45 7.53 12.14
CA HIS C 28 27.65 8.97 12.26
C HIS C 28 27.56 9.58 10.86
N SER C 29 26.65 10.51 10.68
CA SER C 29 26.39 11.10 9.36
C SER C 29 26.17 12.60 9.51
N PRO C 30 26.36 13.36 8.43
CA PRO C 30 26.05 14.79 8.45
C PRO C 30 24.65 15.16 7.94
N ILE C 31 23.80 14.17 7.66
CA ILE C 31 22.50 14.41 7.02
C ILE C 31 21.40 14.02 7.99
N ALA C 32 21.65 14.21 9.28
CA ALA C 32 20.64 13.88 10.28
C ALA C 32 19.40 14.76 10.11
N ILE C 33 18.24 14.13 10.18
CA ILE C 33 16.94 14.80 10.08
C ILE C 33 16.36 14.81 11.49
N GLU C 34 16.42 15.95 12.17
CA GLU C 34 16.08 15.98 13.59
C GLU C 34 14.58 15.78 13.79
N ALA C 35 13.76 16.47 13.00
CA ALA C 35 12.31 16.31 13.09
C ALA C 35 11.69 16.75 11.77
N VAL C 36 10.45 16.32 11.56
CA VAL C 36 9.68 16.64 10.37
C VAL C 36 8.31 17.15 10.80
N LYS C 37 7.89 18.28 10.25
CA LYS C 37 6.58 18.86 10.50
C LYS C 37 5.77 18.84 9.21
N SER C 38 4.58 18.25 9.28
CA SER C 38 3.68 18.15 8.12
C SER C 38 2.30 18.61 8.60
N ASP C 39 2.05 19.91 8.49
CA ASP C 39 0.77 20.50 8.89
C ASP C 39 0.09 21.26 7.74
N GLY C 40 0.66 21.25 6.55
CA GLY C 40 0.04 21.92 5.41
C GLY C 40 -1.15 21.14 4.88
N HIS C 41 -1.56 21.46 3.66
CA HIS C 41 -2.72 20.83 3.03
C HIS C 41 -2.39 20.15 1.72
N ASP C 42 -1.51 20.73 0.90
CA ASP C 42 -1.15 20.17 -0.40
C ASP C 42 -0.02 19.15 -0.32
N GLY C 43 0.48 18.84 0.88
CA GLY C 43 1.54 17.87 1.06
C GLY C 43 2.92 18.46 1.28
N TYR C 44 3.03 19.78 1.30
CA TYR C 44 4.32 20.40 1.59
C TYR C 44 4.75 20.07 3.00
N VAL C 45 6.04 19.73 3.17
CA VAL C 45 6.60 19.42 4.47
C VAL C 45 7.90 20.20 4.64
N ARG C 46 8.30 20.38 5.89
CA ARG C 46 9.47 21.18 6.26
C ARG C 46 10.47 20.27 6.97
N LEU C 47 11.51 19.87 6.24
CA LEU C 47 12.58 19.07 6.83
C LEU C 47 13.54 19.97 7.60
N GLN C 48 13.83 19.59 8.84
CA GLN C 48 14.82 20.25 9.68
C GLN C 48 16.02 19.31 9.79
N THR C 49 17.12 19.70 9.17
CA THR C 49 18.31 18.87 9.04
C THR C 49 19.49 19.52 9.77
N SER C 50 20.65 18.87 9.67
CA SER C 50 21.88 19.36 10.27
C SER C 50 22.81 20.02 9.26
N SER C 51 22.48 19.99 7.98
CA SER C 51 23.32 20.58 6.93
C SER C 51 22.98 22.07 6.79
N GLN C 52 23.60 22.73 5.81
CA GLN C 52 23.44 24.15 5.56
C GLN C 52 23.06 24.36 4.10
N TYR C 53 22.19 25.33 3.85
CA TYR C 53 21.65 25.61 2.53
C TYR C 53 21.83 27.08 2.17
N GLY C 54 22.12 27.34 0.90
CA GLY C 54 22.12 28.70 0.38
C GLY C 54 23.32 29.54 0.71
N LEU C 55 24.40 28.94 1.21
CA LEU C 55 25.61 29.67 1.58
C LEU C 55 26.83 28.96 1.02
N ASP C 56 27.83 29.77 0.64
CA ASP C 56 29.07 29.23 0.11
C ASP C 56 30.04 28.92 1.26
N SER C 57 31.17 28.32 0.91
CA SER C 57 32.18 27.96 1.91
C SER C 57 33.12 29.14 2.17
N LEU C 61 27.74 33.91 -1.10
CA LEU C 61 26.34 33.63 -1.37
C LEU C 61 26.16 33.02 -2.76
N LYS C 62 25.31 32.00 -2.85
CA LYS C 62 25.05 31.31 -4.10
C LYS C 62 23.60 30.85 -4.12
N GLY C 63 23.09 30.64 -5.34
CA GLY C 63 21.70 30.28 -5.52
C GLY C 63 21.30 28.97 -4.89
N ARG C 64 21.86 27.87 -5.39
CA ARG C 64 21.50 26.51 -4.96
C ARG C 64 22.77 25.73 -4.67
N THR C 65 23.17 25.70 -3.40
CA THR C 65 24.34 24.95 -2.96
C THR C 65 24.09 24.39 -1.57
N MET C 66 24.45 23.13 -1.37
CA MET C 66 24.41 22.49 -0.06
C MET C 66 25.79 22.52 0.55
N ARG C 67 25.86 22.85 1.84
CA ARG C 67 27.11 23.01 2.57
C ARG C 67 27.05 22.12 3.81
N TYR C 68 28.05 21.25 3.97
CA TYR C 68 28.05 20.26 5.04
C TYR C 68 29.44 20.12 5.64
N ASP C 69 29.50 19.34 6.72
CA ASP C 69 30.69 19.14 7.53
C ASP C 69 31.14 17.68 7.45
N MET C 70 32.45 17.47 7.57
CA MET C 70 33.02 16.12 7.53
C MET C 70 34.37 16.18 8.22
N HIS C 71 34.49 15.44 9.33
CA HIS C 71 35.69 15.42 10.18
C HIS C 71 36.23 16.83 10.44
N GLY C 72 35.32 17.78 10.60
CA GLY C 72 35.69 19.15 10.91
C GLY C 72 35.77 20.04 9.69
N THR C 73 36.22 19.49 8.57
CA THR C 73 36.32 20.26 7.34
C THR C 73 34.94 20.57 6.80
N ILE C 74 34.86 21.60 5.97
CA ILE C 74 33.60 22.07 5.38
C ILE C 74 33.68 21.86 3.88
N LYS C 75 32.64 21.24 3.31
CA LYS C 75 32.56 20.98 1.89
C LYS C 75 31.21 21.42 1.36
N GLU C 76 31.13 21.54 0.03
CA GLU C 76 29.91 21.98 -0.62
C GLU C 76 29.65 21.13 -1.86
N ILE C 77 28.37 21.04 -2.23
CA ILE C 77 27.92 20.28 -3.40
C ILE C 77 26.77 21.00 -4.06
N PRO C 78 26.59 20.84 -5.37
CA PRO C 78 25.37 21.36 -6.00
C PRO C 78 24.12 20.71 -5.43
N LEU C 79 23.06 21.50 -5.35
CA LEU C 79 21.82 21.03 -4.71
C LEU C 79 21.13 19.95 -5.54
N HIS C 80 21.35 19.93 -6.85
CA HIS C 80 20.64 18.98 -7.72
C HIS C 80 21.15 17.55 -7.59
N GLN C 81 22.10 17.24 -6.70
CA GLN C 81 22.58 15.88 -6.51
C GLN C 81 21.88 15.17 -5.35
N VAL C 82 21.61 15.87 -4.25
CA VAL C 82 20.95 15.25 -3.11
C VAL C 82 19.52 14.87 -3.49
N SER C 83 19.01 13.82 -2.86
CA SER C 83 17.66 13.33 -3.12
C SER C 83 17.08 12.78 -1.84
N LEU C 84 15.75 12.65 -1.83
CA LEU C 84 15.03 12.11 -0.69
C LEU C 84 13.81 11.36 -1.19
N TYR C 85 13.30 10.46 -0.36
CA TYR C 85 12.10 9.72 -0.73
C TYR C 85 11.47 9.07 0.50
N THR C 86 10.18 8.77 0.37
CA THR C 86 9.44 7.95 1.33
C THR C 86 8.89 6.68 0.68
N SER C 87 8.16 6.82 -0.43
CA SER C 87 7.67 5.70 -1.23
C SER C 87 8.04 5.83 -2.70
N ARG C 88 8.06 7.06 -3.23
CA ARG C 88 8.47 7.34 -4.59
C ARG C 88 9.40 8.54 -4.59
N PRO C 89 10.14 8.77 -5.67
CA PRO C 89 11.05 9.93 -5.70
C PRO C 89 10.29 11.23 -5.52
N CYS C 90 10.93 12.18 -4.85
CA CYS C 90 10.31 13.42 -4.44
C CYS C 90 11.24 14.59 -4.76
N HIS C 91 10.64 15.77 -4.91
CA HIS C 91 11.30 16.93 -5.51
C HIS C 91 11.66 17.95 -4.45
N ILE C 92 12.86 18.51 -4.57
CA ILE C 92 13.31 19.60 -3.72
C ILE C 92 12.87 20.92 -4.33
N VAL C 93 12.29 21.79 -3.51
CA VAL C 93 11.83 23.10 -3.97
C VAL C 93 12.87 24.16 -3.61
N ASP C 94 13.13 24.34 -2.32
CA ASP C 94 14.09 25.35 -1.89
C ASP C 94 14.42 25.14 -0.41
N GLY C 95 15.59 25.64 -0.04
CA GLY C 95 16.01 25.62 1.36
C GLY C 95 16.62 26.96 1.74
N HIS C 96 16.45 27.31 3.02
CA HIS C 96 16.91 28.60 3.52
C HIS C 96 17.59 28.34 4.88
N GLY C 97 18.88 28.09 4.85
CA GLY C 97 19.64 27.89 6.08
C GLY C 97 19.52 26.46 6.58
N TYR C 98 18.88 26.29 7.74
CA TYR C 98 18.74 24.99 8.39
C TYR C 98 17.44 24.29 8.03
N PHE C 99 16.63 24.86 7.14
CA PHE C 99 15.31 24.34 6.84
C PHE C 99 15.16 24.10 5.35
N LEU C 100 14.46 23.03 5.00
CA LEU C 100 14.24 22.61 3.62
C LEU C 100 12.76 22.40 3.40
N LEU C 101 12.26 22.81 2.24
CA LEU C 101 10.83 22.69 1.90
C LEU C 101 10.68 21.55 0.90
N ALA C 102 10.32 20.38 1.42
CA ALA C 102 10.14 19.20 0.58
C ALA C 102 8.68 19.08 0.14
N ARG C 103 8.49 18.40 -0.99
CA ARG C 103 7.23 18.37 -1.73
C ARG C 103 7.01 16.91 -2.14
N CYS C 104 6.36 16.14 -1.27
CA CYS C 104 6.44 14.69 -1.38
C CYS C 104 5.18 14.07 -0.80
N PRO C 105 4.59 13.03 -1.44
CA PRO C 105 3.32 12.48 -0.94
C PRO C 105 3.48 11.66 0.34
N ALA C 106 2.39 11.03 0.77
CA ALA C 106 2.33 10.34 2.05
C ALA C 106 3.38 9.23 2.12
N GLY C 107 3.56 8.71 3.32
CA GLY C 107 4.52 7.64 3.55
C GLY C 107 4.56 7.27 5.01
N ASP C 108 5.65 6.60 5.40
CA ASP C 108 5.87 6.21 6.79
C ASP C 108 7.27 6.49 7.30
N SER C 109 8.24 6.76 6.43
CA SER C 109 9.61 7.05 6.86
C SER C 109 10.31 7.87 5.80
N ILE C 110 11.17 8.78 6.23
CA ILE C 110 11.95 9.63 5.34
C ILE C 110 13.29 8.97 5.12
N THR C 111 13.84 9.10 3.91
CA THR C 111 15.19 8.64 3.61
C THR C 111 15.86 9.67 2.70
N MET C 112 16.91 10.30 3.19
CA MET C 112 17.66 11.31 2.45
C MET C 112 19.03 10.77 2.13
N GLU C 113 19.41 10.81 0.85
CA GLU C 113 20.68 10.26 0.40
C GLU C 113 21.31 11.18 -0.64
N PHE C 114 22.63 11.10 -0.73
CA PHE C 114 23.38 11.74 -1.81
C PHE C 114 24.66 10.94 -2.03
N LYS C 115 25.32 11.24 -3.14
CA LYS C 115 26.43 10.42 -3.63
C LYS C 115 27.65 11.28 -3.86
N LYS C 116 28.78 10.86 -3.28
CA LYS C 116 30.09 11.45 -3.53
C LYS C 116 30.71 10.68 -4.70
N ASP C 117 31.98 10.96 -5.01
CA ASP C 117 32.66 10.26 -6.11
C ASP C 117 32.66 8.76 -5.88
N SER C 118 32.87 8.32 -4.63
CA SER C 118 32.86 6.91 -4.28
C SER C 118 32.09 6.58 -3.01
N VAL C 119 31.71 7.56 -2.20
CA VAL C 119 31.01 7.33 -0.94
C VAL C 119 29.55 7.72 -1.11
N ARG C 120 28.66 6.78 -0.81
CA ARG C 120 27.21 7.00 -0.85
C ARG C 120 26.74 7.28 0.58
N HIS C 121 26.34 8.51 0.86
CA HIS C 121 25.87 8.90 2.18
C HIS C 121 24.35 8.84 2.20
N SER C 122 23.80 8.27 3.27
CA SER C 122 22.36 8.10 3.40
C SER C 122 21.98 8.21 4.87
N CYS C 123 20.71 8.54 5.10
CA CYS C 123 20.17 8.57 6.45
C CYS C 123 18.66 8.41 6.37
N SER C 124 18.13 7.43 7.09
CA SER C 124 16.70 7.15 7.13
C SER C 124 16.18 7.40 8.54
N VAL C 125 15.06 8.11 8.64
CA VAL C 125 14.44 8.44 9.92
C VAL C 125 12.97 8.06 9.84
N PRO C 126 12.45 7.18 10.73
CA PRO C 126 11.01 6.84 10.66
C PRO C 126 10.11 7.80 11.45
N TYR C 127 9.85 8.95 10.86
CA TYR C 127 8.77 9.84 11.29
C TYR C 127 7.67 9.83 10.24
N GLU C 128 6.43 9.77 10.71
CA GLU C 128 5.28 9.67 9.82
C GLU C 128 5.14 10.97 9.04
N VAL C 129 4.80 10.86 7.76
CA VAL C 129 4.49 12.00 6.91
C VAL C 129 3.07 11.79 6.40
N LYS C 130 2.19 12.76 6.66
CA LYS C 130 0.77 12.64 6.37
C LYS C 130 0.38 13.56 5.23
N PHE C 131 -0.49 13.06 4.36
CA PHE C 131 -1.09 13.84 3.27
C PHE C 131 -2.53 14.14 3.66
N ASN C 132 -2.83 15.43 3.80
CA ASN C 132 -4.14 15.87 4.31
C ASN C 132 -5.03 16.31 3.16
N PRO C 133 -6.11 15.60 2.84
CA PRO C 133 -7.01 16.10 1.79
C PRO C 133 -7.71 17.38 2.22
N VAL C 134 -8.10 18.17 1.21
CA VAL C 134 -8.78 19.44 1.41
C VAL C 134 -10.21 19.30 0.95
N GLY C 135 -11.15 19.73 1.79
CA GLY C 135 -12.56 19.72 1.43
C GLY C 135 -13.27 18.45 1.82
N ARG C 136 -14.20 18.00 0.97
CA ARG C 136 -15.04 16.84 1.22
C ARG C 136 -14.95 15.86 0.06
N GLU C 137 -13.76 15.74 -0.54
CA GLU C 137 -13.49 14.80 -1.62
C GLU C 137 -12.08 14.25 -1.37
N LEU C 138 -12.00 13.08 -0.74
CA LEU C 138 -10.72 12.49 -0.38
C LEU C 138 -10.01 11.99 -1.64
N TYR C 139 -8.88 12.62 -1.97
CA TYR C 139 -8.09 12.28 -3.14
C TYR C 139 -6.67 11.91 -2.70
N THR C 140 -5.81 11.64 -3.69
CA THR C 140 -4.41 11.31 -3.46
C THR C 140 -3.44 12.15 -4.27
N HIS C 141 -3.88 12.78 -5.35
CA HIS C 141 -3.04 13.62 -6.20
C HIS C 141 -3.93 14.75 -6.73
N PRO C 142 -3.58 16.02 -6.55
CA PRO C 142 -4.51 17.11 -6.92
C PRO C 142 -4.88 17.06 -8.39
N PRO C 143 -6.10 17.46 -8.75
CA PRO C 143 -6.59 17.27 -10.12
C PRO C 143 -6.04 18.32 -11.07
N GLU C 144 -6.47 18.24 -12.32
CA GLU C 144 -6.12 19.21 -13.35
C GLU C 144 -7.00 20.46 -13.31
N HIS C 145 -8.13 20.41 -12.60
CA HIS C 145 -9.12 21.48 -12.66
C HIS C 145 -10.04 21.35 -11.45
N GLY C 146 -10.90 22.35 -11.28
CA GLY C 146 -11.90 22.32 -10.23
C GLY C 146 -12.23 23.69 -9.68
N VAL C 147 -12.67 23.76 -8.44
CA VAL C 147 -13.07 25.02 -7.82
C VAL C 147 -11.97 25.44 -6.84
N GLU C 148 -12.06 26.68 -6.37
CA GLU C 148 -11.03 27.30 -5.55
C GLU C 148 -11.53 27.48 -4.12
N GLN C 149 -10.68 27.13 -3.16
CA GLN C 149 -10.97 27.25 -1.74
C GLN C 149 -9.77 27.89 -1.05
N ALA C 150 -9.97 28.26 0.21
CA ALA C 150 -8.92 28.84 1.04
C ALA C 150 -8.29 27.76 1.90
N CYS C 151 -7.00 27.53 1.72
CA CYS C 151 -6.24 26.51 2.44
C CYS C 151 -5.09 27.17 3.20
N GLN C 152 -4.33 26.34 3.92
CA GLN C 152 -3.16 26.79 4.67
C GLN C 152 -1.95 26.03 4.14
N VAL C 153 -0.93 26.76 3.69
CA VAL C 153 0.26 26.17 3.09
C VAL C 153 1.49 26.93 3.58
N TYR C 154 2.66 26.31 3.37
CA TYR C 154 3.92 26.96 3.70
C TYR C 154 4.36 27.86 2.56
N ALA C 155 4.70 29.10 2.88
CA ALA C 155 5.05 30.08 1.86
C ALA C 155 6.36 29.68 1.18
N HIS C 156 6.53 30.19 -0.04
CA HIS C 156 7.68 29.87 -0.87
C HIS C 156 8.85 30.83 -0.69
N ASP C 157 8.67 31.92 0.06
CA ASP C 157 9.69 32.94 0.24
C ASP C 157 9.92 33.18 1.72
N ALA C 158 11.16 33.53 2.06
CA ALA C 158 11.54 33.77 3.44
C ALA C 158 11.27 35.22 3.83
N GLN C 159 10.73 35.40 5.04
CA GLN C 159 10.47 36.73 5.57
C GLN C 159 10.34 36.62 7.08
N ASN C 160 10.82 37.62 7.80
CA ASN C 160 10.85 37.57 9.26
C ASN C 160 9.44 37.71 9.83
N ARG C 161 9.04 36.74 10.65
CA ARG C 161 7.75 36.75 11.32
C ARG C 161 7.94 36.55 12.82
N GLY C 162 6.85 36.35 13.54
CA GLY C 162 6.90 36.18 14.98
C GLY C 162 7.11 34.75 15.43
N ALA C 163 8.23 34.15 15.01
CA ALA C 163 8.57 32.79 15.42
C ALA C 163 10.08 32.65 15.29
N TYR C 164 10.78 32.61 16.42
CA TYR C 164 12.24 32.66 16.45
C TYR C 164 12.80 31.39 17.10
N VAL C 165 14.07 31.10 16.81
CA VAL C 165 14.76 29.94 17.33
C VAL C 165 16.06 30.39 17.98
N GLU C 166 16.54 29.59 18.94
CA GLU C 166 17.68 29.93 19.77
C GLU C 166 18.92 29.15 19.31
N MET C 167 20.08 29.58 19.84
CA MET C 167 21.37 28.98 19.55
C MET C 167 22.16 28.86 20.85
N HIS C 168 23.30 28.17 20.79
CA HIS C 168 24.14 27.95 21.96
C HIS C 168 25.60 27.94 21.53
N LEU C 169 26.48 28.10 22.51
CA LEU C 169 27.91 27.99 22.26
C LEU C 169 28.28 26.53 22.01
N PRO C 170 29.02 26.21 20.93
CA PRO C 170 29.29 24.80 20.63
C PRO C 170 30.14 24.14 21.70
N GLY C 171 29.89 22.84 21.92
CA GLY C 171 30.65 22.08 22.87
C GLY C 171 31.96 21.55 22.29
N SER C 172 32.78 21.00 23.18
CA SER C 172 34.06 20.45 22.76
C SER C 172 33.86 19.15 22.00
N GLU C 173 34.70 18.94 20.97
CA GLU C 173 34.66 17.75 20.15
C GLU C 173 35.99 17.02 20.25
N VAL C 174 35.95 15.73 20.50
CA VAL C 174 37.14 14.90 20.61
C VAL C 174 37.55 14.45 19.21
N ASP C 175 38.86 14.43 18.96
CA ASP C 175 39.42 14.04 17.68
C ASP C 175 40.59 13.10 17.92
N SER C 176 40.42 11.84 17.55
CA SER C 176 41.49 10.85 17.71
C SER C 176 42.57 10.98 16.65
N SER C 177 42.29 11.65 15.54
CA SER C 177 43.30 11.79 14.49
C SER C 177 44.43 12.71 14.93
N LEU C 178 44.13 13.67 15.80
CA LEU C 178 45.13 14.65 16.21
C LEU C 178 46.26 13.98 17.00
N VAL C 179 45.90 13.20 18.02
CA VAL C 179 46.91 12.54 18.84
C VAL C 179 47.63 11.48 18.01
N SER C 180 48.94 11.33 18.24
CA SER C 180 49.72 10.31 17.56
C SER C 180 50.80 9.80 18.49
N LEU C 181 51.35 8.64 18.14
CA LEU C 181 52.36 7.98 18.95
C LEU C 181 53.74 8.41 18.48
N SER C 182 54.51 9.02 19.38
CA SER C 182 55.92 9.31 19.13
C SER C 182 56.74 8.07 19.48
N GLY C 183 58.06 8.21 19.55
CA GLY C 183 58.90 7.09 19.92
C GLY C 183 58.59 6.57 21.32
N SER C 184 58.47 7.49 22.28
CA SER C 184 58.11 7.15 23.65
C SER C 184 56.98 8.02 24.17
N SER C 185 56.90 9.25 23.69
CA SER C 185 55.92 10.23 24.17
C SER C 185 54.68 10.20 23.26
N VAL C 186 53.78 11.16 23.47
CA VAL C 186 52.57 11.31 22.66
C VAL C 186 52.62 12.69 22.01
N THR C 187 52.42 12.72 20.70
CA THR C 187 52.50 13.96 19.93
C THR C 187 51.10 14.53 19.72
N VAL C 188 50.95 15.82 20.00
CA VAL C 188 49.68 16.53 19.90
C VAL C 188 49.94 17.71 18.96
N THR C 189 49.53 17.56 17.70
CA THR C 189 49.68 18.61 16.69
C THR C 189 48.31 19.17 16.34
N PRO C 190 47.89 20.31 16.89
CA PRO C 190 46.55 20.83 16.57
C PRO C 190 46.51 21.41 15.17
N PRO C 191 45.33 21.58 14.58
CA PRO C 191 45.25 22.20 13.26
C PRO C 191 45.68 23.65 13.31
N ASP C 192 46.18 24.15 12.17
CA ASP C 192 46.67 25.52 12.09
C ASP C 192 45.56 26.51 12.42
N GLY C 193 45.92 27.56 13.17
CA GLY C 193 44.96 28.59 13.52
C GLY C 193 43.83 28.11 14.41
N THR C 194 44.14 27.25 15.39
CA THR C 194 43.12 26.74 16.29
C THR C 194 43.79 26.20 17.55
N SER C 195 43.27 26.61 18.70
CA SER C 195 43.79 26.12 19.97
C SER C 195 43.27 24.71 20.25
N ALA C 196 43.90 24.04 21.21
CA ALA C 196 43.53 22.69 21.58
C ALA C 196 43.77 22.49 23.06
N LEU C 197 43.07 21.49 23.62
CA LEU C 197 43.18 21.14 25.03
C LEU C 197 43.46 19.66 25.15
N VAL C 198 44.30 19.29 26.11
CA VAL C 198 44.66 17.90 26.38
C VAL C 198 44.44 17.63 27.86
N GLU C 199 43.51 16.75 28.18
CA GLU C 199 43.28 16.24 29.52
C GLU C 199 43.78 14.81 29.52
N CYS C 200 44.84 14.53 30.30
CA CYS C 200 45.49 13.22 30.26
C CYS C 200 45.63 12.64 31.66
N GLU C 201 45.58 11.30 31.70
CA GLU C 201 45.61 10.53 32.92
C GLU C 201 46.66 9.42 32.86
N CYS C 202 47.66 9.54 31.99
CA CYS C 202 48.68 8.49 31.89
C CYS C 202 49.41 8.31 33.21
N GLY C 203 49.63 9.41 33.94
CA GLY C 203 50.10 9.36 35.31
C GLY C 203 48.99 9.81 36.24
N GLY C 204 49.05 11.07 36.67
CA GLY C 204 47.98 11.70 37.42
C GLY C 204 47.10 12.56 36.52
N THR C 205 46.11 13.17 37.14
CA THR C 205 45.24 14.09 36.41
C THR C 205 46.03 15.29 35.92
N LYS C 206 45.75 15.73 34.70
CA LYS C 206 46.54 16.74 34.04
C LYS C 206 45.66 17.52 33.08
N ILE C 207 46.04 18.78 32.86
CA ILE C 207 45.35 19.64 31.91
C ILE C 207 46.36 20.63 31.35
N SER C 208 46.27 20.88 30.05
CA SER C 208 47.18 21.80 29.38
C SER C 208 46.50 22.30 28.11
N GLU C 209 46.45 23.63 27.95
CA GLU C 209 45.84 24.25 26.78
C GLU C 209 46.97 24.71 25.85
N THR C 210 47.22 23.89 24.83
CA THR C 210 48.23 24.22 23.83
C THR C 210 47.60 25.04 22.71
N ILE C 211 48.32 26.05 22.24
CA ILE C 211 47.83 26.97 21.21
C ILE C 211 48.83 26.90 20.06
N ASN C 212 48.58 26.00 19.10
CA ASN C 212 49.38 25.89 17.89
C ASN C 212 50.85 25.63 18.21
N LYS C 213 51.10 24.74 19.17
CA LYS C 213 52.46 24.33 19.54
C LYS C 213 52.51 22.82 19.60
N THR C 214 53.37 22.22 18.78
CA THR C 214 53.56 20.77 18.76
C THR C 214 54.37 20.37 20.00
N LYS C 215 53.66 20.23 21.11
CA LYS C 215 54.26 19.94 22.41
C LYS C 215 54.01 18.48 22.77
N GLN C 216 55.08 17.77 23.07
CA GLN C 216 54.99 16.39 23.54
C GLN C 216 54.76 16.38 25.05
N PHE C 217 54.50 15.19 25.60
CA PHE C 217 54.24 15.04 27.02
C PHE C 217 54.86 13.73 27.48
N SER C 218 55.89 13.82 28.31
CA SER C 218 56.58 12.62 28.79
C SER C 218 55.70 11.89 29.80
N GLN C 219 56.14 10.67 30.16
CA GLN C 219 55.52 9.79 31.13
C GLN C 219 54.28 9.09 30.60
N CYS C 220 53.81 9.42 29.39
CA CYS C 220 52.69 8.75 28.75
C CYS C 220 53.22 7.88 27.62
N THR C 221 52.79 6.62 27.59
CA THR C 221 53.25 5.65 26.60
C THR C 221 52.16 5.25 25.62
N LYS C 222 51.01 4.80 26.13
CA LYS C 222 49.92 4.31 25.30
C LYS C 222 49.02 5.48 24.92
N LYS C 223 48.77 5.65 23.61
CA LYS C 223 48.07 6.85 23.14
C LYS C 223 46.65 6.91 23.66
N GLU C 224 45.94 5.77 23.70
CA GLU C 224 44.56 5.79 24.17
C GLU C 224 44.44 5.93 25.69
N GLN C 225 45.52 6.19 26.41
CA GLN C 225 45.40 6.60 27.80
C GLN C 225 44.60 7.88 27.93
N CYS C 226 44.63 8.73 26.91
CA CYS C 226 43.92 10.01 26.98
C CYS C 226 43.62 10.49 25.56
N ARG C 227 42.97 11.65 25.48
CA ARG C 227 42.40 12.17 24.24
C ARG C 227 42.82 13.62 24.05
N ALA C 228 42.35 14.21 22.95
CA ALA C 228 42.55 15.62 22.65
C ALA C 228 41.22 16.20 22.17
N TYR C 229 40.98 17.46 22.52
CA TYR C 229 39.72 18.14 22.23
C TYR C 229 39.95 19.23 21.18
N ARG C 230 38.83 19.80 20.73
CA ARG C 230 38.83 20.89 19.76
C ARG C 230 38.04 22.05 20.35
N LEU C 231 38.52 23.27 20.10
CA LEU C 231 37.94 24.48 20.68
C LEU C 231 37.62 25.49 19.59
N GLN C 232 36.47 26.14 19.74
CA GLN C 232 36.06 27.20 18.83
C GLN C 232 35.18 28.18 19.60
N ASN C 233 35.23 29.45 19.19
CA ASN C 233 34.48 30.52 19.85
C ASN C 233 33.30 31.04 19.04
N ASP C 234 33.49 31.27 17.74
CA ASP C 234 32.42 31.75 16.88
C ASP C 234 31.67 30.54 16.29
N LYS C 235 30.84 30.81 15.27
CA LYS C 235 30.17 29.75 14.50
C LYS C 235 29.29 28.88 15.40
N TRP C 236 28.25 29.53 15.92
CA TRP C 236 27.34 28.89 16.86
C TRP C 236 26.54 27.77 16.18
N VAL C 237 25.77 27.03 16.99
CA VAL C 237 25.04 25.86 16.53
C VAL C 237 23.63 25.85 17.11
N TYR C 238 22.77 25.04 16.48
CA TYR C 238 21.39 24.87 16.90
C TYR C 238 21.35 24.03 18.18
N ASN C 239 20.26 24.12 18.93
CA ASN C 239 20.14 23.44 20.22
C ASN C 239 19.83 21.95 20.05
N SER C 240 20.69 21.27 19.30
CA SER C 240 20.45 19.86 18.98
C SER C 240 20.94 18.97 20.11
N ASP C 241 20.13 17.95 20.43
CA ASP C 241 20.44 17.02 21.50
C ASP C 241 21.57 16.05 21.17
N LYS C 242 22.04 16.01 19.93
CA LYS C 242 23.08 15.09 19.52
C LYS C 242 24.49 15.62 19.79
N LEU C 243 24.62 16.71 20.54
CA LEU C 243 25.91 17.30 20.86
C LEU C 243 25.99 17.57 22.36
N PRO C 244 27.20 17.57 22.94
CA PRO C 244 27.34 18.01 24.34
C PRO C 244 27.33 19.52 24.45
N LYS C 245 26.84 20.00 25.59
CA LYS C 245 26.71 21.43 25.81
C LYS C 245 28.04 22.04 26.25
N ALA C 246 28.13 23.36 26.11
CA ALA C 246 29.29 24.12 26.55
C ALA C 246 29.11 24.50 28.02
N ALA C 247 29.97 25.39 28.52
CA ALA C 247 29.98 25.79 29.93
C ALA C 247 29.71 27.28 30.04
N GLY C 248 28.52 27.62 30.56
CA GLY C 248 28.20 28.97 30.98
C GLY C 248 27.17 29.70 30.15
N ALA C 249 25.92 29.64 30.61
CA ALA C 249 24.82 30.49 30.16
C ALA C 249 24.28 30.17 28.77
N THR C 250 25.03 29.40 27.97
CA THR C 250 24.54 28.68 26.78
C THR C 250 23.56 29.49 25.93
N LEU C 251 23.71 30.81 25.85
CA LEU C 251 22.75 31.65 25.14
C LEU C 251 23.42 32.93 24.68
N LYS C 252 23.45 33.15 23.35
CA LYS C 252 24.06 34.35 22.79
C LYS C 252 23.26 34.89 21.60
N GLY C 253 21.95 34.70 21.59
CA GLY C 253 21.08 35.29 20.59
C GLY C 253 20.02 34.32 20.12
N LYS C 254 19.27 34.76 19.11
CA LYS C 254 18.20 33.96 18.53
C LYS C 254 18.03 34.36 17.06
N LEU C 255 17.42 33.46 16.29
CA LEU C 255 17.25 33.63 14.86
C LEU C 255 15.78 33.39 14.50
N HIS C 256 15.43 33.75 13.26
CA HIS C 256 14.08 33.61 12.74
C HIS C 256 13.95 32.37 11.88
N VAL C 257 12.72 31.85 11.79
CA VAL C 257 12.45 30.60 11.08
C VAL C 257 11.76 30.89 9.75
N PRO C 258 12.46 30.79 8.63
CA PRO C 258 11.79 30.91 7.32
C PRO C 258 10.77 29.80 7.08
N PHE C 259 9.99 29.98 6.01
CA PHE C 259 8.92 29.07 5.62
C PHE C 259 7.92 28.86 6.76
N LEU C 260 7.24 29.94 7.10
CA LEU C 260 6.17 29.89 8.08
C LEU C 260 4.82 29.67 7.40
N LEU C 261 3.92 29.02 8.11
CA LEU C 261 2.59 28.71 7.57
C LEU C 261 1.81 29.99 7.30
N ALA C 262 1.04 29.99 6.22
CA ALA C 262 0.22 31.14 5.87
C ALA C 262 -0.92 30.69 4.97
N ASP C 263 -1.93 31.53 4.86
CA ASP C 263 -3.09 31.24 4.04
C ASP C 263 -2.73 31.29 2.56
N GLY C 264 -3.45 30.50 1.77
CA GLY C 264 -3.27 30.45 0.33
C GLY C 264 -4.52 29.95 -0.34
N LYS C 265 -4.49 29.98 -1.67
CA LYS C 265 -5.60 29.53 -2.51
C LYS C 265 -5.29 28.15 -3.05
N CYS C 266 -6.18 27.19 -2.79
CA CYS C 266 -6.03 25.82 -3.25
C CYS C 266 -7.15 25.47 -4.22
N THR C 267 -6.90 24.44 -5.03
CA THR C 267 -7.87 23.95 -6.00
C THR C 267 -8.32 22.55 -5.59
N VAL C 268 -9.61 22.29 -5.74
CA VAL C 268 -10.19 21.01 -5.32
C VAL C 268 -11.12 20.50 -6.40
N PRO C 269 -11.27 19.17 -6.50
CA PRO C 269 -12.08 18.59 -7.57
C PRO C 269 -13.58 18.67 -7.28
N LEU C 270 -14.37 18.43 -8.33
CA LEU C 270 -15.82 18.34 -8.26
C LEU C 270 -16.26 16.95 -8.66
N ALA C 271 -17.22 16.40 -7.93
CA ALA C 271 -17.76 15.09 -8.26
C ALA C 271 -18.70 15.19 -9.46
N PRO C 272 -18.98 14.06 -10.13
CA PRO C 272 -19.97 14.09 -11.21
C PRO C 272 -21.34 14.51 -10.70
N GLU C 273 -22.09 15.18 -11.55
CA GLU C 273 -23.37 15.73 -11.14
C GLU C 273 -24.32 14.60 -10.77
N PRO C 274 -24.90 14.60 -9.57
CA PRO C 274 -25.76 13.48 -9.16
C PRO C 274 -27.12 13.55 -9.83
N MET C 275 -27.61 12.39 -10.28
CA MET C 275 -28.85 12.36 -11.03
C MET C 275 -30.03 12.23 -10.05
N ILE C 276 -31.09 12.99 -10.34
CA ILE C 276 -32.25 13.13 -9.46
C ILE C 276 -33.50 12.63 -10.16
N THR C 277 -34.37 11.96 -9.40
CA THR C 277 -35.69 11.56 -9.88
C THR C 277 -36.71 11.95 -8.82
N PHE C 278 -37.82 12.54 -9.25
CA PHE C 278 -38.86 13.05 -8.37
C PHE C 278 -39.97 12.02 -8.19
N GLY C 279 -40.72 12.18 -7.11
CA GLY C 279 -41.90 11.37 -6.86
C GLY C 279 -42.70 11.98 -5.73
N PHE C 280 -43.88 11.42 -5.51
CA PHE C 280 -44.79 11.96 -4.51
C PHE C 280 -44.12 11.98 -3.14
N ARG C 281 -43.79 13.19 -2.68
CA ARG C 281 -43.00 13.42 -1.46
C ARG C 281 -41.83 12.43 -1.35
N SER C 282 -41.12 12.25 -2.45
CA SER C 282 -40.01 11.32 -2.50
C SER C 282 -38.98 11.78 -3.52
N VAL C 283 -37.71 11.57 -3.21
CA VAL C 283 -36.59 11.91 -4.08
C VAL C 283 -35.65 10.73 -4.15
N SER C 284 -35.31 10.31 -5.37
CA SER C 284 -34.35 9.23 -5.60
C SER C 284 -33.08 9.79 -6.20
N LEU C 285 -31.95 9.46 -5.59
CA LEU C 285 -30.64 9.97 -5.97
C LEU C 285 -29.79 8.83 -6.51
N LYS C 286 -29.27 9.02 -7.72
CA LYS C 286 -28.30 8.13 -8.34
C LYS C 286 -26.94 8.81 -8.28
N LEU C 287 -25.98 8.12 -7.66
CA LEU C 287 -24.65 8.66 -7.36
C LEU C 287 -23.60 7.85 -8.09
N HIS C 288 -22.62 8.51 -8.66
CA HIS C 288 -21.52 7.86 -9.36
C HIS C 288 -20.23 8.62 -9.06
N PRO C 289 -19.51 8.25 -8.00
CA PRO C 289 -18.30 9.01 -7.63
C PRO C 289 -17.04 8.53 -8.31
N LYS C 290 -16.15 9.50 -8.60
CA LYS C 290 -14.81 9.15 -9.09
C LYS C 290 -13.96 8.56 -7.97
N ASN C 291 -14.01 9.18 -6.80
CA ASN C 291 -13.26 8.77 -5.61
C ASN C 291 -14.21 8.79 -4.42
N PRO C 292 -13.85 8.13 -3.31
CA PRO C 292 -14.74 8.16 -2.14
C PRO C 292 -15.00 9.59 -1.68
N THR C 293 -16.26 9.86 -1.33
CA THR C 293 -16.69 11.22 -1.02
C THR C 293 -17.71 11.21 0.11
N TYR C 294 -17.86 12.37 0.73
CA TYR C 294 -18.82 12.56 1.81
C TYR C 294 -20.12 13.11 1.26
N LEU C 295 -21.23 12.51 1.68
CA LEU C 295 -22.57 13.00 1.42
C LEU C 295 -23.22 13.38 2.74
N ILE C 296 -23.81 14.58 2.81
CA ILE C 296 -24.50 15.05 4.00
C ILE C 296 -25.91 15.42 3.58
N THR C 297 -26.90 14.87 4.29
CA THR C 297 -28.31 15.17 4.05
C THR C 297 -28.96 15.65 5.33
N ARG C 298 -29.91 16.56 5.21
CA ARG C 298 -30.44 17.29 6.35
C ARG C 298 -31.87 17.73 6.05
N GLN C 299 -32.69 17.77 7.10
CA GLN C 299 -34.05 18.29 7.02
C GLN C 299 -34.09 19.72 7.53
N LEU C 300 -35.13 20.44 7.11
CA LEU C 300 -35.33 21.83 7.47
C LEU C 300 -36.38 22.01 8.55
N ALA C 301 -36.63 20.97 9.35
CA ALA C 301 -37.60 21.00 10.42
C ALA C 301 -36.90 21.27 11.75
N ASP C 302 -37.66 21.18 12.85
CA ASP C 302 -37.10 21.43 14.17
C ASP C 302 -36.00 20.43 14.52
N GLU C 303 -36.22 19.14 14.21
CA GLU C 303 -35.23 18.10 14.44
C GLU C 303 -34.53 17.80 13.13
N PRO C 304 -33.22 18.01 13.00
CA PRO C 304 -32.62 17.88 11.66
C PRO C 304 -32.55 16.45 11.15
N HIS C 305 -32.26 15.48 12.02
CA HIS C 305 -31.93 14.12 11.60
C HIS C 305 -30.81 14.13 10.56
N TYR C 306 -29.79 14.94 10.81
CA TYR C 306 -28.67 15.05 9.89
C TYR C 306 -27.99 13.69 9.74
N THR C 307 -27.63 13.36 8.49
CA THR C 307 -26.93 12.11 8.20
C THR C 307 -25.71 12.41 7.35
N HIS C 308 -24.54 11.99 7.83
CA HIS C 308 -23.27 12.13 7.14
C HIS C 308 -22.72 10.74 6.86
N GLU C 309 -22.25 10.51 5.64
CA GLU C 309 -21.73 9.19 5.29
C GLU C 309 -20.72 9.30 4.17
N LEU C 310 -19.91 8.25 4.03
CA LEU C 310 -18.91 8.13 2.97
C LEU C 310 -19.41 7.12 1.95
N ILE C 311 -19.32 7.48 0.67
CA ILE C 311 -19.72 6.62 -0.44
C ILE C 311 -18.54 6.50 -1.39
N SER C 312 -18.22 5.26 -1.77
CA SER C 312 -17.10 4.98 -2.66
C SER C 312 -17.47 4.13 -3.86
N GLU C 313 -18.67 3.56 -3.92
CA GLU C 313 -19.11 2.74 -5.03
C GLU C 313 -20.52 3.13 -5.45
N PRO C 314 -20.91 2.88 -6.70
CA PRO C 314 -22.24 3.31 -7.15
C PRO C 314 -23.36 2.68 -6.34
N ALA C 315 -24.41 3.46 -6.09
CA ALA C 315 -25.54 2.99 -5.31
C ALA C 315 -26.74 3.90 -5.59
N VAL C 316 -27.85 3.61 -4.92
CA VAL C 316 -29.11 4.33 -5.08
C VAL C 316 -29.63 4.69 -3.71
N ARG C 317 -30.07 5.94 -3.53
CA ARG C 317 -30.55 6.41 -2.24
C ARG C 317 -31.92 7.07 -2.37
N ASN C 318 -32.88 6.60 -1.58
CA ASN C 318 -34.22 7.18 -1.54
C ASN C 318 -34.39 8.01 -0.28
N PHE C 319 -35.06 9.16 -0.42
CA PHE C 319 -35.28 10.08 0.68
C PHE C 319 -36.70 10.60 0.63
N THR C 320 -37.22 10.93 1.81
CA THR C 320 -38.57 11.47 1.97
C THR C 320 -38.46 12.98 2.20
N VAL C 321 -39.21 13.75 1.41
CA VAL C 321 -39.20 15.20 1.47
C VAL C 321 -40.58 15.66 1.94
N THR C 322 -40.59 16.52 2.96
CA THR C 322 -41.82 17.02 3.57
C THR C 322 -42.01 18.49 3.22
N GLU C 323 -43.11 19.06 3.72
CA GLU C 323 -43.49 20.42 3.39
C GLU C 323 -42.58 21.47 4.02
N LYS C 324 -41.81 21.12 5.04
CA LYS C 324 -40.94 22.08 5.71
C LYS C 324 -39.61 22.29 5.01
N GLY C 325 -39.28 21.46 4.03
CA GLY C 325 -38.06 21.62 3.25
C GLY C 325 -37.07 20.50 3.51
N TRP C 326 -36.09 20.43 2.63
CA TRP C 326 -35.03 19.42 2.69
C TRP C 326 -33.80 20.00 2.03
N GLU C 327 -32.61 19.48 2.40
CA GLU C 327 -31.40 19.96 1.78
C GLU C 327 -30.31 18.91 1.87
N PHE C 328 -29.30 19.03 1.01
CA PHE C 328 -28.16 18.13 1.01
C PHE C 328 -26.98 18.79 0.33
N VAL C 329 -25.79 18.32 0.71
CA VAL C 329 -24.53 18.69 0.06
C VAL C 329 -23.79 17.41 -0.32
N TRP C 330 -23.35 17.36 -1.58
CA TRP C 330 -22.65 16.22 -2.15
C TRP C 330 -21.36 16.73 -2.77
N GLY C 331 -20.23 16.36 -2.18
CA GLY C 331 -18.95 16.81 -2.68
C GLY C 331 -18.64 18.24 -2.33
N ASN C 332 -18.30 19.05 -3.33
CA ASN C 332 -17.93 20.45 -3.14
C ASN C 332 -18.90 21.43 -3.79
N HIS C 333 -20.01 20.96 -4.34
CA HIS C 333 -20.96 21.85 -4.98
C HIS C 333 -21.69 22.69 -3.92
N PRO C 334 -22.31 23.79 -4.31
CA PRO C 334 -23.10 24.56 -3.35
C PRO C 334 -24.25 23.71 -2.81
N PRO C 335 -24.69 23.98 -1.58
CA PRO C 335 -25.80 23.18 -1.03
C PRO C 335 -27.05 23.29 -1.88
N LYS C 336 -27.78 22.17 -1.97
CA LYS C 336 -29.01 22.10 -2.74
C LYS C 336 -30.19 21.91 -1.80
N ARG C 337 -31.20 22.78 -1.95
CA ARG C 337 -32.39 22.79 -1.10
C ARG C 337 -33.64 22.61 -1.95
N PHE C 338 -34.60 21.87 -1.41
CA PHE C 338 -35.84 21.53 -2.09
C PHE C 338 -37.02 21.75 -1.15
N TRP C 339 -38.15 22.12 -1.74
CA TRP C 339 -39.41 22.34 -1.03
C TRP C 339 -40.47 21.42 -1.60
N ALA C 340 -41.13 20.66 -0.73
CA ALA C 340 -42.20 19.79 -1.19
C ALA C 340 -43.44 20.61 -1.54
N GLN C 341 -44.39 19.96 -2.20
CA GLN C 341 -45.61 20.62 -2.63
C GLN C 341 -46.72 19.59 -2.78
N GLU C 342 -47.92 19.98 -2.37
CA GLU C 342 -49.08 19.11 -2.47
C GLU C 342 -49.51 18.97 -3.93
N THR C 343 -49.93 17.76 -4.29
CA THR C 343 -50.36 17.46 -5.64
C THR C 343 -51.35 16.30 -5.66
N THR D 2 10.16 -0.73 -43.33
CA THR D 2 9.11 -0.30 -42.41
C THR D 2 8.77 1.18 -42.58
N GLU D 3 9.46 1.87 -43.49
CA GLU D 3 9.19 3.28 -43.71
C GLU D 3 7.79 3.49 -44.30
N GLU D 4 7.23 2.48 -44.95
CA GLU D 4 5.90 2.60 -45.54
C GLU D 4 4.82 2.85 -44.50
N LEU D 5 5.09 2.51 -43.23
CA LEU D 5 4.18 2.81 -42.13
C LEU D 5 4.69 3.94 -41.23
N PHE D 6 5.98 4.24 -41.25
CA PHE D 6 6.51 5.37 -40.49
C PHE D 6 6.28 6.70 -41.18
N ASN D 7 6.02 6.70 -42.49
CA ASN D 7 6.01 7.95 -43.24
C ASN D 7 4.77 8.79 -42.96
N GLU D 8 3.67 8.17 -42.53
CA GLU D 8 2.49 8.95 -42.18
C GLU D 8 2.76 9.87 -41.00
N TYR D 9 3.49 9.37 -40.00
CA TYR D 9 3.82 10.16 -38.82
C TYR D 9 4.99 11.11 -39.04
N LYS D 10 5.73 10.97 -40.15
CA LYS D 10 6.95 11.75 -40.30
C LYS D 10 6.66 13.25 -40.37
N LEU D 11 5.67 13.65 -41.15
CA LEU D 11 5.41 15.06 -41.45
C LEU D 11 4.29 15.67 -40.60
N THR D 12 4.30 15.55 -39.27
CA THR D 12 3.23 16.20 -38.50
C THR D 12 3.70 17.40 -37.68
N ARG D 13 4.33 17.17 -36.52
CA ARG D 13 5.04 18.14 -35.67
C ARG D 13 5.50 17.44 -34.39
N PRO D 14 6.46 18.01 -33.66
CA PRO D 14 6.42 17.90 -32.20
C PRO D 14 5.77 19.15 -31.61
N TYR D 15 5.29 19.03 -30.38
CA TYR D 15 4.64 20.16 -29.74
C TYR D 15 4.72 20.03 -28.23
N MET D 16 4.61 21.18 -27.55
CA MET D 16 4.63 21.29 -26.10
C MET D 16 3.25 21.62 -25.58
N ALA D 17 3.11 21.62 -24.25
CA ALA D 17 1.81 21.84 -23.63
C ALA D 17 2.03 22.22 -22.17
N ARG D 18 0.95 22.21 -21.40
CA ARG D 18 1.01 22.44 -19.97
C ARG D 18 1.06 21.12 -19.21
N CYS D 19 1.75 21.14 -18.07
CA CYS D 19 1.73 20.03 -17.12
C CYS D 19 1.46 20.61 -15.75
N ILE D 20 0.50 20.02 -15.03
CA ILE D 20 0.13 20.53 -13.71
C ILE D 20 1.29 20.48 -12.74
N ARG D 21 2.26 19.57 -12.95
CA ARG D 21 3.40 19.44 -12.04
C ARG D 21 4.63 19.14 -12.90
N CYS D 22 5.50 20.15 -13.09
CA CYS D 22 6.81 19.91 -13.67
C CYS D 22 7.91 19.96 -12.60
N ALA D 23 7.56 19.62 -11.36
CA ALA D 23 8.37 19.72 -10.15
C ALA D 23 8.44 21.16 -9.63
N VAL D 24 7.87 22.15 -10.33
CA VAL D 24 7.80 23.52 -9.84
C VAL D 24 6.46 24.13 -10.23
N GLY D 25 5.50 24.13 -9.30
CA GLY D 25 4.19 24.74 -9.48
C GLY D 25 3.48 24.32 -10.77
N SER D 26 2.46 25.10 -11.12
CA SER D 26 1.76 24.96 -12.39
C SER D 26 2.68 25.49 -13.48
N CYS D 27 2.77 24.74 -14.59
CA CYS D 27 3.99 24.80 -15.38
C CYS D 27 3.71 24.38 -16.83
N HIS D 28 4.62 24.80 -17.71
CA HIS D 28 4.62 24.40 -19.11
C HIS D 28 5.74 23.40 -19.33
N SER D 29 5.43 22.29 -19.99
CA SER D 29 6.39 21.24 -20.26
C SER D 29 6.19 20.71 -21.67
N PRO D 30 7.21 20.08 -22.25
CA PRO D 30 7.04 19.42 -23.56
C PRO D 30 6.69 17.95 -23.51
N ILE D 31 6.44 17.40 -22.31
CA ILE D 31 6.24 15.96 -22.14
C ILE D 31 4.87 15.72 -21.52
N ALA D 32 3.90 16.56 -21.87
CA ALA D 32 2.56 16.42 -21.32
C ALA D 32 1.93 15.10 -21.76
N ILE D 33 1.15 14.51 -20.85
CA ILE D 33 0.44 13.26 -21.10
C ILE D 33 -1.02 13.59 -21.32
N GLU D 34 -1.57 13.16 -22.46
CA GLU D 34 -2.95 13.47 -22.80
C GLU D 34 -3.91 12.52 -22.09
N ALA D 35 -3.81 11.22 -22.38
CA ALA D 35 -4.68 10.22 -21.78
C ALA D 35 -3.94 8.90 -21.74
N VAL D 36 -4.41 8.01 -20.87
CA VAL D 36 -3.82 6.69 -20.68
C VAL D 36 -4.92 5.64 -20.76
N LYS D 37 -4.70 4.61 -21.57
CA LYS D 37 -5.63 3.49 -21.71
C LYS D 37 -4.99 2.24 -21.11
N SER D 38 -5.75 1.57 -20.22
CA SER D 38 -5.29 0.34 -19.57
C SER D 38 -6.43 -0.67 -19.65
N ASP D 39 -6.45 -1.43 -20.75
CA ASP D 39 -7.45 -2.48 -20.96
C ASP D 39 -6.85 -3.86 -21.19
N GLY D 40 -5.54 -3.97 -21.36
CA GLY D 40 -4.90 -5.26 -21.54
C GLY D 40 -4.88 -6.06 -20.25
N HIS D 41 -4.45 -7.32 -20.34
CA HIS D 41 -4.46 -8.23 -19.21
C HIS D 41 -3.10 -8.37 -18.54
N ASP D 42 -2.01 -8.34 -19.30
CA ASP D 42 -0.68 -8.48 -18.73
C ASP D 42 -0.11 -7.18 -18.18
N GLY D 43 -0.91 -6.11 -18.12
CA GLY D 43 -0.48 -4.85 -17.55
C GLY D 43 0.08 -3.85 -18.54
N TYR D 44 0.03 -4.16 -19.84
CA TYR D 44 0.54 -3.22 -20.84
C TYR D 44 -0.36 -1.99 -20.90
N VAL D 45 0.27 -0.82 -21.03
CA VAL D 45 -0.42 0.45 -21.12
C VAL D 45 0.11 1.21 -22.34
N ARG D 46 -0.73 2.09 -22.87
CA ARG D 46 -0.45 2.84 -24.09
C ARG D 46 -0.52 4.33 -23.78
N LEU D 47 0.63 4.95 -23.56
CA LEU D 47 0.70 6.37 -23.32
C LEU D 47 0.64 7.14 -24.63
N GLN D 48 -0.10 8.24 -24.63
CA GLN D 48 -0.20 9.13 -25.79
C GLN D 48 0.43 10.46 -25.38
N THR D 49 1.71 10.63 -25.70
CA THR D 49 2.49 11.77 -25.27
C THR D 49 2.40 12.89 -26.32
N SER D 50 3.09 13.99 -26.05
CA SER D 50 3.16 15.11 -26.99
C SER D 50 4.34 14.96 -27.93
N SER D 51 5.48 14.52 -27.41
CA SER D 51 6.67 14.35 -28.24
C SER D 51 6.56 13.11 -29.12
N GLN D 52 7.28 13.13 -30.24
CA GLN D 52 7.28 12.02 -31.18
C GLN D 52 8.28 10.95 -30.73
N TYR D 53 8.27 9.82 -31.44
CA TYR D 53 9.14 8.70 -31.12
C TYR D 53 9.53 7.99 -32.40
N GLY D 54 10.77 7.49 -32.44
CA GLY D 54 11.23 6.69 -33.55
C GLY D 54 11.67 7.46 -34.78
N LEU D 55 11.78 8.78 -34.67
CA LEU D 55 12.20 9.61 -35.80
C LEU D 55 13.52 10.31 -35.50
N LYS D 62 16.08 6.82 -37.44
CA LYS D 62 16.94 6.29 -36.38
C LYS D 62 16.23 5.16 -35.63
N GLY D 63 17.01 4.36 -34.92
CA GLY D 63 16.47 3.20 -34.23
C GLY D 63 15.59 3.53 -33.06
N ARG D 64 16.19 4.08 -32.00
CA ARG D 64 15.47 4.40 -30.75
C ARG D 64 15.92 5.79 -30.29
N THR D 65 15.22 6.82 -30.78
CA THR D 65 15.45 8.19 -30.36
C THR D 65 14.10 8.89 -30.23
N MET D 66 14.05 9.91 -29.37
CA MET D 66 12.85 10.70 -29.15
C MET D 66 13.13 12.15 -29.52
N ARG D 67 12.20 12.74 -30.28
CA ARG D 67 12.29 14.11 -30.75
C ARG D 67 11.23 14.94 -30.05
N TYR D 68 11.62 16.12 -29.56
CA TYR D 68 10.72 16.98 -28.81
C TYR D 68 10.98 18.45 -29.17
N ASP D 69 10.04 19.28 -28.76
CA ASP D 69 10.05 20.71 -29.04
C ASP D 69 10.41 21.50 -27.79
N MET D 70 11.11 22.62 -27.98
CA MET D 70 11.53 23.46 -26.87
C MET D 70 11.73 24.88 -27.41
N HIS D 71 10.91 25.81 -26.95
CA HIS D 71 10.90 27.20 -27.44
C HIS D 71 10.90 27.24 -28.97
N GLY D 72 10.10 26.36 -29.57
CA GLY D 72 9.97 26.28 -31.01
C GLY D 72 11.01 25.41 -31.68
N THR D 73 12.22 25.37 -31.14
CA THR D 73 13.27 24.56 -31.75
C THR D 73 13.00 23.08 -31.51
N ILE D 74 13.67 22.24 -32.29
CA ILE D 74 13.48 20.79 -32.27
C ILE D 74 14.77 20.14 -31.81
N LYS D 75 14.71 19.43 -30.69
CA LYS D 75 15.84 18.68 -30.16
C LYS D 75 15.49 17.20 -30.12
N GLU D 76 16.52 16.37 -29.90
CA GLU D 76 16.32 14.93 -29.81
C GLU D 76 17.27 14.35 -28.77
N ILE D 77 16.89 13.20 -28.23
CA ILE D 77 17.72 12.51 -27.25
C ILE D 77 17.52 11.00 -27.40
N PRO D 78 18.53 10.16 -27.11
CA PRO D 78 18.31 8.71 -27.15
C PRO D 78 17.25 8.25 -26.16
N LEU D 79 16.59 7.16 -26.51
CA LEU D 79 15.43 6.68 -25.77
C LEU D 79 15.79 6.14 -24.39
N HIS D 80 17.05 5.75 -24.16
CA HIS D 80 17.42 5.02 -22.95
C HIS D 80 17.80 5.93 -21.79
N GLN D 81 17.27 7.15 -21.74
CA GLN D 81 17.44 8.05 -20.60
C GLN D 81 16.13 8.50 -19.98
N VAL D 82 15.05 8.62 -20.76
CA VAL D 82 13.75 8.94 -20.18
C VAL D 82 13.26 7.77 -19.34
N SER D 83 12.49 8.07 -18.29
CA SER D 83 11.97 7.02 -17.42
C SER D 83 10.67 7.48 -16.79
N LEU D 84 9.78 6.50 -16.55
CA LEU D 84 8.48 6.76 -15.96
C LEU D 84 8.23 5.79 -14.81
N TYR D 85 7.36 6.21 -13.89
CA TYR D 85 7.05 5.39 -12.73
C TYR D 85 5.68 5.77 -12.18
N THR D 86 5.03 4.79 -11.54
CA THR D 86 3.81 5.02 -10.78
C THR D 86 4.04 4.74 -9.30
N SER D 87 4.46 3.53 -8.96
CA SER D 87 4.92 3.20 -7.61
C SER D 87 6.22 2.42 -7.58
N ARG D 88 6.57 1.71 -8.66
CA ARG D 88 7.82 0.98 -8.79
C ARG D 88 8.30 1.30 -10.21
N PRO D 89 9.62 1.45 -10.44
CA PRO D 89 10.08 1.91 -11.77
C PRO D 89 9.58 1.05 -12.93
N CYS D 90 9.16 1.71 -14.00
CA CYS D 90 8.60 1.04 -15.17
C CYS D 90 9.72 0.70 -16.16
N HIS D 91 9.35 0.14 -17.31
CA HIS D 91 10.30 -0.23 -18.36
C HIS D 91 9.72 0.19 -19.70
N ILE D 92 10.56 0.80 -20.54
CA ILE D 92 10.15 1.20 -21.88
C ILE D 92 10.30 -0.01 -22.81
N VAL D 93 9.27 -0.29 -23.59
CA VAL D 93 9.28 -1.40 -24.53
C VAL D 93 9.51 -0.86 -25.94
N ASP D 94 8.60 0.00 -26.41
CA ASP D 94 8.69 0.50 -27.78
C ASP D 94 7.86 1.78 -27.89
N GLY D 95 8.16 2.56 -28.92
CA GLY D 95 7.41 3.76 -29.22
C GLY D 95 7.25 3.93 -30.72
N HIS D 96 6.24 4.69 -31.10
CA HIS D 96 5.93 4.92 -32.50
C HIS D 96 5.05 6.16 -32.63
N GLY D 97 5.53 7.15 -33.38
CA GLY D 97 4.75 8.36 -33.56
C GLY D 97 4.48 9.02 -32.23
N TYR D 98 3.19 9.19 -31.91
CA TYR D 98 2.76 9.83 -30.68
C TYR D 98 2.48 8.84 -29.56
N PHE D 99 2.69 7.55 -29.77
CA PHE D 99 2.19 6.50 -28.88
C PHE D 99 3.33 5.62 -28.39
N LEU D 100 3.40 5.42 -27.08
CA LEU D 100 4.43 4.62 -26.43
C LEU D 100 3.79 3.46 -25.68
N LEU D 101 4.34 2.26 -25.84
CA LEU D 101 3.84 1.06 -25.18
C LEU D 101 4.73 0.76 -23.98
N ALA D 102 4.14 0.78 -22.78
CA ALA D 102 4.86 0.56 -21.54
C ALA D 102 4.26 -0.62 -20.78
N ARG D 103 5.02 -1.12 -19.81
CA ARG D 103 4.61 -2.28 -19.02
C ARG D 103 5.17 -2.11 -17.60
N CYS D 104 4.30 -1.93 -16.63
CA CYS D 104 4.69 -1.81 -15.23
C CYS D 104 3.42 -1.82 -14.38
N PRO D 105 3.54 -2.14 -13.08
CA PRO D 105 2.33 -2.48 -12.30
C PRO D 105 1.46 -1.28 -11.97
N ALA D 106 0.41 -1.52 -11.18
CA ALA D 106 -0.64 -0.54 -10.94
C ALA D 106 -0.12 0.64 -10.13
N GLY D 107 -0.91 1.71 -10.11
CA GLY D 107 -0.58 2.89 -9.35
C GLY D 107 -1.69 3.91 -9.45
N ASP D 108 -1.53 5.01 -8.73
CA ASP D 108 -2.53 6.07 -8.70
C ASP D 108 -2.27 7.16 -9.74
N SER D 109 -1.00 7.43 -10.04
CA SER D 109 -0.62 8.46 -11.00
C SER D 109 0.63 8.04 -11.73
N ILE D 110 0.87 8.66 -12.88
CA ILE D 110 2.01 8.36 -13.74
C ILE D 110 2.91 9.59 -13.75
N THR D 111 4.19 9.39 -13.44
CA THR D 111 5.18 10.47 -13.47
C THR D 111 6.29 10.06 -14.42
N MET D 112 6.47 10.83 -15.49
CA MET D 112 7.49 10.56 -16.49
C MET D 112 8.46 11.74 -16.54
N GLU D 113 9.75 11.45 -16.61
CA GLU D 113 10.76 12.50 -16.49
C GLU D 113 12.04 12.05 -17.17
N PHE D 114 12.90 13.04 -17.41
CA PHE D 114 14.23 12.83 -17.97
C PHE D 114 15.10 14.02 -17.58
N LYS D 115 16.40 13.88 -17.85
CA LYS D 115 17.40 14.90 -17.52
C LYS D 115 18.39 14.96 -18.67
N LYS D 116 18.22 15.93 -19.56
CA LYS D 116 19.15 16.12 -20.67
C LYS D 116 20.38 16.91 -20.21
N ASP D 117 20.17 18.17 -19.84
CA ASP D 117 21.16 19.01 -19.18
C ASP D 117 20.79 19.11 -17.71
N SER D 118 21.48 20.00 -16.99
CA SER D 118 21.30 20.08 -15.53
C SER D 118 20.02 20.78 -15.12
N VAL D 119 18.87 20.31 -15.64
CA VAL D 119 17.56 20.69 -15.15
C VAL D 119 16.64 19.49 -15.33
N ARG D 120 15.89 19.14 -14.29
CA ARG D 120 15.02 17.97 -14.37
C ARG D 120 13.73 18.32 -15.09
N HIS D 121 13.43 17.58 -16.16
CA HIS D 121 12.22 17.76 -16.94
C HIS D 121 11.26 16.63 -16.59
N SER D 122 10.23 16.94 -15.82
CA SER D 122 9.31 15.93 -15.29
C SER D 122 7.86 16.35 -15.55
N CYS D 123 6.97 15.37 -15.45
CA CYS D 123 5.54 15.64 -15.57
C CYS D 123 4.77 14.48 -14.93
N SER D 124 3.89 14.83 -13.98
CA SER D 124 3.05 13.87 -13.29
C SER D 124 1.59 14.11 -13.65
N VAL D 125 0.83 13.03 -13.75
CA VAL D 125 -0.54 13.07 -14.24
C VAL D 125 -1.38 12.03 -13.48
N PRO D 126 -2.48 12.43 -12.79
CA PRO D 126 -3.36 11.44 -12.08
C PRO D 126 -4.43 10.74 -12.92
N TYR D 127 -4.04 9.64 -13.55
CA TYR D 127 -4.98 8.69 -14.12
C TYR D 127 -4.69 7.30 -13.55
N GLU D 128 -5.76 6.55 -13.28
CA GLU D 128 -5.62 5.27 -12.59
C GLU D 128 -5.04 4.22 -13.54
N VAL D 129 -4.06 3.48 -13.03
CA VAL D 129 -3.47 2.34 -13.74
C VAL D 129 -3.84 1.10 -12.95
N LYS D 130 -4.56 0.19 -13.59
CA LYS D 130 -5.08 -1.01 -12.93
C LYS D 130 -4.54 -2.25 -13.61
N PHE D 131 -3.98 -3.15 -12.79
CA PHE D 131 -3.45 -4.43 -13.26
C PHE D 131 -4.58 -5.44 -13.28
N ASN D 132 -4.93 -5.94 -14.47
CA ASN D 132 -6.08 -6.82 -14.63
C ASN D 132 -5.62 -8.28 -14.61
N PRO D 133 -5.97 -9.07 -13.59
CA PRO D 133 -5.57 -10.48 -13.60
C PRO D 133 -6.39 -11.29 -14.59
N VAL D 134 -5.90 -12.49 -14.87
CA VAL D 134 -6.49 -13.41 -15.84
C VAL D 134 -6.98 -14.65 -15.10
N GLY D 135 -8.19 -15.10 -15.42
CA GLY D 135 -8.73 -16.30 -14.84
C GLY D 135 -9.34 -16.07 -13.47
N ARG D 136 -9.56 -17.18 -12.78
CA ARG D 136 -10.16 -17.17 -11.45
C ARG D 136 -9.15 -16.95 -10.33
N GLU D 137 -7.86 -16.93 -10.64
CA GLU D 137 -6.81 -16.77 -9.64
C GLU D 137 -6.34 -15.32 -9.62
N LEU D 138 -6.34 -14.72 -8.43
CA LEU D 138 -5.97 -13.33 -8.24
C LEU D 138 -4.50 -13.28 -7.83
N TYR D 139 -3.71 -12.46 -8.52
CA TYR D 139 -2.28 -12.34 -8.25
C TYR D 139 -1.84 -10.92 -8.54
N THR D 140 -0.58 -10.64 -8.22
CA THR D 140 0.04 -9.34 -8.43
C THR D 140 1.20 -9.34 -9.41
N HIS D 141 1.69 -10.51 -9.80
CA HIS D 141 2.85 -10.63 -10.66
C HIS D 141 2.72 -11.97 -11.39
N PRO D 142 2.88 -12.02 -12.72
CA PRO D 142 2.75 -13.31 -13.42
C PRO D 142 3.77 -14.32 -12.92
N PRO D 143 3.42 -15.61 -12.88
CA PRO D 143 4.32 -16.60 -12.31
C PRO D 143 5.39 -17.01 -13.30
N GLU D 144 6.23 -17.97 -12.89
CA GLU D 144 7.25 -18.55 -13.74
C GLU D 144 6.82 -19.87 -14.36
N HIS D 145 5.59 -20.33 -14.12
CA HIS D 145 5.11 -21.59 -14.66
C HIS D 145 3.61 -21.69 -14.44
N GLY D 146 2.97 -22.49 -15.27
CA GLY D 146 1.54 -22.73 -15.12
C GLY D 146 0.94 -23.25 -16.42
N VAL D 147 -0.34 -22.96 -16.61
CA VAL D 147 -1.08 -23.40 -17.78
C VAL D 147 -1.25 -22.22 -18.73
N GLU D 148 -1.72 -22.52 -19.94
CA GLU D 148 -1.89 -21.53 -21.00
C GLU D 148 -3.37 -21.21 -21.19
N GLN D 149 -3.64 -19.97 -21.58
CA GLN D 149 -5.00 -19.50 -21.78
C GLN D 149 -4.99 -18.40 -22.83
N ALA D 150 -6.18 -18.09 -23.35
CA ALA D 150 -6.35 -17.02 -24.32
C ALA D 150 -6.62 -15.72 -23.59
N CYS D 151 -5.84 -14.69 -23.92
CA CYS D 151 -5.93 -13.38 -23.31
C CYS D 151 -5.96 -12.32 -24.40
N GLN D 152 -6.17 -11.07 -24.00
CA GLN D 152 -6.15 -9.93 -24.90
C GLN D 152 -5.02 -8.99 -24.48
N VAL D 153 -4.12 -8.69 -25.42
CA VAL D 153 -2.94 -7.89 -25.14
C VAL D 153 -2.70 -6.95 -26.32
N TYR D 154 -1.88 -5.93 -26.07
CA TYR D 154 -1.50 -4.96 -27.09
C TYR D 154 -0.31 -5.52 -27.85
N ALA D 155 -0.50 -5.79 -29.15
CA ALA D 155 0.55 -6.43 -29.94
C ALA D 155 1.78 -5.54 -30.03
N HIS D 156 2.96 -6.17 -29.99
CA HIS D 156 4.22 -5.45 -30.07
C HIS D 156 4.48 -4.89 -31.47
N ASP D 157 3.79 -5.38 -32.49
CA ASP D 157 4.04 -4.96 -33.86
C ASP D 157 3.45 -3.57 -34.10
N ALA D 158 3.51 -3.11 -35.35
CA ALA D 158 2.94 -1.83 -35.75
C ALA D 158 2.40 -2.01 -37.17
N GLN D 159 1.12 -2.31 -37.28
CA GLN D 159 0.48 -2.61 -38.55
C GLN D 159 -0.79 -1.80 -38.69
N ASN D 160 -1.14 -1.49 -39.93
CA ASN D 160 -2.34 -0.70 -40.21
C ASN D 160 -3.59 -1.48 -39.84
N ARG D 161 -4.51 -0.79 -39.17
CA ARG D 161 -5.80 -1.37 -38.78
C ARG D 161 -6.88 -0.32 -39.03
N GLY D 162 -8.09 -0.60 -38.55
CA GLY D 162 -9.22 0.29 -38.81
C GLY D 162 -9.28 1.53 -37.95
N ALA D 163 -8.43 1.63 -36.92
CA ALA D 163 -8.42 2.80 -36.07
C ALA D 163 -7.73 3.97 -36.76
N TYR D 164 -8.24 5.18 -36.50
CA TYR D 164 -7.70 6.38 -37.12
C TYR D 164 -7.87 7.56 -36.17
N VAL D 165 -6.97 8.53 -36.29
CA VAL D 165 -7.05 9.79 -35.54
C VAL D 165 -6.75 10.94 -36.51
N GLU D 166 -7.50 12.02 -36.40
CA GLU D 166 -7.38 13.14 -37.31
C GLU D 166 -6.31 14.12 -36.85
N MET D 167 -5.68 14.77 -37.83
CA MET D 167 -4.67 15.79 -37.60
C MET D 167 -5.13 17.10 -38.23
N HIS D 168 -5.04 18.19 -37.48
CA HIS D 168 -5.52 19.50 -37.90
C HIS D 168 -4.35 20.46 -38.08
N LEU D 169 -4.65 21.63 -38.64
CA LEU D 169 -3.64 22.65 -38.86
C LEU D 169 -3.20 23.24 -37.53
N PRO D 170 -1.97 23.78 -37.45
CA PRO D 170 -1.49 24.31 -36.18
C PRO D 170 -2.11 25.66 -35.85
N GLY D 171 -2.11 25.98 -34.56
CA GLY D 171 -2.58 27.28 -34.12
C GLY D 171 -1.50 28.34 -34.17
N SER D 172 -1.95 29.60 -34.09
CA SER D 172 -1.02 30.73 -34.09
C SER D 172 -0.34 30.80 -32.73
N GLU D 173 0.96 30.55 -32.70
CA GLU D 173 1.72 30.47 -31.46
C GLU D 173 2.36 31.81 -31.15
N VAL D 174 2.12 32.32 -29.94
CA VAL D 174 2.67 33.60 -29.53
C VAL D 174 4.11 33.40 -29.05
N ASP D 175 4.89 34.48 -29.14
CA ASP D 175 6.29 34.44 -28.71
C ASP D 175 6.65 35.83 -28.17
N SER D 176 6.90 35.91 -26.87
CA SER D 176 7.24 37.20 -26.26
C SER D 176 8.66 37.61 -26.62
N SER D 177 9.57 36.66 -26.75
CA SER D 177 10.97 36.99 -26.98
C SER D 177 11.22 37.54 -28.38
N LEU D 178 10.31 37.32 -29.33
CA LEU D 178 10.54 37.76 -30.71
C LEU D 178 10.64 39.28 -30.79
N VAL D 179 9.73 40.00 -30.12
CA VAL D 179 9.75 41.45 -30.17
C VAL D 179 10.95 41.96 -29.38
N SER D 180 11.47 43.12 -29.78
CA SER D 180 12.66 43.68 -29.15
C SER D 180 12.58 45.21 -29.18
N LEU D 181 13.53 45.83 -28.48
CA LEU D 181 13.59 47.29 -28.35
C LEU D 181 14.74 47.85 -29.17
N SER D 182 14.47 48.93 -29.88
CA SER D 182 15.49 49.78 -30.46
C SER D 182 15.82 50.88 -29.44
N GLY D 183 16.50 51.95 -29.87
CA GLY D 183 16.77 53.05 -28.95
C GLY D 183 15.51 53.58 -28.31
N SER D 184 14.51 53.91 -29.11
CA SER D 184 13.15 54.10 -28.61
C SER D 184 12.19 53.70 -29.74
N SER D 185 11.79 52.43 -29.74
CA SER D 185 10.86 51.90 -30.74
C SER D 185 10.65 50.40 -30.51
N VAL D 186 9.75 49.81 -31.28
CA VAL D 186 9.49 48.37 -31.26
C VAL D 186 10.07 47.78 -32.54
N THR D 187 10.75 46.64 -32.42
CA THR D 187 11.36 45.96 -33.55
C THR D 187 10.93 44.50 -33.59
N VAL D 188 10.61 44.03 -34.79
CA VAL D 188 10.24 42.64 -35.03
C VAL D 188 11.22 42.07 -36.05
N THR D 189 11.91 40.99 -35.66
CA THR D 189 12.90 40.32 -36.50
C THR D 189 12.51 38.84 -36.57
N PRO D 190 11.75 38.43 -37.59
CA PRO D 190 11.35 37.02 -37.66
C PRO D 190 12.56 36.13 -37.79
N PRO D 191 12.49 34.91 -37.25
CA PRO D 191 13.63 33.99 -37.40
C PRO D 191 13.87 33.63 -38.85
N ASP D 192 14.92 32.85 -39.07
CA ASP D 192 15.35 32.51 -40.42
C ASP D 192 14.25 31.77 -41.17
N GLY D 193 13.87 32.30 -42.33
CA GLY D 193 12.85 31.65 -43.15
C GLY D 193 11.51 31.51 -42.47
N THR D 194 11.04 32.57 -41.82
CA THR D 194 9.79 32.54 -41.06
C THR D 194 8.97 33.79 -41.38
N SER D 195 7.66 33.60 -41.51
CA SER D 195 6.70 34.69 -41.66
C SER D 195 5.91 34.83 -40.38
N ALA D 196 5.59 36.07 -40.00
CA ALA D 196 4.95 36.36 -38.73
C ALA D 196 3.85 37.40 -38.93
N LEU D 197 2.96 37.46 -37.94
CA LEU D 197 1.87 38.43 -37.89
C LEU D 197 1.97 39.23 -36.60
N VAL D 198 1.90 40.55 -36.73
CA VAL D 198 2.05 41.48 -35.62
C VAL D 198 0.76 42.27 -35.46
N GLU D 199 0.24 42.33 -34.23
CA GLU D 199 -1.04 42.95 -33.95
C GLU D 199 -0.97 43.86 -32.74
N CYS D 200 -1.70 45.01 -32.85
CA CYS D 200 -2.35 45.72 -31.73
C CYS D 200 -3.02 47.08 -31.94
N GLU D 201 -3.60 47.56 -30.83
CA GLU D 201 -4.47 48.74 -30.72
C GLU D 201 -3.84 49.86 -29.89
N CYS D 202 -2.51 50.04 -29.91
CA CYS D 202 -1.91 50.99 -28.96
C CYS D 202 -2.45 52.39 -29.20
N GLY D 203 -2.63 52.76 -30.46
CA GLY D 203 -3.48 53.87 -30.85
C GLY D 203 -4.69 53.32 -31.58
N GLY D 204 -4.67 53.37 -32.91
CA GLY D 204 -5.61 52.64 -33.72
C GLY D 204 -5.19 51.19 -33.88
N THR D 205 -5.99 50.43 -34.60
CA THR D 205 -5.71 49.02 -34.81
C THR D 205 -4.66 48.88 -35.89
N LYS D 206 -3.80 47.87 -35.76
CA LYS D 206 -2.81 47.55 -36.77
C LYS D 206 -2.57 46.05 -36.75
N ILE D 207 -2.94 45.39 -37.85
CA ILE D 207 -2.65 43.98 -38.09
C ILE D 207 -1.77 43.93 -39.33
N SER D 208 -0.52 43.53 -39.16
CA SER D 208 0.46 43.50 -40.25
C SER D 208 1.08 42.12 -40.34
N GLU D 209 1.60 41.81 -41.53
CA GLU D 209 2.27 40.55 -41.79
C GLU D 209 3.66 40.83 -42.33
N THR D 210 4.67 40.18 -41.75
CA THR D 210 6.06 40.34 -42.14
C THR D 210 6.57 39.02 -42.69
N ILE D 211 7.25 39.09 -43.83
CA ILE D 211 7.77 37.90 -44.51
C ILE D 211 9.30 37.94 -44.46
N ASN D 212 9.86 37.37 -43.40
CA ASN D 212 11.32 37.24 -43.25
C ASN D 212 12.03 38.57 -43.42
N LYS D 213 11.41 39.64 -42.92
CA LYS D 213 11.96 40.99 -43.02
C LYS D 213 11.93 41.64 -41.64
N THR D 214 13.02 42.34 -41.31
CA THR D 214 13.11 43.07 -40.05
C THR D 214 12.33 44.38 -40.20
N LYS D 215 11.41 44.64 -39.26
CA LYS D 215 10.54 45.80 -39.31
C LYS D 215 10.63 46.54 -37.99
N GLN D 216 10.47 47.86 -38.05
CA GLN D 216 10.45 48.71 -36.87
C GLN D 216 9.21 49.60 -36.90
N PHE D 217 8.49 49.61 -35.78
CA PHE D 217 7.30 50.43 -35.62
C PHE D 217 7.66 51.70 -34.85
N SER D 218 7.26 52.84 -35.40
CA SER D 218 7.57 54.12 -34.75
C SER D 218 6.85 54.26 -33.42
N GLN D 219 5.61 53.77 -33.33
CA GLN D 219 4.76 53.96 -32.17
C GLN D 219 4.59 52.64 -31.40
N CYS D 220 3.71 52.64 -30.41
CA CYS D 220 3.51 51.51 -29.49
C CYS D 220 4.80 51.21 -28.71
N THR D 221 5.42 52.27 -28.18
CA THR D 221 6.76 52.17 -27.60
C THR D 221 6.69 51.65 -26.17
N LYS D 222 6.52 50.33 -26.06
CA LYS D 222 6.53 49.65 -24.76
C LYS D 222 6.51 48.14 -25.00
N LYS D 223 7.11 47.40 -24.06
CA LYS D 223 7.17 45.95 -24.18
C LYS D 223 5.80 45.31 -24.05
N GLU D 224 5.13 45.55 -22.91
CA GLU D 224 3.87 44.86 -22.62
C GLU D 224 2.75 45.27 -23.56
N GLN D 225 2.96 46.29 -24.39
CA GLN D 225 1.88 46.78 -25.24
C GLN D 225 1.30 45.68 -26.12
N CYS D 226 2.14 45.00 -26.91
CA CYS D 226 1.53 44.14 -27.92
C CYS D 226 2.51 43.25 -28.67
N ARG D 227 1.97 42.51 -29.67
CA ARG D 227 2.40 41.12 -29.87
C ARG D 227 2.70 40.81 -31.32
N ALA D 228 3.50 39.76 -31.50
CA ALA D 228 3.79 39.15 -32.80
C ALA D 228 3.63 37.65 -32.69
N TYR D 229 2.98 37.04 -33.69
CA TYR D 229 2.69 35.62 -33.69
C TYR D 229 3.67 34.88 -34.60
N ARG D 230 3.47 33.57 -34.72
CA ARG D 230 4.27 32.70 -35.57
C ARG D 230 3.35 31.96 -36.54
N LEU D 231 3.85 31.71 -37.75
CA LEU D 231 3.07 31.11 -38.82
C LEU D 231 3.73 29.81 -39.27
N GLN D 232 3.01 28.70 -39.15
CA GLN D 232 3.41 27.40 -39.68
C GLN D 232 2.36 26.97 -40.69
N ASN D 233 2.82 26.39 -41.80
CA ASN D 233 1.94 26.08 -42.93
C ASN D 233 2.09 24.64 -43.42
N ASP D 234 3.29 24.08 -43.29
CA ASP D 234 3.65 22.81 -43.90
C ASP D 234 3.69 21.67 -42.88
N LYS D 235 2.84 21.72 -41.87
CA LYS D 235 2.91 20.79 -40.75
C LYS D 235 1.53 20.59 -40.16
N TRP D 236 1.42 19.66 -39.21
CA TRP D 236 0.14 19.23 -38.66
C TRP D 236 0.28 18.96 -37.17
N VAL D 237 -0.87 18.84 -36.49
CA VAL D 237 -0.89 18.55 -35.06
C VAL D 237 -2.11 17.69 -34.73
N TYR D 238 -1.96 16.85 -33.71
CA TYR D 238 -3.07 16.11 -33.14
C TYR D 238 -3.97 17.06 -32.34
N ASN D 239 -5.28 16.87 -32.46
CA ASN D 239 -6.21 17.77 -31.78
C ASN D 239 -6.08 17.60 -30.27
N SER D 240 -5.90 18.71 -29.55
CA SER D 240 -5.68 18.70 -28.12
C SER D 240 -6.29 19.97 -27.52
N ASP D 241 -6.57 19.91 -26.21
CA ASP D 241 -7.12 21.05 -25.50
C ASP D 241 -6.08 22.11 -25.18
N LYS D 242 -4.79 21.81 -25.33
CA LYS D 242 -3.72 22.71 -24.89
C LYS D 242 -3.24 23.66 -25.98
N LEU D 243 -3.76 23.56 -27.21
CA LEU D 243 -3.34 24.41 -28.31
C LEU D 243 -4.53 25.20 -28.87
N PRO D 244 -4.36 26.48 -29.23
CA PRO D 244 -5.46 27.21 -29.83
C PRO D 244 -5.76 26.74 -31.24
N LYS D 245 -6.99 26.98 -31.67
CA LYS D 245 -7.46 26.59 -33.00
C LYS D 245 -7.36 27.77 -33.94
N ALA D 246 -6.63 27.60 -35.04
CA ALA D 246 -6.51 28.64 -36.05
C ALA D 246 -7.74 28.66 -36.95
N ALA D 247 -7.88 29.76 -37.70
CA ALA D 247 -9.01 29.89 -38.60
C ALA D 247 -8.99 28.79 -39.66
N GLY D 248 -10.17 28.28 -39.97
CA GLY D 248 -10.32 27.19 -40.92
C GLY D 248 -10.76 25.90 -40.28
N ALA D 249 -11.84 25.32 -40.80
CA ALA D 249 -12.41 24.09 -40.26
C ALA D 249 -11.91 22.83 -40.98
N THR D 250 -10.90 22.96 -41.84
CA THR D 250 -10.40 21.82 -42.59
C THR D 250 -9.80 20.77 -41.65
N LEU D 251 -10.09 19.50 -41.95
CA LEU D 251 -9.49 18.38 -41.22
C LEU D 251 -8.25 17.84 -41.91
N LYS D 252 -8.12 18.00 -43.22
CA LYS D 252 -6.86 17.86 -43.95
C LYS D 252 -6.22 16.49 -43.78
N GLY D 253 -7.01 15.45 -43.58
CA GLY D 253 -6.54 14.08 -43.58
C GLY D 253 -6.46 13.49 -42.19
N LYS D 254 -6.07 12.21 -42.15
CA LYS D 254 -5.95 11.47 -40.90
C LYS D 254 -4.96 10.35 -41.09
N LEU D 255 -4.51 9.77 -39.97
CA LEU D 255 -3.55 8.68 -39.95
C LEU D 255 -4.07 7.56 -39.07
N HIS D 256 -3.33 6.45 -39.04
CA HIS D 256 -3.69 5.26 -38.30
C HIS D 256 -2.81 5.11 -37.06
N VAL D 257 -3.41 4.61 -35.98
CA VAL D 257 -2.70 4.42 -34.71
C VAL D 257 -2.14 3.01 -34.64
N PRO D 258 -0.90 2.80 -34.14
CA PRO D 258 -0.41 1.42 -33.96
C PRO D 258 -0.75 0.87 -32.57
N PHE D 259 -0.28 -0.34 -32.28
CA PHE D 259 -0.48 -0.99 -30.98
C PHE D 259 -1.97 -1.15 -30.68
N LEU D 260 -2.64 -1.93 -31.51
CA LEU D 260 -4.04 -2.27 -31.33
C LEU D 260 -4.19 -3.55 -30.54
N LEU D 261 -5.30 -3.65 -29.80
CA LEU D 261 -5.58 -4.83 -29.01
C LEU D 261 -5.76 -6.05 -29.90
N ALA D 262 -5.30 -7.20 -29.43
CA ALA D 262 -5.40 -8.44 -30.21
C ALA D 262 -5.33 -9.62 -29.27
N ASP D 263 -5.84 -10.75 -29.75
CA ASP D 263 -5.80 -12.00 -28.99
C ASP D 263 -4.37 -12.53 -28.92
N GLY D 264 -4.01 -13.10 -27.77
CA GLY D 264 -2.70 -13.66 -27.55
C GLY D 264 -2.77 -14.77 -26.53
N LYS D 265 -1.61 -15.38 -26.28
CA LYS D 265 -1.50 -16.49 -25.35
C LYS D 265 -0.85 -16.00 -24.06
N CYS D 266 -1.44 -16.38 -22.92
CA CYS D 266 -0.99 -15.93 -21.61
C CYS D 266 -0.86 -17.11 -20.67
N THR D 267 0.07 -16.98 -19.72
CA THR D 267 0.29 -17.99 -18.70
C THR D 267 -0.50 -17.66 -17.44
N VAL D 268 -0.96 -18.71 -16.76
CA VAL D 268 -1.80 -18.58 -15.57
C VAL D 268 -1.30 -19.55 -14.51
N PRO D 269 -1.16 -19.14 -13.25
CA PRO D 269 -0.67 -20.07 -12.22
C PRO D 269 -1.68 -21.16 -11.88
N LEU D 270 -1.18 -22.17 -11.16
CA LEU D 270 -1.99 -23.27 -10.65
C LEU D 270 -1.94 -23.24 -9.13
N ALA D 271 -3.10 -23.37 -8.50
CA ALA D 271 -3.16 -23.49 -7.05
C ALA D 271 -2.74 -24.89 -6.63
N PRO D 272 -2.31 -25.06 -5.37
CA PRO D 272 -1.99 -26.41 -4.89
C PRO D 272 -3.21 -27.32 -4.93
N GLU D 273 -2.96 -28.61 -5.14
CA GLU D 273 -4.03 -29.57 -5.27
C GLU D 273 -4.85 -29.63 -3.97
N PRO D 274 -6.17 -29.58 -4.03
CA PRO D 274 -6.96 -29.61 -2.79
C PRO D 274 -7.01 -31.02 -2.22
N MET D 275 -6.73 -31.15 -0.93
CA MET D 275 -6.75 -32.47 -0.30
C MET D 275 -8.21 -32.89 -0.08
N ILE D 276 -8.48 -34.17 -0.35
CA ILE D 276 -9.84 -34.70 -0.45
C ILE D 276 -9.99 -35.85 0.54
N THR D 277 -11.16 -35.93 1.18
CA THR D 277 -11.52 -37.12 1.93
C THR D 277 -13.02 -37.32 1.83
N PHE D 278 -13.44 -38.59 1.94
CA PHE D 278 -14.80 -39.01 1.63
C PHE D 278 -15.56 -39.34 2.91
N GLY D 279 -16.86 -39.57 2.74
CA GLY D 279 -17.70 -40.01 3.84
C GLY D 279 -19.10 -40.23 3.33
N PHE D 280 -19.93 -40.82 4.20
CA PHE D 280 -21.29 -41.19 3.81
C PHE D 280 -22.08 -39.95 3.38
N ARG D 281 -22.35 -39.84 2.08
CA ARG D 281 -23.02 -38.67 1.53
C ARG D 281 -22.33 -37.37 1.93
N SER D 282 -21.01 -37.40 2.02
CA SER D 282 -20.24 -36.24 2.47
C SER D 282 -18.86 -36.25 1.83
N VAL D 283 -18.37 -35.05 1.53
CA VAL D 283 -17.03 -34.85 0.99
C VAL D 283 -16.40 -33.68 1.74
N SER D 284 -15.19 -33.88 2.27
CA SER D 284 -14.49 -32.86 3.04
C SER D 284 -13.21 -32.47 2.30
N LEU D 285 -13.01 -31.17 2.16
CA LEU D 285 -11.88 -30.60 1.45
C LEU D 285 -10.98 -29.84 2.41
N LYS D 286 -9.67 -29.98 2.21
CA LYS D 286 -8.67 -29.17 2.89
C LYS D 286 -7.94 -28.35 1.84
N LEU D 287 -7.92 -27.03 2.02
CA LEU D 287 -7.46 -26.08 1.03
C LEU D 287 -6.28 -25.30 1.58
N HIS D 288 -5.26 -25.08 0.73
CA HIS D 288 -4.06 -24.35 1.12
C HIS D 288 -3.63 -23.46 -0.05
N PRO D 289 -4.13 -22.22 -0.13
CA PRO D 289 -3.82 -21.38 -1.29
C PRO D 289 -2.52 -20.60 -1.15
N LYS D 290 -1.79 -20.49 -2.27
CA LYS D 290 -0.64 -19.59 -2.35
C LYS D 290 -1.08 -18.14 -2.30
N ASN D 291 -2.09 -17.79 -3.08
CA ASN D 291 -2.67 -16.46 -3.17
C ASN D 291 -4.18 -16.57 -3.10
N PRO D 292 -4.89 -15.48 -2.81
CA PRO D 292 -6.36 -15.56 -2.75
C PRO D 292 -6.93 -16.05 -4.07
N THR D 293 -7.87 -16.99 -3.97
CA THR D 293 -8.38 -17.70 -5.14
C THR D 293 -9.87 -17.98 -4.99
N TYR D 294 -10.53 -18.19 -6.13
CA TYR D 294 -11.95 -18.45 -6.17
C TYR D 294 -12.23 -19.94 -6.04
N LEU D 295 -13.38 -20.25 -5.45
CA LEU D 295 -13.94 -21.61 -5.43
C LEU D 295 -15.39 -21.49 -5.83
N ILE D 296 -15.82 -22.31 -6.80
CA ILE D 296 -17.20 -22.30 -7.26
C ILE D 296 -17.72 -23.74 -7.23
N THR D 297 -18.76 -23.98 -6.44
CA THR D 297 -19.34 -25.30 -6.24
C THR D 297 -20.79 -25.29 -6.72
N ARG D 298 -21.20 -26.40 -7.35
CA ARG D 298 -22.49 -26.49 -8.03
C ARG D 298 -23.09 -27.88 -7.82
N GLN D 299 -24.42 -27.90 -7.73
CA GLN D 299 -25.17 -29.15 -7.70
C GLN D 299 -25.62 -29.49 -9.12
N LEU D 300 -25.69 -30.80 -9.39
CA LEU D 300 -26.08 -31.31 -10.69
C LEU D 300 -27.54 -31.72 -10.74
N ALA D 301 -28.40 -30.99 -10.03
CA ALA D 301 -29.84 -31.25 -9.99
C ALA D 301 -30.57 -30.04 -10.56
N ASP D 302 -31.90 -30.05 -10.44
CA ASP D 302 -32.71 -28.96 -10.99
C ASP D 302 -32.37 -27.62 -10.35
N GLU D 303 -32.21 -27.61 -9.02
CA GLU D 303 -31.84 -26.39 -8.30
C GLU D 303 -30.34 -26.38 -8.09
N PRO D 304 -29.57 -25.44 -8.68
CA PRO D 304 -28.11 -25.55 -8.61
C PRO D 304 -27.54 -25.35 -7.22
N HIS D 305 -28.07 -24.39 -6.46
CA HIS D 305 -27.49 -23.98 -5.19
C HIS D 305 -26.01 -23.63 -5.36
N TYR D 306 -25.70 -22.97 -6.48
CA TYR D 306 -24.32 -22.61 -6.77
C TYR D 306 -23.79 -21.64 -5.74
N THR D 307 -22.51 -21.81 -5.38
CA THR D 307 -21.84 -20.94 -4.43
C THR D 307 -20.46 -20.58 -4.95
N HIS D 308 -20.21 -19.27 -5.08
CA HIS D 308 -18.95 -18.72 -5.55
C HIS D 308 -18.36 -17.89 -4.41
N GLU D 309 -17.11 -18.16 -4.05
CA GLU D 309 -16.54 -17.49 -2.89
C GLU D 309 -15.02 -17.46 -2.97
N LEU D 310 -14.44 -16.36 -2.49
CA LEU D 310 -13.00 -16.15 -2.51
C LEU D 310 -12.41 -16.58 -1.17
N ILE D 311 -11.37 -17.43 -1.22
CA ILE D 311 -10.64 -17.87 -0.04
C ILE D 311 -9.25 -17.26 -0.09
N SER D 312 -8.81 -16.71 1.04
CA SER D 312 -7.46 -16.17 1.19
C SER D 312 -6.71 -16.75 2.37
N GLU D 313 -7.33 -17.62 3.17
CA GLU D 313 -6.73 -18.22 4.34
C GLU D 313 -7.01 -19.72 4.34
N PRO D 314 -6.05 -20.58 4.74
CA PRO D 314 -6.33 -22.01 4.77
C PRO D 314 -7.40 -22.38 5.79
N ALA D 315 -8.52 -22.91 5.33
CA ALA D 315 -9.65 -23.25 6.19
C ALA D 315 -10.18 -24.62 5.77
N VAL D 316 -11.30 -25.02 6.36
CA VAL D 316 -11.93 -26.31 6.11
C VAL D 316 -13.41 -26.09 5.88
N ARG D 317 -13.96 -26.80 4.90
CA ARG D 317 -15.37 -26.70 4.55
C ARG D 317 -15.92 -28.09 4.28
N ASN D 318 -17.07 -28.41 4.89
CA ASN D 318 -17.72 -29.70 4.73
C ASN D 318 -19.01 -29.52 3.94
N PHE D 319 -19.10 -30.18 2.79
CA PHE D 319 -20.27 -30.15 1.92
C PHE D 319 -21.02 -31.47 2.03
N THR D 320 -22.15 -31.55 1.33
CA THR D 320 -22.97 -32.75 1.26
C THR D 320 -23.20 -33.09 -0.21
N VAL D 321 -23.03 -34.37 -0.54
CA VAL D 321 -23.17 -34.87 -1.90
C VAL D 321 -24.35 -35.84 -1.92
N THR D 322 -25.27 -35.64 -2.86
CA THR D 322 -26.44 -36.47 -3.02
C THR D 322 -26.24 -37.44 -4.19
N GLU D 323 -27.27 -38.24 -4.47
CA GLU D 323 -27.15 -39.25 -5.52
C GLU D 323 -27.10 -38.62 -6.90
N LYS D 324 -27.78 -37.49 -7.09
CA LYS D 324 -27.85 -36.87 -8.41
C LYS D 324 -26.45 -36.47 -8.91
N GLY D 325 -25.65 -35.89 -8.05
CA GLY D 325 -24.28 -35.56 -8.42
C GLY D 325 -23.84 -34.26 -7.77
N TRP D 326 -22.56 -33.95 -7.97
CA TRP D 326 -21.95 -32.74 -7.44
C TRP D 326 -20.78 -32.35 -8.32
N GLU D 327 -20.49 -31.05 -8.41
CA GLU D 327 -19.37 -30.58 -9.21
C GLU D 327 -18.75 -29.37 -8.53
N PHE D 328 -17.45 -29.17 -8.76
CA PHE D 328 -16.78 -28.00 -8.23
C PHE D 328 -15.56 -27.67 -9.09
N VAL D 329 -15.20 -26.39 -9.07
CA VAL D 329 -14.00 -25.87 -9.71
C VAL D 329 -13.23 -25.04 -8.69
N TRP D 330 -11.93 -25.28 -8.61
CA TRP D 330 -11.03 -24.59 -7.68
C TRP D 330 -9.82 -24.12 -8.48
N GLY D 331 -9.63 -22.80 -8.55
CA GLY D 331 -8.50 -22.23 -9.24
C GLY D 331 -8.65 -22.27 -10.75
N ASN D 332 -7.76 -22.99 -11.43
CA ASN D 332 -7.78 -23.10 -12.89
C ASN D 332 -7.73 -24.54 -13.38
N HIS D 333 -7.88 -25.52 -12.48
CA HIS D 333 -7.89 -26.90 -12.90
C HIS D 333 -9.18 -27.21 -13.66
N PRO D 334 -9.22 -28.30 -14.42
CA PRO D 334 -10.47 -28.69 -15.08
C PRO D 334 -11.53 -28.98 -14.05
N PRO D 335 -12.81 -28.76 -14.37
CA PRO D 335 -13.87 -29.00 -13.39
C PRO D 335 -13.89 -30.47 -12.94
N LYS D 336 -14.18 -30.67 -11.66
CA LYS D 336 -14.20 -32.01 -11.07
C LYS D 336 -15.61 -32.34 -10.60
N ARG D 337 -16.12 -33.48 -11.06
CA ARG D 337 -17.48 -33.93 -10.77
C ARG D 337 -17.43 -35.26 -10.03
N PHE D 338 -18.25 -35.38 -8.98
CA PHE D 338 -18.34 -36.58 -8.16
C PHE D 338 -19.79 -37.06 -8.14
N TRP D 339 -19.95 -38.38 -8.24
CA TRP D 339 -21.25 -39.04 -8.17
C TRP D 339 -21.21 -40.02 -7.01
N ALA D 340 -22.21 -39.94 -6.13
CA ALA D 340 -22.28 -40.79 -4.95
C ALA D 340 -23.21 -41.98 -5.21
N GLN D 341 -23.08 -42.99 -4.35
CA GLN D 341 -23.90 -44.19 -4.43
C GLN D 341 -24.28 -44.59 -3.00
N GLU D 342 -24.99 -45.70 -2.88
CA GLU D 342 -25.51 -46.17 -1.61
C GLU D 342 -24.56 -47.16 -0.96
N THR D 343 -24.55 -47.17 0.37
CA THR D 343 -23.73 -48.10 1.13
C THR D 343 -24.18 -48.14 2.59
N TYR E 1 -39.95 -53.04 -40.46
CA TYR E 1 -40.82 -53.38 -39.31
C TYR E 1 -40.84 -52.26 -38.28
N GLU E 2 -42.04 -51.78 -37.96
CA GLU E 2 -42.17 -50.70 -36.98
C GLU E 2 -41.80 -51.21 -35.59
N HIS E 3 -40.96 -50.45 -34.90
CA HIS E 3 -40.58 -50.77 -33.54
C HIS E 3 -40.39 -49.47 -32.78
N ALA E 4 -40.78 -49.46 -31.51
CA ALA E 4 -40.73 -48.26 -30.67
C ALA E 4 -39.86 -48.53 -29.46
N THR E 5 -39.11 -47.51 -29.03
CA THR E 5 -38.27 -47.63 -27.84
C THR E 5 -38.05 -46.24 -27.26
N THR E 6 -37.42 -46.20 -26.09
CA THR E 6 -37.15 -44.95 -25.39
C THR E 6 -35.75 -45.01 -24.81
N MET E 7 -35.01 -43.90 -24.95
CA MET E 7 -33.63 -43.81 -24.50
C MET E 7 -33.49 -42.64 -23.53
N PRO E 8 -32.99 -42.82 -22.31
CA PRO E 8 -32.85 -41.66 -21.41
C PRO E 8 -31.82 -40.69 -21.93
N SER E 9 -32.23 -39.42 -22.06
CA SER E 9 -31.40 -38.42 -22.74
C SER E 9 -30.13 -38.18 -21.93
N GLN E 10 -29.02 -38.74 -22.39
CA GLN E 10 -27.72 -38.56 -21.75
C GLN E 10 -26.63 -39.10 -22.67
N ALA E 11 -25.39 -38.70 -22.45
CA ALA E 11 -24.26 -39.13 -23.28
C ALA E 11 -23.22 -39.81 -22.41
N GLY E 12 -22.65 -40.90 -22.94
CA GLY E 12 -21.56 -41.59 -22.29
C GLY E 12 -21.74 -43.09 -22.18
N ILE E 13 -22.96 -43.55 -21.95
CA ILE E 13 -23.25 -44.97 -21.73
C ILE E 13 -23.91 -45.55 -22.98
N SER E 14 -23.50 -46.76 -23.34
CA SER E 14 -24.12 -47.47 -24.45
C SER E 14 -25.50 -47.97 -24.05
N TYR E 15 -26.43 -47.94 -25.00
CA TYR E 15 -27.80 -48.41 -24.77
C TYR E 15 -28.10 -49.55 -25.72
N ASN E 16 -28.83 -50.54 -25.22
CA ASN E 16 -29.12 -51.77 -25.94
C ASN E 16 -30.62 -52.00 -26.05
N THR E 17 -31.02 -52.61 -27.16
CA THR E 17 -32.42 -52.97 -27.39
C THR E 17 -32.42 -54.16 -28.33
N ILE E 18 -33.57 -54.81 -28.46
CA ILE E 18 -33.75 -55.88 -29.44
C ILE E 18 -35.08 -55.68 -30.17
N VAL E 19 -35.14 -56.23 -31.38
CA VAL E 19 -36.37 -56.36 -32.13
C VAL E 19 -36.69 -57.85 -32.19
N ASN E 20 -37.91 -58.20 -31.76
CA ASN E 20 -38.32 -59.60 -31.58
C ASN E 20 -39.59 -59.83 -32.40
N ARG E 21 -39.43 -60.45 -33.57
CA ARG E 21 -40.55 -60.89 -34.38
C ARG E 21 -40.86 -62.34 -34.05
N ALA E 22 -42.12 -62.72 -34.26
CA ALA E 22 -42.58 -64.05 -33.85
C ALA E 22 -41.84 -65.16 -34.59
N GLY E 23 -41.95 -65.17 -35.91
CA GLY E 23 -41.40 -66.25 -36.71
C GLY E 23 -39.96 -66.13 -37.13
N TYR E 24 -39.27 -65.05 -36.75
CA TYR E 24 -37.87 -64.85 -37.07
C TYR E 24 -37.05 -64.87 -35.79
N ALA E 25 -35.72 -64.84 -35.94
CA ALA E 25 -34.83 -64.74 -34.80
C ALA E 25 -34.71 -63.28 -34.37
N PRO E 26 -34.73 -62.96 -33.07
CA PRO E 26 -34.59 -61.56 -32.67
C PRO E 26 -33.24 -60.99 -33.07
N LEU E 27 -33.22 -59.68 -33.36
CA LEU E 27 -32.00 -58.98 -33.77
C LEU E 27 -31.63 -57.91 -32.75
N PRO E 28 -30.35 -57.61 -32.56
CA PRO E 28 -29.95 -56.60 -31.58
C PRO E 28 -29.81 -55.20 -32.17
N ILE E 29 -29.84 -54.21 -31.28
CA ILE E 29 -29.63 -52.80 -31.60
C ILE E 29 -28.76 -52.23 -30.50
N SER E 30 -27.68 -51.52 -30.87
CA SER E 30 -26.82 -50.86 -29.90
C SER E 30 -26.59 -49.42 -30.34
N ILE E 31 -27.09 -48.48 -29.55
CA ILE E 31 -26.99 -47.06 -29.88
C ILE E 31 -26.21 -46.35 -28.78
N THR E 32 -25.27 -45.51 -29.18
CA THR E 32 -24.50 -44.67 -28.26
C THR E 32 -24.61 -43.22 -28.75
N PRO E 33 -25.27 -42.31 -28.01
CA PRO E 33 -25.23 -40.90 -28.40
C PRO E 33 -23.90 -40.27 -28.00
N THR E 34 -23.09 -39.94 -29.01
CA THR E 34 -21.79 -39.35 -28.72
C THR E 34 -21.92 -38.02 -28.01
N LYS E 35 -22.87 -37.19 -28.44
CA LYS E 35 -23.14 -35.92 -27.80
C LYS E 35 -24.41 -35.32 -28.41
N ILE E 36 -25.12 -34.54 -27.60
CA ILE E 36 -26.39 -33.93 -27.97
C ILE E 36 -26.24 -32.42 -27.85
N LYS E 37 -26.63 -31.71 -28.90
CA LYS E 37 -26.51 -30.26 -28.96
C LYS E 37 -27.84 -29.58 -28.65
N LEU E 38 -27.76 -28.28 -28.34
CA LEU E 38 -28.92 -27.43 -28.16
C LEU E 38 -28.54 -26.06 -28.70
N ILE E 39 -29.14 -25.69 -29.83
CA ILE E 39 -28.83 -24.45 -30.54
C ILE E 39 -30.11 -23.63 -30.62
N PRO E 40 -30.17 -22.45 -30.00
CA PRO E 40 -31.38 -21.62 -30.09
C PRO E 40 -31.36 -20.71 -31.31
N THR E 41 -32.49 -20.05 -31.54
CA THR E 41 -32.61 -19.04 -32.58
C THR E 41 -32.13 -17.71 -32.00
N VAL E 42 -31.02 -17.20 -32.52
CA VAL E 42 -30.36 -16.01 -31.98
C VAL E 42 -30.38 -14.92 -33.03
N ASN E 43 -30.75 -13.71 -32.62
CA ASN E 43 -30.75 -12.53 -33.46
C ASN E 43 -29.94 -11.43 -32.79
N LEU E 44 -29.12 -10.74 -33.58
CA LEU E 44 -28.33 -9.64 -33.05
C LEU E 44 -29.19 -8.41 -32.86
N GLU E 45 -29.05 -7.76 -31.70
CA GLU E 45 -29.75 -6.52 -31.39
C GLU E 45 -28.82 -5.32 -31.36
N TYR E 46 -27.77 -5.35 -30.54
CA TYR E 46 -26.81 -4.26 -30.54
C TYR E 46 -25.54 -4.69 -29.80
N VAL E 47 -24.48 -3.91 -30.05
CA VAL E 47 -23.15 -4.16 -29.52
C VAL E 47 -22.70 -2.90 -28.78
N THR E 48 -21.78 -3.09 -27.84
CA THR E 48 -21.30 -1.97 -27.04
C THR E 48 -19.85 -2.22 -26.63
N CYS E 49 -19.17 -1.14 -26.26
CA CYS E 49 -17.76 -1.17 -25.87
C CYS E 49 -17.45 0.16 -25.20
N HIS E 50 -16.16 0.36 -24.91
CA HIS E 50 -15.72 1.61 -24.27
C HIS E 50 -15.98 2.79 -25.20
N TYR E 51 -16.32 3.93 -24.60
CA TYR E 51 -16.41 5.19 -25.33
C TYR E 51 -15.10 5.95 -25.21
N LYS E 52 -14.97 6.99 -26.03
CA LYS E 52 -13.81 7.88 -25.98
C LYS E 52 -14.32 9.30 -26.06
N THR E 53 -13.80 10.17 -25.20
CA THR E 53 -14.28 11.54 -25.13
C THR E 53 -13.80 12.33 -26.35
N GLY E 54 -14.57 12.28 -27.43
CA GLY E 54 -14.24 13.01 -28.63
C GLY E 54 -14.26 14.50 -28.35
N MET E 55 -13.08 15.08 -28.30
CA MET E 55 -12.87 16.42 -27.76
C MET E 55 -12.27 17.33 -28.82
N ASP E 56 -12.94 18.45 -29.09
CA ASP E 56 -12.52 19.37 -30.11
C ASP E 56 -11.56 20.40 -29.53
N SER E 57 -10.71 20.94 -30.41
CA SER E 57 -9.74 21.94 -29.96
C SER E 57 -10.48 23.19 -29.50
N PRO E 58 -9.95 23.91 -28.51
CA PRO E 58 -10.66 25.11 -28.03
C PRO E 58 -10.71 26.18 -29.10
N ALA E 59 -11.84 26.90 -29.14
CA ALA E 59 -12.02 28.05 -30.02
C ALA E 59 -12.09 29.29 -29.14
N ILE E 60 -11.17 30.23 -29.39
CA ILE E 60 -11.01 31.41 -28.55
C ILE E 60 -11.02 32.65 -29.44
N LYS E 61 -11.80 33.65 -29.04
CA LYS E 61 -11.82 34.96 -29.68
C LYS E 61 -12.00 35.98 -28.57
N CYS E 62 -10.96 36.76 -28.29
CA CYS E 62 -11.01 37.69 -27.17
C CYS E 62 -11.54 39.04 -27.61
N CYS E 63 -12.21 39.71 -26.68
CA CYS E 63 -12.98 40.94 -26.92
C CYS E 63 -13.77 40.86 -28.23
N GLY E 64 -14.69 39.88 -28.25
CA GLY E 64 -15.63 39.73 -29.34
C GLY E 64 -16.88 39.03 -28.85
N SER E 65 -17.50 38.24 -29.72
CA SER E 65 -18.71 37.50 -29.35
C SER E 65 -18.83 36.29 -30.26
N GLN E 66 -18.61 35.09 -29.71
CA GLN E 66 -18.74 33.86 -30.47
C GLN E 66 -20.19 33.37 -30.40
N GLU E 67 -20.46 32.22 -31.02
CA GLU E 67 -21.79 31.64 -31.03
C GLU E 67 -21.67 30.12 -31.07
N CYS E 68 -22.79 29.46 -30.77
CA CYS E 68 -22.87 28.00 -30.77
C CYS E 68 -23.57 27.53 -32.03
N THR E 69 -22.98 26.53 -32.70
CA THR E 69 -23.52 25.98 -33.93
C THR E 69 -23.69 24.47 -33.74
N PRO E 70 -24.90 23.92 -33.87
CA PRO E 70 -25.06 22.47 -33.67
C PRO E 70 -24.42 21.67 -34.79
N THR E 71 -24.04 20.43 -34.45
CA THR E 71 -23.48 19.50 -35.42
C THR E 71 -24.07 18.09 -35.32
N TYR E 72 -24.85 17.79 -34.27
CA TYR E 72 -25.57 16.53 -34.15
C TYR E 72 -24.63 15.33 -34.10
N ARG E 73 -23.65 15.40 -33.19
CA ARG E 73 -22.88 14.22 -32.81
C ARG E 73 -23.53 13.55 -31.61
N PRO E 74 -23.19 12.28 -31.34
CA PRO E 74 -23.86 11.58 -30.24
C PRO E 74 -23.63 12.26 -28.89
N ASP E 75 -24.72 12.68 -28.26
CA ASP E 75 -24.67 13.33 -26.94
C ASP E 75 -23.76 14.55 -26.96
N GLU E 76 -23.79 15.29 -28.06
CA GLU E 76 -22.90 16.45 -28.21
C GLU E 76 -23.29 17.54 -27.22
N GLN E 77 -22.28 18.23 -26.71
CA GLN E 77 -22.49 19.38 -25.84
C GLN E 77 -21.58 20.51 -26.27
N CYS E 78 -22.05 21.74 -26.11
CA CYS E 78 -21.29 22.93 -26.45
C CYS E 78 -21.75 24.08 -25.58
N LYS E 79 -20.84 24.99 -25.29
CA LYS E 79 -21.13 26.09 -24.37
C LYS E 79 -20.14 27.22 -24.64
N VAL E 80 -20.55 28.43 -24.27
CA VAL E 80 -19.74 29.64 -24.41
C VAL E 80 -19.43 30.18 -23.01
N PHE E 81 -18.20 30.64 -22.84
CA PHE E 81 -17.72 31.18 -21.57
C PHE E 81 -17.04 32.51 -21.81
N THR E 82 -17.11 33.39 -20.79
CA THR E 82 -16.54 34.72 -20.85
C THR E 82 -15.71 34.98 -19.61
N GLY E 83 -14.77 35.92 -19.74
CA GLY E 83 -13.91 36.29 -18.63
C GLY E 83 -12.61 35.54 -18.55
N VAL E 84 -12.18 34.87 -19.61
CA VAL E 84 -10.96 34.10 -19.61
C VAL E 84 -9.79 35.02 -19.94
N TYR E 85 -8.65 34.77 -19.31
CA TYR E 85 -7.42 35.54 -19.53
C TYR E 85 -6.32 34.54 -19.88
N PRO E 86 -6.25 34.09 -21.12
CA PRO E 86 -5.40 32.95 -21.46
C PRO E 86 -3.92 33.25 -21.34
N PHE E 87 -3.15 32.19 -21.13
CA PHE E 87 -1.70 32.22 -21.13
C PHE E 87 -1.16 31.20 -22.13
N MET E 88 0.05 31.46 -22.62
CA MET E 88 0.78 30.54 -23.46
C MET E 88 2.24 30.56 -23.03
N TRP E 89 3.04 29.67 -23.61
CA TRP E 89 4.45 29.61 -23.23
C TRP E 89 5.22 30.86 -23.64
N GLY E 90 4.66 31.70 -24.50
CA GLY E 90 5.28 32.95 -24.89
C GLY E 90 4.55 34.17 -24.38
N GLY E 91 4.00 34.06 -23.16
CA GLY E 91 3.32 35.18 -22.53
C GLY E 91 1.81 35.13 -22.69
N ALA E 92 1.19 36.31 -22.83
CA ALA E 92 -0.25 36.40 -22.97
C ALA E 92 -0.63 36.28 -24.44
N TYR E 93 -1.72 35.54 -24.71
CA TYR E 93 -2.11 35.28 -26.09
C TYR E 93 -2.52 36.58 -26.79
N CYS E 94 -3.40 37.36 -26.17
CA CYS E 94 -3.87 38.62 -26.74
C CYS E 94 -3.95 39.65 -25.62
N PHE E 95 -4.51 40.82 -25.95
CA PHE E 95 -4.38 42.02 -25.13
C PHE E 95 -5.63 42.39 -24.35
N CYS E 96 -6.82 42.17 -24.91
CA CYS E 96 -8.04 42.63 -24.27
C CYS E 96 -8.23 41.97 -22.90
N ASP E 97 -8.42 42.80 -21.87
CA ASP E 97 -8.51 42.30 -20.51
C ASP E 97 -9.82 41.55 -20.28
N THR E 98 -10.94 42.14 -20.68
CA THR E 98 -12.27 41.59 -20.46
C THR E 98 -12.98 41.37 -21.79
N GLU E 99 -14.21 40.87 -21.70
CA GLU E 99 -15.04 40.52 -22.85
C GLU E 99 -14.37 39.42 -23.67
N ASN E 100 -13.44 38.66 -23.08
CA ASN E 100 -12.79 37.57 -23.79
C ASN E 100 -13.72 36.38 -23.91
N THR E 101 -13.82 35.81 -25.11
CA THR E 101 -14.79 34.78 -25.40
C THR E 101 -14.09 33.46 -25.70
N GLN E 102 -14.58 32.38 -25.09
CA GLN E 102 -14.17 31.02 -25.42
C GLN E 102 -15.42 30.21 -25.69
N VAL E 103 -15.32 29.22 -26.58
CA VAL E 103 -16.42 28.31 -26.85
C VAL E 103 -15.86 26.89 -26.84
N SER E 104 -16.41 26.06 -25.96
CA SER E 104 -15.97 24.68 -25.78
C SER E 104 -17.06 23.73 -26.26
N LYS E 105 -16.63 22.58 -26.77
CA LYS E 105 -17.55 21.58 -27.28
C LYS E 105 -16.92 20.20 -27.13
N ALA E 106 -17.77 19.20 -26.88
CA ALA E 106 -17.31 17.84 -26.66
C ALA E 106 -18.41 16.87 -27.05
N TYR E 107 -18.02 15.61 -27.23
CA TYR E 107 -18.93 14.55 -27.62
C TYR E 107 -18.30 13.23 -27.23
N VAL E 108 -19.00 12.12 -27.52
CA VAL E 108 -18.50 10.78 -27.25
C VAL E 108 -18.49 10.00 -28.55
N MET E 109 -17.38 9.32 -28.81
CA MET E 109 -17.20 8.55 -30.04
C MET E 109 -16.76 7.13 -29.69
N LYS E 110 -16.90 6.24 -30.68
CA LYS E 110 -16.55 4.85 -30.47
C LYS E 110 -15.05 4.69 -30.30
N SER E 111 -14.65 3.83 -29.37
CA SER E 111 -13.24 3.61 -29.09
C SER E 111 -12.59 2.85 -30.26
N ASP E 112 -11.26 2.85 -30.26
CA ASP E 112 -10.49 2.23 -31.33
C ASP E 112 -10.41 0.72 -31.20
N ASP E 113 -10.82 0.14 -30.07
CA ASP E 113 -10.70 -1.29 -29.81
C ASP E 113 -12.02 -2.04 -29.97
N CYS E 114 -13.03 -1.42 -30.62
CA CYS E 114 -14.32 -2.06 -30.74
C CYS E 114 -14.26 -3.31 -31.61
N LEU E 115 -13.36 -3.34 -32.61
CA LEU E 115 -13.32 -4.44 -33.54
C LEU E 115 -12.91 -5.75 -32.89
N ALA E 116 -12.27 -5.71 -31.72
CA ALA E 116 -11.84 -6.91 -31.02
C ALA E 116 -12.48 -7.07 -29.65
N ASP E 117 -12.60 -5.99 -28.87
CA ASP E 117 -13.16 -6.03 -27.52
C ASP E 117 -14.54 -5.35 -27.57
N HIS E 118 -15.59 -6.16 -27.48
CA HIS E 118 -16.95 -5.64 -27.49
C HIS E 118 -17.89 -6.68 -26.92
N ALA E 119 -19.04 -6.23 -26.43
CA ALA E 119 -20.07 -7.09 -25.87
C ALA E 119 -21.33 -7.00 -26.72
N GLU E 120 -21.93 -8.17 -27.00
CA GLU E 120 -23.10 -8.29 -27.85
C GLU E 120 -24.31 -8.63 -27.01
N ALA E 121 -25.49 -8.14 -27.40
CA ALA E 121 -26.73 -8.43 -26.71
C ALA E 121 -27.65 -9.22 -27.63
N TYR E 122 -28.10 -10.40 -27.17
CA TYR E 122 -28.92 -11.30 -27.97
C TYR E 122 -30.19 -11.68 -27.25
N LYS E 123 -31.22 -11.99 -28.02
CA LYS E 123 -32.46 -12.59 -27.56
C LYS E 123 -32.59 -13.97 -28.17
N ALA E 124 -32.91 -14.96 -27.34
CA ALA E 124 -32.92 -16.36 -27.74
C ALA E 124 -34.29 -16.98 -27.47
N HIS E 125 -34.66 -17.94 -28.31
CA HIS E 125 -35.94 -18.65 -28.21
C HIS E 125 -35.94 -19.77 -29.25
N THR E 126 -36.93 -20.66 -29.11
CA THR E 126 -37.20 -21.72 -30.08
C THR E 126 -35.97 -22.60 -30.31
N ALA E 127 -35.60 -23.31 -29.23
CA ALA E 127 -34.48 -24.24 -29.31
C ALA E 127 -34.79 -25.38 -30.26
N SER E 128 -33.77 -25.81 -31.01
CA SER E 128 -33.86 -26.93 -31.94
C SER E 128 -32.67 -27.85 -31.69
N VAL E 129 -32.88 -28.88 -30.89
CA VAL E 129 -31.81 -29.78 -30.48
C VAL E 129 -31.56 -30.80 -31.58
N GLN E 130 -30.29 -31.18 -31.76
CA GLN E 130 -29.90 -32.23 -32.69
C GLN E 130 -28.74 -33.00 -32.10
N ALA E 131 -28.60 -34.27 -32.49
CA ALA E 131 -27.72 -35.20 -31.80
C ALA E 131 -26.87 -35.98 -32.81
N PHE E 132 -25.77 -36.54 -32.30
CA PHE E 132 -24.89 -37.43 -33.05
C PHE E 132 -25.00 -38.82 -32.44
N LEU E 133 -25.37 -39.79 -33.26
CA LEU E 133 -25.59 -41.16 -32.84
C LEU E 133 -24.60 -42.08 -33.53
N ASN E 134 -23.93 -42.94 -32.76
CA ASN E 134 -23.21 -44.09 -33.31
C ASN E 134 -24.09 -45.31 -33.07
N ILE E 135 -24.60 -45.89 -34.16
CA ILE E 135 -25.66 -46.90 -34.10
C ILE E 135 -25.18 -48.16 -34.79
N THR E 136 -25.41 -49.31 -34.17
CA THR E 136 -25.13 -50.61 -34.75
C THR E 136 -26.45 -51.39 -34.83
N VAL E 137 -26.87 -51.65 -36.07
CA VAL E 137 -27.99 -52.54 -36.38
C VAL E 137 -27.45 -53.73 -37.17
N GLY E 138 -27.68 -54.93 -36.63
CA GLY E 138 -27.21 -56.14 -37.29
C GLY E 138 -25.73 -56.11 -37.61
N GLU E 139 -24.89 -55.96 -36.57
CA GLU E 139 -23.43 -55.85 -36.68
C GLU E 139 -23.00 -54.97 -37.86
N HIS E 140 -23.68 -53.83 -37.99
CA HIS E 140 -23.32 -52.81 -38.98
C HIS E 140 -23.35 -51.47 -38.28
N SER E 141 -22.17 -50.93 -37.95
CA SER E 141 -22.06 -49.69 -37.20
C SER E 141 -21.92 -48.51 -38.16
N ILE E 142 -22.51 -47.37 -37.77
CA ILE E 142 -22.44 -46.16 -38.58
C ILE E 142 -22.65 -44.96 -37.67
N VAL E 143 -22.02 -43.84 -38.02
CA VAL E 143 -22.19 -42.56 -37.33
C VAL E 143 -23.18 -41.72 -38.13
N THR E 144 -24.04 -40.99 -37.42
CA THR E 144 -25.13 -40.27 -38.07
C THR E 144 -25.46 -39.03 -37.26
N THR E 145 -25.91 -37.99 -37.97
CA THR E 145 -26.47 -36.78 -37.37
C THR E 145 -27.97 -36.80 -37.53
N VAL E 146 -28.70 -36.67 -36.42
CA VAL E 146 -30.14 -36.81 -36.40
C VAL E 146 -30.78 -35.60 -35.74
N TYR E 147 -31.84 -35.09 -36.37
CA TYR E 147 -32.69 -34.05 -35.80
C TYR E 147 -33.90 -34.72 -35.16
N VAL E 148 -34.18 -34.37 -33.91
CA VAL E 148 -35.10 -35.14 -33.10
C VAL E 148 -36.52 -34.58 -33.21
N ASN E 149 -36.74 -33.69 -34.19
CA ASN E 149 -38.07 -33.16 -34.41
C ASN E 149 -39.02 -34.28 -34.87
N GLY E 150 -40.28 -33.92 -35.08
CA GLY E 150 -41.30 -34.89 -35.42
C GLY E 150 -41.23 -35.40 -36.84
N GLU E 151 -40.26 -34.93 -37.61
CA GLU E 151 -40.07 -35.36 -39.00
C GLU E 151 -38.57 -35.53 -39.22
N THR E 152 -38.15 -35.58 -40.49
CA THR E 152 -36.75 -35.73 -40.88
C THR E 152 -36.18 -37.07 -40.41
N PRO E 153 -36.72 -38.19 -40.88
CA PRO E 153 -36.06 -39.48 -40.59
C PRO E 153 -34.77 -39.61 -41.36
N VAL E 154 -33.88 -40.46 -40.85
CA VAL E 154 -32.58 -40.73 -41.47
C VAL E 154 -32.59 -42.16 -41.97
N ASN E 155 -32.13 -42.34 -43.21
CA ASN E 155 -32.15 -43.62 -43.91
C ASN E 155 -30.74 -44.12 -44.13
N PHE E 156 -30.54 -45.43 -43.99
CA PHE E 156 -29.26 -46.04 -44.37
C PHE E 156 -29.47 -47.54 -44.52
N ASN E 157 -28.85 -48.11 -45.56
CA ASN E 157 -28.92 -49.52 -45.93
C ASN E 157 -30.31 -50.12 -45.75
N GLY E 158 -31.35 -49.34 -46.05
CA GLY E 158 -32.71 -49.78 -46.00
C GLY E 158 -33.46 -49.37 -44.74
N VAL E 159 -32.81 -49.41 -43.58
CA VAL E 159 -33.47 -49.09 -42.31
C VAL E 159 -33.58 -47.58 -42.17
N LYS E 160 -34.72 -47.14 -41.62
CA LYS E 160 -34.95 -45.72 -41.37
C LYS E 160 -35.28 -45.51 -39.89
N ILE E 161 -34.87 -44.35 -39.39
CA ILE E 161 -34.97 -44.00 -37.98
C ILE E 161 -35.65 -42.65 -37.87
N THR E 162 -36.62 -42.54 -36.96
CA THR E 162 -37.26 -41.26 -36.66
C THR E 162 -37.33 -41.09 -35.14
N ALA E 163 -36.83 -39.96 -34.65
CA ALA E 163 -36.78 -39.68 -33.22
C ALA E 163 -37.87 -38.68 -32.86
N GLY E 164 -38.72 -39.05 -31.91
CA GLY E 164 -39.83 -38.21 -31.51
C GLY E 164 -39.36 -37.02 -30.69
N PRO E 165 -40.23 -36.03 -30.53
CA PRO E 165 -39.83 -34.80 -29.81
C PRO E 165 -39.57 -35.06 -28.34
N LEU E 166 -38.80 -34.15 -27.74
CA LEU E 166 -38.48 -34.26 -26.32
C LEU E 166 -39.75 -34.19 -25.47
N SER E 167 -39.75 -34.93 -24.37
CA SER E 167 -40.85 -34.85 -23.42
C SER E 167 -40.88 -33.51 -22.68
N THR E 168 -39.76 -32.78 -22.66
CA THR E 168 -39.65 -31.50 -21.98
C THR E 168 -39.09 -30.46 -22.93
N ALA E 169 -39.65 -29.25 -22.88
CA ALA E 169 -39.21 -28.13 -23.71
C ALA E 169 -38.34 -27.14 -22.94
N TRP E 170 -37.86 -27.53 -21.76
CA TRP E 170 -37.03 -26.64 -20.96
C TRP E 170 -35.72 -26.32 -21.68
N THR E 171 -35.24 -25.10 -21.47
CA THR E 171 -33.99 -24.61 -22.04
C THR E 171 -33.18 -23.91 -20.95
N PRO E 172 -31.84 -23.93 -21.04
CA PRO E 172 -31.05 -23.23 -20.02
C PRO E 172 -30.93 -21.73 -20.23
N PHE E 173 -31.30 -21.22 -21.41
CA PHE E 173 -31.15 -19.81 -21.74
C PHE E 173 -32.45 -19.08 -21.49
N ASP E 174 -32.36 -17.92 -20.83
CA ASP E 174 -33.51 -17.06 -20.59
C ASP E 174 -33.81 -16.27 -21.86
N ARG E 175 -34.74 -15.32 -21.77
CA ARG E 175 -35.14 -14.57 -22.96
C ARG E 175 -34.01 -13.68 -23.48
N LYS E 176 -33.09 -13.27 -22.61
CA LYS E 176 -32.02 -12.34 -22.96
C LYS E 176 -30.68 -12.88 -22.49
N ILE E 177 -29.64 -12.68 -23.32
CA ILE E 177 -28.28 -13.08 -22.98
C ILE E 177 -27.30 -12.02 -23.47
N VAL E 178 -26.13 -12.00 -22.85
CA VAL E 178 -25.05 -11.08 -23.21
C VAL E 178 -23.81 -11.91 -23.50
N GLN E 179 -23.26 -11.75 -24.70
CA GLN E 179 -22.08 -12.48 -25.14
C GLN E 179 -20.85 -11.58 -25.03
N TYR E 180 -19.78 -12.12 -24.43
CA TYR E 180 -18.55 -11.37 -24.26
C TYR E 180 -17.40 -12.28 -23.85
N ALA E 181 -16.25 -12.11 -24.51
CA ALA E 181 -15.01 -12.81 -24.13
C ALA E 181 -15.21 -14.32 -24.12
N GLY E 182 -15.96 -14.83 -25.10
CA GLY E 182 -16.19 -16.26 -25.18
C GLY E 182 -17.07 -16.81 -24.09
N GLU E 183 -17.86 -15.97 -23.42
CA GLU E 183 -18.76 -16.40 -22.37
C GLU E 183 -20.12 -15.76 -22.57
N ILE E 184 -21.14 -16.39 -22.00
CA ILE E 184 -22.53 -15.96 -22.15
C ILE E 184 -23.10 -15.77 -20.76
N TYR E 185 -23.56 -14.55 -20.46
CA TYR E 185 -24.10 -14.19 -19.16
C TYR E 185 -25.59 -13.94 -19.27
N ASN E 186 -26.32 -14.28 -18.21
CA ASN E 186 -27.78 -14.14 -18.16
C ASN E 186 -28.13 -12.81 -17.47
N TYR E 187 -27.89 -11.73 -18.22
CA TYR E 187 -28.07 -10.37 -17.72
C TYR E 187 -29.27 -9.71 -18.39
N ASP E 188 -30.01 -8.94 -17.59
CA ASP E 188 -31.23 -8.27 -18.04
C ASP E 188 -30.86 -6.85 -18.47
N PHE E 189 -30.61 -6.68 -19.79
CA PHE E 189 -30.17 -5.40 -20.32
C PHE E 189 -31.36 -4.57 -20.80
N PRO E 190 -31.24 -3.23 -20.80
CA PRO E 190 -32.36 -2.41 -21.26
C PRO E 190 -32.47 -2.39 -22.78
N GLU E 191 -33.66 -2.01 -23.25
CA GLU E 191 -33.94 -2.01 -24.67
C GLU E 191 -33.09 -0.96 -25.39
N TYR E 192 -33.18 -0.96 -26.71
CA TYR E 192 -32.41 -0.05 -27.55
C TYR E 192 -32.92 1.37 -27.35
N GLY E 193 -32.10 2.21 -26.70
CA GLY E 193 -32.41 3.61 -26.48
C GLY E 193 -32.73 3.96 -25.04
N ALA E 194 -33.06 2.98 -24.20
CA ALA E 194 -33.41 3.22 -22.80
C ALA E 194 -32.21 3.13 -21.87
N GLY E 195 -30.98 3.19 -22.39
CA GLY E 195 -29.82 3.10 -21.53
C GLY E 195 -29.69 4.30 -20.61
N GLN E 196 -29.03 4.08 -19.48
CA GLN E 196 -28.79 5.10 -18.47
C GLN E 196 -27.29 5.20 -18.19
N PRO E 197 -26.79 6.36 -17.76
CA PRO E 197 -25.35 6.50 -17.52
C PRO E 197 -24.89 5.62 -16.38
N GLY E 198 -23.68 5.06 -16.53
CA GLY E 198 -23.03 4.31 -15.48
C GLY E 198 -23.38 2.83 -15.45
N ALA E 199 -24.44 2.42 -16.12
CA ALA E 199 -24.84 1.02 -16.21
C ALA E 199 -24.55 0.48 -17.60
N PHE E 200 -24.66 -0.83 -17.75
CA PHE E 200 -24.48 -1.44 -19.06
C PHE E 200 -25.51 -0.89 -20.03
N GLY E 201 -25.02 -0.19 -21.05
CA GLY E 201 -25.89 0.47 -22.02
C GLY E 201 -25.65 1.97 -22.13
N ASP E 202 -24.43 2.41 -21.79
CA ASP E 202 -24.09 3.82 -21.99
C ASP E 202 -24.06 4.18 -23.47
N ILE E 203 -23.59 3.27 -24.32
CA ILE E 203 -23.46 3.50 -25.76
C ILE E 203 -24.19 2.37 -26.48
N GLN E 204 -24.97 2.73 -27.50
CA GLN E 204 -25.68 1.76 -28.33
C GLN E 204 -25.32 1.98 -29.79
N SER E 205 -24.78 0.94 -30.41
CA SER E 205 -24.51 0.90 -31.84
C SER E 205 -25.15 -0.35 -32.43
N ARG E 206 -25.83 -0.18 -33.56
CA ARG E 206 -26.61 -1.28 -34.11
C ARG E 206 -25.72 -2.43 -34.58
N THR E 207 -24.55 -2.12 -35.13
CA THR E 207 -23.63 -3.14 -35.60
C THR E 207 -22.21 -2.70 -35.30
N VAL E 208 -21.27 -3.65 -35.37
CA VAL E 208 -19.86 -3.34 -35.15
C VAL E 208 -19.37 -2.34 -36.20
N SER E 209 -19.85 -2.47 -37.43
CA SER E 209 -19.49 -1.57 -38.53
C SER E 209 -20.55 -0.51 -38.78
N SER E 210 -21.41 -0.25 -37.80
CA SER E 210 -22.46 0.75 -37.96
C SER E 210 -21.85 2.15 -38.02
N SER E 211 -22.69 3.13 -38.37
CA SER E 211 -22.27 4.53 -38.46
C SER E 211 -22.99 5.35 -37.40
N ASP E 212 -24.24 5.02 -37.13
CA ASP E 212 -25.03 5.73 -36.12
C ASP E 212 -24.85 5.08 -34.75
N LEU E 213 -24.74 5.90 -33.72
CA LEU E 213 -24.64 5.45 -32.35
C LEU E 213 -25.32 6.43 -31.42
N TYR E 214 -26.09 5.92 -30.46
CA TYR E 214 -26.80 6.75 -29.50
C TYR E 214 -26.14 6.61 -28.14
N ALA E 215 -25.88 7.76 -27.50
CA ALA E 215 -25.15 7.82 -26.24
C ALA E 215 -25.88 8.73 -25.26
N ASN E 216 -25.97 8.28 -24.01
CA ASN E 216 -26.48 9.09 -22.90
C ASN E 216 -25.48 8.91 -21.75
N THR E 217 -24.42 9.72 -21.75
CA THR E 217 -23.36 9.64 -20.75
C THR E 217 -23.45 10.73 -19.69
N ASN E 218 -24.42 11.64 -19.78
CA ASN E 218 -24.57 12.74 -18.83
C ASN E 218 -23.32 13.61 -18.81
N LEU E 219 -22.97 14.14 -19.98
CA LEU E 219 -21.80 14.99 -20.14
C LEU E 219 -22.19 16.43 -19.82
N VAL E 220 -21.66 16.95 -18.72
CA VAL E 220 -21.87 18.33 -18.31
C VAL E 220 -20.53 19.05 -18.37
N LEU E 221 -20.52 20.20 -19.03
CA LEU E 221 -19.29 20.97 -19.23
C LEU E 221 -19.07 21.91 -18.06
N GLN E 222 -17.79 22.19 -17.78
CA GLN E 222 -17.38 22.93 -16.59
C GLN E 222 -16.53 24.14 -17.00
N ARG E 223 -16.52 25.13 -16.13
CA ARG E 223 -15.78 26.36 -16.40
C ARG E 223 -14.27 26.07 -16.44
N PRO E 224 -13.53 26.69 -17.36
CA PRO E 224 -12.07 26.52 -17.35
C PRO E 224 -11.41 27.29 -16.23
N LYS E 225 -10.19 26.86 -15.89
CA LYS E 225 -9.40 27.55 -14.88
C LYS E 225 -8.86 28.87 -15.43
N ALA E 226 -8.76 29.85 -14.56
CA ALA E 226 -8.21 31.15 -14.96
C ALA E 226 -6.74 31.01 -15.32
N GLY E 227 -6.33 31.72 -16.37
CA GLY E 227 -4.95 31.69 -16.81
C GLY E 227 -4.50 30.33 -17.28
N ALA E 228 -5.34 29.67 -18.08
CA ALA E 228 -5.04 28.33 -18.57
C ALA E 228 -5.79 28.11 -19.88
N ILE E 229 -5.50 26.99 -20.53
CA ILE E 229 -6.10 26.62 -21.81
C ILE E 229 -6.49 25.15 -21.72
N HIS E 230 -7.77 24.88 -21.46
CA HIS E 230 -8.29 23.51 -21.49
C HIS E 230 -9.81 23.58 -21.44
N VAL E 231 -10.44 22.42 -21.58
CA VAL E 231 -11.90 22.30 -21.62
C VAL E 231 -12.34 21.26 -20.60
N PRO E 232 -12.41 21.61 -19.31
CA PRO E 232 -12.75 20.59 -18.30
C PRO E 232 -14.14 20.02 -18.51
N TYR E 233 -14.27 18.72 -18.27
CA TYR E 233 -15.53 18.01 -18.43
C TYR E 233 -15.67 16.97 -17.33
N THR E 234 -16.91 16.60 -17.03
CA THR E 234 -17.19 15.60 -16.01
C THR E 234 -18.34 14.71 -16.48
N GLN E 235 -18.17 13.40 -16.30
CA GLN E 235 -19.23 12.45 -16.59
C GLN E 235 -19.00 11.21 -15.74
N ALA E 236 -20.05 10.42 -15.57
CA ALA E 236 -19.95 9.21 -14.78
C ALA E 236 -19.08 8.18 -15.49
N PRO E 237 -18.53 7.22 -14.75
CA PRO E 237 -17.71 6.18 -15.40
C PRO E 237 -18.53 5.37 -16.38
N SER E 238 -17.87 4.91 -17.45
CA SER E 238 -18.53 4.05 -18.41
C SER E 238 -19.03 2.78 -17.73
N GLY E 239 -20.27 2.39 -18.05
CA GLY E 239 -20.87 1.26 -17.37
C GLY E 239 -20.27 -0.08 -17.74
N PHE E 240 -19.52 -0.15 -18.84
CA PHE E 240 -19.00 -1.43 -19.30
C PHE E 240 -18.01 -2.01 -18.29
N GLU E 241 -17.00 -1.23 -17.90
CA GLU E 241 -16.03 -1.74 -16.95
C GLU E 241 -16.62 -1.89 -15.55
N GLN E 242 -17.58 -1.04 -15.19
CA GLN E 242 -18.25 -1.20 -13.91
C GLN E 242 -19.01 -2.52 -13.83
N TRP E 243 -19.70 -2.87 -14.92
CA TRP E 243 -20.38 -4.17 -14.97
C TRP E 243 -19.38 -5.31 -15.05
N LYS E 244 -18.23 -5.09 -15.70
CA LYS E 244 -17.18 -6.11 -15.70
C LYS E 244 -16.71 -6.40 -14.29
N LYS E 245 -16.52 -5.35 -13.48
CA LYS E 245 -16.04 -5.52 -12.12
C LYS E 245 -17.01 -6.30 -11.24
N ASP E 246 -18.31 -6.26 -11.54
CA ASP E 246 -19.34 -6.91 -10.75
C ASP E 246 -19.99 -8.02 -11.56
N LYS E 247 -19.17 -8.81 -12.25
CA LYS E 247 -19.68 -9.92 -13.04
C LYS E 247 -20.11 -11.06 -12.13
N ALA E 248 -21.29 -11.61 -12.38
CA ALA E 248 -21.70 -12.84 -11.74
C ALA E 248 -20.97 -14.01 -12.39
N PRO E 249 -20.93 -15.17 -11.75
CA PRO E 249 -20.29 -16.33 -12.37
C PRO E 249 -20.94 -16.67 -13.71
N SER E 250 -20.10 -17.11 -14.65
CA SER E 250 -20.59 -17.38 -16.01
C SER E 250 -21.64 -18.49 -15.98
N LEU E 251 -22.51 -18.46 -16.99
CA LEU E 251 -23.60 -19.43 -17.04
C LEU E 251 -23.09 -20.86 -17.14
N LYS E 252 -21.87 -21.05 -17.68
CA LYS E 252 -21.29 -22.38 -17.78
C LYS E 252 -20.88 -22.96 -16.44
N PHE E 253 -20.84 -22.16 -15.37
CA PHE E 253 -20.55 -22.63 -14.03
C PHE E 253 -21.79 -22.74 -13.15
N THR E 254 -22.96 -22.34 -13.65
CA THR E 254 -24.18 -22.29 -12.85
C THR E 254 -25.39 -22.90 -13.54
N ALA E 255 -25.29 -23.24 -14.82
CA ALA E 255 -26.44 -23.80 -15.52
C ALA E 255 -26.83 -25.14 -14.90
N PRO E 256 -28.08 -25.30 -14.44
CA PRO E 256 -28.45 -26.58 -13.83
C PRO E 256 -28.46 -27.72 -14.86
N PHE E 257 -28.31 -28.94 -14.34
CA PHE E 257 -28.23 -30.18 -15.10
C PHE E 257 -26.92 -30.32 -15.89
N GLY E 258 -26.01 -29.35 -15.76
CA GLY E 258 -24.66 -29.52 -16.30
C GLY E 258 -24.53 -29.34 -17.80
N CYS E 259 -25.09 -28.28 -18.34
CA CYS E 259 -25.04 -28.02 -19.79
C CYS E 259 -23.77 -27.23 -20.11
N GLU E 260 -22.93 -27.80 -20.98
CA GLU E 260 -21.64 -27.20 -21.33
C GLU E 260 -21.85 -26.19 -22.45
N ILE E 261 -21.39 -24.97 -22.24
CA ILE E 261 -21.71 -23.83 -23.10
C ILE E 261 -20.54 -23.55 -24.03
N TYR E 262 -20.83 -23.29 -25.30
CA TYR E 262 -19.81 -23.00 -26.30
C TYR E 262 -20.29 -21.88 -27.22
N THR E 263 -19.34 -21.20 -27.85
CA THR E 263 -19.50 -19.82 -28.29
C THR E 263 -19.64 -19.63 -29.81
N ASN E 264 -18.91 -20.38 -30.62
CA ASN E 264 -18.91 -20.14 -32.06
C ASN E 264 -20.28 -20.18 -32.76
N PRO E 265 -21.15 -21.18 -32.62
CA PRO E 265 -22.55 -20.83 -32.32
C PRO E 265 -22.86 -20.98 -30.84
N ILE E 266 -23.66 -20.05 -30.32
CA ILE E 266 -24.08 -20.08 -28.93
C ILE E 266 -24.87 -21.38 -28.74
N ARG E 267 -24.26 -22.35 -28.05
CA ARG E 267 -24.86 -23.67 -27.97
C ARG E 267 -24.57 -24.29 -26.62
N ALA E 268 -25.44 -25.22 -26.23
CA ALA E 268 -25.25 -26.06 -25.05
C ALA E 268 -25.07 -27.50 -25.50
N GLU E 269 -24.35 -28.28 -24.70
CA GLU E 269 -24.11 -29.67 -25.04
C GLU E 269 -24.02 -30.54 -23.79
N ASN E 270 -24.41 -31.79 -23.97
CA ASN E 270 -24.18 -32.89 -23.02
C ASN E 270 -24.68 -32.54 -21.62
N CYS E 271 -26.01 -32.41 -21.52
CA CYS E 271 -26.69 -32.38 -20.24
C CYS E 271 -27.98 -33.17 -20.34
N ALA E 272 -28.27 -33.96 -19.32
CA ALA E 272 -29.34 -34.95 -19.36
C ALA E 272 -30.63 -34.37 -18.80
N VAL E 273 -31.70 -34.46 -19.58
CA VAL E 273 -33.03 -34.09 -19.11
C VAL E 273 -34.05 -34.78 -20.02
N GLY E 274 -35.05 -35.41 -19.39
CA GLY E 274 -36.07 -36.09 -20.16
C GLY E 274 -35.54 -37.36 -20.81
N SER E 275 -36.23 -37.78 -21.86
CA SER E 275 -35.88 -38.99 -22.60
C SER E 275 -36.38 -38.87 -24.03
N ILE E 276 -35.65 -39.47 -24.95
CA ILE E 276 -35.95 -39.39 -26.38
C ILE E 276 -36.69 -40.66 -26.79
N PRO E 277 -37.92 -40.57 -27.33
CA PRO E 277 -38.53 -41.77 -27.93
C PRO E 277 -38.10 -41.95 -29.38
N LEU E 278 -37.64 -43.16 -29.68
CA LEU E 278 -37.14 -43.52 -31.00
C LEU E 278 -38.09 -44.53 -31.65
N ALA E 279 -38.19 -44.45 -32.98
CA ALA E 279 -38.95 -45.40 -33.77
C ALA E 279 -38.12 -45.86 -34.95
N PHE E 280 -38.02 -47.17 -35.12
CA PHE E 280 -37.26 -47.81 -36.19
C PHE E 280 -38.23 -48.44 -37.17
N ASP E 281 -37.87 -48.39 -38.46
CA ASP E 281 -38.52 -49.20 -39.48
C ASP E 281 -37.44 -49.93 -40.25
N ILE E 282 -37.40 -51.25 -40.10
CA ILE E 282 -36.34 -52.09 -40.63
C ILE E 282 -36.92 -52.89 -41.80
N PRO E 283 -36.29 -52.89 -42.98
CA PRO E 283 -36.80 -53.73 -44.06
C PRO E 283 -36.56 -55.21 -43.79
N ASP E 284 -37.30 -56.04 -44.53
CA ASP E 284 -37.24 -57.49 -44.30
C ASP E 284 -35.94 -58.11 -44.81
N ALA E 285 -35.12 -57.37 -45.55
CA ALA E 285 -33.95 -57.96 -46.18
C ALA E 285 -32.90 -58.37 -45.14
N LEU E 286 -32.75 -57.58 -44.08
CA LEU E 286 -31.65 -57.78 -43.14
C LEU E 286 -31.87 -58.94 -42.17
N PHE E 287 -33.06 -59.52 -42.17
CA PHE E 287 -33.45 -60.54 -41.20
C PHE E 287 -33.08 -61.93 -41.68
N THR E 288 -33.05 -62.87 -40.74
CA THR E 288 -32.64 -64.25 -41.01
C THR E 288 -33.57 -65.22 -40.28
N ARG E 289 -33.88 -66.34 -40.95
CA ARG E 289 -34.74 -67.39 -40.41
C ARG E 289 -34.06 -68.08 -39.22
N VAL E 290 -34.86 -68.56 -38.27
CA VAL E 290 -34.29 -69.09 -37.03
C VAL E 290 -33.52 -70.39 -37.30
N SER E 291 -34.02 -71.22 -38.22
CA SER E 291 -33.46 -72.55 -38.43
C SER E 291 -31.97 -72.52 -38.79
N GLU E 292 -31.49 -71.43 -39.39
CA GLU E 292 -30.08 -71.27 -39.69
C GLU E 292 -29.28 -70.70 -38.53
N THR E 293 -29.93 -70.36 -37.41
CA THR E 293 -29.25 -69.89 -36.21
C THR E 293 -29.31 -70.97 -35.12
N PRO E 294 -28.34 -71.01 -34.19
CA PRO E 294 -28.40 -72.03 -33.14
C PRO E 294 -29.61 -71.85 -32.25
N THR E 295 -30.26 -72.97 -31.93
CA THR E 295 -31.34 -73.03 -30.94
C THR E 295 -30.95 -74.04 -29.87
N LEU E 296 -31.17 -73.66 -28.61
CA LEU E 296 -30.68 -74.41 -27.46
C LEU E 296 -31.82 -74.89 -26.59
N SER E 297 -31.46 -75.68 -25.58
CA SER E 297 -32.40 -76.20 -24.60
C SER E 297 -31.63 -76.55 -23.34
N ALA E 298 -32.36 -76.74 -22.25
CA ALA E 298 -31.78 -77.10 -20.95
C ALA E 298 -30.79 -76.03 -20.49
N ALA E 299 -31.31 -74.81 -20.32
CA ALA E 299 -30.52 -73.66 -19.91
C ALA E 299 -30.85 -73.30 -18.47
N GLU E 300 -29.80 -73.18 -17.64
CA GLU E 300 -29.96 -72.83 -16.23
C GLU E 300 -29.00 -71.68 -15.89
N CYS E 301 -29.38 -70.90 -14.89
CA CYS E 301 -28.69 -69.68 -14.50
C CYS E 301 -28.10 -69.84 -13.10
N THR E 302 -26.83 -69.46 -12.96
CA THR E 302 -26.14 -69.49 -11.68
C THR E 302 -25.32 -68.21 -11.54
N LEU E 303 -25.58 -67.44 -10.48
CA LEU E 303 -24.87 -66.18 -10.26
C LEU E 303 -23.58 -66.46 -9.51
N ASN E 304 -22.45 -66.22 -10.17
CA ASN E 304 -21.14 -66.45 -9.54
C ASN E 304 -20.86 -65.41 -8.46
N GLU E 305 -21.09 -64.13 -8.77
CA GLU E 305 -20.80 -63.08 -7.81
C GLU E 305 -21.70 -61.89 -8.13
N CYS E 306 -22.13 -61.19 -7.08
CA CYS E 306 -23.28 -60.29 -7.19
C CYS E 306 -22.98 -59.02 -6.40
N VAL E 307 -23.11 -57.87 -7.05
CA VAL E 307 -22.93 -56.56 -6.42
C VAL E 307 -23.95 -55.60 -7.01
N TYR E 308 -24.44 -54.67 -6.18
CA TYR E 308 -25.29 -53.56 -6.66
C TYR E 308 -24.44 -52.31 -6.69
N SER E 309 -23.71 -52.13 -7.78
CA SER E 309 -22.75 -51.04 -7.94
C SER E 309 -23.02 -50.31 -9.25
N SER E 310 -22.51 -49.08 -9.32
CA SER E 310 -22.66 -48.28 -10.53
C SER E 310 -21.96 -48.95 -11.71
N ASP E 311 -20.81 -49.58 -11.46
CA ASP E 311 -20.11 -50.35 -12.47
C ASP E 311 -20.76 -51.72 -12.64
N PHE E 312 -20.18 -52.50 -13.54
CA PHE E 312 -20.60 -53.85 -13.89
C PHE E 312 -20.03 -54.81 -12.86
N GLY E 313 -20.68 -54.85 -11.71
CA GLY E 313 -20.23 -55.62 -10.57
C GLY E 313 -20.90 -56.97 -10.39
N GLY E 314 -21.70 -57.42 -11.35
CA GLY E 314 -22.34 -58.72 -11.27
C GLY E 314 -21.90 -59.64 -12.39
N ILE E 315 -21.45 -60.85 -12.04
CA ILE E 315 -21.00 -61.84 -13.01
C ILE E 315 -21.73 -63.15 -12.73
N ALA E 316 -22.29 -63.73 -13.79
CA ALA E 316 -23.04 -64.98 -13.71
C ALA E 316 -22.57 -65.91 -14.82
N THR E 317 -22.95 -67.18 -14.68
CA THR E 317 -22.62 -68.20 -15.66
C THR E 317 -23.89 -68.98 -16.01
N VAL E 318 -24.05 -69.26 -17.31
CA VAL E 318 -25.22 -69.98 -17.83
C VAL E 318 -24.72 -71.27 -18.45
N LYS E 319 -25.29 -72.40 -18.02
CA LYS E 319 -24.95 -73.72 -18.54
C LYS E 319 -25.94 -74.08 -19.64
N TYR E 320 -25.42 -74.33 -20.84
CA TYR E 320 -26.24 -74.52 -22.03
C TYR E 320 -25.89 -75.82 -22.73
N SER E 321 -26.93 -76.45 -23.29
CA SER E 321 -26.83 -77.62 -24.16
C SER E 321 -27.47 -77.20 -25.49
N ALA E 322 -26.66 -76.62 -26.37
CA ALA E 322 -27.15 -76.02 -27.61
C ALA E 322 -27.09 -77.04 -28.75
N SER E 323 -27.66 -76.63 -29.89
CA SER E 323 -27.68 -77.45 -31.10
C SER E 323 -26.53 -77.13 -32.04
N LYS E 324 -26.34 -75.85 -32.36
CA LYS E 324 -25.27 -75.38 -33.23
C LYS E 324 -24.39 -74.40 -32.47
N SER E 325 -23.28 -74.01 -33.11
CA SER E 325 -22.33 -73.07 -32.55
C SER E 325 -22.38 -71.77 -33.33
N GLY E 326 -22.53 -70.64 -32.61
CA GLY E 326 -22.59 -69.36 -33.28
C GLY E 326 -22.95 -68.26 -32.30
N LYS E 327 -23.21 -67.09 -32.88
CA LYS E 327 -23.54 -65.89 -32.12
C LYS E 327 -25.05 -65.76 -31.95
N CYS E 328 -25.47 -65.32 -30.77
CA CYS E 328 -26.85 -64.94 -30.54
C CYS E 328 -26.93 -64.09 -29.28
N ALA E 329 -27.93 -63.22 -29.22
CA ALA E 329 -27.98 -62.13 -28.26
C ALA E 329 -28.76 -62.52 -27.01
N VAL E 330 -28.64 -61.69 -25.97
CA VAL E 330 -29.35 -61.85 -24.70
C VAL E 330 -29.89 -60.50 -24.27
N HIS E 331 -30.91 -60.54 -23.42
CA HIS E 331 -31.51 -59.32 -22.88
C HIS E 331 -32.51 -59.71 -21.78
N VAL E 332 -32.64 -58.84 -20.80
CA VAL E 332 -33.65 -58.98 -19.75
C VAL E 332 -34.82 -58.07 -20.12
N PRO E 333 -36.02 -58.60 -20.40
CA PRO E 333 -37.14 -57.71 -20.76
C PRO E 333 -37.46 -56.69 -19.68
N SER E 334 -37.31 -57.04 -18.42
CA SER E 334 -37.55 -56.10 -17.33
C SER E 334 -36.36 -55.15 -17.18
N GLY E 335 -36.59 -54.06 -16.44
CA GLY E 335 -35.58 -53.07 -16.19
C GLY E 335 -34.72 -53.31 -14.96
N THR E 336 -34.87 -54.48 -14.32
CA THR E 336 -34.10 -54.75 -13.11
C THR E 336 -32.60 -54.83 -13.40
N ALA E 337 -32.23 -55.45 -14.51
CA ALA E 337 -30.83 -55.69 -14.85
C ALA E 337 -30.52 -55.18 -16.25
N THR E 338 -29.25 -54.87 -16.47
CA THR E 338 -28.75 -54.38 -17.75
C THR E 338 -27.49 -55.14 -18.12
N LEU E 339 -27.35 -55.44 -19.41
CA LEU E 339 -26.24 -56.24 -19.94
C LEU E 339 -25.45 -55.38 -20.93
N LYS E 340 -24.14 -55.63 -21.02
CA LYS E 340 -23.31 -54.92 -22.00
C LYS E 340 -22.99 -55.74 -23.25
N GLU E 341 -23.01 -57.07 -23.12
CA GLU E 341 -22.44 -57.91 -24.18
C GLU E 341 -23.17 -57.68 -25.50
N ALA E 342 -24.51 -57.77 -25.49
CA ALA E 342 -25.35 -57.53 -26.66
C ALA E 342 -25.26 -58.65 -27.69
N ALA E 343 -24.33 -59.59 -27.50
CA ALA E 343 -24.14 -60.71 -28.40
C ALA E 343 -23.19 -61.70 -27.73
N VAL E 344 -23.57 -62.98 -27.68
CA VAL E 344 -22.80 -64.00 -26.99
C VAL E 344 -22.58 -65.17 -27.94
N GLU E 345 -21.34 -65.66 -27.98
CA GLU E 345 -21.00 -66.84 -28.75
C GLU E 345 -21.23 -68.09 -27.90
N LEU E 346 -21.96 -69.04 -28.44
CA LEU E 346 -22.26 -70.29 -27.75
C LEU E 346 -21.80 -71.44 -28.63
N THR E 347 -21.21 -72.46 -28.00
CA THR E 347 -20.81 -73.67 -28.69
C THR E 347 -21.96 -74.67 -28.66
N GLU E 348 -21.68 -75.93 -29.03
CA GLU E 348 -22.73 -76.95 -28.99
C GLU E 348 -23.11 -77.30 -27.56
N GLN E 349 -22.18 -77.24 -26.62
CA GLN E 349 -22.43 -77.57 -25.23
C GLN E 349 -21.38 -76.86 -24.38
N GLY E 350 -21.78 -76.46 -23.18
CA GLY E 350 -20.81 -75.91 -22.25
C GLY E 350 -21.46 -74.85 -21.38
N SER E 351 -20.65 -73.85 -21.01
CA SER E 351 -21.10 -72.74 -20.19
C SER E 351 -20.58 -71.43 -20.76
N ALA E 352 -21.35 -70.37 -20.52
CA ALA E 352 -21.02 -69.03 -21.00
C ALA E 352 -21.09 -68.04 -19.85
N THR E 353 -20.20 -67.05 -19.90
CA THR E 353 -20.12 -66.01 -18.88
C THR E 353 -20.93 -64.80 -19.31
N ILE E 354 -21.73 -64.27 -18.38
CA ILE E 354 -22.53 -63.07 -18.60
C ILE E 354 -22.25 -62.07 -17.49
N HIS E 355 -22.32 -60.80 -17.80
CA HIS E 355 -22.13 -59.72 -16.85
C HIS E 355 -23.35 -58.80 -16.82
N PHE E 356 -23.53 -58.12 -15.69
CA PHE E 356 -24.67 -57.22 -15.52
C PHE E 356 -24.51 -56.43 -14.24
N SER E 357 -25.34 -55.39 -14.12
CA SER E 357 -25.52 -54.59 -12.91
C SER E 357 -26.96 -54.71 -12.45
N THR E 358 -27.29 -53.98 -11.40
CA THR E 358 -28.64 -53.99 -10.84
C THR E 358 -28.72 -52.87 -9.80
N ALA E 359 -29.93 -52.66 -9.29
CA ALA E 359 -30.19 -51.72 -8.20
C ALA E 359 -30.79 -52.38 -6.97
N ASN E 360 -31.28 -53.62 -7.08
CA ASN E 360 -31.90 -54.31 -5.96
C ASN E 360 -30.85 -55.06 -5.14
N ILE E 361 -31.25 -55.47 -3.94
CA ILE E 361 -30.36 -56.21 -3.06
C ILE E 361 -30.43 -57.72 -3.35
N HIS E 362 -31.59 -58.21 -3.80
CA HIS E 362 -31.84 -59.63 -4.03
C HIS E 362 -32.34 -59.79 -5.46
N PRO E 363 -31.45 -59.98 -6.44
CA PRO E 363 -31.91 -60.06 -7.82
C PRO E 363 -32.84 -61.26 -8.04
N GLU E 364 -33.89 -61.01 -8.82
CA GLU E 364 -34.86 -62.04 -9.17
C GLU E 364 -35.42 -61.62 -10.53
N PHE E 365 -34.87 -62.19 -11.60
CA PHE E 365 -35.21 -61.70 -12.94
C PHE E 365 -35.30 -62.87 -13.92
N ARG E 366 -35.89 -62.57 -15.08
CA ARG E 366 -36.18 -63.54 -16.12
C ARG E 366 -35.26 -63.21 -17.29
N LEU E 367 -34.32 -64.10 -17.56
CA LEU E 367 -33.32 -63.91 -18.60
C LEU E 367 -33.78 -64.59 -19.89
N GLN E 368 -33.85 -63.82 -20.97
CA GLN E 368 -34.16 -64.32 -22.30
C GLN E 368 -32.85 -64.68 -22.99
N ILE E 369 -32.58 -65.98 -23.13
CA ILE E 369 -31.57 -66.43 -24.06
C ILE E 369 -32.22 -66.45 -25.44
N CYS E 370 -31.39 -66.37 -26.48
CA CYS E 370 -31.85 -65.99 -27.81
C CYS E 370 -33.03 -66.81 -28.34
N THR E 371 -33.34 -67.97 -27.75
CA THR E 371 -34.54 -68.71 -28.15
C THR E 371 -35.30 -69.34 -26.99
N SER E 372 -35.02 -68.98 -25.74
CA SER E 372 -35.78 -69.53 -24.61
C SER E 372 -35.65 -68.62 -23.39
N TYR E 373 -36.31 -69.05 -22.31
CA TYR E 373 -36.40 -68.29 -21.07
C TYR E 373 -35.73 -69.08 -19.94
N VAL E 374 -35.13 -68.36 -18.99
CA VAL E 374 -34.59 -68.95 -17.78
C VAL E 374 -34.78 -67.97 -16.62
N THR E 375 -34.59 -68.47 -15.41
CA THR E 375 -34.79 -67.72 -14.17
C THR E 375 -33.45 -67.52 -13.47
N CYS E 376 -33.15 -66.28 -13.07
CA CYS E 376 -31.94 -65.95 -12.34
C CYS E 376 -32.33 -65.39 -10.97
N LYS E 377 -31.81 -66.02 -9.92
CA LYS E 377 -32.09 -65.63 -8.54
C LYS E 377 -30.80 -65.68 -7.73
N GLY E 378 -30.58 -64.65 -6.91
CA GLY E 378 -29.37 -64.58 -6.11
C GLY E 378 -29.39 -63.48 -5.06
N ASP E 379 -28.21 -63.07 -4.60
CA ASP E 379 -28.10 -62.04 -3.57
C ASP E 379 -26.75 -61.36 -3.69
N CYS E 380 -26.77 -60.02 -3.73
CA CYS E 380 -25.56 -59.21 -3.79
C CYS E 380 -25.12 -58.80 -2.39
N HIS E 381 -23.98 -58.12 -2.33
CA HIS E 381 -23.41 -57.58 -1.11
C HIS E 381 -22.98 -56.15 -1.39
N PRO E 382 -22.80 -55.32 -0.35
CA PRO E 382 -22.49 -53.91 -0.59
C PRO E 382 -21.13 -53.77 -1.25
N PRO E 383 -20.93 -52.71 -2.03
CA PRO E 383 -19.60 -52.43 -2.57
C PRO E 383 -18.72 -51.76 -1.52
N LYS E 384 -17.51 -51.37 -1.95
CA LYS E 384 -16.50 -50.79 -1.06
C LYS E 384 -16.31 -49.30 -1.27
N ASP E 385 -16.30 -48.82 -2.51
CA ASP E 385 -16.08 -47.40 -2.75
C ASP E 385 -17.31 -46.60 -2.39
N HIS E 386 -17.12 -45.52 -1.62
CA HIS E 386 -18.22 -44.66 -1.23
C HIS E 386 -18.69 -43.78 -2.38
N ILE E 387 -17.77 -43.27 -3.20
CA ILE E 387 -18.09 -42.41 -4.33
C ILE E 387 -17.21 -42.79 -5.51
N VAL E 388 -17.73 -42.59 -6.72
CA VAL E 388 -17.03 -42.95 -7.95
C VAL E 388 -17.07 -41.77 -8.92
N THR E 389 -16.47 -41.96 -10.10
CA THR E 389 -16.30 -40.90 -11.08
C THR E 389 -16.91 -41.27 -12.43
N HIS E 390 -17.86 -42.20 -12.45
CA HIS E 390 -18.49 -42.67 -13.67
C HIS E 390 -20.00 -42.66 -13.49
N PRO E 391 -20.77 -42.65 -14.59
CA PRO E 391 -22.24 -42.60 -14.46
C PRO E 391 -22.83 -43.87 -13.87
N GLN E 392 -24.15 -43.93 -13.78
CA GLN E 392 -24.87 -45.11 -13.30
C GLN E 392 -25.46 -45.84 -14.50
N TYR E 393 -25.16 -47.13 -14.60
CA TYR E 393 -25.47 -47.91 -15.80
C TYR E 393 -26.77 -48.70 -15.67
N HIS E 394 -27.68 -48.28 -14.78
CA HIS E 394 -28.94 -48.98 -14.58
C HIS E 394 -29.98 -47.97 -14.14
N ALA E 395 -31.22 -48.45 -13.95
CA ALA E 395 -32.35 -47.62 -13.54
C ALA E 395 -32.81 -48.07 -12.15
N GLN E 396 -33.08 -47.11 -11.28
CA GLN E 396 -33.48 -47.42 -9.91
C GLN E 396 -34.95 -47.82 -9.87
N THR E 397 -35.29 -48.63 -8.87
CA THR E 397 -36.65 -49.12 -8.68
C THR E 397 -36.99 -49.08 -7.20
N PHE E 398 -38.26 -48.78 -6.92
CA PHE E 398 -38.75 -48.74 -5.54
C PHE E 398 -38.82 -50.15 -4.95
N SER F 1 42.58 -14.85 8.15
CA SER F 1 41.67 -15.97 8.51
C SER F 1 40.56 -16.13 7.49
N THR F 2 40.13 -15.02 6.89
CA THR F 2 39.02 -15.06 5.95
C THR F 2 39.40 -15.76 4.65
N GLU F 3 40.68 -15.76 4.29
CA GLU F 3 41.08 -16.34 3.02
C GLU F 3 40.90 -17.86 3.03
N GLU F 4 41.12 -18.49 4.19
CA GLU F 4 40.84 -19.92 4.30
C GLU F 4 39.36 -20.20 4.10
N LEU F 5 38.50 -19.36 4.69
CA LEU F 5 37.06 -19.54 4.52
C LEU F 5 36.63 -19.27 3.09
N PHE F 6 37.38 -18.42 2.37
CA PHE F 6 37.02 -18.00 1.03
C PHE F 6 37.65 -18.86 -0.07
N ASN F 7 38.78 -19.51 0.20
CA ASN F 7 39.54 -20.16 -0.85
C ASN F 7 38.75 -21.29 -1.53
N GLU F 8 37.73 -21.82 -0.87
CA GLU F 8 36.99 -22.94 -1.45
C GLU F 8 36.29 -22.54 -2.74
N TYR F 9 35.71 -21.34 -2.79
CA TYR F 9 34.94 -20.89 -3.95
C TYR F 9 35.81 -20.41 -5.11
N LYS F 10 37.11 -20.69 -5.09
CA LYS F 10 37.94 -20.50 -6.28
C LYS F 10 37.72 -21.61 -7.31
N LEU F 11 37.07 -22.71 -6.93
CA LEU F 11 36.90 -23.86 -7.80
C LEU F 11 35.58 -23.83 -8.58
N THR F 12 34.72 -22.84 -8.34
CA THR F 12 33.44 -22.73 -9.04
C THR F 12 33.55 -21.68 -10.14
N ARG F 13 32.43 -21.40 -10.81
CA ARG F 13 32.41 -20.52 -11.96
C ARG F 13 31.01 -19.94 -12.10
N PRO F 14 30.88 -18.71 -12.62
CA PRO F 14 29.54 -18.17 -12.86
C PRO F 14 28.82 -18.92 -13.97
N TYR F 15 27.48 -18.81 -13.95
CA TYR F 15 26.65 -19.48 -14.93
C TYR F 15 25.38 -18.66 -15.14
N MET F 16 24.96 -18.53 -16.39
CA MET F 16 23.73 -17.82 -16.71
C MET F 16 22.54 -18.77 -16.58
N ALA F 17 21.34 -18.19 -16.68
CA ALA F 17 20.12 -18.97 -16.55
C ALA F 17 19.00 -18.23 -17.27
N ARG F 18 17.77 -18.72 -17.09
CA ARG F 18 16.58 -18.14 -17.72
C ARG F 18 15.88 -17.23 -16.72
N CYS F 19 15.54 -16.02 -17.15
CA CYS F 19 14.78 -15.06 -16.36
C CYS F 19 13.47 -14.77 -17.08
N ILE F 20 12.37 -14.88 -16.34
CA ILE F 20 11.04 -14.70 -16.93
C ILE F 20 10.78 -13.24 -17.31
N ARG F 21 11.24 -12.30 -16.49
CA ARG F 21 10.98 -10.88 -16.70
C ARG F 21 12.32 -10.15 -16.74
N CYS F 22 12.53 -9.38 -17.80
CA CYS F 22 13.83 -8.87 -18.19
C CYS F 22 13.66 -7.51 -18.85
N ALA F 23 14.71 -7.04 -19.52
CA ALA F 23 14.62 -5.75 -20.18
C ALA F 23 13.58 -5.74 -21.31
N VAL F 24 13.22 -6.90 -21.85
CA VAL F 24 12.24 -7.00 -22.93
C VAL F 24 11.11 -7.94 -22.52
N GLY F 25 11.45 -9.20 -22.26
CA GLY F 25 10.45 -10.21 -21.92
C GLY F 25 11.08 -11.49 -21.41
N SER F 26 10.58 -12.64 -21.87
CA SER F 26 11.24 -13.90 -21.58
C SER F 26 12.68 -13.84 -22.08
N CYS F 27 13.63 -14.22 -21.23
CA CYS F 27 14.98 -13.72 -21.39
C CYS F 27 15.97 -14.74 -20.84
N HIS F 28 17.19 -14.69 -21.36
CA HIS F 28 18.32 -15.45 -20.84
C HIS F 28 19.28 -14.46 -20.20
N SER F 29 19.37 -14.49 -18.87
CA SER F 29 20.05 -13.47 -18.10
C SER F 29 21.10 -14.11 -17.20
N PRO F 30 22.12 -13.35 -16.79
CA PRO F 30 23.11 -13.87 -15.85
C PRO F 30 22.85 -13.57 -14.38
N ILE F 31 21.74 -12.90 -14.05
CA ILE F 31 21.47 -12.43 -12.70
C ILE F 31 20.22 -13.12 -12.18
N ALA F 32 19.99 -14.36 -12.60
CA ALA F 32 18.81 -15.09 -12.16
C ALA F 32 18.87 -15.35 -10.66
N ILE F 33 17.76 -15.08 -9.97
CA ILE F 33 17.64 -15.34 -8.54
C ILE F 33 16.92 -16.67 -8.36
N GLU F 34 17.58 -17.62 -7.72
CA GLU F 34 17.02 -18.98 -7.62
C GLU F 34 16.05 -19.08 -6.45
N ALA F 35 16.44 -18.61 -5.27
CA ALA F 35 15.58 -18.67 -4.09
C ALA F 35 15.91 -17.50 -3.17
N VAL F 36 14.93 -17.12 -2.36
CA VAL F 36 15.08 -16.07 -1.35
C VAL F 36 14.57 -16.61 -0.02
N LYS F 37 15.40 -16.47 1.01
CA LYS F 37 15.06 -16.88 2.37
C LYS F 37 14.96 -15.63 3.25
N SER F 38 13.80 -15.47 3.89
CA SER F 38 13.55 -14.33 4.80
C SER F 38 12.98 -14.92 6.08
N ASP F 39 13.88 -15.25 7.02
CA ASP F 39 13.49 -15.86 8.29
C ASP F 39 13.94 -15.07 9.50
N GLY F 40 14.77 -14.05 9.34
CA GLY F 40 15.23 -13.25 10.46
C GLY F 40 14.12 -12.38 11.04
N HIS F 41 14.52 -11.32 11.73
CA HIS F 41 13.58 -10.41 12.39
C HIS F 41 13.74 -8.96 11.97
N ASP F 42 14.97 -8.50 11.73
CA ASP F 42 15.23 -7.13 11.33
C ASP F 42 15.12 -6.92 9.82
N GLY F 43 14.60 -7.90 9.08
CA GLY F 43 14.46 -7.77 7.65
C GLY F 43 15.65 -8.21 6.84
N TYR F 44 16.72 -8.68 7.48
CA TYR F 44 17.89 -9.17 6.75
C TYR F 44 17.51 -10.38 5.93
N VAL F 45 17.60 -10.26 4.61
CA VAL F 45 17.28 -11.33 3.68
C VAL F 45 18.54 -11.78 2.97
N ARG F 46 18.51 -13.05 2.55
CA ARG F 46 19.63 -13.70 1.89
C ARG F 46 19.22 -14.07 0.47
N LEU F 47 19.96 -13.57 -0.51
CA LEU F 47 19.70 -13.82 -1.93
C LEU F 47 20.65 -14.92 -2.41
N GLN F 48 20.07 -15.97 -2.96
CA GLN F 48 20.84 -17.03 -3.64
C GLN F 48 20.65 -16.81 -5.13
N THR F 49 21.75 -16.50 -5.83
CA THR F 49 21.73 -16.05 -7.21
C THR F 49 22.73 -16.87 -8.03
N SER F 50 22.70 -16.63 -9.34
CA SER F 50 23.55 -17.33 -10.31
C SER F 50 24.77 -16.50 -10.68
N SER F 51 25.30 -15.74 -9.72
CA SER F 51 26.46 -14.87 -9.95
C SER F 51 27.54 -15.18 -8.92
N GLN F 52 28.59 -14.36 -8.88
CA GLN F 52 29.74 -14.61 -8.02
C GLN F 52 30.16 -13.31 -7.33
N TYR F 53 30.76 -13.46 -6.16
CA TYR F 53 31.17 -12.33 -5.33
C TYR F 53 32.51 -12.61 -4.67
N GLY F 54 33.41 -11.62 -4.71
CA GLY F 54 34.66 -11.65 -3.99
C GLY F 54 35.86 -12.05 -4.82
N LEU F 55 35.72 -12.99 -5.74
CA LEU F 55 36.85 -13.46 -6.52
C LEU F 55 37.38 -12.35 -7.42
N LEU F 61 41.78 -12.22 -5.30
CA LEU F 61 41.06 -11.67 -4.16
C LEU F 61 40.90 -10.16 -4.31
N LYS F 62 39.66 -9.68 -4.18
CA LYS F 62 39.35 -8.27 -4.30
C LYS F 62 38.36 -7.88 -3.20
N GLY F 63 38.34 -6.58 -2.89
CA GLY F 63 37.50 -6.08 -1.83
C GLY F 63 36.02 -6.29 -2.08
N ARG F 64 35.47 -5.61 -3.09
CA ARG F 64 34.04 -5.69 -3.42
C ARG F 64 33.91 -5.67 -4.95
N THR F 65 33.84 -6.86 -5.54
CA THR F 65 33.68 -7.02 -6.98
C THR F 65 32.64 -8.09 -7.26
N MET F 66 31.88 -7.88 -8.34
CA MET F 66 30.85 -8.80 -8.80
C MET F 66 31.32 -9.44 -10.10
N ARG F 67 31.52 -10.75 -10.08
CA ARG F 67 31.96 -11.51 -11.24
C ARG F 67 30.77 -12.25 -11.82
N TYR F 68 30.66 -12.26 -13.14
CA TYR F 68 29.54 -12.90 -13.81
C TYR F 68 29.99 -13.39 -15.19
N ASP F 69 29.07 -14.08 -15.86
CA ASP F 69 29.32 -14.70 -17.15
C ASP F 69 28.48 -14.05 -18.24
N MET F 70 29.06 -13.95 -19.44
CA MET F 70 28.39 -13.36 -20.59
C MET F 70 28.95 -14.02 -21.84
N HIS F 71 28.10 -14.73 -22.57
CA HIS F 71 28.46 -15.39 -23.82
C HIS F 71 29.60 -16.40 -23.61
N GLY F 72 29.73 -16.94 -22.40
CA GLY F 72 30.79 -17.86 -22.07
C GLY F 72 32.04 -17.21 -21.51
N THR F 73 32.19 -15.90 -21.71
CA THR F 73 33.32 -15.16 -21.15
C THR F 73 33.00 -14.71 -19.73
N ILE F 74 34.04 -14.36 -18.98
CA ILE F 74 33.92 -13.94 -17.59
C ILE F 74 34.22 -12.45 -17.51
N LYS F 75 33.33 -11.70 -16.86
CA LYS F 75 33.49 -10.26 -16.69
C LYS F 75 33.28 -9.91 -15.24
N GLU F 76 33.76 -8.72 -14.86
CA GLU F 76 33.66 -8.22 -13.49
C GLU F 76 33.23 -6.76 -13.50
N ILE F 77 32.56 -6.37 -12.41
CA ILE F 77 32.09 -4.99 -12.24
C ILE F 77 32.24 -4.59 -10.78
N PRO F 78 32.43 -3.29 -10.52
CA PRO F 78 32.39 -2.83 -9.12
C PRO F 78 31.01 -3.08 -8.50
N LEU F 79 31.03 -3.33 -7.18
CA LEU F 79 29.80 -3.70 -6.48
C LEU F 79 28.82 -2.53 -6.38
N HIS F 80 29.31 -1.30 -6.42
CA HIS F 80 28.43 -0.14 -6.21
C HIS F 80 27.56 0.21 -7.44
N GLN F 81 27.51 -0.62 -8.49
CA GLN F 81 26.71 -0.34 -9.66
C GLN F 81 25.47 -1.23 -9.78
N VAL F 82 25.35 -2.27 -8.95
CA VAL F 82 24.20 -3.17 -8.97
C VAL F 82 23.23 -2.75 -7.88
N SER F 83 21.94 -2.78 -8.19
CA SER F 83 20.89 -2.37 -7.27
C SER F 83 19.75 -3.38 -7.30
N LEU F 84 18.89 -3.30 -6.30
CA LEU F 84 17.73 -4.17 -6.20
C LEU F 84 16.64 -3.46 -5.40
N TYR F 85 15.40 -3.90 -5.60
CA TYR F 85 14.27 -3.28 -4.92
C TYR F 85 13.05 -4.19 -4.97
N THR F 86 12.20 -4.07 -3.95
CA THR F 86 10.83 -4.57 -3.99
C THR F 86 9.84 -3.43 -4.21
N SER F 87 9.79 -2.48 -3.27
CA SER F 87 9.06 -1.23 -3.42
C SER F 87 9.95 -0.02 -3.22
N ARG F 88 10.74 -0.01 -2.14
CA ARG F 88 11.67 1.06 -1.82
C ARG F 88 13.09 0.56 -2.11
N PRO F 89 14.02 1.41 -2.59
CA PRO F 89 15.35 0.89 -2.93
C PRO F 89 16.03 0.22 -1.75
N CYS F 90 16.67 -0.92 -2.03
CA CYS F 90 17.33 -1.71 -1.00
C CYS F 90 18.78 -1.23 -0.85
N HIS F 91 19.52 -1.87 0.05
CA HIS F 91 20.92 -1.52 0.32
C HIS F 91 21.73 -2.80 0.41
N ILE F 92 22.78 -2.91 -0.40
CA ILE F 92 23.65 -4.07 -0.35
C ILE F 92 24.48 -4.02 0.93
N VAL F 93 24.41 -5.09 1.72
CA VAL F 93 25.17 -5.17 2.97
C VAL F 93 26.44 -5.96 2.74
N ASP F 94 26.32 -7.17 2.20
CA ASP F 94 27.52 -7.99 1.98
C ASP F 94 27.25 -9.03 0.91
N GLY F 95 28.34 -9.56 0.36
CA GLY F 95 28.25 -10.66 -0.59
C GLY F 95 29.44 -11.57 -0.43
N HIS F 96 29.21 -12.86 -0.69
CA HIS F 96 30.27 -13.86 -0.55
C HIS F 96 29.89 -15.13 -1.28
N GLY F 97 30.78 -15.61 -2.15
CA GLY F 97 30.51 -16.83 -2.88
C GLY F 97 29.28 -16.67 -3.74
N TYR F 98 28.28 -17.52 -3.50
CA TYR F 98 27.02 -17.51 -4.24
C TYR F 98 25.90 -16.86 -3.44
N PHE F 99 26.21 -16.21 -2.31
CA PHE F 99 25.18 -15.76 -1.37
C PHE F 99 25.38 -14.27 -1.07
N LEU F 100 24.29 -13.51 -1.17
CA LEU F 100 24.28 -12.08 -0.86
C LEU F 100 23.40 -11.86 0.36
N LEU F 101 23.80 -10.91 1.21
CA LEU F 101 23.03 -10.52 2.39
C LEU F 101 22.67 -9.05 2.26
N ALA F 102 21.37 -8.74 2.37
CA ALA F 102 20.91 -7.37 2.19
C ALA F 102 19.71 -7.10 3.08
N ARG F 103 19.47 -5.82 3.38
CA ARG F 103 18.38 -5.38 4.24
C ARG F 103 17.56 -4.32 3.53
N CYS F 104 16.25 -4.52 3.49
CA CYS F 104 15.32 -3.55 2.92
C CYS F 104 13.89 -4.05 3.20
N PRO F 105 12.88 -3.14 3.14
CA PRO F 105 11.58 -3.46 3.72
C PRO F 105 10.75 -4.45 2.91
N ALA F 106 9.51 -4.67 3.34
CA ALA F 106 8.66 -5.72 2.81
C ALA F 106 8.35 -5.49 1.34
N GLY F 107 7.73 -6.50 0.72
CA GLY F 107 7.35 -6.45 -0.67
C GLY F 107 6.85 -7.79 -1.12
N ASP F 108 6.29 -7.80 -2.34
CA ASP F 108 5.73 -9.01 -2.94
C ASP F 108 6.64 -9.65 -3.97
N SER F 109 7.40 -8.85 -4.72
CA SER F 109 8.34 -9.36 -5.72
C SER F 109 9.67 -8.63 -5.56
N ILE F 110 10.74 -9.28 -5.98
CA ILE F 110 12.10 -8.75 -5.84
C ILE F 110 12.71 -8.60 -7.22
N THR F 111 13.26 -7.42 -7.50
CA THR F 111 13.92 -7.12 -8.77
C THR F 111 15.37 -6.75 -8.49
N MET F 112 16.27 -7.25 -9.34
CA MET F 112 17.69 -6.94 -9.26
C MET F 112 18.18 -6.54 -10.64
N GLU F 113 18.91 -5.43 -10.73
CA GLU F 113 19.33 -4.92 -12.02
C GLU F 113 20.62 -4.12 -11.88
N PHE F 114 21.31 -3.98 -13.01
CA PHE F 114 22.49 -3.14 -13.12
C PHE F 114 22.55 -2.59 -14.53
N LYS F 115 23.49 -1.67 -14.75
CA LYS F 115 23.62 -0.94 -16.00
C LYS F 115 25.04 -1.05 -16.52
N LYS F 116 25.19 -1.50 -17.76
CA LYS F 116 26.47 -1.56 -18.45
C LYS F 116 26.67 -0.22 -19.17
N ASP F 117 27.68 -0.13 -20.05
CA ASP F 117 27.92 1.11 -20.78
C ASP F 117 26.70 1.52 -21.60
N SER F 118 26.03 0.57 -22.24
CA SER F 118 24.83 0.86 -23.02
C SER F 118 23.75 -0.21 -22.86
N VAL F 119 23.93 -1.19 -21.99
CA VAL F 119 22.99 -2.29 -21.83
C VAL F 119 22.53 -2.32 -20.37
N ARG F 120 21.22 -2.34 -20.17
CA ARG F 120 20.62 -2.49 -18.85
C ARG F 120 20.20 -3.94 -18.67
N HIS F 121 20.71 -4.59 -17.63
CA HIS F 121 20.39 -5.96 -17.31
C HIS F 121 19.51 -5.99 -16.08
N SER F 122 18.37 -6.67 -16.16
CA SER F 122 17.41 -6.73 -15.06
C SER F 122 16.83 -8.13 -14.97
N CYS F 123 16.38 -8.47 -13.77
CA CYS F 123 15.71 -9.75 -13.54
C CYS F 123 14.83 -9.63 -12.30
N SER F 124 13.55 -9.98 -12.46
CA SER F 124 12.57 -9.92 -11.40
C SER F 124 12.00 -11.31 -11.14
N VAL F 125 11.72 -11.60 -9.87
CA VAL F 125 11.08 -12.85 -9.50
C VAL F 125 9.97 -12.56 -8.49
N PRO F 126 8.80 -13.24 -8.57
CA PRO F 126 7.68 -12.93 -7.66
C PRO F 126 7.69 -13.79 -6.39
N TYR F 127 8.73 -13.64 -5.59
CA TYR F 127 8.83 -14.30 -4.30
C TYR F 127 8.57 -13.29 -3.19
N GLU F 128 7.62 -13.60 -2.31
CA GLU F 128 7.25 -12.68 -1.25
C GLU F 128 8.42 -12.47 -0.29
N VAL F 129 8.66 -11.22 0.07
CA VAL F 129 9.65 -10.84 1.08
C VAL F 129 8.90 -10.20 2.23
N LYS F 130 9.04 -10.78 3.42
CA LYS F 130 8.24 -10.41 4.58
C LYS F 130 9.11 -9.71 5.62
N PHE F 131 8.53 -8.70 6.27
CA PHE F 131 9.16 -7.99 7.37
C PHE F 131 8.46 -8.36 8.66
N ASN F 132 9.23 -8.90 9.62
CA ASN F 132 8.67 -9.40 10.87
C ASN F 132 8.99 -8.45 12.02
N PRO F 133 8.10 -8.24 12.98
CA PRO F 133 8.45 -7.46 14.17
C PRO F 133 8.96 -8.34 15.31
N VAL F 134 9.57 -7.67 16.29
CA VAL F 134 10.04 -8.31 17.52
C VAL F 134 9.21 -7.78 18.67
N GLY F 135 8.66 -8.69 19.47
CA GLY F 135 7.88 -8.31 20.63
C GLY F 135 6.39 -8.33 20.37
N ARG F 136 5.65 -7.46 21.04
CA ARG F 136 4.19 -7.41 20.97
C ARG F 136 3.67 -6.14 20.29
N GLU F 137 4.55 -5.37 19.65
CA GLU F 137 4.17 -4.17 18.91
C GLU F 137 4.61 -4.36 17.47
N LEU F 138 3.65 -4.46 16.55
CA LEU F 138 3.97 -4.50 15.13
C LEU F 138 4.40 -3.10 14.69
N TYR F 139 5.49 -3.02 13.94
CA TYR F 139 6.01 -1.76 13.43
C TYR F 139 6.47 -1.95 12.00
N THR F 140 6.74 -0.82 11.33
CA THR F 140 7.22 -0.80 9.95
C THR F 140 8.68 -0.38 9.83
N HIS F 141 9.30 0.10 10.91
CA HIS F 141 10.70 0.51 10.88
C HIS F 141 11.22 0.55 12.32
N PRO F 142 12.40 0.02 12.61
CA PRO F 142 12.89 0.02 14.01
C PRO F 142 13.03 1.44 14.54
N PRO F 143 12.79 1.66 15.85
CA PRO F 143 12.83 3.03 16.38
C PRO F 143 14.25 3.49 16.71
N GLU F 144 14.37 4.71 17.24
CA GLU F 144 15.66 5.28 17.61
C GLU F 144 16.11 4.85 19.01
N HIS F 145 15.24 4.29 19.82
CA HIS F 145 15.55 4.03 21.22
C HIS F 145 14.56 3.02 21.77
N GLY F 146 14.86 2.52 22.96
CA GLY F 146 13.99 1.58 23.64
C GLY F 146 14.81 0.63 24.49
N VAL F 147 14.13 -0.43 24.93
CA VAL F 147 14.74 -1.46 25.78
C VAL F 147 15.38 -2.50 24.88
N GLU F 148 16.24 -3.33 25.45
CA GLU F 148 16.95 -4.36 24.71
C GLU F 148 16.22 -5.70 24.83
N GLN F 149 16.39 -6.53 23.80
CA GLN F 149 15.77 -7.83 23.74
C GLN F 149 16.73 -8.74 22.97
N ALA F 150 16.36 -10.02 22.84
CA ALA F 150 17.10 -10.97 22.03
C ALA F 150 16.22 -11.44 20.88
N CYS F 151 16.75 -11.41 19.65
CA CYS F 151 16.06 -12.02 18.53
C CYS F 151 17.10 -12.71 17.65
N GLN F 152 16.65 -13.19 16.49
CA GLN F 152 17.49 -13.93 15.56
C GLN F 152 17.77 -13.08 14.34
N VAL F 153 19.04 -12.86 14.04
CA VAL F 153 19.47 -12.06 12.89
C VAL F 153 20.66 -12.75 12.25
N TYR F 154 20.70 -12.75 10.92
CA TYR F 154 21.81 -13.35 10.19
C TYR F 154 23.09 -12.61 10.52
N ALA F 155 24.13 -13.37 10.89
CA ALA F 155 25.39 -12.77 11.28
C ALA F 155 26.08 -12.12 10.08
N HIS F 156 26.86 -11.08 10.36
CA HIS F 156 27.60 -10.37 9.33
C HIS F 156 28.89 -11.07 8.92
N ASP F 157 29.39 -12.00 9.74
CA ASP F 157 30.62 -12.71 9.43
C ASP F 157 30.37 -13.82 8.41
N ALA F 158 31.46 -14.27 7.78
CA ALA F 158 31.44 -15.34 6.80
C ALA F 158 31.98 -16.66 7.36
N GLN F 159 32.07 -16.77 8.68
CA GLN F 159 32.60 -17.99 9.29
C GLN F 159 31.67 -19.17 9.00
N ASN F 160 32.28 -20.31 8.69
CA ASN F 160 31.51 -21.48 8.32
C ASN F 160 30.91 -22.17 9.54
N ARG F 161 29.79 -22.85 9.33
CA ARG F 161 29.11 -23.60 10.39
C ARG F 161 28.70 -24.97 9.87
N GLY F 162 27.91 -25.70 10.66
CA GLY F 162 27.44 -27.01 10.24
C GLY F 162 26.31 -26.94 9.23
N ALA F 163 26.60 -26.40 8.05
CA ALA F 163 25.61 -26.27 6.98
C ALA F 163 26.35 -26.31 5.65
N TYR F 164 26.06 -27.32 4.84
CA TYR F 164 26.79 -27.56 3.60
C TYR F 164 25.82 -27.72 2.43
N VAL F 165 26.34 -27.47 1.24
CA VAL F 165 25.61 -27.60 -0.02
C VAL F 165 26.49 -28.34 -1.02
N GLU F 166 25.89 -29.29 -1.74
CA GLU F 166 26.59 -30.13 -2.70
C GLU F 166 26.75 -29.40 -4.04
N MET F 167 27.58 -29.97 -4.92
CA MET F 167 27.58 -29.54 -6.32
C MET F 167 27.99 -30.72 -7.19
N HIS F 168 27.80 -30.56 -8.51
CA HIS F 168 27.98 -31.64 -9.47
C HIS F 168 28.91 -31.16 -10.57
N LEU F 169 29.04 -31.99 -11.63
CA LEU F 169 29.81 -31.65 -12.81
C LEU F 169 29.08 -30.60 -13.64
N PRO F 170 29.80 -29.79 -14.42
CA PRO F 170 29.11 -28.89 -15.36
C PRO F 170 28.55 -29.67 -16.55
N GLY F 171 27.39 -29.22 -17.02
CA GLY F 171 26.75 -29.86 -18.15
C GLY F 171 27.26 -29.33 -19.48
N SER F 172 27.06 -30.12 -20.52
CA SER F 172 27.45 -29.73 -21.87
C SER F 172 26.50 -28.64 -22.36
N GLU F 173 27.06 -27.54 -22.85
CA GLU F 173 26.31 -26.37 -23.27
C GLU F 173 26.47 -26.19 -24.77
N VAL F 174 25.37 -25.88 -25.45
CA VAL F 174 25.37 -25.72 -26.91
C VAL F 174 25.65 -24.27 -27.24
N ASP F 175 26.46 -24.06 -28.28
CA ASP F 175 26.78 -22.72 -28.77
C ASP F 175 26.55 -22.67 -30.26
N SER F 176 25.74 -21.70 -30.71
CA SER F 176 25.44 -21.53 -32.13
C SER F 176 26.49 -20.68 -32.86
N SER F 177 27.32 -19.94 -32.13
CA SER F 177 28.36 -19.14 -32.77
C SER F 177 29.53 -20.00 -33.24
N LEU F 178 29.78 -21.13 -32.56
CA LEU F 178 30.92 -21.96 -32.92
C LEU F 178 30.80 -22.52 -34.33
N VAL F 179 29.64 -23.11 -34.66
CA VAL F 179 29.43 -23.62 -36.00
C VAL F 179 29.41 -22.46 -36.99
N SER F 180 29.98 -22.69 -38.18
CA SER F 180 30.04 -21.65 -39.20
C SER F 180 29.88 -22.28 -40.57
N LEU F 181 29.45 -21.44 -41.53
CA LEU F 181 29.26 -21.89 -42.90
C LEU F 181 30.57 -21.77 -43.66
N SER F 182 31.04 -22.90 -44.20
CA SER F 182 32.23 -22.91 -45.04
C SER F 182 31.83 -22.43 -46.45
N GLY F 183 32.73 -22.62 -47.41
CA GLY F 183 32.39 -22.27 -48.79
C GLY F 183 31.18 -23.03 -49.29
N SER F 184 31.09 -24.31 -48.95
CA SER F 184 29.95 -25.13 -49.33
C SER F 184 29.52 -26.12 -48.25
N SER F 185 30.02 -26.01 -47.03
CA SER F 185 29.81 -27.01 -45.99
C SER F 185 29.96 -26.35 -44.62
N VAL F 186 30.09 -27.16 -43.58
CA VAL F 186 30.10 -26.70 -42.20
C VAL F 186 31.50 -26.81 -41.62
N THR F 187 31.91 -25.76 -40.89
CA THR F 187 33.22 -25.66 -40.26
C THR F 187 33.04 -25.39 -38.77
N VAL F 188 33.94 -25.94 -37.96
CA VAL F 188 33.94 -25.75 -36.52
C VAL F 188 35.35 -25.41 -36.09
N THR F 189 35.50 -24.30 -35.36
CA THR F 189 36.80 -23.78 -34.91
C THR F 189 36.73 -23.58 -33.40
N PRO F 190 36.94 -24.63 -32.62
CA PRO F 190 36.73 -24.51 -31.18
C PRO F 190 37.71 -23.52 -30.56
N PRO F 191 37.33 -22.86 -29.47
CA PRO F 191 38.26 -21.90 -28.85
C PRO F 191 39.51 -22.59 -28.35
N ASP F 192 40.63 -21.87 -28.43
CA ASP F 192 41.91 -22.44 -28.03
C ASP F 192 41.90 -22.79 -26.54
N GLY F 193 42.51 -23.91 -26.19
CA GLY F 193 42.58 -24.36 -24.83
C GLY F 193 41.34 -25.05 -24.31
N THR F 194 40.36 -25.34 -25.17
CA THR F 194 39.11 -25.96 -24.78
C THR F 194 38.78 -27.10 -25.71
N SER F 195 38.35 -28.22 -25.14
CA SER F 195 37.90 -29.36 -25.94
C SER F 195 36.42 -29.19 -26.29
N ALA F 196 36.08 -29.56 -27.52
CA ALA F 196 34.72 -29.43 -28.02
C ALA F 196 34.33 -30.70 -28.76
N LEU F 197 33.02 -30.96 -28.82
CA LEU F 197 32.47 -32.08 -29.56
C LEU F 197 31.30 -31.59 -30.40
N VAL F 198 31.13 -32.21 -31.56
CA VAL F 198 30.11 -31.83 -32.53
C VAL F 198 29.29 -33.07 -32.87
N GLU F 199 27.96 -32.92 -32.81
CA GLU F 199 27.04 -33.97 -33.21
C GLU F 199 26.33 -33.48 -34.47
N CYS F 200 26.31 -34.32 -35.51
CA CYS F 200 25.74 -33.88 -36.77
C CYS F 200 24.99 -34.99 -37.48
N GLU F 201 23.79 -34.63 -37.96
CA GLU F 201 22.81 -35.56 -38.51
C GLU F 201 22.40 -35.18 -39.94
N CYS F 202 23.23 -34.40 -40.64
CA CYS F 202 22.88 -33.94 -41.98
C CYS F 202 22.59 -35.11 -42.91
N GLY F 203 23.50 -36.08 -42.96
CA GLY F 203 23.29 -37.32 -43.68
C GLY F 203 22.96 -38.43 -42.70
N GLY F 204 23.96 -39.25 -42.38
CA GLY F 204 23.85 -40.18 -41.27
C GLY F 204 24.14 -39.48 -39.96
N THR F 205 24.26 -40.26 -38.89
CA THR F 205 24.54 -39.73 -37.56
C THR F 205 26.05 -39.78 -37.34
N LYS F 206 26.62 -38.66 -36.92
CA LYS F 206 28.04 -38.51 -36.70
C LYS F 206 28.27 -37.79 -35.39
N ILE F 207 29.29 -38.23 -34.65
CA ILE F 207 29.73 -37.57 -33.42
C ILE F 207 31.24 -37.52 -33.44
N SER F 208 31.81 -36.33 -33.29
CA SER F 208 33.25 -36.14 -33.41
C SER F 208 33.75 -35.17 -32.36
N GLU F 209 34.74 -35.60 -31.58
CA GLU F 209 35.32 -34.78 -30.51
C GLU F 209 36.59 -34.10 -31.01
N THR F 210 36.38 -33.12 -31.90
CA THR F 210 37.50 -32.34 -32.43
C THR F 210 38.12 -31.50 -31.32
N ILE F 211 39.45 -31.54 -31.23
CA ILE F 211 40.20 -30.87 -30.16
C ILE F 211 41.12 -29.84 -30.80
N ASN F 212 40.83 -28.56 -30.56
CA ASN F 212 41.76 -27.46 -30.82
C ASN F 212 42.25 -27.46 -32.28
N LYS F 213 41.34 -27.71 -33.21
CA LYS F 213 41.68 -27.66 -34.63
C LYS F 213 40.45 -27.30 -35.44
N THR F 214 40.65 -26.47 -36.46
CA THR F 214 39.57 -26.10 -37.36
C THR F 214 39.20 -27.30 -38.23
N LYS F 215 38.01 -27.85 -38.01
CA LYS F 215 37.59 -29.08 -38.66
C LYS F 215 36.37 -28.81 -39.53
N GLN F 216 36.44 -29.29 -40.78
CA GLN F 216 35.34 -29.20 -41.73
C GLN F 216 34.69 -30.56 -41.87
N PHE F 217 33.35 -30.57 -41.96
CA PHE F 217 32.60 -31.82 -42.11
C PHE F 217 32.00 -31.85 -43.50
N SER F 218 32.26 -32.93 -44.24
CA SER F 218 31.71 -33.09 -45.58
C SER F 218 30.30 -33.66 -45.51
N GLN F 219 29.64 -33.70 -46.67
CA GLN F 219 28.30 -34.24 -46.89
C GLN F 219 27.21 -33.43 -46.19
N CYS F 220 27.52 -32.28 -45.60
CA CYS F 220 26.55 -31.45 -44.91
C CYS F 220 26.58 -30.05 -45.52
N THR F 221 25.41 -29.53 -45.89
CA THR F 221 25.31 -28.25 -46.57
C THR F 221 24.88 -27.13 -45.63
N LYS F 222 23.74 -27.30 -44.95
CA LYS F 222 23.17 -26.25 -44.11
C LYS F 222 23.60 -26.43 -42.65
N LYS F 223 23.77 -25.30 -41.96
CA LYS F 223 24.33 -25.32 -40.61
C LYS F 223 23.33 -25.75 -39.55
N GLU F 224 22.04 -25.43 -39.71
CA GLU F 224 21.07 -25.72 -38.66
C GLU F 224 20.96 -27.22 -38.37
N GLN F 225 21.35 -28.07 -39.32
CA GLN F 225 21.24 -29.50 -39.15
C GLN F 225 22.12 -30.05 -38.04
N CYS F 226 23.11 -29.30 -37.55
CA CYS F 226 24.01 -29.91 -36.57
C CYS F 226 24.77 -28.90 -35.74
N ARG F 227 25.25 -29.38 -34.58
CA ARG F 227 25.51 -28.53 -33.43
C ARG F 227 26.81 -28.90 -32.73
N ALA F 228 27.48 -27.89 -32.18
CA ALA F 228 28.71 -28.04 -31.43
C ALA F 228 28.49 -27.62 -29.98
N TYR F 229 29.14 -28.33 -29.05
CA TYR F 229 29.08 -28.04 -27.63
C TYR F 229 30.45 -27.63 -27.11
N ARG F 230 30.54 -27.45 -25.80
CA ARG F 230 31.78 -27.11 -25.11
C ARG F 230 31.92 -28.00 -23.88
N LEU F 231 33.17 -28.29 -23.52
CA LEU F 231 33.48 -29.18 -22.40
C LEU F 231 34.41 -28.49 -21.44
N GLN F 232 34.03 -28.48 -20.15
CA GLN F 232 34.90 -27.99 -19.07
C GLN F 232 34.99 -29.09 -18.03
N ASN F 233 36.20 -29.62 -17.83
CA ASN F 233 36.39 -30.65 -16.80
C ASN F 233 36.36 -30.04 -15.40
N ASP F 234 37.01 -28.89 -15.23
CA ASP F 234 37.08 -28.21 -13.94
C ASP F 234 35.95 -27.19 -13.85
N LYS F 235 36.03 -26.28 -12.88
CA LYS F 235 35.07 -25.18 -12.72
C LYS F 235 33.67 -25.73 -12.44
N TRP F 236 33.57 -26.35 -11.26
CA TRP F 236 32.32 -26.95 -10.80
C TRP F 236 31.20 -25.90 -10.77
N VAL F 237 29.96 -26.38 -10.74
CA VAL F 237 28.79 -25.51 -10.78
C VAL F 237 27.75 -26.00 -9.76
N TYR F 238 27.09 -25.04 -9.12
CA TYR F 238 26.02 -25.32 -8.18
C TYR F 238 24.95 -26.19 -8.84
N ASN F 239 24.26 -26.98 -8.01
CA ASN F 239 23.23 -27.89 -8.49
C ASN F 239 21.96 -27.15 -8.86
N SER F 240 22.05 -26.23 -9.82
CA SER F 240 20.91 -25.45 -10.25
C SER F 240 20.00 -26.28 -11.16
N ASP F 241 18.73 -25.89 -11.20
CA ASP F 241 17.71 -26.59 -11.96
C ASP F 241 17.51 -26.04 -13.37
N LYS F 242 18.19 -24.95 -13.73
CA LYS F 242 18.10 -24.40 -15.08
C LYS F 242 19.12 -24.99 -16.05
N LEU F 243 20.06 -25.82 -15.57
CA LEU F 243 21.13 -26.35 -16.39
C LEU F 243 20.97 -27.85 -16.60
N PRO F 244 21.48 -28.41 -17.70
CA PRO F 244 21.40 -29.86 -17.90
C PRO F 244 22.44 -30.57 -17.05
N LYS F 245 22.16 -31.85 -16.78
CA LYS F 245 23.05 -32.67 -15.97
C LYS F 245 24.11 -33.34 -16.84
N ALA F 246 25.27 -33.58 -16.24
CA ALA F 246 26.35 -34.29 -16.92
C ALA F 246 26.07 -35.79 -16.85
N ALA F 247 27.05 -36.60 -17.26
CA ALA F 247 26.94 -38.06 -17.29
C ALA F 247 27.98 -38.66 -16.37
N GLY F 248 27.52 -39.37 -15.34
CA GLY F 248 28.38 -40.17 -14.47
C GLY F 248 28.51 -39.64 -13.07
N ALA F 249 27.70 -40.20 -12.16
CA ALA F 249 27.82 -40.08 -10.71
C ALA F 249 27.44 -38.72 -10.15
N THR F 250 27.26 -37.71 -11.01
CA THR F 250 26.63 -36.42 -10.67
C THR F 250 27.12 -35.84 -9.34
N LEU F 251 28.35 -36.16 -8.93
CA LEU F 251 28.83 -35.76 -7.62
C LEU F 251 30.34 -35.56 -7.64
N LYS F 252 30.79 -34.45 -7.05
CA LYS F 252 32.20 -34.23 -6.78
C LYS F 252 32.51 -33.68 -5.40
N GLY F 253 31.56 -33.07 -4.70
CA GLY F 253 31.82 -32.61 -3.35
C GLY F 253 30.73 -31.68 -2.85
N LYS F 254 30.99 -31.11 -1.67
CA LYS F 254 30.09 -30.18 -1.03
C LYS F 254 30.92 -29.16 -0.26
N LEU F 255 30.46 -27.92 -0.25
CA LEU F 255 31.12 -26.82 0.44
C LEU F 255 30.18 -26.25 1.50
N HIS F 256 30.62 -25.19 2.18
CA HIS F 256 29.85 -24.57 3.25
C HIS F 256 29.11 -23.34 2.72
N VAL F 257 28.13 -22.90 3.50
CA VAL F 257 27.32 -21.72 3.20
C VAL F 257 27.59 -20.68 4.29
N PRO F 258 27.91 -19.41 3.96
CA PRO F 258 28.02 -18.41 5.02
C PRO F 258 26.68 -17.81 5.43
N PHE F 259 26.70 -16.87 6.36
CA PHE F 259 25.52 -16.14 6.80
C PHE F 259 24.44 -17.09 7.34
N LEU F 260 24.77 -17.75 8.44
CA LEU F 260 23.82 -18.61 9.14
C LEU F 260 23.02 -17.81 10.15
N LEU F 261 21.97 -18.44 10.69
CA LEU F 261 21.07 -17.81 11.65
C LEU F 261 21.67 -17.95 13.04
N ALA F 262 22.18 -16.83 13.57
CA ALA F 262 22.70 -16.75 14.92
C ALA F 262 21.76 -15.92 15.78
N ASP F 263 22.12 -15.74 17.05
CA ASP F 263 21.35 -14.94 17.99
C ASP F 263 21.99 -13.57 18.13
N GLY F 264 21.14 -12.55 18.34
CA GLY F 264 21.63 -11.19 18.47
C GLY F 264 20.77 -10.38 19.40
N LYS F 265 21.34 -9.28 19.87
CA LYS F 265 20.64 -8.32 20.70
C LYS F 265 19.92 -7.31 19.81
N CYS F 266 18.72 -6.93 20.25
CA CYS F 266 17.72 -6.37 19.36
C CYS F 266 17.04 -5.21 20.07
N THR F 267 16.55 -4.25 19.29
CA THR F 267 15.88 -3.06 19.81
C THR F 267 14.40 -3.11 19.46
N VAL F 268 13.56 -2.70 20.41
CA VAL F 268 12.11 -2.70 20.24
C VAL F 268 11.54 -1.39 20.79
N PRO F 269 10.38 -0.97 20.30
CA PRO F 269 9.81 0.29 20.76
C PRO F 269 9.15 0.16 22.13
N LEU F 270 8.87 1.32 22.73
CA LEU F 270 8.14 1.43 23.98
C LEU F 270 6.85 2.20 23.73
N ALA F 271 5.73 1.59 24.09
CA ALA F 271 4.45 2.27 24.00
C ALA F 271 4.35 3.32 25.12
N PRO F 272 3.54 4.36 24.92
CA PRO F 272 3.40 5.38 25.97
C PRO F 272 2.75 4.80 27.22
N GLU F 273 3.07 5.40 28.36
CA GLU F 273 2.70 4.83 29.64
C GLU F 273 1.18 4.89 29.81
N PRO F 274 0.51 3.76 30.08
CA PRO F 274 -0.96 3.79 30.17
C PRO F 274 -1.43 4.53 31.40
N MET F 275 -2.47 5.35 31.23
CA MET F 275 -2.96 6.20 32.32
C MET F 275 -3.98 5.40 33.13
N ILE F 276 -3.81 5.41 34.46
CA ILE F 276 -4.55 4.55 35.37
C ILE F 276 -5.36 5.42 36.32
N THR F 277 -6.61 5.02 36.57
CA THR F 277 -7.46 5.64 37.57
C THR F 277 -8.07 4.55 38.43
N PHE F 278 -8.14 4.79 39.73
CA PHE F 278 -8.58 3.79 40.70
C PHE F 278 -10.02 4.05 41.13
N GLY F 279 -10.67 2.99 41.61
CA GLY F 279 -12.01 3.09 42.15
C GLY F 279 -12.36 1.81 42.87
N PHE F 280 -13.51 1.84 43.53
CA PHE F 280 -13.94 0.71 44.36
C PHE F 280 -14.01 -0.56 43.52
N ARG F 281 -13.06 -1.47 43.75
CA ARG F 281 -12.95 -2.71 42.98
C ARG F 281 -13.00 -2.45 41.48
N SER F 282 -12.38 -1.35 41.03
CA SER F 282 -12.44 -0.95 39.63
C SER F 282 -11.18 -0.23 39.23
N VAL F 283 -10.72 -0.48 38.01
CA VAL F 283 -9.56 0.18 37.42
C VAL F 283 -9.94 0.68 36.04
N SER F 284 -9.73 1.96 35.79
CA SER F 284 -10.00 2.58 34.50
C SER F 284 -8.68 2.89 33.80
N LEU F 285 -8.52 2.37 32.59
CA LEU F 285 -7.31 2.53 31.81
C LEU F 285 -7.59 3.38 30.59
N LYS F 286 -6.82 4.46 30.43
CA LYS F 286 -6.83 5.28 29.23
C LYS F 286 -5.55 4.98 28.44
N LEU F 287 -5.73 4.64 27.17
CA LEU F 287 -4.65 4.19 26.29
C LEU F 287 -4.59 5.09 25.07
N HIS F 288 -3.36 5.44 24.67
CA HIS F 288 -3.12 6.31 23.51
C HIS F 288 -1.91 5.79 22.75
N PRO F 289 -2.08 4.82 21.85
CA PRO F 289 -0.91 4.17 21.23
C PRO F 289 -0.30 4.94 20.08
N LYS F 290 1.04 4.92 20.03
CA LYS F 290 1.76 5.43 18.86
C LYS F 290 1.48 4.57 17.63
N ASN F 291 1.64 3.27 17.78
CA ASN F 291 1.43 2.27 16.73
C ASN F 291 0.55 1.17 17.30
N PRO F 292 -0.04 0.33 16.45
CA PRO F 292 -0.86 -0.77 16.97
C PRO F 292 -0.04 -1.68 17.89
N THR F 293 -0.61 -1.98 19.06
CA THR F 293 0.07 -2.82 20.04
C THR F 293 -0.91 -3.81 20.67
N TYR F 294 -0.34 -4.83 21.30
CA TYR F 294 -1.11 -5.84 22.00
C TYR F 294 -1.29 -5.46 23.47
N LEU F 295 -2.45 -5.78 24.01
CA LEU F 295 -2.74 -5.70 25.43
C LEU F 295 -3.21 -7.08 25.89
N ILE F 296 -2.55 -7.62 26.92
CA ILE F 296 -2.92 -8.92 27.47
C ILE F 296 -3.22 -8.73 28.95
N THR F 297 -4.24 -9.40 29.44
CA THR F 297 -4.69 -9.25 30.82
C THR F 297 -5.22 -10.56 31.35
N ARG F 298 -5.01 -10.81 32.65
CA ARG F 298 -5.44 -12.04 33.28
C ARG F 298 -5.67 -11.81 34.76
N GLN F 299 -6.72 -12.44 35.29
CA GLN F 299 -6.91 -12.52 36.73
C GLN F 299 -5.99 -13.58 37.31
N LEU F 300 -5.77 -13.49 38.63
CA LEU F 300 -4.83 -14.36 39.33
C LEU F 300 -5.53 -15.52 40.03
N ALA F 301 -6.80 -15.75 39.73
CA ALA F 301 -7.57 -16.83 40.35
C ALA F 301 -7.42 -18.10 39.52
N ASP F 302 -8.15 -19.15 39.91
CA ASP F 302 -8.12 -20.41 39.16
C ASP F 302 -8.65 -20.22 37.75
N GLU F 303 -9.72 -19.45 37.60
CA GLU F 303 -10.27 -19.14 36.28
C GLU F 303 -9.45 -18.01 35.68
N PRO F 304 -8.59 -18.27 34.67
CA PRO F 304 -7.71 -17.20 34.18
C PRO F 304 -8.47 -16.07 33.49
N HIS F 305 -9.40 -16.42 32.62
CA HIS F 305 -10.10 -15.44 31.78
C HIS F 305 -9.09 -14.57 31.04
N TYR F 306 -8.05 -15.21 30.52
CA TYR F 306 -7.02 -14.48 29.77
C TYR F 306 -7.66 -13.79 28.57
N THR F 307 -7.32 -12.52 28.39
CA THR F 307 -7.91 -11.70 27.34
C THR F 307 -6.81 -10.94 26.62
N HIS F 308 -6.77 -11.07 25.29
CA HIS F 308 -5.73 -10.51 24.44
C HIS F 308 -6.40 -9.70 23.34
N GLU F 309 -5.93 -8.46 23.14
CA GLU F 309 -6.50 -7.58 22.12
C GLU F 309 -5.39 -6.82 21.42
N LEU F 310 -5.69 -6.39 20.20
CA LEU F 310 -4.89 -5.43 19.45
C LEU F 310 -5.60 -4.08 19.45
N ILE F 311 -4.87 -3.03 19.82
CA ILE F 311 -5.41 -1.68 19.89
C ILE F 311 -4.53 -0.76 19.06
N SER F 312 -5.17 0.07 18.22
CA SER F 312 -4.48 1.04 17.39
C SER F 312 -5.12 2.42 17.42
N GLU F 313 -6.08 2.65 18.32
CA GLU F 313 -6.78 3.91 18.46
C GLU F 313 -6.83 4.28 19.93
N PRO F 314 -7.03 5.56 20.26
CA PRO F 314 -7.23 5.92 21.68
C PRO F 314 -8.41 5.17 22.26
N ALA F 315 -8.24 4.64 23.47
CA ALA F 315 -9.20 3.71 24.05
C ALA F 315 -9.39 3.99 25.54
N VAL F 316 -10.59 3.67 26.01
CA VAL F 316 -10.94 3.74 27.43
C VAL F 316 -11.51 2.39 27.81
N ARG F 317 -10.98 1.80 28.90
CA ARG F 317 -11.43 0.49 29.36
C ARG F 317 -11.66 0.53 30.87
N ASN F 318 -12.63 -0.25 31.31
CA ASN F 318 -12.96 -0.40 32.72
C ASN F 318 -12.88 -1.88 33.09
N PHE F 319 -12.09 -2.19 34.12
CA PHE F 319 -11.86 -3.56 34.55
C PHE F 319 -12.22 -3.71 36.01
N THR F 320 -12.71 -4.90 36.35
CA THR F 320 -13.07 -5.26 37.72
C THR F 320 -11.93 -6.04 38.35
N VAL F 321 -11.52 -5.62 39.53
CA VAL F 321 -10.39 -6.22 40.26
C VAL F 321 -10.91 -6.68 41.61
N THR F 322 -10.60 -7.94 41.96
CA THR F 322 -11.02 -8.56 43.20
C THR F 322 -9.81 -8.78 44.11
N GLU F 323 -10.06 -9.40 45.27
CA GLU F 323 -9.01 -9.63 46.25
C GLU F 323 -8.06 -10.75 45.86
N LYS F 324 -8.39 -11.54 44.83
CA LYS F 324 -7.53 -12.63 44.40
C LYS F 324 -6.36 -12.18 43.54
N GLY F 325 -6.39 -10.94 43.05
CA GLY F 325 -5.30 -10.38 42.28
C GLY F 325 -5.68 -10.14 40.83
N TRP F 326 -4.91 -9.27 40.18
CA TRP F 326 -5.10 -8.93 38.78
C TRP F 326 -3.74 -8.66 38.16
N GLU F 327 -3.62 -8.87 36.85
CA GLU F 327 -2.36 -8.62 36.19
C GLU F 327 -2.60 -8.28 34.73
N PHE F 328 -1.74 -7.45 34.17
CA PHE F 328 -1.81 -7.10 32.76
C PHE F 328 -0.43 -6.71 32.26
N VAL F 329 -0.25 -6.85 30.94
CA VAL F 329 0.95 -6.42 30.24
C VAL F 329 0.51 -5.62 29.02
N TRP F 330 1.14 -4.45 28.84
CA TRP F 330 0.88 -3.53 27.73
C TRP F 330 2.21 -3.25 27.06
N GLY F 331 2.43 -3.86 25.90
CA GLY F 331 3.67 -3.65 25.17
C GLY F 331 4.86 -4.36 25.76
N ASN F 332 6.04 -3.77 25.63
CA ASN F 332 7.28 -4.35 26.13
C ASN F 332 7.55 -4.01 27.58
N HIS F 333 6.67 -3.27 28.25
CA HIS F 333 6.89 -2.94 29.64
C HIS F 333 6.86 -4.20 30.49
N PRO F 334 7.49 -4.19 31.67
CA PRO F 334 7.40 -5.36 32.54
C PRO F 334 5.96 -5.60 32.97
N PRO F 335 5.59 -6.84 33.26
CA PRO F 335 4.20 -7.11 33.67
C PRO F 335 3.85 -6.34 34.94
N LYS F 336 2.60 -5.89 35.01
CA LYS F 336 2.10 -5.12 36.14
C LYS F 336 0.96 -5.86 36.83
N ARG F 337 1.08 -6.02 38.14
CA ARG F 337 0.11 -6.72 38.97
C ARG F 337 -0.52 -5.75 39.96
N PHE F 338 -1.69 -6.13 40.46
CA PHE F 338 -2.46 -5.30 41.36
C PHE F 338 -3.25 -6.18 42.33
N TRP F 339 -3.35 -5.70 43.57
CA TRP F 339 -4.06 -6.37 44.65
C TRP F 339 -5.17 -5.46 45.15
N ALA F 340 -6.39 -5.98 45.23
CA ALA F 340 -7.50 -5.20 45.73
C ALA F 340 -7.45 -5.13 47.26
N GLN F 341 -8.35 -4.34 47.83
CA GLN F 341 -8.41 -4.16 49.27
C GLN F 341 -9.76 -3.60 49.65
N GLU F 342 -10.24 -3.97 50.83
CA GLU F 342 -11.52 -3.52 51.33
C GLU F 342 -11.41 -2.12 51.92
N THR F 343 -12.43 -1.31 51.69
CA THR F 343 -12.45 0.07 52.18
C THR F 343 -13.87 0.58 52.32
N ASP G 1 2.42 -58.85 -42.81
CA ASP G 1 3.64 -58.32 -42.21
C ASP G 1 4.28 -57.29 -43.12
N VAL G 2 4.82 -56.22 -42.53
CA VAL G 2 5.49 -55.18 -43.29
C VAL G 2 6.80 -55.76 -43.82
N GLN G 3 6.86 -56.00 -45.12
CA GLN G 3 8.01 -56.64 -45.76
C GLN G 3 8.53 -55.76 -46.89
N LEU G 4 9.86 -55.71 -47.01
CA LEU G 4 10.52 -54.99 -48.09
C LEU G 4 11.01 -55.99 -49.13
N GLN G 5 10.70 -55.72 -50.40
CA GLN G 5 11.07 -56.59 -51.50
C GLN G 5 11.93 -55.79 -52.48
N ALA G 6 13.15 -56.28 -52.73
CA ALA G 6 14.09 -55.61 -53.61
C ALA G 6 14.20 -56.37 -54.94
N SER G 7 14.44 -55.62 -56.02
CA SER G 7 14.55 -56.19 -57.35
C SER G 7 15.34 -55.23 -58.24
N GLY G 8 15.56 -55.63 -59.48
CA GLY G 8 16.24 -54.80 -60.46
C GLY G 8 17.70 -55.16 -60.72
N GLY G 9 18.22 -56.22 -60.11
CA GLY G 9 19.59 -56.62 -60.31
C GLY G 9 19.75 -57.56 -61.50
N GLY G 10 20.96 -58.05 -61.65
CA GLY G 10 21.29 -58.94 -62.76
C GLY G 10 22.76 -58.82 -63.09
N SER G 11 23.14 -59.45 -64.20
CA SER G 11 24.51 -59.46 -64.68
C SER G 11 24.66 -58.44 -65.80
N VAL G 12 25.58 -57.49 -65.61
CA VAL G 12 25.83 -56.42 -66.58
C VAL G 12 27.34 -56.20 -66.68
N GLN G 13 27.78 -55.85 -67.88
CA GLN G 13 29.19 -55.56 -68.09
C GLN G 13 29.61 -54.31 -67.34
N ALA G 14 30.91 -54.22 -67.06
CA ALA G 14 31.44 -53.06 -66.35
C ALA G 14 31.26 -51.81 -67.19
N GLY G 15 30.97 -50.70 -66.50
CA GLY G 15 30.75 -49.43 -67.16
C GLY G 15 29.35 -49.17 -67.64
N GLY G 16 28.38 -50.00 -67.25
CA GLY G 16 27.00 -49.84 -67.66
C GLY G 16 26.17 -49.07 -66.67
N SER G 17 24.90 -49.47 -66.55
CA SER G 17 23.98 -48.82 -65.62
C SER G 17 22.88 -49.80 -65.24
N LEU G 18 22.28 -49.57 -64.08
CA LEU G 18 21.22 -50.42 -63.57
C LEU G 18 20.32 -49.61 -62.65
N ARG G 19 19.14 -50.17 -62.38
CA ARG G 19 18.15 -49.52 -61.52
C ARG G 19 17.57 -50.58 -60.59
N LEU G 20 17.80 -50.42 -59.29
CA LEU G 20 17.24 -51.30 -58.27
C LEU G 20 16.05 -50.60 -57.61
N SER G 21 15.04 -51.40 -57.26
CA SER G 21 13.81 -50.90 -56.66
C SER G 21 13.48 -51.71 -55.43
N CYS G 22 13.08 -51.03 -54.35
CA CYS G 22 12.67 -51.67 -53.10
C CYS G 22 11.25 -51.21 -52.76
N ALA G 23 10.33 -52.16 -52.73
CA ALA G 23 8.92 -51.89 -52.49
C ALA G 23 8.50 -52.43 -51.13
N ALA G 24 7.64 -51.68 -50.45
CA ALA G 24 7.14 -52.05 -49.12
C ALA G 24 5.71 -52.53 -49.25
N SER G 25 5.42 -53.71 -48.70
CA SER G 25 4.09 -54.29 -48.67
C SER G 25 3.62 -54.35 -47.22
N GLY G 26 2.61 -53.55 -46.88
CA GLY G 26 2.07 -53.47 -45.54
C GLY G 26 2.12 -52.07 -44.95
N HIS G 27 3.09 -51.26 -45.37
CA HIS G 27 3.20 -49.89 -44.88
C HIS G 27 3.98 -49.08 -45.92
N SER G 28 3.86 -47.76 -45.79
CA SER G 28 4.46 -46.82 -46.73
C SER G 28 5.78 -46.27 -46.20
N PHE G 29 6.54 -45.65 -47.10
CA PHE G 29 7.81 -45.01 -46.77
C PHE G 29 7.65 -43.56 -46.32
N ALA G 30 6.45 -43.15 -45.90
CA ALA G 30 6.21 -41.74 -45.60
C ALA G 30 7.06 -41.25 -44.45
N ASN G 31 7.42 -42.13 -43.51
CA ASN G 31 8.16 -41.76 -42.30
C ASN G 31 9.28 -42.76 -42.05
N TYR G 32 10.06 -43.07 -43.08
CA TYR G 32 11.09 -44.11 -43.00
C TYR G 32 12.37 -43.62 -43.66
N HIS G 33 13.48 -43.69 -42.92
CA HIS G 33 14.79 -43.53 -43.53
C HIS G 33 15.19 -44.80 -44.26
N VAL G 34 15.51 -44.66 -45.55
CA VAL G 34 15.85 -45.78 -46.40
C VAL G 34 17.37 -45.85 -46.51
N ALA G 35 17.93 -47.03 -46.25
CA ALA G 35 19.36 -47.25 -46.31
C ALA G 35 19.64 -48.50 -47.15
N TRP G 36 20.61 -48.39 -48.05
CA TRP G 36 21.02 -49.48 -48.92
C TRP G 36 22.30 -50.09 -48.39
N ILE G 37 22.29 -51.40 -48.16
CA ILE G 37 23.42 -52.13 -47.57
C ILE G 37 23.84 -53.22 -48.55
N ARG G 38 25.16 -53.32 -48.75
CA ARG G 38 25.77 -54.23 -49.71
C ARG G 38 26.52 -55.33 -48.99
N GLN G 39 26.38 -56.56 -49.48
CA GLN G 39 27.03 -57.74 -48.90
C GLN G 39 27.71 -58.53 -50.02
N THR G 40 29.03 -58.37 -50.15
CA THR G 40 29.75 -59.22 -51.08
C THR G 40 30.10 -60.54 -50.41
N PRO G 41 30.17 -61.66 -51.12
CA PRO G 41 30.65 -62.89 -50.48
C PRO G 41 32.07 -62.73 -49.97
N GLY G 42 32.32 -63.23 -48.76
CA GLY G 42 33.64 -63.26 -48.18
C GLY G 42 33.96 -62.09 -47.25
N LYS G 43 33.09 -61.10 -47.12
CA LYS G 43 33.32 -60.01 -46.17
C LYS G 43 31.99 -59.64 -45.52
N GLU G 44 31.99 -58.55 -44.76
CA GLU G 44 30.86 -58.10 -43.98
C GLU G 44 30.03 -57.09 -44.75
N ARG G 45 28.78 -56.93 -44.33
CA ARG G 45 27.87 -55.98 -44.97
C ARG G 45 28.43 -54.57 -44.88
N GLU G 46 28.38 -53.83 -45.99
CA GLU G 46 28.98 -52.52 -46.11
C GLU G 46 27.92 -51.50 -46.50
N PHE G 47 27.97 -50.32 -45.88
CA PHE G 47 27.02 -49.26 -46.18
C PHE G 47 27.25 -48.69 -47.58
N VAL G 48 26.16 -48.40 -48.28
CA VAL G 48 26.21 -47.81 -49.62
C VAL G 48 25.73 -46.37 -49.60
N GLY G 49 24.47 -46.15 -49.23
CA GLY G 49 23.91 -44.81 -49.20
C GLY G 49 22.58 -44.81 -48.48
N SER G 50 22.20 -43.63 -48.00
CA SER G 50 20.96 -43.43 -47.27
C SER G 50 20.28 -42.17 -47.75
N ALA G 51 18.96 -42.16 -47.68
CA ALA G 51 18.14 -41.02 -48.07
C ALA G 51 17.10 -40.75 -46.98
N SER G 52 16.63 -39.51 -46.92
CA SER G 52 15.70 -39.06 -45.89
C SER G 52 14.69 -38.12 -46.51
N ARG G 53 13.40 -38.45 -46.38
CA ARG G 53 12.33 -37.57 -46.86
C ARG G 53 12.11 -36.39 -45.93
N ARG G 54 12.34 -36.57 -44.63
CA ARG G 54 11.99 -35.53 -43.66
C ARG G 54 12.77 -34.25 -43.89
N ASP G 55 14.07 -34.37 -44.17
CA ASP G 55 14.93 -33.22 -44.43
C ASP G 55 15.41 -33.17 -45.88
N ASP G 56 15.02 -34.14 -46.71
CA ASP G 56 15.49 -34.24 -48.09
C ASP G 56 17.02 -34.21 -48.13
N SER G 57 17.61 -35.25 -47.55
CA SER G 57 19.06 -35.40 -47.48
C SER G 57 19.46 -36.77 -48.03
N THR G 58 20.65 -36.82 -48.63
CA THR G 58 21.18 -38.06 -49.21
C THR G 58 22.64 -38.17 -48.82
N TYR G 59 22.97 -39.26 -48.13
CA TYR G 59 24.33 -39.55 -47.69
C TYR G 59 24.89 -40.69 -48.53
N TYR G 60 26.10 -40.51 -49.06
CA TYR G 60 26.74 -41.47 -49.95
C TYR G 60 28.10 -41.84 -49.40
N ALA G 61 28.49 -43.11 -49.60
CA ALA G 61 29.78 -43.58 -49.15
C ALA G 61 30.89 -43.04 -50.06
N ASP G 62 32.13 -43.33 -49.69
CA ASP G 62 33.28 -42.86 -50.46
C ASP G 62 33.27 -43.44 -51.87
N PHE G 63 32.97 -44.72 -51.99
CA PHE G 63 32.94 -45.35 -53.32
C PHE G 63 31.67 -44.99 -54.08
N ALA G 64 30.61 -44.58 -53.36
CA ALA G 64 29.32 -44.34 -54.00
C ALA G 64 29.15 -42.93 -54.53
N LEU G 65 30.01 -42.00 -54.14
CA LEU G 65 29.85 -40.61 -54.56
C LEU G 65 30.13 -40.46 -56.05
N GLY G 66 29.33 -39.64 -56.72
CA GLY G 66 29.52 -39.36 -58.12
C GLY G 66 29.06 -40.44 -59.07
N ARG G 67 28.55 -41.56 -58.57
CA ARG G 67 28.12 -42.69 -59.39
C ARG G 67 26.70 -43.14 -59.08
N PHE G 68 26.29 -43.10 -57.82
CA PHE G 68 25.01 -43.63 -57.39
C PHE G 68 24.04 -42.48 -57.10
N ILE G 69 22.75 -42.73 -57.35
CA ILE G 69 21.69 -41.78 -57.09
C ILE G 69 20.54 -42.51 -56.41
N ILE G 70 19.93 -41.85 -55.43
CA ILE G 70 18.83 -42.42 -54.65
C ILE G 70 17.62 -41.50 -54.81
N SER G 71 16.46 -42.08 -55.08
CA SER G 71 15.22 -41.34 -55.24
C SER G 71 14.07 -42.14 -54.64
N ARG G 72 13.00 -41.43 -54.31
CA ARG G 72 11.79 -42.02 -53.76
C ARG G 72 10.58 -41.57 -54.57
N ASP G 73 9.61 -42.47 -54.70
CA ASP G 73 8.31 -42.16 -55.29
C ASP G 73 7.26 -42.71 -54.32
N ASN G 74 6.87 -41.87 -53.35
CA ASN G 74 5.94 -42.31 -52.31
C ASN G 74 4.56 -42.63 -52.85
N ASP G 75 4.26 -42.21 -54.09
CA ASP G 75 2.96 -42.55 -54.68
C ASP G 75 2.79 -44.05 -54.80
N ILE G 76 3.86 -44.76 -55.16
CA ILE G 76 3.85 -46.22 -55.25
C ILE G 76 4.84 -46.80 -54.25
N ASN G 77 5.04 -46.10 -53.12
CA ASN G 77 5.79 -46.54 -51.94
C ASN G 77 7.00 -47.42 -52.30
N THR G 78 7.89 -46.85 -53.10
CA THR G 78 9.07 -47.55 -53.57
C THR G 78 10.28 -46.62 -53.46
N ALA G 79 11.46 -47.24 -53.31
CA ALA G 79 12.74 -46.53 -53.29
C ALA G 79 13.61 -47.05 -54.44
N TYR G 80 14.20 -46.13 -55.19
CA TYR G 80 14.97 -46.46 -56.39
C TYR G 80 16.43 -46.11 -56.17
N LEU G 81 17.32 -47.03 -56.54
CA LEU G 81 18.76 -46.80 -56.59
C LEU G 81 19.19 -46.88 -58.06
N GLN G 82 19.43 -45.73 -58.67
CA GLN G 82 19.93 -45.64 -60.03
C GLN G 82 21.44 -45.45 -59.96
N MET G 83 22.19 -46.44 -60.43
CA MET G 83 23.65 -46.44 -60.37
C MET G 83 24.22 -46.67 -61.76
N ASN G 84 25.39 -46.08 -62.00
CA ASN G 84 26.05 -46.13 -63.30
C ASN G 84 27.53 -46.43 -63.10
N SER G 85 28.21 -46.67 -64.23
CA SER G 85 29.64 -46.94 -64.24
C SER G 85 29.99 -48.17 -63.38
N LEU G 86 29.49 -49.31 -63.82
CA LEU G 86 29.75 -50.57 -63.13
C LEU G 86 31.24 -50.86 -63.06
N LYS G 87 31.68 -51.39 -61.92
CA LYS G 87 33.05 -51.85 -61.72
C LYS G 87 33.04 -53.25 -61.15
N PRO G 88 34.11 -54.04 -61.36
CA PRO G 88 34.07 -55.44 -60.91
C PRO G 88 33.84 -55.61 -59.42
N GLU G 89 34.25 -54.63 -58.60
CA GLU G 89 34.08 -54.74 -57.16
C GLU G 89 32.64 -54.56 -56.70
N ASP G 90 31.73 -54.19 -57.60
CA ASP G 90 30.34 -53.92 -57.23
C ASP G 90 29.45 -55.16 -57.28
N SER G 91 30.00 -56.34 -57.53
CA SER G 91 29.22 -57.56 -57.60
C SER G 91 28.86 -58.01 -56.18
N ALA G 92 27.56 -58.02 -55.86
CA ALA G 92 27.11 -58.37 -54.51
C ALA G 92 25.58 -58.48 -54.44
N VAL G 93 25.05 -58.64 -53.23
CA VAL G 93 23.61 -58.64 -52.98
C VAL G 93 23.27 -57.41 -52.17
N TYR G 94 22.17 -56.75 -52.55
CA TYR G 94 21.75 -55.49 -51.97
C TYR G 94 20.47 -55.72 -51.16
N TYR G 95 20.43 -55.13 -49.97
CA TYR G 95 19.24 -55.14 -49.12
C TYR G 95 18.83 -53.70 -48.84
N CYS G 96 17.54 -53.49 -48.60
CA CYS G 96 17.00 -52.18 -48.27
C CYS G 96 16.43 -52.21 -46.86
N VAL G 97 16.73 -51.17 -46.07
CA VAL G 97 16.35 -51.08 -44.67
C VAL G 97 15.56 -49.80 -44.47
N ALA G 98 14.39 -49.91 -43.86
CA ALA G 98 13.53 -48.77 -43.54
C ALA G 98 13.37 -48.68 -42.04
N ALA G 99 13.67 -47.51 -41.47
CA ALA G 99 13.63 -47.29 -40.03
C ALA G 99 13.00 -45.94 -39.73
N VAL G 100 12.37 -45.85 -38.56
CA VAL G 100 11.69 -44.61 -38.13
C VAL G 100 12.67 -43.86 -37.24
N MET G 101 13.50 -43.03 -37.88
CA MET G 101 14.47 -42.17 -37.19
C MET G 101 15.33 -43.01 -36.23
N ALA G 102 15.16 -42.82 -34.92
CA ALA G 102 15.89 -43.60 -33.89
C ALA G 102 17.40 -43.47 -34.01
N GLN G 103 17.89 -42.50 -34.79
CA GLN G 103 19.33 -42.31 -35.01
C GLN G 103 20.01 -43.60 -35.45
N THR G 104 19.33 -44.37 -36.30
CA THR G 104 19.87 -45.64 -36.77
C THR G 104 20.97 -45.48 -37.82
N THR G 105 21.18 -44.27 -38.34
CA THR G 105 22.13 -44.04 -39.41
C THR G 105 23.52 -43.70 -38.90
N GLN G 106 23.88 -44.12 -37.69
CA GLN G 106 25.21 -43.84 -37.15
C GLN G 106 26.20 -44.87 -37.70
N GLY G 107 27.13 -44.40 -38.52
CA GLY G 107 28.15 -45.24 -39.12
C GLY G 107 27.59 -46.53 -39.70
N TRP G 108 27.97 -47.65 -39.09
CA TRP G 108 27.32 -48.92 -39.39
C TRP G 108 25.93 -48.91 -38.77
N THR G 109 24.90 -49.13 -39.59
CA THR G 109 23.53 -49.07 -39.09
C THR G 109 23.25 -50.23 -38.13
N THR G 110 23.30 -51.46 -38.66
CA THR G 110 23.22 -52.68 -37.85
C THR G 110 22.02 -52.67 -36.90
N ASP G 111 20.91 -52.07 -37.34
CA ASP G 111 19.67 -52.03 -36.58
C ASP G 111 18.57 -52.84 -37.22
N TYR G 112 18.28 -52.60 -38.51
CA TYR G 112 17.28 -53.37 -39.26
C TYR G 112 15.91 -53.31 -38.57
N ASP G 113 15.33 -52.11 -38.54
CA ASP G 113 13.94 -51.99 -38.12
C ASP G 113 13.02 -52.76 -39.06
N LEU G 114 13.31 -52.70 -40.36
CA LEU G 114 12.60 -53.49 -41.37
C LEU G 114 13.62 -54.13 -42.30
N ARG G 115 13.66 -55.46 -42.30
CA ARG G 115 14.58 -56.24 -43.13
C ARG G 115 13.81 -56.84 -44.30
N GLY G 116 14.41 -56.85 -45.49
CA GLY G 116 13.79 -57.35 -46.68
C GLY G 116 14.71 -58.24 -47.51
N GLN G 117 14.09 -59.03 -48.39
CA GLN G 117 14.84 -59.85 -49.32
C GLN G 117 15.56 -59.00 -50.36
N GLY G 118 16.74 -59.48 -50.80
CA GLY G 118 17.60 -58.75 -51.70
C GLY G 118 17.55 -59.23 -53.14
N THR G 119 18.46 -58.64 -53.95
CA THR G 119 18.69 -59.06 -55.31
C THR G 119 20.20 -59.02 -55.59
N GLN G 120 20.67 -59.93 -56.43
CA GLN G 120 22.09 -60.10 -56.71
C GLN G 120 22.47 -59.38 -58.00
N VAL G 121 23.61 -58.70 -57.97
CA VAL G 121 24.17 -58.01 -59.13
C VAL G 121 25.53 -58.61 -59.43
N THR G 122 25.77 -58.93 -60.70
CA THR G 122 27.05 -59.45 -61.17
C THR G 122 27.65 -58.43 -62.12
N VAL G 123 28.94 -58.17 -61.98
CA VAL G 123 29.67 -57.26 -62.86
C VAL G 123 30.73 -58.06 -63.59
N SER G 124 30.64 -58.07 -64.92
CA SER G 124 31.57 -58.81 -65.77
C SER G 124 32.58 -57.84 -66.37
N SER G 125 33.87 -58.12 -66.16
CA SER G 125 34.93 -57.25 -66.68
C SER G 125 34.93 -57.26 -68.20
N ASP H 1 38.35 0.63 61.59
CA ASP H 1 38.51 1.72 60.63
C ASP H 1 39.61 1.41 59.63
N VAL H 2 39.38 1.78 58.37
CA VAL H 2 40.37 1.57 57.32
C VAL H 2 41.53 2.52 57.60
N GLN H 3 42.67 1.96 58.01
CA GLN H 3 43.83 2.72 58.42
C GLN H 3 45.06 2.30 57.63
N LEU H 4 45.89 3.28 57.28
CA LEU H 4 47.15 3.04 56.57
C LEU H 4 48.30 3.25 57.54
N GLN H 5 49.18 2.25 57.64
CA GLN H 5 50.29 2.25 58.59
C GLN H 5 51.60 2.12 57.81
N ALA H 6 52.35 3.23 57.73
CA ALA H 6 53.61 3.26 57.00
C ALA H 6 54.76 2.89 57.92
N SER H 7 55.82 2.32 57.34
CA SER H 7 56.99 1.91 58.10
C SER H 7 58.16 1.72 57.13
N GLY H 8 59.32 1.40 57.70
CA GLY H 8 60.52 1.11 56.93
C GLY H 8 61.53 2.22 56.86
N GLY H 9 61.31 3.34 57.54
CA GLY H 9 62.24 4.45 57.52
C GLY H 9 63.36 4.30 58.54
N GLY H 10 64.15 5.35 58.64
CA GLY H 10 65.27 5.37 59.56
C GLY H 10 66.35 6.32 59.07
N SER H 11 67.50 6.25 59.72
CA SER H 11 68.65 7.09 59.40
C SER H 11 69.67 6.28 58.60
N VAL H 12 70.03 6.80 57.43
CA VAL H 12 70.97 6.14 56.53
C VAL H 12 71.87 7.19 55.91
N GLN H 13 73.12 6.82 55.66
CA GLN H 13 74.05 7.74 55.03
C GLN H 13 73.61 8.04 53.59
N ALA H 14 74.06 9.20 53.09
CA ALA H 14 73.71 9.60 51.74
C ALA H 14 74.30 8.63 50.72
N GLY H 15 73.57 8.41 49.64
CA GLY H 15 73.99 7.50 48.59
C GLY H 15 73.61 6.06 48.80
N GLY H 16 72.85 5.74 49.84
CA GLY H 16 72.42 4.39 50.13
C GLY H 16 71.09 4.05 49.49
N SER H 17 70.35 3.18 50.16
CA SER H 17 69.03 2.77 49.69
C SER H 17 68.14 2.42 50.87
N LEU H 18 66.84 2.48 50.63
CA LEU H 18 65.85 2.16 51.66
C LEU H 18 64.59 1.67 50.98
N ARG H 19 63.72 1.05 51.76
CA ARG H 19 62.49 0.44 51.25
C ARG H 19 61.39 0.63 52.28
N LEU H 20 60.43 1.51 51.97
CA LEU H 20 59.30 1.79 52.84
C LEU H 20 58.10 0.95 52.44
N SER H 21 57.33 0.51 53.44
CA SER H 21 56.09 -0.21 53.23
C SER H 21 54.97 0.46 54.01
N CYS H 22 53.79 0.56 53.40
CA CYS H 22 52.59 0.98 54.11
C CYS H 22 51.44 0.06 53.70
N ALA H 23 50.74 -0.46 54.70
CA ALA H 23 49.71 -1.47 54.51
C ALA H 23 48.37 -0.95 55.03
N ALA H 24 47.29 -1.50 54.49
CA ALA H 24 45.93 -1.11 54.84
C ALA H 24 45.31 -2.17 55.74
N SER H 25 44.74 -1.73 56.86
CA SER H 25 44.05 -2.59 57.81
C SER H 25 42.57 -2.21 57.81
N GLY H 26 41.73 -3.09 57.27
CA GLY H 26 40.30 -2.86 57.14
C GLY H 26 39.81 -2.98 55.72
N HIS H 27 40.66 -2.67 54.74
CA HIS H 27 40.30 -2.81 53.34
C HIS H 27 41.58 -3.03 52.54
N SER H 28 41.41 -3.58 51.34
CA SER H 28 42.52 -3.87 50.44
C SER H 28 42.76 -2.71 49.47
N PHE H 29 43.93 -2.72 48.85
CA PHE H 29 44.29 -1.74 47.83
C PHE H 29 43.80 -2.13 46.44
N ALA H 30 42.84 -3.05 46.34
CA ALA H 30 42.43 -3.57 45.03
C ALA H 30 41.84 -2.49 44.12
N ASN H 31 41.34 -1.39 44.70
CA ASN H 31 40.70 -0.33 43.91
C ASN H 31 41.12 1.04 44.43
N TYR H 32 42.40 1.18 44.77
CA TYR H 32 42.93 2.41 45.38
C TYR H 32 44.16 2.88 44.60
N HIS H 33 44.14 4.14 44.18
CA HIS H 33 45.37 4.79 43.74
C HIS H 33 46.25 5.07 44.94
N VAL H 34 47.53 4.69 44.85
CA VAL H 34 48.49 4.89 45.93
C VAL H 34 49.42 6.02 45.53
N ALA H 35 49.48 7.06 46.37
CA ALA H 35 50.30 8.24 46.14
C ALA H 35 51.13 8.52 47.37
N TRP H 36 52.42 8.77 47.18
CA TRP H 36 53.35 9.02 48.28
C TRP H 36 53.56 10.52 48.42
N ILE H 37 53.45 11.01 49.65
CA ILE H 37 53.58 12.43 49.97
C ILE H 37 54.68 12.58 51.00
N ARG H 38 55.55 13.57 50.79
CA ARG H 38 56.69 13.84 51.66
C ARG H 38 56.54 15.21 52.30
N GLN H 39 56.93 15.31 53.56
CA GLN H 39 56.80 16.55 54.35
C GLN H 39 58.12 16.82 55.06
N THR H 40 58.96 17.67 54.46
CA THR H 40 60.16 18.10 55.16
C THR H 40 59.82 19.17 56.18
N PRO H 41 60.44 19.20 57.37
CA PRO H 41 60.12 20.28 58.32
C PRO H 41 60.44 21.65 57.74
N GLY H 42 59.57 22.62 58.06
CA GLY H 42 59.75 23.99 57.63
C GLY H 42 59.13 24.34 56.29
N LYS H 43 58.50 23.40 55.61
CA LYS H 43 57.88 23.65 54.31
C LYS H 43 56.58 22.86 54.23
N GLU H 44 55.97 22.86 53.04
CA GLU H 44 54.68 22.23 52.80
C GLU H 44 54.88 20.82 52.22
N ARG H 45 53.85 20.00 52.38
CA ARG H 45 53.89 18.64 51.86
C ARG H 45 54.08 18.65 50.34
N GLU H 46 55.00 17.81 49.85
CA GLU H 46 55.39 17.80 48.46
C GLU H 46 55.12 16.42 47.87
N PHE H 47 54.56 16.40 46.67
CA PHE H 47 54.27 15.14 45.98
C PHE H 47 55.56 14.42 45.63
N VAL H 48 55.54 13.09 45.78
CA VAL H 48 56.68 12.23 45.47
C VAL H 48 56.40 11.37 44.25
N GLY H 49 55.40 10.50 44.33
CA GLY H 49 55.06 9.62 43.21
C GLY H 49 53.72 8.96 43.46
N SER H 50 53.16 8.45 42.37
CA SER H 50 51.86 7.77 42.42
C SER H 50 51.88 6.57 41.49
N ALA H 51 51.15 5.53 41.88
CA ALA H 51 51.00 4.31 41.09
C ALA H 51 49.53 3.95 41.00
N SER H 52 49.14 3.40 39.85
CA SER H 52 47.75 3.06 39.57
C SER H 52 47.67 1.62 39.07
N ARG H 53 46.79 0.83 39.68
CA ARG H 53 46.60 -0.55 39.25
C ARG H 53 45.73 -0.63 37.99
N ARG H 54 44.89 0.39 37.75
CA ARG H 54 43.95 0.32 36.63
C ARG H 54 44.67 0.29 35.29
N ASP H 55 45.69 1.13 35.13
CA ASP H 55 46.50 1.18 33.90
C ASP H 55 47.93 0.74 34.14
N ASP H 56 48.28 0.30 35.35
CA ASP H 56 49.63 -0.14 35.68
C ASP H 56 50.65 0.97 35.39
N SER H 57 50.27 2.20 35.67
CA SER H 57 51.09 3.37 35.40
C SER H 57 51.75 3.87 36.68
N THR H 58 52.82 4.62 36.51
CA THR H 58 53.58 5.19 37.63
C THR H 58 54.01 6.60 37.25
N TYR H 59 53.60 7.58 38.06
CA TYR H 59 53.97 8.97 37.87
C TYR H 59 54.99 9.38 38.92
N TYR H 60 56.06 10.04 38.49
CA TYR H 60 57.17 10.42 39.34
C TYR H 60 57.43 11.92 39.22
N ALA H 61 57.89 12.53 40.32
CA ALA H 61 58.22 13.94 40.31
C ALA H 61 59.57 14.17 39.63
N ASP H 62 59.93 15.45 39.48
CA ASP H 62 61.18 15.79 38.82
C ASP H 62 62.38 15.25 39.59
N PHE H 63 62.35 15.38 40.93
CA PHE H 63 63.47 14.87 41.73
C PHE H 63 63.40 13.35 41.89
N ALA H 64 62.22 12.76 41.71
CA ALA H 64 62.04 11.34 41.96
C ALA H 64 62.41 10.46 40.77
N LEU H 65 62.47 11.02 39.57
CA LEU H 65 62.72 10.19 38.39
C LEU H 65 64.14 9.64 38.41
N GLY H 66 64.28 8.38 38.01
CA GLY H 66 65.56 7.74 37.89
C GLY H 66 66.14 7.21 39.19
N ARG H 67 65.47 7.42 40.32
CA ARG H 67 65.94 6.96 41.63
C ARG H 67 64.90 6.17 42.39
N PHE H 68 63.63 6.54 42.28
CA PHE H 68 62.56 5.95 43.08
C PHE H 68 61.76 4.95 42.24
N ILE H 69 61.32 3.88 42.89
CA ILE H 69 60.51 2.85 42.26
C ILE H 69 59.33 2.54 43.17
N ILE H 70 58.15 2.41 42.57
CA ILE H 70 56.91 2.12 43.30
C ILE H 70 56.38 0.78 42.82
N SER H 71 56.09 -0.11 43.77
CA SER H 71 55.54 -1.43 43.45
C SER H 71 54.42 -1.74 44.42
N ARG H 72 53.51 -2.60 43.97
CA ARG H 72 52.34 -3.01 44.75
C ARG H 72 52.26 -4.53 44.79
N ASP H 73 51.97 -5.08 45.96
CA ASP H 73 51.72 -6.51 46.14
C ASP H 73 50.35 -6.65 46.80
N ASN H 74 49.33 -6.83 45.96
CA ASN H 74 47.95 -6.92 46.45
C ASN H 74 47.71 -8.16 47.29
N ASP H 75 48.59 -9.16 47.22
CA ASP H 75 48.39 -10.38 48.00
C ASP H 75 48.41 -10.08 49.50
N ILE H 76 49.32 -9.20 49.93
CA ILE H 76 49.41 -8.80 51.33
C ILE H 76 49.09 -7.31 51.47
N ASN H 77 48.25 -6.80 50.56
CA ASN H 77 47.64 -5.46 50.59
C ASN H 77 48.60 -4.40 51.14
N THR H 78 49.74 -4.25 50.48
CA THR H 78 50.79 -3.32 50.88
C THR H 78 51.31 -2.60 49.64
N ALA H 79 51.88 -1.41 49.86
CA ALA H 79 52.53 -0.62 48.83
C ALA H 79 53.97 -0.36 49.24
N TYR H 80 54.90 -0.57 48.31
CA TYR H 80 56.33 -0.47 48.57
C TYR H 80 56.92 0.70 47.79
N LEU H 81 57.83 1.43 48.44
CA LEU H 81 58.61 2.48 47.82
C LEU H 81 60.09 2.15 48.02
N GLN H 82 60.77 1.77 46.95
CA GLN H 82 62.20 1.46 46.97
C GLN H 82 62.95 2.63 46.35
N MET H 83 63.70 3.36 47.19
CA MET H 83 64.52 4.47 46.75
C MET H 83 65.99 4.12 46.87
N ASN H 84 66.81 4.73 46.01
CA ASN H 84 68.24 4.54 46.00
C ASN H 84 68.91 5.90 45.79
N SER H 85 70.20 5.96 46.11
CA SER H 85 70.99 7.18 45.98
C SER H 85 70.40 8.30 46.84
N LEU H 86 70.42 8.07 48.15
CA LEU H 86 69.90 9.06 49.09
C LEU H 86 70.72 10.34 49.04
N LYS H 87 70.04 11.47 49.24
CA LYS H 87 70.66 12.78 49.31
C LYS H 87 70.19 13.49 50.56
N PRO H 88 70.96 14.47 51.06
CA PRO H 88 70.55 15.13 52.32
C PRO H 88 69.19 15.80 52.26
N GLU H 89 68.77 16.26 51.07
CA GLU H 89 67.49 16.94 50.95
C GLU H 89 66.29 16.00 51.09
N ASP H 90 66.51 14.69 51.09
CA ASP H 90 65.42 13.72 51.16
C ASP H 90 64.98 13.40 52.58
N SER H 91 65.61 14.00 53.60
CA SER H 91 65.25 13.71 54.97
C SER H 91 63.89 14.33 55.29
N ALA H 92 62.90 13.48 55.55
CA ALA H 92 61.54 13.95 55.81
C ALA H 92 60.63 12.79 56.23
N VAL H 93 59.40 13.10 56.62
CA VAL H 93 58.39 12.11 56.97
C VAL H 93 57.54 11.83 55.74
N TYR H 94 57.16 10.56 55.57
CA TYR H 94 56.47 10.09 54.37
C TYR H 94 55.14 9.46 54.74
N TYR H 95 54.11 9.76 53.96
CA TYR H 95 52.80 9.13 54.08
C TYR H 95 52.37 8.62 52.72
N CYS H 96 51.45 7.67 52.72
CA CYS H 96 50.83 7.16 51.50
C CYS H 96 49.33 7.36 51.59
N VAL H 97 48.72 7.73 50.46
CA VAL H 97 47.31 8.06 50.38
C VAL H 97 46.63 7.10 49.42
N ALA H 98 45.52 6.51 49.86
CA ALA H 98 44.72 5.60 49.06
C ALA H 98 43.39 6.25 48.73
N ALA H 99 43.06 6.34 47.44
CA ALA H 99 41.86 7.02 46.98
C ALA H 99 41.21 6.23 45.85
N VAL H 100 39.90 6.34 45.74
CA VAL H 100 39.12 5.63 44.71
C VAL H 100 38.87 6.62 43.58
N MET H 101 39.77 6.58 42.58
CA MET H 101 39.69 7.43 41.39
C MET H 101 39.41 8.90 41.76
N ALA H 102 38.24 9.43 41.39
CA ALA H 102 37.81 10.78 41.79
C ALA H 102 38.73 11.88 41.26
N GLN H 103 39.65 11.54 40.35
CA GLN H 103 40.60 12.52 39.79
C GLN H 103 41.35 13.26 40.89
N THR H 104 41.76 12.54 41.93
CA THR H 104 42.50 13.15 43.02
C THR H 104 43.97 13.39 42.69
N THR H 105 44.43 12.93 41.53
CA THR H 105 45.85 12.99 41.18
C THR H 105 46.21 14.26 40.39
N GLN H 106 45.44 15.34 40.52
CA GLN H 106 45.75 16.57 39.81
C GLN H 106 46.79 17.35 40.62
N GLY H 107 48.03 17.35 40.12
CA GLY H 107 49.15 18.01 40.79
C GLY H 107 49.19 17.78 42.28
N TRP H 108 49.08 18.87 43.05
CA TRP H 108 48.82 18.79 44.47
C TRP H 108 47.54 17.97 44.72
N THR H 109 47.67 16.84 45.41
CA THR H 109 46.50 16.00 45.63
C THR H 109 45.57 16.63 46.65
N THR H 110 46.03 16.77 47.89
CA THR H 110 45.33 17.51 48.94
C THR H 110 43.86 17.08 49.05
N ASP H 111 43.63 15.78 48.94
CA ASP H 111 42.31 15.19 49.11
C ASP H 111 42.25 14.24 50.31
N TYR H 112 43.18 13.29 50.39
CA TYR H 112 43.27 12.36 51.52
C TYR H 112 41.96 11.61 51.75
N ASP H 113 41.61 10.77 50.77
CA ASP H 113 40.51 9.83 50.99
C ASP H 113 40.82 8.88 52.14
N LEU H 114 42.06 8.42 52.21
CA LEU H 114 42.54 7.57 53.31
C LEU H 114 43.89 8.11 53.77
N ARG H 115 43.95 8.61 55.00
CA ARG H 115 45.16 9.17 55.58
C ARG H 115 45.76 8.16 56.55
N GLY H 116 47.09 8.07 56.55
CA GLY H 116 47.81 7.14 57.39
C GLY H 116 48.91 7.82 58.18
N GLN H 117 49.41 7.09 59.19
CA GLN H 117 50.54 7.55 59.96
C GLN H 117 51.84 7.34 59.17
N GLY H 118 52.72 8.33 59.23
CA GLY H 118 53.94 8.33 58.43
C GLY H 118 55.15 7.88 59.21
N THR H 119 56.26 7.76 58.48
CA THR H 119 57.53 7.31 59.03
C THR H 119 58.63 8.28 58.63
N GLN H 120 59.57 8.50 59.54
CA GLN H 120 60.61 9.51 59.41
C GLN H 120 61.85 8.89 58.78
N VAL H 121 62.42 9.60 57.81
CA VAL H 121 63.64 9.19 57.12
C VAL H 121 64.67 10.30 57.31
N THR H 122 65.86 9.93 57.78
CA THR H 122 66.98 10.85 57.96
C THR H 122 68.09 10.46 57.00
N VAL H 123 68.70 11.44 56.36
CA VAL H 123 69.82 11.24 55.45
C VAL H 123 71.00 12.02 56.02
N SER H 124 72.10 11.30 56.30
CA SER H 124 73.29 11.90 56.86
C SER H 124 74.35 12.06 55.77
N SER H 125 74.91 13.26 55.65
CA SER H 125 75.92 13.54 54.65
C SER H 125 77.18 12.73 54.92
N ASP I 1 -30.92 61.58 -24.52
CA ASP I 1 -30.03 60.80 -25.36
C ASP I 1 -28.58 61.26 -25.20
N VAL I 2 -27.66 60.30 -25.22
CA VAL I 2 -26.23 60.61 -25.11
C VAL I 2 -25.80 61.29 -26.42
N GLN I 3 -25.54 62.59 -26.35
CA GLN I 3 -25.16 63.38 -27.52
C GLN I 3 -23.85 64.09 -27.26
N LEU I 4 -23.04 64.22 -28.30
CA LEU I 4 -21.76 64.92 -28.25
C LEU I 4 -21.88 66.22 -29.03
N GLN I 5 -21.45 67.33 -28.42
CA GLN I 5 -21.51 68.65 -29.02
C GLN I 5 -20.09 69.14 -29.26
N ALA I 6 -19.79 69.49 -30.51
CA ALA I 6 -18.49 70.02 -30.89
C ALA I 6 -18.58 71.52 -31.09
N SER I 7 -17.55 72.24 -30.63
CA SER I 7 -17.51 73.69 -30.75
C SER I 7 -16.06 74.14 -30.73
N GLY I 8 -15.87 75.45 -30.89
CA GLY I 8 -14.55 76.06 -30.86
C GLY I 8 -13.96 76.39 -32.21
N GLY I 9 -14.71 76.20 -33.31
CA GLY I 9 -14.21 76.50 -34.63
C GLY I 9 -14.44 77.94 -35.04
N GLY I 10 -14.04 78.23 -36.26
CA GLY I 10 -14.19 79.57 -36.80
C GLY I 10 -13.19 79.81 -37.91
N SER I 11 -13.15 81.05 -38.38
CA SER I 11 -12.26 81.46 -39.47
C SER I 11 -11.03 82.13 -38.88
N VAL I 12 -9.85 81.59 -39.19
CA VAL I 12 -8.59 82.10 -38.67
C VAL I 12 -7.56 82.08 -39.79
N GLN I 13 -6.66 83.06 -39.79
CA GLN I 13 -5.61 83.13 -40.79
C GLN I 13 -4.63 81.96 -40.61
N ALA I 14 -3.89 81.68 -41.68
CA ALA I 14 -2.91 80.60 -41.64
C ALA I 14 -1.79 80.93 -40.66
N GLY I 15 -1.29 79.89 -39.99
CA GLY I 15 -0.19 80.04 -39.06
C GLY I 15 -0.59 80.37 -37.63
N GLY I 16 -1.88 80.40 -37.32
CA GLY I 16 -2.37 80.72 -36.00
C GLY I 16 -2.59 79.49 -35.15
N SER I 17 -3.65 79.52 -34.35
CA SER I 17 -4.00 78.40 -33.49
C SER I 17 -5.49 78.46 -33.15
N LEU I 18 -6.04 77.33 -32.76
CA LEU I 18 -7.43 77.21 -32.36
C LEU I 18 -7.57 76.06 -31.38
N ARG I 19 -8.71 76.02 -30.70
CA ARG I 19 -8.99 75.00 -29.69
C ARG I 19 -10.43 74.56 -29.84
N LEU I 20 -10.62 73.29 -30.19
CA LEU I 20 -11.95 72.69 -30.32
C LEU I 20 -12.28 71.86 -29.09
N SER I 21 -13.57 71.78 -28.77
CA SER I 21 -14.05 71.10 -27.57
C SER I 21 -15.21 70.19 -27.93
N CYS I 22 -15.15 68.94 -27.46
CA CYS I 22 -16.24 67.97 -27.59
C CYS I 22 -16.76 67.63 -26.20
N ALA I 23 -18.03 67.98 -25.95
CA ALA I 23 -18.68 67.77 -24.67
C ALA I 23 -19.83 66.78 -24.83
N ALA I 24 -19.96 65.87 -23.88
CA ALA I 24 -20.98 64.83 -23.89
C ALA I 24 -22.08 65.18 -22.89
N SER I 25 -23.32 65.09 -23.33
CA SER I 25 -24.49 65.32 -22.48
C SER I 25 -25.27 64.01 -22.38
N GLY I 26 -25.30 63.43 -21.17
CA GLY I 26 -25.98 62.17 -20.90
C GLY I 26 -25.07 61.10 -20.34
N HIS I 27 -23.79 61.15 -20.69
CA HIS I 27 -22.83 60.18 -20.17
C HIS I 27 -21.44 60.78 -20.29
N SER I 28 -20.58 60.42 -19.34
CA SER I 28 -19.22 60.94 -19.25
C SER I 28 -18.31 60.23 -20.26
N PHE I 29 -17.08 60.74 -20.34
CA PHE I 29 -16.03 60.16 -21.16
C PHE I 29 -15.12 59.20 -20.38
N ALA I 30 -15.58 58.71 -19.23
CA ALA I 30 -14.71 57.92 -18.36
C ALA I 30 -14.25 56.63 -19.00
N ASN I 31 -15.05 56.05 -19.90
CA ASN I 31 -14.75 54.77 -20.53
C ASN I 31 -14.99 54.85 -22.04
N TYR I 32 -14.46 55.90 -22.67
CA TYR I 32 -14.73 56.19 -24.08
C TYR I 32 -13.44 56.63 -24.76
N HIS I 33 -13.03 55.90 -25.80
CA HIS I 33 -11.99 56.40 -26.70
C HIS I 33 -12.55 57.55 -27.52
N VAL I 34 -11.83 58.67 -27.54
CA VAL I 34 -12.25 59.88 -28.24
C VAL I 34 -11.42 60.01 -29.49
N ALA I 35 -12.09 60.12 -30.64
CA ALA I 35 -11.45 60.22 -31.94
C ALA I 35 -11.99 61.43 -32.69
N TRP I 36 -11.09 62.14 -33.36
CA TRP I 36 -11.43 63.32 -34.14
C TRP I 36 -11.40 62.97 -35.61
N ILE I 37 -12.51 63.25 -36.31
CA ILE I 37 -12.67 62.93 -37.72
C ILE I 37 -12.94 64.23 -38.46
N ARG I 38 -12.26 64.42 -39.59
CA ARG I 38 -12.32 65.64 -40.37
C ARG I 38 -12.96 65.34 -41.72
N GLN I 39 -13.80 66.26 -42.18
CA GLN I 39 -14.54 66.12 -43.44
C GLN I 39 -14.39 67.40 -44.24
N THR I 40 -13.51 67.37 -45.25
CA THR I 40 -13.41 68.51 -46.16
C THR I 40 -14.46 68.38 -47.25
N PRO I 41 -15.07 69.46 -47.74
CA PRO I 41 -16.02 69.32 -48.85
C PRO I 41 -15.34 68.73 -50.08
N GLY I 42 -16.06 67.86 -50.77
CA GLY I 42 -15.58 67.25 -52.00
C GLY I 42 -14.80 65.96 -51.84
N LYS I 43 -14.59 65.49 -50.61
CA LYS I 43 -13.86 64.25 -50.37
C LYS I 43 -14.50 63.52 -49.19
N GLU I 44 -13.85 62.44 -48.76
CA GLU I 44 -14.36 61.56 -47.72
C GLU I 44 -13.79 61.95 -46.36
N ARG I 45 -14.50 61.55 -45.31
CA ARG I 45 -14.04 61.83 -43.95
C ARG I 45 -12.68 61.19 -43.71
N GLU I 46 -11.77 61.96 -43.10
CA GLU I 46 -10.39 61.55 -42.89
C GLU I 46 -10.06 61.59 -41.41
N PHE I 47 -9.33 60.57 -40.96
CA PHE I 47 -8.92 60.49 -39.56
C PHE I 47 -7.94 61.60 -39.21
N VAL I 48 -8.06 62.13 -38.00
CA VAL I 48 -7.16 63.17 -37.49
C VAL I 48 -6.33 62.65 -36.32
N GLY I 49 -6.98 62.27 -35.23
CA GLY I 49 -6.27 61.77 -34.06
C GLY I 49 -7.24 61.14 -33.08
N SER I 50 -6.67 60.33 -32.19
CA SER I 50 -7.45 59.63 -31.17
C SER I 50 -6.68 59.62 -29.87
N ALA I 51 -7.42 59.57 -28.76
CA ALA I 51 -6.86 59.51 -27.42
C ALA I 51 -7.59 58.45 -26.62
N SER I 52 -6.88 57.87 -25.65
CA SER I 52 -7.40 56.77 -24.84
C SER I 52 -7.03 57.01 -23.38
N ARG I 53 -8.04 57.00 -22.50
CA ARG I 53 -7.79 57.17 -21.07
C ARG I 53 -7.28 55.88 -20.44
N ARG I 54 -7.69 54.73 -20.95
CA ARG I 54 -7.36 53.46 -20.29
C ARG I 54 -5.86 53.23 -20.26
N ASP I 55 -5.16 53.52 -21.37
CA ASP I 55 -3.73 53.35 -21.46
C ASP I 55 -2.98 54.67 -21.63
N ASP I 56 -3.67 55.80 -21.68
CA ASP I 56 -3.05 57.12 -21.83
C ASP I 56 -2.19 57.16 -23.10
N SER I 57 -2.79 56.76 -24.22
CA SER I 57 -2.14 56.74 -25.52
C SER I 57 -2.80 57.73 -26.46
N THR I 58 -2.02 58.27 -27.38
CA THR I 58 -2.50 59.24 -28.36
C THR I 58 -1.99 58.85 -29.73
N TYR I 59 -2.90 58.78 -30.70
CA TYR I 59 -2.58 58.47 -32.09
C TYR I 59 -2.77 59.73 -32.93
N TYR I 60 -1.79 60.02 -33.78
CA TYR I 60 -1.83 61.19 -34.65
C TYR I 60 -1.52 60.76 -36.08
N ALA I 61 -2.24 61.36 -37.04
CA ALA I 61 -2.04 61.04 -38.44
C ALA I 61 -0.72 61.65 -38.93
N ASP I 62 -0.40 61.37 -40.20
CA ASP I 62 0.85 61.88 -40.78
C ASP I 62 0.86 63.40 -40.80
N PHE I 63 -0.26 64.02 -41.18
CA PHE I 63 -0.31 65.48 -41.22
C PHE I 63 -0.48 66.07 -39.83
N ALA I 64 -1.04 65.31 -38.88
CA ALA I 64 -1.35 65.84 -37.57
C ALA I 64 -0.15 65.83 -36.61
N LEU I 65 0.90 65.07 -36.92
CA LEU I 65 2.02 64.97 -35.99
C LEU I 65 2.77 66.29 -35.90
N GLY I 66 3.16 66.66 -34.69
CA GLY I 66 3.93 67.86 -34.45
C GLY I 66 3.13 69.15 -34.48
N ARG I 67 1.83 69.07 -34.71
CA ARG I 67 0.96 70.24 -34.80
C ARG I 67 -0.27 70.15 -33.89
N PHE I 68 -0.83 68.96 -33.73
CA PHE I 68 -2.08 68.75 -33.00
C PHE I 68 -1.81 68.12 -31.64
N ILE I 69 -2.59 68.52 -30.66
CA ILE I 69 -2.53 67.97 -29.30
C ILE I 69 -3.95 67.66 -28.84
N ILE I 70 -4.11 66.53 -28.17
CA ILE I 70 -5.41 66.07 -27.66
C ILE I 70 -5.30 65.93 -26.15
N SER I 71 -6.28 66.47 -25.43
CA SER I 71 -6.33 66.39 -23.98
C SER I 71 -7.78 66.11 -23.56
N ARG I 72 -7.93 65.53 -22.37
CA ARG I 72 -9.23 65.18 -21.82
C ARG I 72 -9.29 65.63 -20.37
N ASP I 73 -10.40 66.24 -19.98
CA ASP I 73 -10.67 66.62 -18.60
C ASP I 73 -12.00 65.99 -18.20
N ASN I 74 -11.91 64.81 -17.59
CA ASN I 74 -13.10 64.06 -17.19
C ASN I 74 -13.91 64.75 -16.10
N ASP I 75 -13.36 65.77 -15.45
CA ASP I 75 -14.12 66.50 -14.44
C ASP I 75 -15.34 67.18 -15.05
N ILE I 76 -15.18 67.75 -16.24
CA ILE I 76 -16.29 68.39 -16.96
C ILE I 76 -16.55 67.65 -18.27
N ASN I 77 -16.25 66.35 -18.28
CA ASN I 77 -16.56 65.40 -19.37
C ASN I 77 -16.45 66.03 -20.76
N THR I 78 -15.27 66.57 -21.05
CA THR I 78 -14.99 67.24 -22.31
C THR I 78 -13.66 66.76 -22.87
N ALA I 79 -13.53 66.81 -24.19
CA ALA I 79 -12.30 66.48 -24.90
C ALA I 79 -11.86 67.69 -25.71
N TYR I 80 -10.57 68.03 -25.60
CA TYR I 80 -10.02 69.23 -26.19
C TYR I 80 -9.02 68.86 -27.29
N LEU I 81 -9.10 69.56 -28.41
CA LEU I 81 -8.16 69.43 -29.53
C LEU I 81 -7.49 70.78 -29.73
N GLN I 82 -6.32 70.96 -29.12
CA GLN I 82 -5.53 72.17 -29.27
C GLN I 82 -4.57 71.96 -30.43
N MET I 83 -4.70 72.80 -31.47
CA MET I 83 -3.90 72.68 -32.68
C MET I 83 -3.38 74.05 -33.07
N ASN I 84 -2.24 74.07 -33.77
CA ASN I 84 -1.51 75.29 -34.07
C ASN I 84 -1.00 75.22 -35.51
N SER I 85 -0.44 76.35 -35.96
CA SER I 85 0.19 76.45 -37.28
C SER I 85 -0.80 76.10 -38.39
N LEU I 86 -1.81 76.95 -38.53
CA LEU I 86 -2.86 76.71 -39.51
C LEU I 86 -2.28 76.69 -40.93
N LYS I 87 -2.85 75.82 -41.77
CA LYS I 87 -2.55 75.74 -43.19
C LYS I 87 -3.85 75.73 -43.99
N PRO I 88 -3.82 76.17 -45.24
CA PRO I 88 -5.08 76.25 -46.01
C PRO I 88 -5.79 74.92 -46.18
N GLU I 89 -5.06 73.80 -46.10
CA GLU I 89 -5.67 72.49 -46.30
C GLU I 89 -6.47 72.02 -45.09
N ASP I 90 -6.46 72.77 -43.98
CA ASP I 90 -7.16 72.37 -42.76
C ASP I 90 -8.57 72.90 -42.67
N SER I 91 -9.09 73.53 -43.72
CA SER I 91 -10.46 74.02 -43.71
C SER I 91 -11.43 72.86 -43.89
N ALA I 92 -12.24 72.58 -42.87
CA ALA I 92 -13.15 71.45 -42.90
C ALA I 92 -14.10 71.48 -41.72
N VAL I 93 -14.97 70.47 -41.61
CA VAL I 93 -15.86 70.30 -40.46
C VAL I 93 -15.38 69.11 -39.65
N TYR I 94 -15.33 69.28 -38.33
CA TYR I 94 -14.76 68.29 -37.42
C TYR I 94 -15.85 67.71 -36.55
N TYR I 95 -15.81 66.39 -36.36
CA TYR I 95 -16.71 65.69 -35.46
C TYR I 95 -15.91 64.88 -34.46
N CYS I 96 -16.51 64.62 -33.30
CA CYS I 96 -15.91 63.83 -32.24
C CYS I 96 -16.72 62.55 -32.04
N VAL I 97 -16.00 61.43 -31.91
CA VAL I 97 -16.60 60.11 -31.81
C VAL I 97 -16.13 59.46 -30.51
N ALA I 98 -17.07 58.87 -29.78
CA ALA I 98 -16.80 58.20 -28.51
C ALA I 98 -17.24 56.74 -28.61
N ALA I 99 -16.32 55.83 -28.31
CA ALA I 99 -16.55 54.40 -28.44
C ALA I 99 -15.98 53.65 -27.24
N VAL I 100 -16.68 52.59 -26.82
CA VAL I 100 -16.25 51.77 -25.68
C VAL I 100 -15.39 50.64 -26.24
N MET I 101 -14.10 50.94 -26.44
CA MET I 101 -13.13 50.00 -26.98
C MET I 101 -13.69 49.33 -28.25
N ALA I 102 -14.10 48.05 -28.15
CA ALA I 102 -14.69 47.31 -29.28
C ALA I 102 -13.81 47.29 -30.52
N GLN I 103 -12.52 47.61 -30.38
CA GLN I 103 -11.58 47.64 -31.50
C GLN I 103 -12.11 48.49 -32.65
N THR I 104 -12.72 49.63 -32.33
CA THR I 104 -13.35 50.46 -33.34
C THR I 104 -12.37 51.39 -34.05
N THR I 105 -11.12 51.48 -33.60
CA THR I 105 -10.16 52.46 -34.11
C THR I 105 -9.27 51.90 -35.22
N GLN I 106 -9.78 50.97 -36.04
CA GLN I 106 -8.96 50.37 -37.09
C GLN I 106 -8.97 51.29 -38.31
N GLY I 107 -7.83 51.96 -38.54
CA GLY I 107 -7.67 52.84 -39.68
C GLY I 107 -8.82 53.80 -39.84
N TRP I 108 -9.61 53.59 -40.89
CA TRP I 108 -10.90 54.24 -41.02
C TRP I 108 -11.82 53.69 -39.92
N THR I 109 -12.18 54.54 -38.94
CA THR I 109 -13.00 54.07 -37.84
C THR I 109 -14.36 53.59 -38.36
N THR I 110 -15.15 54.52 -38.91
CA THR I 110 -16.39 54.20 -39.62
C THR I 110 -17.31 53.31 -38.79
N ASP I 111 -17.35 53.57 -37.48
CA ASP I 111 -18.23 52.86 -36.56
C ASP I 111 -19.24 53.79 -35.90
N TYR I 112 -18.79 54.87 -35.28
CA TYR I 112 -19.67 55.88 -34.69
C TYR I 112 -20.61 55.26 -33.65
N ASP I 113 -20.02 54.79 -32.56
CA ASP I 113 -20.83 54.39 -31.41
C ASP I 113 -21.61 55.57 -30.86
N LEU I 114 -21.00 56.75 -30.83
CA LEU I 114 -21.67 58.00 -30.47
C LEU I 114 -21.29 59.06 -31.51
N ARG I 115 -22.29 59.52 -32.27
CA ARG I 115 -22.10 60.55 -33.29
C ARG I 115 -22.63 61.87 -32.75
N GLY I 116 -21.88 62.95 -32.98
CA GLY I 116 -22.25 64.27 -32.53
C GLY I 116 -22.17 65.29 -33.65
N GLN I 117 -22.77 66.45 -33.40
CA GLN I 117 -22.75 67.54 -34.36
C GLN I 117 -21.36 68.18 -34.39
N GLY I 118 -20.92 68.55 -35.59
CA GLY I 118 -19.59 69.08 -35.79
C GLY I 118 -19.55 70.60 -35.85
N THR I 119 -18.35 71.13 -36.04
CA THR I 119 -18.11 72.56 -36.17
C THR I 119 -17.16 72.80 -37.33
N GLN I 120 -17.37 73.93 -38.01
CA GLN I 120 -16.63 74.28 -39.22
C GLN I 120 -15.48 75.21 -38.88
N VAL I 121 -14.31 74.94 -39.47
CA VAL I 121 -13.14 75.81 -39.37
C VAL I 121 -12.74 76.23 -40.76
N THR I 122 -12.52 77.53 -40.95
CA THR I 122 -12.08 78.10 -42.22
C THR I 122 -10.67 78.63 -42.04
N VAL I 123 -9.83 78.46 -43.06
CA VAL I 123 -8.44 78.91 -43.04
C VAL I 123 -8.26 79.88 -44.19
N SER I 124 -7.79 81.09 -43.87
CA SER I 124 -7.55 82.13 -44.86
C SER I 124 -6.04 82.26 -45.06
N SER I 125 -5.61 82.16 -46.32
CA SER I 125 -4.19 82.26 -46.64
C SER I 125 -3.68 83.67 -46.38
#